data_5TSX
#
_entry.id   5TSX
#
_cell.length_a   57.333
_cell.length_b   91.487
_cell.length_c   150.047
_cell.angle_alpha   89.54
_cell.angle_beta   90.49
_cell.angle_gamma   96.08
#
_symmetry.space_group_name_H-M   'P 1'
#
loop_
_entity.id
_entity.type
_entity.pdbx_description
1 polymer 'HIV-1 CA protein'
2 polymer 'Nuclear pore complex protein Nup153'
3 non-polymer '2-(6-HYDROXY-3-OXO-3H-XANTHEN-9-YL)-BENZOIC ACID'
4 water water
#
loop_
_entity_poly.entity_id
_entity_poly.type
_entity_poly.pdbx_seq_one_letter_code
_entity_poly.pdbx_strand_id
1 'polypeptide(L)'
;PIVQNLQGQMVHQCISPRTLNAWVKVVEEKAFSPEVIPMFSALSCGATPQDLNTMLNTVGGHQAAMQMLKETINEEAAEW
DRLHPVHAGPIAPGQMREPRGSDIAGTTSTLQEQIGWMTHNPPIPVGEIYKRWIILGLNKIVRMYSPTSILDIRQGPKEP
FRDYVDRFYKTLRAEQASQEVKNAATETLLVQNANPDCKTILKALGPGATLEEMMTACQGVGGPGHKARVL
;
A,B,C,D,E,F,G,H,I,J,K,L
2 'polypeptide(L)' TNNSPSGVFTFGANSSTPAASAQ M,N,O,P,R,T
#
# COMPACT_ATOMS: atom_id res chain seq x y z
N PRO A 1 -12.30 -36.05 11.11
CA PRO A 1 -13.29 -36.53 12.08
C PRO A 1 -12.69 -37.54 13.06
N ILE A 2 -13.49 -37.95 14.03
CA ILE A 2 -13.14 -39.00 14.98
C ILE A 2 -13.92 -40.23 14.58
N VAL A 3 -13.23 -41.34 14.31
CA VAL A 3 -13.87 -42.56 13.84
C VAL A 3 -13.36 -43.72 14.65
N GLN A 4 -14.13 -44.81 14.64
CA GLN A 4 -13.65 -46.04 15.23
C GLN A 4 -12.84 -46.76 14.15
N ASN A 5 -11.65 -47.20 14.51
CA ASN A 5 -10.88 -47.95 13.55
C ASN A 5 -11.36 -49.40 13.55
N LEU A 6 -10.71 -50.24 12.76
CA LEU A 6 -11.17 -51.62 12.61
C LEU A 6 -11.07 -52.42 13.89
N GLN A 7 -10.32 -51.92 14.89
CA GLN A 7 -10.14 -52.65 16.15
C GLN A 7 -10.93 -52.03 17.30
N GLY A 8 -11.83 -51.09 17.02
CA GLY A 8 -12.70 -50.55 18.05
C GLY A 8 -12.19 -49.33 18.79
N GLN A 9 -11.09 -48.72 18.34
CA GLN A 9 -10.51 -47.56 19.00
C GLN A 9 -10.92 -46.26 18.33
N MET A 10 -11.27 -45.26 19.13
CA MET A 10 -11.63 -43.94 18.63
C MET A 10 -10.39 -43.14 18.29
N VAL A 11 -10.21 -42.81 17.01
CA VAL A 11 -9.00 -42.17 16.52
C VAL A 11 -9.35 -41.05 15.54
N HIS A 12 -8.46 -40.07 15.45
CA HIS A 12 -8.62 -38.99 14.50
C HIS A 12 -8.25 -39.44 13.11
N GLN A 13 -8.99 -38.96 12.13
CA GLN A 13 -8.77 -39.22 10.73
C GLN A 13 -8.93 -37.93 9.97
N CYS A 14 -8.05 -37.68 9.00
CA CYS A 14 -8.13 -36.45 8.22
C CYS A 14 -9.46 -36.42 7.46
N ILE A 15 -10.03 -35.21 7.34
CA ILE A 15 -11.19 -35.03 6.48
C ILE A 15 -10.82 -35.40 5.05
N SER A 16 -11.77 -36.05 4.33
CA SER A 16 -11.38 -36.63 3.05
C SER A 16 -11.63 -35.67 1.89
N PRO A 17 -10.89 -35.83 0.78
CA PRO A 17 -11.19 -35.02 -0.42
C PRO A 17 -12.63 -35.18 -0.90
N ARG A 18 -13.22 -36.36 -0.80
CA ARG A 18 -14.61 -36.57 -1.22
C ARG A 18 -15.58 -35.73 -0.38
N THR A 19 -15.38 -35.74 0.94
CA THR A 19 -16.22 -34.92 1.82
C THR A 19 -16.06 -33.44 1.52
N LEU A 20 -14.81 -32.96 1.46
CA LEU A 20 -14.54 -31.56 1.18
C LEU A 20 -15.23 -31.12 -0.08
N ASN A 21 -15.05 -31.89 -1.15
CA ASN A 21 -15.63 -31.52 -2.43
C ASN A 21 -17.15 -31.60 -2.41
N ALA A 22 -17.71 -32.62 -1.75
CA ALA A 22 -19.16 -32.72 -1.70
C ALA A 22 -19.78 -31.50 -1.04
N TRP A 23 -19.19 -31.00 0.05
CA TRP A 23 -19.75 -29.83 0.72
C TRP A 23 -19.61 -28.58 -0.16
N VAL A 24 -18.42 -28.35 -0.71
CA VAL A 24 -18.27 -27.19 -1.60
C VAL A 24 -19.30 -27.23 -2.72
N LYS A 25 -19.49 -28.41 -3.32
CA LYS A 25 -20.37 -28.52 -4.48
C LYS A 25 -21.84 -28.36 -4.11
N VAL A 26 -22.26 -28.87 -2.95
CA VAL A 26 -23.66 -28.69 -2.61
C VAL A 26 -23.94 -27.22 -2.32
N VAL A 27 -23.00 -26.51 -1.69
CA VAL A 27 -23.24 -25.08 -1.51
C VAL A 27 -23.27 -24.35 -2.85
N GLU A 28 -22.35 -24.69 -3.75
CA GLU A 28 -22.33 -24.03 -5.06
C GLU A 28 -23.62 -24.27 -5.83
N GLU A 29 -24.14 -25.50 -5.78
CA GLU A 29 -25.30 -25.84 -6.62
C GLU A 29 -26.63 -25.44 -5.99
N LYS A 30 -26.75 -25.54 -4.66
CA LYS A 30 -28.04 -25.37 -3.97
C LYS A 30 -28.10 -24.13 -3.09
N ALA A 31 -26.98 -23.44 -2.85
CA ALA A 31 -26.95 -22.27 -1.97
C ALA A 31 -27.54 -22.62 -0.60
N PHE A 32 -28.62 -21.95 -0.20
CA PHE A 32 -29.23 -22.15 1.12
C PHE A 32 -30.67 -22.66 0.99
N SER A 33 -30.90 -23.48 -0.02
CA SER A 33 -32.10 -24.29 -0.03
C SER A 33 -32.11 -25.18 1.21
N PRO A 34 -33.29 -25.47 1.77
CA PRO A 34 -33.34 -26.17 3.08
C PRO A 34 -32.62 -27.52 3.11
N GLU A 35 -32.67 -28.29 2.02
CA GLU A 35 -32.08 -29.61 2.05
C GLU A 35 -30.55 -29.55 2.17
N VAL A 36 -29.95 -28.37 2.03
CA VAL A 36 -28.51 -28.25 2.25
C VAL A 36 -28.16 -28.50 3.70
N ILE A 37 -29.09 -28.28 4.63
CA ILE A 37 -28.75 -28.40 6.05
C ILE A 37 -28.58 -29.88 6.44
N PRO A 38 -29.53 -30.77 6.11
CA PRO A 38 -29.30 -32.20 6.37
C PRO A 38 -28.04 -32.72 5.70
N MET A 39 -27.75 -32.25 4.49
CA MET A 39 -26.52 -32.67 3.82
C MET A 39 -25.30 -32.22 4.62
N PHE A 40 -25.27 -30.95 5.03
CA PHE A 40 -24.20 -30.47 5.91
C PHE A 40 -24.06 -31.39 7.10
N SER A 41 -25.19 -31.72 7.72
CA SER A 41 -25.14 -32.48 8.97
C SER A 41 -24.53 -33.84 8.71
N ALA A 42 -24.87 -34.43 7.57
CA ALA A 42 -24.38 -35.76 7.23
C ALA A 42 -22.92 -35.71 6.82
N LEU A 43 -22.51 -34.68 6.10
CA LEU A 43 -21.12 -34.69 5.65
C LEU A 43 -20.16 -34.43 6.79
N SER A 44 -20.64 -33.87 7.90
CA SER A 44 -19.83 -33.57 9.08
C SER A 44 -20.02 -34.61 10.19
N CYS A 45 -20.50 -35.81 9.85
CA CYS A 45 -20.60 -36.89 10.84
C CYS A 45 -19.22 -37.16 11.44
N GLY A 46 -19.15 -37.14 12.76
CA GLY A 46 -17.92 -37.34 13.51
C GLY A 46 -16.94 -36.19 13.49
N ALA A 47 -17.31 -35.04 12.93
CA ALA A 47 -16.37 -33.94 12.77
C ALA A 47 -15.92 -33.38 14.11
N THR A 48 -14.66 -33.01 14.17
CA THR A 48 -14.15 -32.12 15.21
C THR A 48 -14.57 -30.68 14.91
N PRO A 49 -14.44 -29.78 15.89
CA PRO A 49 -14.62 -28.36 15.56
C PRO A 49 -13.71 -27.89 14.43
N GLN A 50 -12.48 -28.38 14.41
CA GLN A 50 -11.56 -28.02 13.33
C GLN A 50 -12.12 -28.40 11.97
N ASP A 51 -12.67 -29.63 11.85
CA ASP A 51 -13.28 -30.07 10.59
C ASP A 51 -14.49 -29.21 10.22
N LEU A 52 -15.32 -28.87 11.21
CA LEU A 52 -16.48 -28.01 10.91
C LEU A 52 -16.01 -26.66 10.39
N ASN A 53 -14.97 -26.10 10.98
CA ASN A 53 -14.45 -24.82 10.54
C ASN A 53 -13.86 -24.94 9.13
N THR A 54 -13.18 -26.04 8.84
CA THR A 54 -12.71 -26.27 7.48
C THR A 54 -13.86 -26.23 6.50
N MET A 55 -14.96 -26.92 6.82
CA MET A 55 -16.06 -26.93 5.89
C MET A 55 -16.61 -25.53 5.67
N LEU A 56 -16.75 -24.75 6.75
CA LEU A 56 -17.27 -23.40 6.60
C LEU A 56 -16.30 -22.50 5.85
N ASN A 57 -14.99 -22.60 6.14
CA ASN A 57 -13.98 -21.75 5.53
C ASN A 57 -13.77 -22.06 4.05
N THR A 58 -14.08 -23.28 3.61
CA THR A 58 -13.88 -23.58 2.18
C THR A 58 -14.98 -23.02 1.31
N VAL A 59 -16.05 -22.47 1.88
CA VAL A 59 -17.09 -21.84 1.08
C VAL A 59 -16.58 -20.53 0.53
N GLY A 60 -16.70 -20.34 -0.79
CA GLY A 60 -16.18 -19.17 -1.47
C GLY A 60 -17.14 -18.02 -1.55
N GLY A 61 -18.40 -18.29 -1.84
CA GLY A 61 -19.40 -17.24 -1.95
C GLY A 61 -20.11 -16.94 -0.64
N HIS A 62 -21.27 -16.29 -0.76
CA HIS A 62 -22.21 -16.13 0.36
C HIS A 62 -21.53 -15.56 1.59
N GLN A 63 -20.64 -14.59 1.39
CA GLN A 63 -19.83 -14.11 2.51
C GLN A 63 -20.62 -13.24 3.49
N ALA A 64 -21.72 -12.63 3.05
CA ALA A 64 -22.64 -11.97 3.98
C ALA A 64 -23.24 -12.99 4.94
N ALA A 65 -23.75 -14.10 4.38
CA ALA A 65 -24.27 -15.20 5.20
C ALA A 65 -23.21 -15.70 6.16
N MET A 66 -21.97 -15.84 5.70
CA MET A 66 -20.93 -16.30 6.61
C MET A 66 -20.71 -15.34 7.76
N GLN A 67 -20.85 -14.02 7.52
CA GLN A 67 -20.74 -13.09 8.65
C GLN A 67 -21.93 -13.26 9.61
N MET A 68 -23.14 -13.45 9.09
CA MET A 68 -24.26 -13.71 9.98
C MET A 68 -24.05 -15.01 10.77
N LEU A 69 -23.61 -16.07 10.11
CA LEU A 69 -23.32 -17.34 10.78
C LEU A 69 -22.32 -17.13 11.90
N LYS A 70 -21.25 -16.40 11.62
CA LYS A 70 -20.26 -16.14 12.65
C LYS A 70 -20.90 -15.45 13.86
N GLU A 71 -21.85 -14.54 13.62
CA GLU A 71 -22.49 -13.86 14.76
C GLU A 71 -23.38 -14.82 15.56
N THR A 72 -24.13 -15.70 14.87
CA THR A 72 -24.89 -16.70 15.60
C THR A 72 -23.98 -17.57 16.45
N ILE A 73 -22.86 -17.99 15.87
CA ILE A 73 -21.92 -18.83 16.59
C ILE A 73 -21.48 -18.15 17.88
N ASN A 74 -21.14 -16.86 17.79
CA ASN A 74 -20.69 -16.14 18.97
C ASN A 74 -21.79 -16.05 20.03
N GLU A 75 -23.04 -15.84 19.61
CA GLU A 75 -24.16 -15.85 20.55
C GLU A 75 -24.30 -17.20 21.27
N GLU A 76 -24.22 -18.31 20.52
CA GLU A 76 -24.37 -19.60 21.17
C GLU A 76 -23.21 -19.89 22.10
N ALA A 77 -22.00 -19.45 21.76
CA ALA A 77 -20.88 -19.68 22.66
C ALA A 77 -21.06 -18.91 23.96
N ALA A 78 -21.57 -17.69 23.86
CA ALA A 78 -21.86 -16.92 25.06
C ALA A 78 -22.92 -17.61 25.92
N GLU A 79 -23.96 -18.16 25.29
CA GLU A 79 -24.94 -18.90 26.07
C GLU A 79 -24.30 -20.12 26.73
N TRP A 80 -23.39 -20.81 26.02
CA TRP A 80 -22.68 -21.92 26.63
C TRP A 80 -21.91 -21.48 27.87
N ASP A 81 -21.21 -20.36 27.76
CA ASP A 81 -20.45 -19.86 28.90
C ASP A 81 -21.36 -19.44 30.05
N ARG A 82 -22.58 -19.00 29.76
CA ARG A 82 -23.54 -18.67 30.82
C ARG A 82 -24.08 -19.91 31.53
N LEU A 83 -24.47 -20.93 30.75
CA LEU A 83 -25.10 -22.13 31.32
C LEU A 83 -24.10 -23.21 31.71
N HIS A 84 -22.87 -23.14 31.21
CA HIS A 84 -21.82 -24.12 31.53
C HIS A 84 -20.55 -23.35 31.85
N PRO A 85 -20.59 -22.52 32.88
CA PRO A 85 -19.41 -21.71 33.22
C PRO A 85 -18.25 -22.59 33.69
N VAL A 86 -17.05 -22.11 33.41
CA VAL A 86 -15.83 -22.78 33.83
C VAL A 86 -15.21 -21.93 34.92
N HIS A 87 -15.13 -22.47 36.13
CA HIS A 87 -14.50 -21.74 37.23
C HIS A 87 -13.11 -21.31 36.80
N ALA A 88 -12.82 -20.02 37.00
CA ALA A 88 -11.52 -19.50 36.65
C ALA A 88 -10.51 -19.78 37.76
N GLY A 89 -9.24 -19.79 37.37
CA GLY A 89 -8.16 -20.08 38.27
C GLY A 89 -6.96 -20.54 37.48
N PRO A 90 -5.83 -20.70 38.13
CA PRO A 90 -4.67 -21.29 37.45
C PRO A 90 -5.07 -22.62 36.83
N ILE A 91 -4.54 -22.88 35.65
CA ILE A 91 -4.86 -24.11 34.91
C ILE A 91 -3.57 -24.91 34.82
N ALA A 92 -3.53 -26.02 35.55
CA ALA A 92 -2.37 -26.89 35.55
C ALA A 92 -2.01 -27.29 34.12
N PRO A 93 -0.75 -27.13 33.70
CA PRO A 93 -0.38 -27.47 32.32
C PRO A 93 -0.33 -28.97 32.09
N GLY A 94 -0.56 -29.34 30.83
CA GLY A 94 -0.52 -30.74 30.43
C GLY A 94 -1.67 -31.58 30.89
N GLN A 95 -2.82 -30.98 31.20
CA GLN A 95 -3.95 -31.71 31.73
C GLN A 95 -5.24 -31.23 31.07
N MET A 96 -6.21 -32.13 30.98
CA MET A 96 -7.43 -31.79 30.28
C MET A 96 -8.14 -30.65 30.99
N ARG A 97 -8.44 -29.60 30.26
CA ARG A 97 -9.18 -28.49 30.81
C ARG A 97 -10.64 -28.58 30.42
N GLU A 98 -11.43 -27.74 31.01
CA GLU A 98 -12.84 -27.76 30.67
C GLU A 98 -13.07 -26.80 29.50
N PRO A 99 -13.87 -27.18 28.49
CA PRO A 99 -14.03 -26.32 27.32
C PRO A 99 -14.96 -25.16 27.60
N ARG A 100 -14.53 -23.96 27.20
CA ARG A 100 -15.40 -22.80 27.12
C ARG A 100 -15.99 -22.72 25.72
N GLY A 101 -16.87 -21.73 25.52
CA GLY A 101 -17.54 -21.57 24.25
C GLY A 101 -16.58 -21.39 23.08
N SER A 102 -15.52 -20.59 23.27
CA SER A 102 -14.55 -20.40 22.19
C SER A 102 -13.70 -21.65 21.96
N ASP A 103 -13.60 -22.55 22.94
CA ASP A 103 -12.94 -23.83 22.72
C ASP A 103 -13.79 -24.75 21.86
N ILE A 104 -15.10 -24.78 22.11
CA ILE A 104 -16.01 -25.61 21.33
C ILE A 104 -16.05 -25.14 19.88
N ALA A 105 -15.99 -23.84 19.65
CA ALA A 105 -15.98 -23.32 18.29
C ALA A 105 -14.62 -23.43 17.62
N GLY A 106 -13.62 -23.99 18.29
CA GLY A 106 -12.32 -24.23 17.71
C GLY A 106 -11.43 -23.02 17.59
N THR A 107 -11.77 -21.89 18.22
CA THR A 107 -10.94 -20.71 18.07
C THR A 107 -9.81 -20.64 19.08
N THR A 108 -10.02 -21.17 20.29
CA THR A 108 -9.00 -21.15 21.34
C THR A 108 -8.57 -22.54 21.76
N SER A 109 -8.95 -23.58 21.04
CA SER A 109 -8.57 -24.95 21.35
C SER A 109 -7.75 -25.52 20.21
N THR A 110 -6.87 -26.44 20.54
CA THR A 110 -6.07 -27.16 19.56
C THR A 110 -6.79 -28.43 19.10
N LEU A 111 -6.36 -28.95 17.94
CA LEU A 111 -6.91 -30.23 17.50
C LEU A 111 -6.71 -31.29 18.58
N GLN A 112 -5.53 -31.30 19.22
CA GLN A 112 -5.28 -32.36 20.19
C GLN A 112 -6.21 -32.24 21.41
N GLU A 113 -6.51 -31.03 21.85
CA GLU A 113 -7.50 -30.86 22.92
C GLU A 113 -8.88 -31.35 22.49
N GLN A 114 -9.27 -31.06 21.24
CA GLN A 114 -10.57 -31.50 20.74
C GLN A 114 -10.64 -33.03 20.71
N ILE A 115 -9.58 -33.68 20.23
CA ILE A 115 -9.53 -35.14 20.25
C ILE A 115 -9.65 -35.63 21.68
N GLY A 116 -8.91 -35.02 22.60
CA GLY A 116 -8.96 -35.45 23.99
C GLY A 116 -10.36 -35.40 24.56
N TRP A 117 -11.08 -34.28 24.33
CA TRP A 117 -12.45 -34.15 24.83
C TRP A 117 -13.37 -35.16 24.17
N MET A 118 -13.25 -35.34 22.85
CA MET A 118 -14.21 -36.17 22.14
C MET A 118 -13.99 -37.65 22.43
N THR A 119 -12.78 -38.05 22.79
CA THR A 119 -12.46 -39.44 23.08
C THR A 119 -12.38 -39.71 24.57
N HIS A 120 -12.75 -38.74 25.39
CA HIS A 120 -12.77 -38.91 26.84
C HIS A 120 -13.84 -39.92 27.24
N ASN A 121 -13.72 -40.45 28.46
CA ASN A 121 -14.73 -41.34 28.99
C ASN A 121 -15.33 -40.77 30.27
N PRO A 122 -16.56 -40.22 30.19
CA PRO A 122 -17.43 -40.10 29.01
C PRO A 122 -16.95 -39.01 28.04
N PRO A 123 -17.37 -39.08 26.78
CA PRO A 123 -16.93 -38.07 25.81
C PRO A 123 -17.60 -36.73 26.07
N ILE A 124 -16.85 -35.67 25.85
CA ILE A 124 -17.37 -34.30 25.85
C ILE A 124 -17.54 -33.92 24.39
N PRO A 125 -18.74 -33.94 23.86
CA PRO A 125 -18.90 -33.93 22.40
C PRO A 125 -18.81 -32.54 21.81
N VAL A 126 -17.61 -31.96 21.84
CA VAL A 126 -17.48 -30.56 21.43
C VAL A 126 -17.85 -30.39 19.95
N GLY A 127 -17.60 -31.42 19.13
CA GLY A 127 -18.02 -31.38 17.73
C GLY A 127 -19.53 -31.30 17.55
N GLU A 128 -20.29 -32.11 18.30
CA GLU A 128 -21.74 -32.08 18.17
C GLU A 128 -22.33 -30.80 18.75
N ILE A 129 -21.73 -30.27 19.82
CA ILE A 129 -22.20 -29.00 20.40
C ILE A 129 -22.03 -27.88 19.38
N TYR A 130 -20.82 -27.80 18.80
CA TYR A 130 -20.57 -26.80 17.77
C TYR A 130 -21.47 -26.97 16.58
N LYS A 131 -21.67 -28.22 16.12
CA LYS A 131 -22.54 -28.42 14.97
C LYS A 131 -23.94 -27.91 15.25
N ARG A 132 -24.45 -28.12 16.47
CA ARG A 132 -25.78 -27.57 16.79
C ARG A 132 -25.80 -26.06 16.59
N TRP A 133 -24.77 -25.37 17.07
CA TRP A 133 -24.71 -23.92 16.86
C TRP A 133 -24.68 -23.57 15.38
N ILE A 134 -23.87 -24.29 14.59
CA ILE A 134 -23.75 -23.98 13.17
C ILE A 134 -25.09 -24.16 12.48
N ILE A 135 -25.79 -25.26 12.80
CA ILE A 135 -27.04 -25.54 12.12
C ILE A 135 -28.09 -24.52 12.52
N LEU A 136 -28.06 -24.04 13.76
CA LEU A 136 -28.96 -22.96 14.14
C LEU A 136 -28.75 -21.74 13.26
N GLY A 137 -27.48 -21.33 13.10
CA GLY A 137 -27.18 -20.21 12.22
C GLY A 137 -27.58 -20.46 10.77
N LEU A 138 -27.31 -21.67 10.27
CA LEU A 138 -27.63 -21.96 8.89
C LEU A 138 -29.13 -21.93 8.65
N ASN A 139 -29.91 -22.44 9.62
CA ASN A 139 -31.38 -22.39 9.53
C ASN A 139 -31.88 -20.95 9.47
N LYS A 140 -31.30 -20.05 10.28
CA LYS A 140 -31.67 -18.65 10.17
C LYS A 140 -31.38 -18.10 8.77
N ILE A 141 -30.27 -18.51 8.18
CA ILE A 141 -29.98 -18.05 6.82
C ILE A 141 -30.99 -18.62 5.84
N VAL A 142 -31.33 -19.90 5.99
CA VAL A 142 -32.30 -20.53 5.09
C VAL A 142 -33.62 -19.77 5.12
N ARG A 143 -34.10 -19.43 6.31
CA ARG A 143 -35.36 -18.68 6.38
C ARG A 143 -35.18 -17.27 5.81
N MET A 144 -34.06 -16.62 6.10
CA MET A 144 -33.89 -15.27 5.62
C MET A 144 -33.89 -15.22 4.10
N TYR A 145 -33.31 -16.23 3.47
CA TYR A 145 -33.14 -16.25 2.02
C TYR A 145 -34.32 -16.88 1.28
N SER A 146 -35.31 -17.40 2.00
CA SER A 146 -36.51 -17.95 1.38
C SER A 146 -37.17 -16.92 0.48
N PRO A 147 -37.39 -17.20 -0.80
CA PRO A 147 -37.88 -16.15 -1.71
C PRO A 147 -39.34 -15.79 -1.59
N THR A 148 -40.21 -16.71 -1.15
CA THR A 148 -41.64 -16.49 -1.30
C THR A 148 -42.38 -16.86 -0.02
N SER A 149 -43.46 -16.12 0.24
CA SER A 149 -44.34 -16.37 1.38
C SER A 149 -45.39 -17.42 1.02
N ILE A 150 -45.76 -18.21 2.03
CA ILE A 150 -46.74 -19.26 1.81
C ILE A 150 -48.08 -18.68 1.34
N LEU A 151 -48.38 -17.43 1.72
CA LEU A 151 -49.64 -16.80 1.31
C LEU A 151 -49.74 -16.59 -0.19
N ASP A 152 -48.62 -16.52 -0.90
CA ASP A 152 -48.62 -16.25 -2.34
C ASP A 152 -48.60 -17.51 -3.17
N ILE A 153 -48.71 -18.68 -2.55
CA ILE A 153 -48.72 -19.94 -3.28
C ILE A 153 -50.19 -20.30 -3.49
N ARG A 154 -50.65 -20.18 -4.75
CA ARG A 154 -52.04 -20.44 -5.11
C ARG A 154 -52.07 -21.26 -6.39
N GLN A 155 -52.95 -22.24 -6.43
CA GLN A 155 -53.06 -23.14 -7.57
C GLN A 155 -53.56 -22.40 -8.80
N GLY A 156 -52.86 -22.59 -9.92
CA GLY A 156 -53.28 -22.02 -11.18
C GLY A 156 -54.55 -22.69 -11.69
N PRO A 157 -55.30 -21.97 -12.54
CA PRO A 157 -56.54 -22.55 -13.07
C PRO A 157 -56.39 -23.92 -13.72
N LYS A 158 -55.27 -24.17 -14.40
CA LYS A 158 -55.02 -25.45 -15.04
C LYS A 158 -53.87 -26.22 -14.39
N GLU A 159 -53.35 -25.73 -13.27
CA GLU A 159 -52.21 -26.38 -12.65
C GLU A 159 -52.66 -27.69 -12.01
N PRO A 160 -52.02 -28.82 -12.32
CA PRO A 160 -52.37 -30.05 -11.62
C PRO A 160 -52.15 -29.89 -10.12
N PHE A 161 -53.05 -30.48 -9.34
CA PHE A 161 -53.01 -30.31 -7.88
C PHE A 161 -51.67 -30.76 -7.31
N ARG A 162 -51.10 -31.85 -7.85
CA ARG A 162 -49.81 -32.33 -7.34
C ARG A 162 -48.72 -31.27 -7.42
N ASP A 163 -48.63 -30.57 -8.55
CA ASP A 163 -47.59 -29.54 -8.72
C ASP A 163 -47.81 -28.40 -7.74
N TYR A 164 -49.07 -28.04 -7.49
CA TYR A 164 -49.38 -27.01 -6.52
C TYR A 164 -48.96 -27.43 -5.11
N VAL A 165 -49.26 -28.67 -4.73
CA VAL A 165 -48.84 -29.14 -3.40
C VAL A 165 -47.32 -29.15 -3.28
N ASP A 166 -46.63 -29.60 -4.34
CA ASP A 166 -45.16 -29.54 -4.36
C ASP A 166 -44.67 -28.12 -4.08
N ARG A 167 -45.24 -27.13 -4.79
CA ARG A 167 -44.83 -25.74 -4.57
C ARG A 167 -45.15 -25.28 -3.16
N PHE A 168 -46.35 -25.60 -2.69
CA PHE A 168 -46.79 -25.20 -1.36
C PHE A 168 -45.82 -25.70 -0.29
N TYR A 169 -45.51 -26.98 -0.28
CA TYR A 169 -44.70 -27.49 0.82
C TYR A 169 -43.21 -27.20 0.65
N LYS A 170 -42.74 -27.02 -0.58
CA LYS A 170 -41.40 -26.48 -0.77
C LYS A 170 -41.28 -25.09 -0.12
N THR A 171 -42.25 -24.22 -0.42
CA THR A 171 -42.22 -22.88 0.14
C THR A 171 -42.28 -22.94 1.66
N LEU A 172 -43.22 -23.72 2.21
CA LEU A 172 -43.33 -23.82 3.66
C LEU A 172 -42.03 -24.29 4.29
N ARG A 173 -41.39 -25.30 3.68
CA ARG A 173 -40.14 -25.80 4.23
C ARG A 173 -39.10 -24.70 4.29
N ALA A 174 -38.96 -23.93 3.21
CA ALA A 174 -37.98 -22.85 3.22
C ALA A 174 -38.34 -21.77 4.23
N GLU A 175 -39.62 -21.43 4.34
CA GLU A 175 -39.96 -20.32 5.22
C GLU A 175 -39.75 -20.70 6.68
N GLN A 176 -39.96 -21.97 7.02
CA GLN A 176 -39.73 -22.41 8.39
C GLN A 176 -38.36 -23.06 8.60
N ALA A 177 -37.61 -23.33 7.52
CA ALA A 177 -36.41 -24.14 7.62
C ALA A 177 -36.69 -25.45 8.35
N SER A 178 -37.83 -26.07 8.01
CA SER A 178 -38.31 -27.27 8.69
C SER A 178 -39.44 -27.87 7.86
N GLN A 179 -39.48 -29.21 7.83
CA GLN A 179 -40.63 -29.92 7.27
C GLN A 179 -41.72 -30.19 8.29
N GLU A 180 -41.39 -30.22 9.59
CA GLU A 180 -42.39 -30.39 10.64
C GLU A 180 -43.25 -29.13 10.71
N VAL A 181 -44.08 -28.92 9.69
CA VAL A 181 -44.77 -27.65 9.51
C VAL A 181 -46.23 -27.89 9.14
N LYS A 182 -46.74 -29.09 9.41
CA LYS A 182 -48.14 -29.43 9.13
C LYS A 182 -48.98 -29.18 10.37
N ASN A 183 -49.94 -28.27 10.26
CA ASN A 183 -50.90 -27.98 11.32
C ASN A 183 -52.24 -27.66 10.68
N ALA A 184 -53.27 -27.50 11.52
CA ALA A 184 -54.62 -27.23 11.01
C ALA A 184 -54.64 -25.96 10.18
N ALA A 185 -53.94 -24.92 10.63
CA ALA A 185 -53.84 -23.70 9.84
C ALA A 185 -53.32 -23.99 8.44
N THR A 186 -52.30 -24.84 8.34
CA THR A 186 -51.65 -25.09 7.06
C THR A 186 -52.58 -25.83 6.09
N GLU A 187 -53.20 -26.92 6.54
CA GLU A 187 -54.16 -27.61 5.68
C GLU A 187 -55.30 -26.69 5.28
N THR A 188 -55.80 -25.90 6.23
CA THR A 188 -56.78 -24.85 5.92
C THR A 188 -56.29 -24.03 4.74
N LEU A 189 -55.03 -23.59 4.79
CA LEU A 189 -54.52 -22.70 3.76
C LEU A 189 -54.34 -23.43 2.42
N LEU A 190 -53.91 -24.70 2.48
CA LEU A 190 -53.76 -25.49 1.26
C LEU A 190 -55.10 -25.58 0.53
N VAL A 191 -56.18 -25.87 1.25
CA VAL A 191 -57.48 -25.90 0.60
C VAL A 191 -57.89 -24.50 0.15
N GLN A 192 -57.63 -23.49 0.99
CA GLN A 192 -58.06 -22.12 0.68
C GLN A 192 -57.40 -21.61 -0.60
N ASN A 193 -56.13 -21.93 -0.81
CA ASN A 193 -55.42 -21.44 -1.99
C ASN A 193 -55.53 -22.40 -3.17
N ALA A 194 -56.31 -23.46 -3.05
CA ALA A 194 -56.62 -24.30 -4.20
C ALA A 194 -57.53 -23.58 -5.18
N ASN A 195 -57.54 -24.06 -6.42
CA ASN A 195 -58.39 -23.45 -7.42
C ASN A 195 -59.85 -23.88 -7.24
N PRO A 196 -60.79 -23.17 -7.89
CA PRO A 196 -62.22 -23.41 -7.60
C PRO A 196 -62.65 -24.87 -7.66
N ASP A 197 -62.32 -25.57 -8.75
CA ASP A 197 -62.74 -26.96 -8.89
C ASP A 197 -62.14 -27.83 -7.79
N CYS A 198 -60.80 -27.85 -7.70
CA CYS A 198 -60.15 -28.60 -6.64
C CYS A 198 -60.67 -28.16 -5.28
N LYS A 199 -60.83 -26.86 -5.07
CA LYS A 199 -61.32 -26.40 -3.77
C LYS A 199 -62.68 -27.01 -3.45
N THR A 200 -63.58 -27.07 -4.44
CA THR A 200 -64.89 -27.69 -4.21
C THR A 200 -64.74 -29.14 -3.79
N ILE A 201 -63.96 -29.93 -4.54
CA ILE A 201 -63.76 -31.33 -4.18
C ILE A 201 -63.20 -31.45 -2.76
N LEU A 202 -62.17 -30.65 -2.46
CA LEU A 202 -61.51 -30.74 -1.16
C LEU A 202 -62.46 -30.38 -0.03
N LYS A 203 -63.27 -29.34 -0.22
CA LYS A 203 -64.23 -28.97 0.81
C LYS A 203 -65.31 -30.04 0.97
N ALA A 204 -65.65 -30.74 -0.11
CA ALA A 204 -66.58 -31.87 0.01
C ALA A 204 -65.97 -33.00 0.85
N LEU A 205 -64.65 -33.20 0.77
CA LEU A 205 -64.03 -34.24 1.59
C LEU A 205 -64.17 -33.93 3.07
N GLY A 206 -64.13 -32.66 3.46
CA GLY A 206 -64.24 -32.29 4.85
C GLY A 206 -62.89 -32.34 5.55
N PRO A 207 -62.85 -31.89 6.80
CA PRO A 207 -61.58 -31.90 7.54
C PRO A 207 -61.20 -33.30 7.96
N GLY A 208 -59.96 -33.43 8.44
CA GLY A 208 -59.44 -34.72 8.82
C GLY A 208 -58.99 -35.57 7.66
N ALA A 209 -59.13 -35.09 6.44
CA ALA A 209 -58.66 -35.83 5.29
C ALA A 209 -57.14 -35.77 5.21
N THR A 210 -56.53 -36.88 4.84
CA THR A 210 -55.09 -36.94 4.68
C THR A 210 -54.67 -36.31 3.35
N LEU A 211 -53.39 -35.97 3.26
CA LEU A 211 -52.87 -35.42 2.01
C LEU A 211 -53.05 -36.40 0.86
N GLU A 212 -52.82 -37.70 1.12
CA GLU A 212 -53.05 -38.70 0.08
C GLU A 212 -54.50 -38.66 -0.41
N GLU A 213 -55.47 -38.54 0.51
CA GLU A 213 -56.87 -38.50 0.10
C GLU A 213 -57.16 -37.24 -0.71
N MET A 214 -56.63 -36.10 -0.28
CA MET A 214 -56.80 -34.86 -1.03
C MET A 214 -56.27 -35.00 -2.44
N MET A 215 -55.07 -35.58 -2.57
CA MET A 215 -54.42 -35.64 -3.87
C MET A 215 -55.10 -36.65 -4.78
N THR A 216 -55.56 -37.77 -4.21
CA THR A 216 -56.35 -38.71 -5.01
C THR A 216 -57.63 -38.05 -5.48
N ALA A 217 -58.28 -37.27 -4.61
CA ALA A 217 -59.56 -36.68 -4.96
C ALA A 217 -59.44 -35.69 -6.11
N CYS A 218 -58.33 -34.97 -6.21
CA CYS A 218 -58.14 -33.97 -7.25
C CYS A 218 -57.31 -34.48 -8.42
N GLN A 219 -57.12 -35.78 -8.53
CA GLN A 219 -56.32 -36.34 -9.62
C GLN A 219 -57.06 -36.28 -10.94
N PRO B 1 17.45 48.64 25.56
CA PRO B 1 16.48 48.17 26.57
C PRO B 1 17.06 47.20 27.59
N ILE B 2 16.26 46.85 28.60
CA ILE B 2 16.60 45.80 29.55
C ILE B 2 15.76 44.60 29.18
N VAL B 3 16.40 43.47 28.87
CA VAL B 3 15.70 42.28 28.43
C VAL B 3 16.22 41.10 29.24
N GLN B 4 15.44 40.04 29.26
CA GLN B 4 15.88 38.81 29.88
C GLN B 4 16.63 38.03 28.81
N ASN B 5 17.82 37.54 29.15
CA ASN B 5 18.59 36.77 28.19
C ASN B 5 18.05 35.34 28.15
N LEU B 6 18.75 34.46 27.44
CA LEU B 6 18.23 33.11 27.26
C LEU B 6 18.24 32.31 28.55
N GLN B 7 18.98 32.75 29.56
CA GLN B 7 19.09 32.00 30.82
C GLN B 7 18.45 32.74 32.00
N GLY B 8 17.56 33.67 31.74
CA GLY B 8 16.74 34.25 32.79
C GLY B 8 17.35 35.41 33.57
N GLN B 9 18.42 36.03 33.06
CA GLN B 9 19.02 37.19 33.71
C GLN B 9 18.58 38.45 32.98
N MET B 10 18.36 39.53 33.74
CA MET B 10 18.01 40.84 33.19
C MET B 10 19.29 41.60 32.81
N VAL B 11 19.45 41.90 31.53
CA VAL B 11 20.66 42.53 31.04
C VAL B 11 20.33 43.66 30.06
N HIS B 12 21.24 44.62 29.98
CA HIS B 12 21.11 45.71 29.02
C HIS B 12 21.51 45.26 27.64
N GLN B 13 20.76 45.75 26.66
CA GLN B 13 21.02 45.49 25.25
C GLN B 13 20.84 46.80 24.47
N CYS B 14 21.73 47.06 23.53
CA CYS B 14 21.65 48.26 22.71
C CYS B 14 20.32 48.29 21.96
N ILE B 15 19.78 49.50 21.78
CA ILE B 15 18.59 49.66 20.96
C ILE B 15 18.90 49.21 19.55
N SER B 16 17.93 48.58 18.89
CA SER B 16 18.27 47.96 17.62
C SER B 16 18.05 48.92 16.44
N PRO B 17 18.78 48.73 15.33
CA PRO B 17 18.51 49.55 14.14
C PRO B 17 17.07 49.42 13.66
N ARG B 18 16.48 48.24 13.79
CA ARG B 18 15.10 48.03 13.38
C ARG B 18 14.16 48.90 14.19
N THR B 19 14.35 48.92 15.52
CA THR B 19 13.52 49.76 16.38
C THR B 19 13.71 51.24 16.07
N LEU B 20 14.97 51.69 15.97
CA LEU B 20 15.26 53.09 15.67
C LEU B 20 14.52 53.53 14.41
N ASN B 21 14.67 52.74 13.34
CA ASN B 21 14.07 53.10 12.06
C ASN B 21 12.54 53.04 12.11
N ALA B 22 11.98 52.04 12.81
CA ALA B 22 10.53 51.96 12.88
C ALA B 22 9.94 53.22 13.51
N TRP B 23 10.56 53.71 14.61
CA TRP B 23 10.05 54.90 15.26
C TRP B 23 10.18 56.13 14.37
N VAL B 24 11.38 56.33 13.79
CA VAL B 24 11.57 57.48 12.89
C VAL B 24 10.54 57.46 11.77
N LYS B 25 10.32 56.29 11.17
CA LYS B 25 9.44 56.20 9.99
C LYS B 25 7.99 56.41 10.37
N VAL B 26 7.54 55.86 11.52
CA VAL B 26 6.14 56.06 11.87
C VAL B 26 5.90 57.54 12.17
N VAL B 27 6.88 58.22 12.77
CA VAL B 27 6.67 59.65 12.97
C VAL B 27 6.63 60.37 11.64
N GLU B 28 7.52 60.02 10.71
CA GLU B 28 7.51 60.68 9.40
C GLU B 28 6.18 60.46 8.68
N GLU B 29 5.64 59.25 8.75
CA GLU B 29 4.46 58.91 7.96
C GLU B 29 3.15 59.33 8.61
N LYS B 30 3.05 59.24 9.93
CA LYS B 30 1.79 59.46 10.62
C LYS B 30 1.77 60.71 11.47
N ALA B 31 2.90 61.38 11.65
CA ALA B 31 2.99 62.56 12.50
C ALA B 31 2.43 62.23 13.89
N PHE B 32 1.39 62.95 14.32
CA PHE B 32 0.81 62.79 15.64
C PHE B 32 -0.66 62.36 15.55
N SER B 33 -0.95 61.53 14.56
CA SER B 33 -2.19 60.77 14.58
C SER B 33 -2.23 59.90 15.85
N PRO B 34 -3.41 59.65 16.41
CA PRO B 34 -3.46 58.97 17.72
C PRO B 34 -2.74 57.63 17.76
N GLU B 35 -2.81 56.84 16.70
CA GLU B 35 -2.23 55.50 16.72
C GLU B 35 -0.70 55.51 16.80
N VAL B 36 -0.06 56.67 16.67
CA VAL B 36 1.38 56.74 16.89
C VAL B 36 1.73 56.50 18.36
N ILE B 37 0.82 56.75 19.30
CA ILE B 37 1.18 56.64 20.71
C ILE B 37 1.30 55.17 21.10
N PRO B 38 0.32 54.30 20.79
CA PRO B 38 0.52 52.87 21.05
C PRO B 38 1.76 52.30 20.37
N MET B 39 2.06 52.74 19.15
CA MET B 39 3.29 52.30 18.48
C MET B 39 4.52 52.73 19.27
N PHE B 40 4.58 54.02 19.67
CA PHE B 40 5.67 54.46 20.53
C PHE B 40 5.79 53.54 21.74
N SER B 41 4.65 53.26 22.39
CA SER B 41 4.69 52.52 23.63
C SER B 41 5.23 51.12 23.37
N ALA B 42 4.85 50.54 22.24
CA ALA B 42 5.32 49.20 21.92
C ALA B 42 6.77 49.22 21.48
N LEU B 43 7.20 50.25 20.74
CA LEU B 43 8.58 50.21 20.27
C LEU B 43 9.58 50.47 21.39
N SER B 44 9.13 51.03 22.51
CA SER B 44 9.99 51.32 23.64
C SER B 44 9.82 50.29 24.77
N CYS B 45 9.33 49.09 24.45
CA CYS B 45 9.22 48.06 25.46
C CYS B 45 10.57 47.78 26.09
N GLY B 46 10.62 47.83 27.42
CA GLY B 46 11.84 47.61 28.16
C GLY B 46 12.85 48.72 28.09
N ALA B 47 12.50 49.88 27.55
CA ALA B 47 13.47 50.94 27.35
C ALA B 47 13.97 51.50 28.68
N THR B 48 15.26 51.83 28.72
CA THR B 48 15.79 52.71 29.75
C THR B 48 15.44 54.15 29.41
N PRO B 49 15.60 55.09 30.35
CA PRO B 49 15.45 56.52 29.99
C PRO B 49 16.35 56.95 28.84
N GLN B 50 17.59 56.45 28.82
CA GLN B 50 18.49 56.76 27.71
C GLN B 50 17.88 56.34 26.37
N ASP B 51 17.30 55.13 26.31
CA ASP B 51 16.67 54.68 25.07
C ASP B 51 15.51 55.58 24.67
N LEU B 52 14.68 55.98 25.64
CA LEU B 52 13.58 56.87 25.33
C LEU B 52 14.09 58.20 24.79
N ASN B 53 15.17 58.73 25.38
CA ASN B 53 15.71 59.99 24.91
C ASN B 53 16.28 59.83 23.51
N THR B 54 16.90 58.68 23.23
CA THR B 54 17.36 58.39 21.88
C THR B 54 16.20 58.46 20.90
N MET B 55 15.09 57.81 21.25
CA MET B 55 13.95 57.81 20.34
C MET B 55 13.44 59.23 20.10
N LEU B 56 13.35 60.03 21.16
CA LEU B 56 12.86 61.39 20.97
C LEU B 56 13.86 62.24 20.19
N ASN B 57 15.15 62.08 20.47
CA ASN B 57 16.17 62.89 19.82
C ASN B 57 16.34 62.55 18.34
N THR B 58 16.00 61.32 17.90
CA THR B 58 16.17 60.99 16.50
C THR B 58 15.08 61.57 15.62
N VAL B 59 14.03 62.14 16.22
CA VAL B 59 12.99 62.79 15.42
C VAL B 59 13.53 64.07 14.80
N GLY B 60 13.36 64.20 13.50
CA GLY B 60 13.89 65.35 12.77
C GLY B 60 12.96 66.54 12.67
N GLY B 61 11.69 66.30 12.40
CA GLY B 61 10.74 67.38 12.25
C GLY B 61 10.04 67.72 13.55
N HIS B 62 8.91 68.39 13.43
CA HIS B 62 8.01 68.59 14.56
C HIS B 62 8.72 69.20 15.77
N GLN B 63 9.62 70.16 15.53
CA GLN B 63 10.41 70.66 16.65
C GLN B 63 9.61 71.54 17.60
N ALA B 64 8.48 72.08 17.15
CA ALA B 64 7.57 72.75 18.06
C ALA B 64 6.99 71.76 19.07
N ALA B 65 6.50 70.64 18.56
CA ALA B 65 6.00 69.58 19.41
C ALA B 65 7.08 69.10 20.37
N MET B 66 8.31 68.92 19.90
CA MET B 66 9.35 68.45 20.81
C MET B 66 9.63 69.46 21.92
N GLN B 67 9.52 70.76 21.63
CA GLN B 67 9.70 71.74 22.70
C GLN B 67 8.57 71.65 23.71
N MET B 68 7.32 71.48 23.25
CA MET B 68 6.20 71.27 24.17
C MET B 68 6.40 70.01 25.01
N LEU B 69 6.84 68.92 24.38
CA LEU B 69 7.08 67.68 25.12
C LEU B 69 8.12 67.89 26.20
N LYS B 70 9.19 68.61 25.88
CA LYS B 70 10.21 68.91 26.89
C LYS B 70 9.60 69.65 28.07
N GLU B 71 8.67 70.57 27.80
CA GLU B 71 8.03 71.28 28.89
C GLU B 71 7.18 70.34 29.75
N THR B 72 6.40 69.45 29.11
CA THR B 72 5.61 68.48 29.87
C THR B 72 6.50 67.59 30.73
N ILE B 73 7.60 67.10 30.17
CA ILE B 73 8.50 66.25 30.92
C ILE B 73 9.01 66.99 32.17
N ASN B 74 9.41 68.26 32.01
CA ASN B 74 9.90 69.01 33.16
C ASN B 74 8.80 69.21 34.22
N GLU B 75 7.55 69.42 33.78
CA GLU B 75 6.43 69.51 34.72
C GLU B 75 6.25 68.21 35.51
N GLU B 76 6.29 67.06 34.80
CA GLU B 76 6.12 65.79 35.48
C GLU B 76 7.28 65.49 36.41
N ALA B 77 8.50 65.89 36.05
CA ALA B 77 9.63 65.68 36.93
C ALA B 77 9.46 66.51 38.19
N ALA B 78 8.95 67.72 38.04
CA ALA B 78 8.68 68.57 39.20
C ALA B 78 7.62 67.94 40.10
N GLU B 79 6.55 67.40 39.51
CA GLU B 79 5.55 66.73 40.34
C GLU B 79 6.13 65.52 41.04
N TRP B 80 7.00 64.77 40.35
CA TRP B 80 7.69 63.66 41.00
C TRP B 80 8.50 64.14 42.20
N ASP B 81 9.24 65.22 42.03
CA ASP B 81 10.05 65.72 43.14
C ASP B 81 9.17 66.21 44.30
N ARG B 82 7.97 66.70 44.01
CA ARG B 82 7.06 67.11 45.08
C ARG B 82 6.47 65.91 45.82
N LEU B 83 6.00 64.91 45.08
CA LEU B 83 5.30 63.78 45.68
C LEU B 83 6.23 62.65 46.14
N HIS B 84 7.46 62.63 45.66
CA HIS B 84 8.43 61.60 46.03
C HIS B 84 9.74 62.31 46.34
N PRO B 85 9.73 63.19 47.33
CA PRO B 85 10.94 63.94 47.65
C PRO B 85 12.02 63.01 48.18
N VAL B 86 13.26 63.36 47.85
CA VAL B 86 14.45 62.62 48.23
C VAL B 86 15.19 63.46 49.26
N HIS B 87 15.38 62.90 50.44
CA HIS B 87 16.12 63.60 51.48
C HIS B 87 17.43 64.15 50.92
N ALA B 88 17.84 65.31 51.41
CA ALA B 88 19.13 65.88 51.05
C ALA B 88 20.19 65.37 52.03
N GLY B 89 21.30 64.90 51.49
CA GLY B 89 22.37 64.39 52.31
C GLY B 89 23.59 64.08 51.48
N PRO B 90 24.74 63.88 52.12
CA PRO B 90 25.94 63.50 51.37
C PRO B 90 25.72 62.18 50.63
N ILE B 91 26.57 61.95 49.63
CA ILE B 91 26.50 60.76 48.80
C ILE B 91 27.49 59.73 49.33
N ALA B 92 27.11 58.46 49.27
CA ALA B 92 27.98 57.36 49.62
C ALA B 92 28.83 56.98 48.41
N PRO B 93 29.78 56.05 48.55
CA PRO B 93 30.73 55.80 47.45
C PRO B 93 30.12 54.92 46.37
N GLY B 94 29.83 55.55 45.22
CA GLY B 94 29.29 54.83 44.07
C GLY B 94 28.18 53.86 44.42
N GLN B 95 27.40 54.20 45.44
CA GLN B 95 26.34 53.33 45.93
C GLN B 95 25.01 53.80 45.36
N MET B 96 24.00 52.93 45.42
CA MET B 96 22.75 53.23 44.75
C MET B 96 22.06 54.38 45.47
N ARG B 97 21.68 55.37 44.70
CA ARG B 97 21.00 56.52 45.26
C ARG B 97 19.54 56.50 44.85
N GLU B 98 18.75 57.39 45.45
CA GLU B 98 17.34 57.41 45.08
C GLU B 98 17.15 58.34 43.89
N PRO B 99 16.35 57.96 42.89
CA PRO B 99 16.22 58.83 41.72
C PRO B 99 15.28 60.00 41.98
N ARG B 100 15.71 61.16 41.50
CA ARG B 100 14.85 62.33 41.45
C ARG B 100 14.35 62.48 40.02
N GLY B 101 13.56 63.53 39.80
CA GLY B 101 12.87 63.68 38.53
C GLY B 101 13.82 63.75 37.35
N SER B 102 14.91 64.50 37.48
CA SER B 102 15.88 64.61 36.41
C SER B 102 16.68 63.32 36.20
N ASP B 103 16.76 62.45 37.22
CA ASP B 103 17.38 61.14 37.02
C ASP B 103 16.48 60.21 36.21
N ILE B 104 15.18 60.27 36.48
CA ILE B 104 14.21 59.44 35.76
C ILE B 104 14.17 59.82 34.29
N ALA B 105 14.30 61.11 33.98
CA ALA B 105 14.32 61.61 32.62
C ALA B 105 15.67 61.44 31.95
N GLY B 106 16.66 60.90 32.63
CA GLY B 106 17.94 60.61 32.04
C GLY B 106 18.85 61.79 31.86
N THR B 107 18.55 62.94 32.45
CA THR B 107 19.39 64.12 32.28
C THR B 107 20.53 64.17 33.30
N THR B 108 20.32 63.66 34.51
CA THR B 108 21.34 63.68 35.56
C THR B 108 21.77 62.29 36.03
N SER B 109 21.33 61.22 35.36
CA SER B 109 21.70 59.85 35.71
C SER B 109 22.47 59.22 34.56
N THR B 110 23.34 58.28 34.90
CA THR B 110 24.07 57.51 33.89
C THR B 110 23.28 56.27 33.49
N LEU B 111 23.65 55.70 32.34
CA LEU B 111 23.07 54.42 31.93
C LEU B 111 23.24 53.38 33.03
N GLN B 112 24.43 53.32 33.64
CA GLN B 112 24.64 52.29 34.64
C GLN B 112 23.73 52.48 35.85
N GLU B 113 23.46 53.73 36.22
CA GLU B 113 22.50 53.99 37.30
C GLU B 113 21.10 53.54 36.92
N GLN B 114 20.69 53.79 35.68
CA GLN B 114 19.38 53.37 35.20
C GLN B 114 19.26 51.85 35.20
N ILE B 115 20.28 51.16 34.70
CA ILE B 115 20.29 49.70 34.77
C ILE B 115 20.17 49.24 36.22
N GLY B 116 20.94 49.88 37.12
CA GLY B 116 20.88 49.51 38.52
C GLY B 116 19.48 49.63 39.12
N TRP B 117 18.80 50.74 38.84
CA TRP B 117 17.43 50.91 39.34
C TRP B 117 16.50 49.89 38.70
N MET B 118 16.62 49.68 37.39
CA MET B 118 15.64 48.86 36.69
C MET B 118 15.82 47.38 37.01
N THR B 119 17.03 46.97 37.39
CA THR B 119 17.33 45.57 37.71
C THR B 119 17.38 45.33 39.21
N HIS B 120 17.05 46.33 40.02
CA HIS B 120 16.99 46.15 41.46
C HIS B 120 15.87 45.19 41.84
N ASN B 121 15.95 44.66 43.06
CA ASN B 121 14.89 43.80 43.58
C ASN B 121 14.32 44.38 44.87
N PRO B 122 13.12 44.97 44.80
CA PRO B 122 12.26 45.12 43.63
C PRO B 122 12.78 46.20 42.68
N PRO B 123 12.40 46.13 41.40
CA PRO B 123 12.92 47.12 40.45
C PRO B 123 12.31 48.49 40.68
N ILE B 124 13.14 49.51 40.47
CA ILE B 124 12.68 50.90 40.46
C ILE B 124 12.53 51.27 38.99
N PRO B 125 11.28 51.30 38.47
CA PRO B 125 11.03 51.28 37.02
C PRO B 125 11.10 52.66 36.40
N VAL B 126 12.30 53.22 36.40
CA VAL B 126 12.50 54.60 35.94
C VAL B 126 12.16 54.73 34.47
N GLY B 127 12.38 53.67 33.69
CA GLY B 127 11.95 53.69 32.31
C GLY B 127 10.45 53.80 32.14
N GLU B 128 9.70 53.01 32.91
CA GLU B 128 8.24 53.06 32.81
C GLU B 128 7.69 54.37 33.37
N ILE B 129 8.31 54.90 34.43
CA ILE B 129 7.88 56.20 34.96
C ILE B 129 8.10 57.29 33.91
N TYR B 130 9.32 57.33 33.35
CA TYR B 130 9.60 58.32 32.30
C TYR B 130 8.66 58.14 31.12
N LYS B 131 8.42 56.89 30.71
CA LYS B 131 7.53 56.65 29.57
C LYS B 131 6.13 57.20 29.84
N ARG B 132 5.62 57.06 31.07
CA ARG B 132 4.33 57.65 31.36
C ARG B 132 4.36 59.16 31.17
N TRP B 133 5.46 59.82 31.56
CA TRP B 133 5.53 61.27 31.34
C TRP B 133 5.53 61.61 29.86
N ILE B 134 6.33 60.87 29.08
CA ILE B 134 6.44 61.15 27.66
C ILE B 134 5.09 60.97 26.99
N ILE B 135 4.39 59.90 27.32
CA ILE B 135 3.10 59.64 26.69
C ILE B 135 2.08 60.70 27.10
N LEU B 136 2.14 61.18 28.34
CA LEU B 136 1.29 62.32 28.71
C LEU B 136 1.54 63.51 27.77
N GLY B 137 2.81 63.85 27.57
CA GLY B 137 3.14 64.93 26.65
C GLY B 137 2.70 64.66 25.21
N LEU B 138 2.91 63.44 24.73
CA LEU B 138 2.54 63.10 23.36
C LEU B 138 1.02 63.17 23.18
N ASN B 139 0.25 62.73 24.17
CA ASN B 139 -1.20 62.85 24.09
C ASN B 139 -1.63 64.32 24.03
N LYS B 140 -0.98 65.20 24.81
CA LYS B 140 -1.29 66.62 24.65
C LYS B 140 -1.06 67.07 23.21
N ILE B 141 0.04 66.60 22.60
CA ILE B 141 0.33 67.00 21.23
C ILE B 141 -0.74 66.47 20.27
N VAL B 142 -1.14 65.21 20.44
CA VAL B 142 -2.16 64.63 19.57
C VAL B 142 -3.43 65.46 19.62
N ARG B 143 -3.86 65.84 20.84
CA ARG B 143 -5.07 66.64 20.95
C ARG B 143 -4.91 67.98 20.27
N MET B 144 -3.82 68.68 20.57
CA MET B 144 -3.63 70.00 19.98
C MET B 144 -3.63 69.92 18.46
N TYR B 145 -3.06 68.87 17.90
CA TYR B 145 -2.90 68.79 16.46
C TYR B 145 -4.09 68.17 15.74
N SER B 146 -5.12 67.75 16.47
CA SER B 146 -6.33 67.20 15.87
C SER B 146 -6.90 68.23 14.90
N PRO B 147 -7.08 67.89 13.61
CA PRO B 147 -7.48 68.93 12.65
C PRO B 147 -8.94 69.37 12.75
N THR B 148 -9.82 68.57 13.31
CA THR B 148 -11.26 68.83 13.23
C THR B 148 -11.90 68.65 14.60
N SER B 149 -12.92 69.45 14.87
CA SER B 149 -13.72 69.30 16.07
C SER B 149 -14.83 68.29 15.84
N ILE B 150 -15.17 67.54 16.90
CA ILE B 150 -16.21 66.53 16.76
C ILE B 150 -17.54 67.16 16.38
N LEU B 151 -17.76 68.43 16.76
CA LEU B 151 -19.00 69.10 16.42
C LEU B 151 -19.16 69.30 14.92
N ASP B 152 -18.06 69.31 14.16
CA ASP B 152 -18.14 69.54 12.73
C ASP B 152 -18.22 68.28 11.90
N ILE B 153 -18.35 67.11 12.53
CA ILE B 153 -18.45 65.84 11.82
C ILE B 153 -19.94 65.54 11.66
N ARG B 154 -20.45 65.76 10.45
CA ARG B 154 -21.87 65.59 10.18
C ARG B 154 -22.07 64.69 8.98
N GLN B 155 -22.97 63.73 9.10
CA GLN B 155 -23.21 62.80 8.02
C GLN B 155 -23.76 63.55 6.82
N GLY B 156 -23.17 63.30 5.66
CA GLY B 156 -23.63 63.87 4.42
C GLY B 156 -24.98 63.30 4.02
N PRO B 157 -25.72 64.04 3.19
CA PRO B 157 -27.03 63.54 2.75
C PRO B 157 -26.96 62.15 2.11
N LYS B 158 -25.91 61.87 1.35
CA LYS B 158 -25.74 60.57 0.71
C LYS B 158 -24.46 59.88 1.18
N GLU B 159 -23.99 60.20 2.38
CA GLU B 159 -22.82 59.51 2.93
C GLU B 159 -23.24 58.22 3.61
N PRO B 160 -22.65 57.07 3.24
CA PRO B 160 -22.95 55.83 3.98
C PRO B 160 -22.65 55.98 5.45
N PHE B 161 -23.53 55.43 6.27
CA PHE B 161 -23.40 55.58 7.72
C PHE B 161 -22.07 55.05 8.21
N ARG B 162 -21.58 53.95 7.65
CA ARG B 162 -20.31 53.41 8.09
C ARG B 162 -19.18 54.42 7.92
N ASP B 163 -19.14 55.11 6.78
CA ASP B 163 -18.11 56.10 6.54
C ASP B 163 -18.24 57.28 7.50
N TYR B 164 -19.47 57.71 7.79
CA TYR B 164 -19.67 58.75 8.78
C TYR B 164 -19.17 58.32 10.15
N VAL B 165 -19.52 57.12 10.58
CA VAL B 165 -19.08 56.63 11.88
C VAL B 165 -17.55 56.53 11.93
N ASP B 166 -16.93 56.05 10.85
CA ASP B 166 -15.46 56.07 10.76
C ASP B 166 -14.89 57.46 11.00
N ARG B 167 -15.45 58.47 10.32
CA ARG B 167 -14.97 59.85 10.52
C ARG B 167 -15.21 60.33 11.94
N PHE B 168 -16.39 60.03 12.48
CA PHE B 168 -16.75 60.47 13.83
C PHE B 168 -15.76 59.93 14.85
N TYR B 169 -15.52 58.63 14.83
CA TYR B 169 -14.69 58.07 15.87
C TYR B 169 -13.21 58.30 15.61
N LYS B 170 -12.81 58.50 14.37
CA LYS B 170 -11.44 58.96 14.11
C LYS B 170 -11.21 60.34 14.74
N THR B 171 -12.15 61.27 14.48
CA THR B 171 -12.05 62.61 15.05
C THR B 171 -12.08 62.57 16.57
N LEU B 172 -13.03 61.84 17.15
CA LEU B 172 -13.14 61.77 18.61
C LEU B 172 -11.86 61.23 19.23
N ARG B 173 -11.28 60.21 18.59
CA ARG B 173 -10.04 59.65 19.11
C ARG B 173 -8.95 60.72 19.15
N ALA B 174 -8.79 61.49 18.06
CA ALA B 174 -7.76 62.52 18.08
C ALA B 174 -8.06 63.61 19.11
N GLU B 175 -9.33 63.99 19.25
CA GLU B 175 -9.67 65.11 20.12
C GLU B 175 -9.50 64.74 21.57
N GLN B 176 -9.67 63.46 21.92
CA GLN B 176 -9.43 63.05 23.29
C GLN B 176 -8.07 62.40 23.51
N ALA B 177 -7.34 62.07 22.43
CA ALA B 177 -6.16 61.21 22.51
C ALA B 177 -6.50 59.90 23.23
N SER B 178 -7.62 59.32 22.83
CA SER B 178 -8.13 58.12 23.51
C SER B 178 -9.33 57.61 22.74
N GLN B 179 -9.49 56.28 22.75
CA GLN B 179 -10.67 55.61 22.20
C GLN B 179 -11.72 55.31 23.26
N GLU B 180 -11.38 55.43 24.54
CA GLU B 180 -12.31 55.19 25.65
C GLU B 180 -13.22 56.42 25.74
N VAL B 181 -14.25 56.42 24.88
CA VAL B 181 -15.10 57.57 24.64
C VAL B 181 -16.54 57.11 24.46
N LYS B 182 -16.95 56.08 25.21
CA LYS B 182 -18.34 55.60 25.19
C LYS B 182 -19.13 56.39 26.23
N ASN B 183 -19.28 57.68 25.95
CA ASN B 183 -19.99 58.61 26.83
C ASN B 183 -21.44 58.77 26.38
N ALA B 184 -22.29 59.24 27.29
CA ALA B 184 -23.67 59.53 26.94
C ALA B 184 -23.74 60.64 25.89
N ALA B 185 -23.06 61.75 26.16
CA ALA B 185 -23.01 62.87 25.22
C ALA B 185 -22.51 62.41 23.85
N THR B 186 -21.57 61.45 23.82
CA THR B 186 -20.95 61.04 22.57
C THR B 186 -21.91 60.23 21.70
N GLU B 187 -22.53 59.20 22.27
CA GLU B 187 -23.52 58.43 21.51
C GLU B 187 -24.63 59.35 21.02
N THR B 188 -25.12 60.21 21.93
CA THR B 188 -26.10 61.22 21.54
C THR B 188 -25.61 62.06 20.37
N LEU B 189 -24.34 62.50 20.39
CA LEU B 189 -23.86 63.39 19.34
C LEU B 189 -23.73 62.65 18.03
N LEU B 190 -23.33 61.38 18.08
CA LEU B 190 -23.31 60.56 16.88
C LEU B 190 -24.69 60.56 16.25
N VAL B 191 -25.73 60.37 17.07
CA VAL B 191 -27.09 60.38 16.54
C VAL B 191 -27.46 61.77 16.02
N GLN B 192 -27.12 62.84 16.77
CA GLN B 192 -27.60 64.18 16.47
C GLN B 192 -26.95 64.76 15.23
N ASN B 193 -25.70 64.38 14.93
CA ASN B 193 -25.03 64.80 13.71
C ASN B 193 -25.27 63.84 12.55
N ALA B 194 -26.09 62.81 12.74
CA ALA B 194 -26.51 61.95 11.64
C ALA B 194 -27.46 62.71 10.71
N ASN B 195 -27.62 62.20 9.48
CA ASN B 195 -28.50 62.85 8.53
C ASN B 195 -29.95 62.55 8.88
N PRO B 196 -30.91 63.28 8.30
CA PRO B 196 -32.31 63.17 8.75
C PRO B 196 -32.87 61.75 8.84
N ASP B 197 -32.76 60.94 7.78
CA ASP B 197 -33.32 59.60 7.79
C ASP B 197 -32.65 58.72 8.86
N CYS B 198 -31.33 58.61 8.79
CA CYS B 198 -30.60 57.85 9.80
C CYS B 198 -30.92 58.39 11.19
N LYS B 199 -30.95 59.71 11.35
CA LYS B 199 -31.24 60.30 12.64
C LYS B 199 -32.59 59.84 13.16
N THR B 200 -33.59 59.77 12.27
CA THR B 200 -34.92 59.29 12.64
C THR B 200 -34.87 57.84 13.14
N ILE B 201 -34.26 56.95 12.35
CA ILE B 201 -34.19 55.54 12.75
C ILE B 201 -33.48 55.40 14.10
N LEU B 202 -32.32 56.05 14.22
CA LEU B 202 -31.52 55.91 15.44
C LEU B 202 -32.25 56.46 16.66
N LYS B 203 -32.89 57.62 16.52
CA LYS B 203 -33.71 58.14 17.61
C LYS B 203 -34.82 57.16 17.95
N ALA B 204 -35.30 56.39 16.97
CA ALA B 204 -36.31 55.37 17.24
C ALA B 204 -35.74 54.19 18.01
N LEU B 205 -34.48 53.84 17.78
CA LEU B 205 -33.88 52.72 18.54
C LEU B 205 -33.79 53.03 20.03
N GLY B 206 -33.61 54.30 20.39
CA GLY B 206 -33.50 54.70 21.77
C GLY B 206 -32.07 54.63 22.27
N PRO B 207 -31.80 55.28 23.41
CA PRO B 207 -30.46 55.16 24.01
C PRO B 207 -30.28 53.79 24.65
N GLY B 208 -29.20 53.10 24.28
CA GLY B 208 -28.96 51.75 24.74
C GLY B 208 -28.70 50.78 23.60
N ALA B 209 -29.05 51.18 22.38
CA ALA B 209 -28.72 50.38 21.21
C ALA B 209 -27.20 50.33 21.02
N THR B 210 -26.70 49.18 20.60
CA THR B 210 -25.27 49.05 20.37
C THR B 210 -24.90 49.72 19.05
N LEU B 211 -23.60 50.02 18.91
CA LEU B 211 -23.13 50.57 17.65
C LEU B 211 -23.41 49.59 16.50
N GLU B 212 -23.21 48.30 16.75
CA GLU B 212 -23.53 47.30 15.71
C GLU B 212 -24.99 47.42 15.28
N GLU B 213 -25.89 47.60 16.25
CA GLU B 213 -27.30 47.78 15.92
C GLU B 213 -27.52 49.07 15.13
N MET B 214 -26.92 50.18 15.60
CA MET B 214 -27.07 51.44 14.89
C MET B 214 -26.58 51.32 13.45
N MET B 215 -25.50 50.56 13.23
CA MET B 215 -24.92 50.46 11.90
C MET B 215 -25.72 49.54 10.99
N THR B 216 -26.27 48.46 11.57
CA THR B 216 -27.18 47.62 10.80
C THR B 216 -28.43 48.38 10.39
N ALA B 217 -28.96 49.21 11.31
CA ALA B 217 -30.23 49.88 11.08
C ALA B 217 -30.14 50.92 9.96
N CYS B 218 -28.99 51.57 9.81
CA CYS B 218 -28.79 52.60 8.80
C CYS B 218 -28.08 52.07 7.55
N GLN B 219 -27.99 50.76 7.40
CA GLN B 219 -27.32 50.13 6.27
C GLN B 219 -28.16 50.22 5.00
N PRO C 1 31.05 45.91 17.90
CA PRO C 1 30.90 46.43 19.26
C PRO C 1 31.26 45.41 20.34
N ILE C 2 31.20 45.86 21.60
CA ILE C 2 31.38 45.01 22.77
C ILE C 2 30.00 44.72 23.33
N VAL C 3 29.66 43.44 23.50
CA VAL C 3 28.36 43.03 24.02
C VAL C 3 28.58 42.01 25.13
N GLN C 4 27.57 41.86 25.99
CA GLN C 4 27.62 40.87 27.05
C GLN C 4 27.08 39.52 26.57
N ASN C 5 27.85 38.46 26.79
CA ASN C 5 27.39 37.10 26.51
C ASN C 5 26.71 36.51 27.75
N LEU C 6 26.15 35.30 27.61
CA LEU C 6 25.47 34.67 28.74
C LEU C 6 26.42 34.35 29.89
N GLN C 7 27.72 34.21 29.62
CA GLN C 7 28.70 34.05 30.69
C GLN C 7 28.90 35.33 31.50
N GLY C 8 28.15 36.39 31.21
CA GLY C 8 28.38 37.67 31.85
C GLY C 8 29.63 38.39 31.38
N GLN C 9 30.30 37.84 30.37
CA GLN C 9 31.53 38.43 29.86
C GLN C 9 31.23 39.47 28.78
N MET C 10 32.06 40.50 28.74
CA MET C 10 32.00 41.52 27.70
C MET C 10 32.96 41.10 26.60
N VAL C 11 32.43 40.85 25.40
CA VAL C 11 33.16 40.25 24.30
C VAL C 11 32.89 41.02 23.01
N HIS C 12 33.80 40.87 22.05
CA HIS C 12 33.65 41.53 20.77
C HIS C 12 32.61 40.83 19.91
N GLN C 13 31.86 41.62 19.17
CA GLN C 13 30.90 41.12 18.20
C GLN C 13 31.03 41.97 16.95
N CYS C 14 31.01 41.33 15.78
CA CYS C 14 31.15 42.05 14.52
C CYS C 14 30.02 43.05 14.32
N ILE C 15 30.33 44.22 13.77
CA ILE C 15 29.30 45.17 13.36
C ILE C 15 28.41 44.52 12.31
N SER C 16 27.10 44.81 12.38
CA SER C 16 26.16 44.07 11.54
C SER C 16 25.89 44.75 10.20
N PRO C 17 25.51 43.98 9.18
CA PRO C 17 25.09 44.63 7.93
C PRO C 17 23.96 45.64 8.13
N ARG C 18 23.02 45.36 9.04
CA ARG C 18 21.93 46.29 9.30
C ARG C 18 22.45 47.62 9.85
N THR C 19 23.36 47.58 10.81
CA THR C 19 23.92 48.82 11.33
C THR C 19 24.65 49.61 10.25
N LEU C 20 25.54 48.95 9.52
CA LEU C 20 26.30 49.61 8.46
C LEU C 20 25.36 50.30 7.48
N ASN C 21 24.36 49.56 6.99
CA ASN C 21 23.46 50.13 6.00
C ASN C 21 22.62 51.26 6.60
N ALA C 22 22.15 51.10 7.84
CA ALA C 22 21.36 52.15 8.45
C ALA C 22 22.14 53.46 8.51
N TRP C 23 23.42 53.40 8.91
CA TRP C 23 24.22 54.62 8.98
C TRP C 23 24.44 55.22 7.59
N VAL C 24 24.84 54.37 6.63
CA VAL C 24 25.06 54.86 5.26
C VAL C 24 23.81 55.59 4.76
N LYS C 25 22.64 55.00 5.00
CA LYS C 25 21.40 55.57 4.49
C LYS C 25 21.03 56.85 5.23
N VAL C 26 21.23 56.91 6.54
CA VAL C 26 20.84 58.14 7.21
C VAL C 26 21.71 59.29 6.73
N VAL C 27 23.00 59.04 6.49
CA VAL C 27 23.80 60.13 5.94
C VAL C 27 23.32 60.49 4.53
N GLU C 28 22.99 59.49 3.70
CA GLU C 28 22.51 59.78 2.35
C GLU C 28 21.22 60.59 2.36
N GLU C 29 20.29 60.24 3.24
CA GLU C 29 18.97 60.84 3.20
C GLU C 29 18.88 62.16 3.97
N LYS C 30 19.59 62.29 5.07
CA LYS C 30 19.46 63.45 5.96
C LYS C 30 20.66 64.38 5.96
N ALA C 31 21.77 63.97 5.35
CA ALA C 31 23.00 64.77 5.33
C ALA C 31 23.37 65.14 6.77
N PHE C 32 23.45 66.44 7.07
CA PHE C 32 23.87 66.88 8.40
C PHE C 32 22.78 67.70 9.07
N SER C 33 21.55 67.30 8.85
CA SER C 33 20.48 67.75 9.71
C SER C 33 20.76 67.29 11.14
N PRO C 34 20.33 68.05 12.15
CA PRO C 34 20.73 67.72 13.53
C PRO C 34 20.44 66.29 13.96
N GLU C 35 19.31 65.74 13.54
CA GLU C 35 18.93 64.42 14.03
C GLU C 35 19.88 63.33 13.57
N VAL C 36 20.82 63.63 12.68
CA VAL C 36 21.78 62.61 12.29
CA VAL C 36 21.78 62.61 12.29
C VAL C 36 22.69 62.25 13.46
N ILE C 37 22.92 63.18 14.38
CA ILE C 37 23.91 62.93 15.42
C ILE C 37 23.38 61.95 16.46
N PRO C 38 22.15 62.12 16.96
CA PRO C 38 21.59 61.08 17.84
C PRO C 38 21.50 59.72 17.17
N MET C 39 21.19 59.69 15.87
CA MET C 39 21.18 58.41 15.15
C MET C 39 22.59 57.80 15.13
N PHE C 40 23.61 58.60 14.78
CA PHE C 40 24.97 58.12 14.88
C PHE C 40 25.21 57.54 16.27
N SER C 41 24.83 58.28 17.30
CA SER C 41 25.15 57.86 18.66
C SER C 41 24.44 56.56 18.99
N ALA C 42 23.20 56.40 18.51
CA ALA C 42 22.46 55.19 18.82
C ALA C 42 22.99 54.01 18.02
N LEU C 43 23.40 54.26 16.77
CA LEU C 43 23.86 53.16 15.94
C LEU C 43 25.24 52.68 16.37
N SER C 44 25.98 53.50 17.12
CA SER C 44 27.32 53.14 17.55
C SER C 44 27.35 52.72 19.00
N CYS C 45 26.22 52.31 19.56
CA CYS C 45 26.17 51.81 20.93
C CYS C 45 27.12 50.62 21.09
N GLY C 46 28.03 50.72 22.06
CA GLY C 46 29.03 49.70 22.31
C GLY C 46 30.19 49.63 21.35
N ALA C 47 30.35 50.62 20.46
CA ALA C 47 31.37 50.53 19.42
C ALA C 47 32.79 50.59 19.99
N THR C 48 33.68 49.82 19.39
CA THR C 48 35.12 50.02 19.51
C THR C 48 35.52 51.18 18.63
N PRO C 49 36.72 51.73 18.82
CA PRO C 49 37.23 52.71 17.83
C PRO C 49 37.25 52.20 16.40
N GLN C 50 37.61 50.93 16.20
CA GLN C 50 37.57 50.34 14.86
C GLN C 50 36.19 50.44 14.25
N ASP C 51 35.14 50.14 15.04
CA ASP C 51 33.78 50.27 14.55
C ASP C 51 33.44 51.72 14.19
N LEU C 52 33.83 52.67 15.03
CA LEU C 52 33.54 54.06 14.72
C LEU C 52 34.21 54.47 13.42
N ASN C 53 35.45 54.06 13.21
CA ASN C 53 36.13 54.38 11.97
C ASN C 53 35.46 53.71 10.78
N THR C 54 34.98 52.48 10.96
CA THR C 54 34.21 51.83 9.92
C THR C 54 33.00 52.67 9.54
N MET C 55 32.24 53.15 10.54
CA MET C 55 31.05 53.93 10.21
C MET C 55 31.42 55.20 9.45
N LEU C 56 32.47 55.90 9.89
CA LEU C 56 32.83 57.13 9.21
C LEU C 56 33.37 56.86 7.81
N ASN C 57 34.21 55.83 7.66
CA ASN C 57 34.85 55.54 6.39
C ASN C 57 33.89 54.99 5.34
N THR C 58 32.74 54.39 5.74
CA THR C 58 31.80 53.89 4.75
C THR C 58 30.99 55.00 4.10
N VAL C 59 31.09 56.24 4.59
CA VAL C 59 30.41 57.37 3.95
C VAL C 59 31.15 57.73 2.67
N GLY C 60 30.40 57.81 1.58
CA GLY C 60 30.97 58.08 0.27
C GLY C 60 31.00 59.54 -0.14
N GLY C 61 29.95 60.28 0.15
CA GLY C 61 29.89 61.69 -0.20
C GLY C 61 30.44 62.55 0.90
N HIS C 62 30.10 63.84 0.85
CA HIS C 62 30.32 64.78 1.94
C HIS C 62 31.76 64.76 2.43
N GLN C 63 32.70 64.69 1.49
CA GLN C 63 34.10 64.53 1.88
C GLN C 63 34.65 65.81 2.48
N ALA C 64 34.05 66.96 2.20
CA ALA C 64 34.44 68.16 2.92
C ALA C 64 34.15 68.00 4.40
N ALA C 65 32.93 67.58 4.73
CA ALA C 65 32.58 67.30 6.13
C ALA C 65 33.47 66.23 6.73
N MET C 66 33.74 65.15 6.00
CA MET C 66 34.55 64.08 6.58
C MET C 66 35.98 64.54 6.83
N GLN C 67 36.52 65.44 5.98
CA GLN C 67 37.85 65.99 6.23
C GLN C 67 37.86 66.94 7.44
N MET C 68 36.81 67.77 7.56
CA MET C 68 36.71 68.60 8.77
C MET C 68 36.65 67.75 10.01
N LEU C 69 35.87 66.66 9.96
CA LEU C 69 35.78 65.75 11.08
C LEU C 69 37.15 65.16 11.42
N LYS C 70 37.90 64.75 10.39
CA LYS C 70 39.25 64.26 10.63
C LYS C 70 40.10 65.28 11.36
N GLU C 71 40.00 66.55 10.96
CA GLU C 71 40.81 67.58 11.62
C GLU C 71 40.39 67.77 13.08
N THR C 72 39.08 67.71 13.35
CA THR C 72 38.63 67.83 14.74
C THR C 72 39.13 66.67 15.59
N ILE C 73 39.05 65.46 15.05
CA ILE C 73 39.54 64.27 15.74
C ILE C 73 41.02 64.42 16.05
N ASN C 74 41.82 64.87 15.07
CA ASN C 74 43.25 65.03 15.32
C ASN C 74 43.52 66.08 16.39
N GLU C 75 42.74 67.17 16.40
CA GLU C 75 42.90 68.17 17.45
C GLU C 75 42.63 67.58 18.82
N GLU C 76 41.55 66.79 18.94
CA GLU C 76 41.22 66.19 20.24
C GLU C 76 42.27 65.17 20.66
N ALA C 77 42.82 64.41 19.69
CA ALA C 77 43.86 63.44 20.01
C ALA C 77 45.12 64.15 20.50
N ALA C 78 45.45 65.29 19.88
CA ALA C 78 46.59 66.08 20.33
C ALA C 78 46.36 66.60 21.75
N GLU C 79 45.15 67.07 22.05
CA GLU C 79 44.85 67.51 23.42
C GLU C 79 44.94 66.37 24.41
N TRP C 80 44.47 65.19 24.04
CA TRP C 80 44.61 64.03 24.90
C TRP C 80 46.09 63.79 25.21
N ASP C 81 46.93 63.85 24.18
CA ASP C 81 48.35 63.60 24.41
C ASP C 81 49.01 64.68 25.26
N ARG C 82 48.55 65.92 25.14
CA ARG C 82 49.09 66.99 25.96
C ARG C 82 48.71 66.81 27.44
N LEU C 83 47.47 66.39 27.71
CA LEU C 83 46.99 66.27 29.09
C LEU C 83 47.26 64.90 29.72
N HIS C 84 47.55 63.87 28.94
CA HIS C 84 47.73 62.51 29.43
C HIS C 84 48.97 61.91 28.79
N PRO C 85 50.14 62.46 29.08
CA PRO C 85 51.37 61.93 28.46
C PRO C 85 51.63 60.50 28.89
N VAL C 86 52.20 59.73 27.96
CA VAL C 86 52.51 58.32 28.17
C VAL C 86 54.02 58.14 28.17
N HIS C 87 54.54 57.49 29.21
CA HIS C 87 55.96 57.18 29.29
C HIS C 87 56.31 56.00 28.39
N ALA C 92 57.40 45.75 28.28
CA ALA C 92 56.53 45.39 29.38
C ALA C 92 55.76 44.10 29.06
N PRO C 93 56.48 42.96 29.07
CA PRO C 93 55.91 41.70 28.52
C PRO C 93 54.53 41.36 29.04
N GLY C 94 53.56 41.31 28.11
CA GLY C 94 52.21 40.91 28.45
C GLY C 94 51.41 41.90 29.24
N GLN C 95 51.92 43.11 29.46
CA GLN C 95 51.24 44.11 30.24
C GLN C 95 50.56 45.12 29.32
N MET C 96 49.40 45.59 29.78
CA MET C 96 48.62 46.58 29.04
C MET C 96 49.35 47.92 28.99
N ARG C 97 49.52 48.46 27.79
CA ARG C 97 50.08 49.79 27.66
C ARG C 97 48.97 50.82 27.75
N GLU C 98 49.36 52.07 27.94
CA GLU C 98 48.43 53.17 28.06
C GLU C 98 48.15 53.77 26.69
N PRO C 99 46.90 54.10 26.38
CA PRO C 99 46.59 54.61 25.03
C PRO C 99 46.91 56.09 24.87
N ARG C 100 47.53 56.42 23.74
CA ARG C 100 47.64 57.79 23.32
C ARG C 100 46.45 58.17 22.42
N GLY C 101 46.45 59.42 21.95
CA GLY C 101 45.30 59.95 21.23
C GLY C 101 44.97 59.16 19.97
N SER C 102 46.00 58.79 19.21
CA SER C 102 45.79 58.01 18.00
C SER C 102 45.40 56.56 18.29
N ASP C 103 45.67 56.07 19.50
CA ASP C 103 45.15 54.75 19.90
C ASP C 103 43.66 54.83 20.14
N ILE C 104 43.21 55.89 20.81
CA ILE C 104 41.79 56.09 21.06
C ILE C 104 41.05 56.25 19.73
N ALA C 105 41.67 56.95 18.77
CA ALA C 105 41.08 57.14 17.46
C ALA C 105 41.25 55.94 16.55
N GLY C 106 41.86 54.86 17.03
CA GLY C 106 41.90 53.62 16.30
C GLY C 106 42.86 53.55 15.13
N THR C 107 43.78 54.51 14.98
CA THR C 107 44.72 54.47 13.87
C THR C 107 46.03 53.78 14.24
N THR C 108 46.42 53.80 15.52
CA THR C 108 47.67 53.19 15.95
C THR C 108 47.46 52.05 16.93
N SER C 109 46.22 51.63 17.16
CA SER C 109 45.89 50.54 18.06
C SER C 109 45.25 49.41 17.28
N THR C 110 45.42 48.20 17.77
CA THR C 110 44.79 47.04 17.19
C THR C 110 43.42 46.81 17.84
N LEU C 111 42.58 46.05 17.14
CA LEU C 111 41.30 45.68 17.73
C LEU C 111 41.51 45.02 19.07
N GLN C 112 42.49 44.11 19.18
CA GLN C 112 42.66 43.39 20.44
C GLN C 112 43.07 44.35 21.56
N GLU C 113 43.87 45.37 21.24
CA GLU C 113 44.21 46.35 22.26
C GLU C 113 42.99 47.14 22.72
N GLN C 114 42.15 47.55 21.76
CA GLN C 114 40.93 48.28 22.09
C GLN C 114 40.00 47.44 22.96
N ILE C 115 39.83 46.17 22.61
CA ILE C 115 39.05 45.28 23.46
C ILE C 115 39.67 45.23 24.85
N GLY C 116 40.99 45.08 24.91
CA GLY C 116 41.65 45.01 26.22
C GLY C 116 41.37 46.22 27.08
N TRP C 117 41.48 47.42 26.49
CA TRP C 117 41.19 48.62 27.27
C TRP C 117 39.72 48.67 27.66
N MET C 118 38.82 48.35 26.74
CA MET C 118 37.39 48.57 27.00
C MET C 118 36.83 47.57 28.00
N THR C 119 37.42 46.38 28.11
CA THR C 119 36.95 45.36 29.03
C THR C 119 37.85 45.21 30.27
N HIS C 120 38.84 46.09 30.42
CA HIS C 120 39.72 46.06 31.57
C HIS C 120 38.98 46.41 32.85
N ASN C 121 39.59 46.06 33.97
CA ASN C 121 39.06 46.41 35.28
C ASN C 121 40.12 47.23 36.02
N PRO C 122 39.90 48.55 36.14
CA PRO C 122 38.76 49.33 35.65
C PRO C 122 38.86 49.54 34.14
N PRO C 123 37.73 49.75 33.46
CA PRO C 123 37.78 49.90 32.00
C PRO C 123 38.33 51.26 31.57
N ILE C 124 39.07 51.24 30.48
CA ILE C 124 39.50 52.46 29.80
C ILE C 124 38.59 52.60 28.59
N PRO C 125 37.59 53.41 28.65
CA PRO C 125 36.50 53.32 27.66
C PRO C 125 36.82 54.08 26.38
N VAL C 126 37.77 53.55 25.61
CA VAL C 126 38.29 54.26 24.44
C VAL C 126 37.20 54.44 23.38
N GLY C 127 36.24 53.52 23.30
CA GLY C 127 35.13 53.71 22.38
C GLY C 127 34.32 54.96 22.72
N GLU C 128 33.99 55.15 24.00
CA GLU C 128 33.18 56.30 24.40
C GLU C 128 33.95 57.61 24.27
N ILE C 129 35.26 57.58 24.56
CA ILE C 129 36.09 58.77 24.39
C ILE C 129 36.12 59.20 22.93
N TYR C 130 36.46 58.25 22.05
CA TYR C 130 36.49 58.55 20.63
C TYR C 130 35.13 59.05 20.14
N LYS C 131 34.06 58.41 20.60
CA LYS C 131 32.72 58.83 20.17
C LYS C 131 32.45 60.28 20.57
N ARG C 132 32.85 60.67 21.78
CA ARG C 132 32.75 62.06 22.19
C ARG C 132 33.48 62.99 21.22
N TRP C 133 34.69 62.63 20.79
CA TRP C 133 35.43 63.47 19.84
C TRP C 133 34.69 63.58 18.51
N ILE C 134 34.22 62.45 18.00
CA ILE C 134 33.49 62.45 16.75
C ILE C 134 32.27 63.34 16.87
N ILE C 135 31.56 63.27 18.00
CA ILE C 135 30.35 64.07 18.12
C ILE C 135 30.69 65.56 18.22
N LEU C 136 31.81 65.92 18.84
CA LEU C 136 32.25 67.32 18.76
C LEU C 136 32.43 67.77 17.31
N GLY C 137 33.05 66.92 16.48
CA GLY C 137 33.22 67.27 15.08
C GLY C 137 31.90 67.39 14.33
N LEU C 138 31.00 66.42 14.57
CA LEU C 138 29.69 66.45 13.91
C LEU C 138 28.89 67.68 14.34
N ASN C 139 29.01 68.07 15.60
CA ASN C 139 28.32 69.27 16.07
C ASN C 139 28.77 70.49 15.28
N LYS C 140 30.07 70.60 15.02
CA LYS C 140 30.54 71.75 14.25
C LYS C 140 30.02 71.69 12.81
N ILE C 141 29.95 70.48 12.24
CA ILE C 141 29.50 70.39 10.87
C ILE C 141 28.03 70.76 10.76
N VAL C 142 27.19 70.26 11.69
CA VAL C 142 25.77 70.57 11.67
C VAL C 142 25.54 72.07 11.81
N ARG C 143 26.27 72.73 12.71
CA ARG C 143 26.10 74.17 12.84
C ARG C 143 26.50 74.90 11.56
N MET C 144 27.62 74.48 10.96
CA MET C 144 28.12 75.15 9.76
C MET C 144 27.16 74.97 8.59
N TYR C 145 26.55 73.79 8.46
CA TYR C 145 25.69 73.49 7.32
C TYR C 145 24.24 73.90 7.54
N SER C 146 23.89 74.49 8.68
CA SER C 146 22.53 75.00 8.88
C SER C 146 22.17 75.93 7.73
N PRO C 147 21.09 75.65 6.99
CA PRO C 147 20.82 76.45 5.78
C PRO C 147 20.31 77.85 6.06
N THR C 148 19.75 78.12 7.24
CA THR C 148 19.10 79.40 7.48
C THR C 148 19.49 79.95 8.84
N SER C 149 19.55 81.27 8.92
CA SER C 149 19.79 81.97 10.16
C SER C 149 18.48 82.16 10.92
N ILE C 150 18.55 82.09 12.25
CA ILE C 150 17.36 82.29 13.05
C ILE C 150 16.75 83.67 12.79
N LEU C 151 17.58 84.64 12.43
CA LEU C 151 17.05 85.98 12.14
C LEU C 151 16.14 86.00 10.92
N ASP C 152 16.27 85.04 10.01
CA ASP C 152 15.52 85.01 8.77
C ASP C 152 14.27 84.14 8.82
N ILE C 153 13.92 83.61 9.98
CA ILE C 153 12.73 82.80 10.16
C ILE C 153 11.59 83.73 10.56
N ARG C 154 10.66 83.96 9.64
CA ARG C 154 9.56 84.89 9.83
C ARG C 154 8.28 84.26 9.30
N GLN C 155 7.19 84.38 10.07
CA GLN C 155 5.95 83.71 9.71
C GLN C 155 5.35 84.36 8.47
N GLY C 156 4.98 83.53 7.49
CA GLY C 156 4.33 84.01 6.30
C GLY C 156 2.92 84.50 6.57
N PRO C 157 2.42 85.37 5.69
CA PRO C 157 1.06 85.88 5.86
C PRO C 157 0.01 84.79 5.98
N LYS C 158 0.22 83.67 5.28
CA LYS C 158 -0.72 82.55 5.29
C LYS C 158 -0.09 81.28 5.83
N GLU C 159 0.95 81.41 6.66
CA GLU C 159 1.60 80.24 7.23
C GLU C 159 0.95 79.94 8.58
N PRO C 160 0.49 78.72 8.81
CA PRO C 160 0.02 78.37 10.16
C PRO C 160 1.13 78.56 11.17
N PHE C 161 0.75 79.05 12.36
CA PHE C 161 1.74 79.33 13.40
C PHE C 161 2.57 78.10 13.71
N ARG C 162 1.96 76.91 13.72
CA ARG C 162 2.68 75.67 14.00
C ARG C 162 3.84 75.45 13.04
N ASP C 163 3.63 75.69 11.75
CA ASP C 163 4.71 75.47 10.78
C ASP C 163 5.84 76.47 10.99
N TYR C 164 5.51 77.70 11.35
CA TYR C 164 6.52 78.72 11.63
C TYR C 164 7.35 78.33 12.85
N VAL C 165 6.68 77.90 13.92
CA VAL C 165 7.39 77.47 15.12
C VAL C 165 8.26 76.25 14.83
N ASP C 166 7.74 75.30 14.04
CA ASP C 166 8.58 74.18 13.62
C ASP C 166 9.87 74.66 12.96
N ARG C 167 9.76 75.59 12.01
CA ARG C 167 10.95 76.10 11.34
C ARG C 167 11.87 76.81 12.33
N PHE C 168 11.28 77.61 13.22
CA PHE C 168 12.03 78.36 14.21
C PHE C 168 12.90 77.44 15.06
N TYR C 169 12.29 76.39 15.62
CA TYR C 169 13.06 75.53 16.53
C TYR C 169 13.95 74.53 15.79
N LYS C 170 13.61 74.13 14.57
CA LYS C 170 14.56 73.34 13.77
C LYS C 170 15.86 74.13 13.55
N THR C 171 15.73 75.42 13.18
CA THR C 171 16.91 76.27 13.02
C THR C 171 17.65 76.44 14.33
N LEU C 172 16.92 76.72 15.40
CA LEU C 172 17.57 76.91 16.70
C LEU C 172 18.37 75.67 17.08
N ARG C 173 17.81 74.47 16.82
CA ARG C 173 18.50 73.22 17.14
C ARG C 173 19.81 73.10 16.36
N ALA C 174 19.76 73.40 15.06
CA ALA C 174 20.98 73.29 14.26
C ALA C 174 22.04 74.29 14.69
N GLU C 175 21.63 75.50 15.08
CA GLU C 175 22.61 76.54 15.39
C GLU C 175 23.37 76.25 16.67
N GLN C 176 22.76 75.53 17.60
CA GLN C 176 23.45 75.00 18.77
C GLN C 176 24.06 76.11 19.63
N ALA C 177 23.29 77.17 19.84
CA ALA C 177 23.71 78.17 20.80
C ALA C 177 23.56 77.62 22.21
N SER C 178 24.21 78.30 23.16
CA SER C 178 23.92 78.02 24.55
C SER C 178 22.43 78.18 24.81
N GLN C 179 21.97 77.54 25.88
CA GLN C 179 20.55 77.62 26.25
C GLN C 179 20.13 79.05 26.53
N GLU C 180 21.01 79.86 27.12
CA GLU C 180 20.66 81.25 27.41
C GLU C 180 20.40 82.03 26.13
N VAL C 181 21.25 81.83 25.13
CA VAL C 181 21.06 82.48 23.84
C VAL C 181 19.77 81.97 23.18
N LYS C 182 19.48 80.67 23.29
CA LYS C 182 18.25 80.12 22.72
C LYS C 182 17.01 80.77 23.35
N ASN C 183 17.00 80.88 24.68
CA ASN C 183 15.88 81.52 25.37
C ASN C 183 15.75 82.99 25.00
N ALA C 184 16.89 83.67 24.83
CA ALA C 184 16.82 85.06 24.35
C ALA C 184 16.12 85.13 22.98
N ALA C 185 16.49 84.22 22.08
CA ALA C 185 15.83 84.16 20.78
C ALA C 185 14.34 83.87 20.93
N THR C 186 13.97 82.89 21.75
CA THR C 186 12.55 82.59 21.91
C THR C 186 11.79 83.83 22.35
N GLU C 187 12.27 84.47 23.43
CA GLU C 187 11.55 85.55 24.09
C GLU C 187 11.41 86.78 23.22
N THR C 188 12.42 87.09 22.39
CA THR C 188 12.27 88.28 21.53
C THR C 188 11.82 87.96 20.11
N LEU C 189 12.54 87.06 19.44
CA LEU C 189 12.32 86.81 18.02
C LEU C 189 11.05 86.03 17.73
N LEU C 190 10.69 85.04 18.57
CA LEU C 190 9.55 84.21 18.18
C LEU C 190 8.30 85.06 17.98
N VAL C 191 7.96 85.88 18.99
CA VAL C 191 6.79 86.75 18.86
C VAL C 191 7.06 87.89 17.87
N GLN C 192 8.27 88.48 17.91
CA GLN C 192 8.54 89.62 17.03
C GLN C 192 8.30 89.27 15.56
N ASN C 193 8.64 88.06 15.14
CA ASN C 193 8.62 87.67 13.73
C ASN C 193 7.39 86.84 13.37
N ALA C 194 6.42 86.73 14.26
CA ALA C 194 5.13 86.20 13.89
C ALA C 194 4.42 87.19 12.96
N ASN C 195 3.45 86.69 12.19
CA ASN C 195 2.75 87.57 11.27
C ASN C 195 1.75 88.44 12.03
N PRO C 196 1.26 89.53 11.40
CA PRO C 196 0.49 90.53 12.16
C PRO C 196 -0.63 89.98 13.03
N ASP C 197 -1.50 89.13 12.51
CA ASP C 197 -2.62 88.61 13.31
C ASP C 197 -2.11 87.82 14.52
N CYS C 198 -1.28 86.81 14.27
CA CYS C 198 -0.71 86.03 15.36
C CYS C 198 0.01 86.94 16.36
N LYS C 199 0.81 87.89 15.87
CA LYS C 199 1.53 88.77 16.79
C LYS C 199 0.57 89.54 17.69
N THR C 200 -0.54 90.01 17.12
CA THR C 200 -1.54 90.70 17.91
C THR C 200 -2.07 89.80 19.02
N ILE C 201 -2.50 88.58 18.66
CA ILE C 201 -3.05 87.66 19.67
C ILE C 201 -2.01 87.38 20.75
N LEU C 202 -0.78 87.05 20.35
CA LEU C 202 0.26 86.69 21.30
C LEU C 202 0.60 87.86 22.22
N LYS C 203 0.59 89.08 21.68
CA LYS C 203 0.77 90.26 22.51
C LYS C 203 -0.35 90.39 23.53
N ALA C 204 -1.60 90.18 23.10
CA ALA C 204 -2.72 90.18 24.04
C ALA C 204 -2.52 89.14 25.14
N LEU C 205 -1.87 88.01 24.82
CA LEU C 205 -1.61 87.00 25.84
C LEU C 205 -0.64 87.51 26.90
N GLY C 206 0.47 88.11 26.49
CA GLY C 206 1.53 88.49 27.39
C GLY C 206 2.67 87.48 27.35
N PRO C 207 3.77 87.79 28.06
CA PRO C 207 4.94 86.89 28.01
C PRO C 207 4.80 85.63 28.86
N GLY C 208 3.88 85.59 29.81
CA GLY C 208 3.72 84.43 30.67
C GLY C 208 3.11 83.22 30.01
N ALA C 209 2.83 83.29 28.71
CA ALA C 209 2.22 82.17 28.03
C ALA C 209 3.28 81.13 27.63
N THR C 210 2.93 79.86 27.81
CA THR C 210 3.81 78.78 27.40
C THR C 210 3.71 78.57 25.89
N LEU C 211 4.68 77.85 25.35
CA LEU C 211 4.60 77.54 23.92
C LEU C 211 3.28 76.88 23.60
N GLU C 212 2.81 75.98 24.47
CA GLU C 212 1.51 75.35 24.26
C GLU C 212 0.40 76.40 24.19
N GLU C 213 0.42 77.37 25.10
CA GLU C 213 -0.60 78.41 25.10
C GLU C 213 -0.49 79.29 23.87
N MET C 214 0.72 79.69 23.50
CA MET C 214 0.91 80.46 22.27
C MET C 214 0.32 79.72 21.07
N MET C 215 0.63 78.44 20.95
CA MET C 215 0.20 77.70 19.77
C MET C 215 -1.30 77.49 19.76
N THR C 216 -1.90 77.29 20.95
CA THR C 216 -3.35 77.22 21.05
C THR C 216 -3.99 78.53 20.60
N ALA C 217 -3.39 79.66 20.99
CA ALA C 217 -4.00 80.96 20.70
C ALA C 217 -4.00 81.29 19.21
N CYS C 218 -2.96 80.89 18.48
CA CYS C 218 -2.84 81.22 17.06
C CYS C 218 -3.31 80.10 16.15
N GLN C 219 -4.01 79.12 16.70
CA GLN C 219 -4.49 77.97 15.92
C GLN C 219 -5.72 78.31 15.08
N PRO D 1 1.41 -38.41 3.60
CA PRO D 1 1.18 -37.91 4.96
C PRO D 1 1.54 -38.93 6.03
N ILE D 2 1.45 -38.50 7.28
CA ILE D 2 1.66 -39.36 8.45
C ILE D 2 0.28 -39.69 9.03
N VAL D 3 0.02 -40.99 9.21
CA VAL D 3 -1.27 -41.51 9.65
C VAL D 3 -1.04 -42.46 10.83
N GLN D 4 -2.11 -42.70 11.58
CA GLN D 4 -2.10 -43.67 12.66
C GLN D 4 -2.50 -45.04 12.14
N ASN D 5 -1.70 -46.07 12.44
CA ASN D 5 -2.07 -47.44 12.12
C ASN D 5 -2.73 -48.11 13.34
N LEU D 6 -3.15 -49.37 13.17
CA LEU D 6 -3.88 -50.08 14.21
C LEU D 6 -3.02 -50.41 15.42
N GLN D 7 -1.69 -50.38 15.29
CA GLN D 7 -0.81 -50.57 16.43
C GLN D 7 -0.60 -49.29 17.23
N GLY D 8 -1.35 -48.23 16.93
CA GLY D 8 -1.10 -46.94 17.57
C GLY D 8 0.16 -46.25 17.11
N GLN D 9 0.70 -46.63 15.97
CA GLN D 9 1.94 -46.05 15.45
C GLN D 9 1.61 -44.97 14.42
N MET D 10 2.41 -43.91 14.43
CA MET D 10 2.37 -42.89 13.39
C MET D 10 3.34 -43.32 12.30
N VAL D 11 2.82 -43.55 11.09
CA VAL D 11 3.59 -44.13 10.00
C VAL D 11 3.31 -43.36 8.72
N HIS D 12 4.24 -43.47 7.77
CA HIS D 12 4.09 -42.79 6.48
C HIS D 12 3.08 -43.51 5.60
N GLN D 13 2.30 -42.70 4.86
CA GLN D 13 1.36 -43.19 3.88
C GLN D 13 1.50 -42.31 2.64
N CYS D 14 1.52 -42.94 1.47
CA CYS D 14 1.69 -42.21 0.22
C CYS D 14 0.54 -41.24 0.01
N ILE D 15 0.85 -40.04 -0.49
CA ILE D 15 -0.20 -39.12 -0.87
C ILE D 15 -1.04 -39.78 -1.96
N SER D 16 -2.38 -39.55 -1.93
CA SER D 16 -3.28 -40.28 -2.82
C SER D 16 -3.51 -39.57 -4.15
N PRO D 17 -3.85 -40.31 -5.20
CA PRO D 17 -4.26 -39.63 -6.44
C PRO D 17 -5.43 -38.68 -6.24
N ARG D 18 -6.38 -39.01 -5.35
CA ARG D 18 -7.51 -38.12 -5.11
C ARG D 18 -7.07 -36.78 -4.53
N THR D 19 -6.18 -36.81 -3.55
CA THR D 19 -5.68 -35.56 -2.97
C THR D 19 -4.95 -34.73 -4.03
N LEU D 20 -4.02 -35.36 -4.74
CA LEU D 20 -3.26 -34.67 -5.79
C LEU D 20 -4.19 -33.99 -6.79
N ASN D 21 -5.15 -34.74 -7.32
CA ASN D 21 -6.03 -34.19 -8.33
C ASN D 21 -6.90 -33.07 -7.76
N ALA D 22 -7.38 -33.26 -6.52
CA ALA D 22 -8.22 -32.23 -5.90
C ALA D 22 -7.49 -30.90 -5.82
N TRP D 23 -6.22 -30.92 -5.38
CA TRP D 23 -5.47 -29.66 -5.26
C TRP D 23 -5.22 -29.03 -6.62
N VAL D 24 -4.79 -29.85 -7.60
CA VAL D 24 -4.57 -29.30 -8.94
C VAL D 24 -5.83 -28.60 -9.45
N LYS D 25 -6.98 -29.26 -9.26
CA LYS D 25 -8.21 -28.71 -9.80
C LYS D 25 -8.65 -27.47 -9.05
N VAL D 26 -8.46 -27.43 -7.73
CA VAL D 26 -8.89 -26.23 -7.02
C VAL D 26 -8.06 -25.02 -7.45
N VAL D 27 -6.75 -25.22 -7.67
CA VAL D 27 -5.97 -24.09 -8.17
C VAL D 27 -6.43 -23.71 -9.58
N GLU D 28 -6.69 -24.70 -10.44
CA GLU D 28 -7.15 -24.39 -11.79
C GLU D 28 -8.46 -23.62 -11.78
N GLU D 29 -9.38 -24.00 -10.92
CA GLU D 29 -10.73 -23.47 -10.98
C GLU D 29 -10.89 -22.16 -10.19
N LYS D 30 -10.20 -22.01 -9.06
CA LYS D 30 -10.38 -20.86 -8.19
C LYS D 30 -9.20 -19.89 -8.20
N ALA D 31 -8.07 -20.27 -8.81
CA ALA D 31 -6.89 -19.43 -8.77
C ALA D 31 -6.55 -19.11 -7.33
N PHE D 32 -6.53 -17.82 -6.96
CA PHE D 32 -6.15 -17.42 -5.61
C PHE D 32 -7.27 -16.63 -4.93
N SER D 33 -8.50 -17.03 -5.21
CA SER D 33 -9.61 -16.63 -4.36
C SER D 33 -9.32 -17.10 -2.93
N PRO D 34 -9.81 -16.37 -1.92
CA PRO D 34 -9.41 -16.71 -0.53
C PRO D 34 -9.70 -18.15 -0.14
N GLU D 35 -10.81 -18.74 -0.59
CA GLU D 35 -11.16 -20.09 -0.14
C GLU D 35 -10.17 -21.15 -0.60
N VAL D 36 -9.23 -20.81 -1.47
CA VAL D 36 -8.20 -21.78 -1.85
CA VAL D 36 -8.20 -21.78 -1.85
C VAL D 36 -7.31 -22.12 -0.66
N ILE D 37 -7.17 -21.22 0.31
CA ILE D 37 -6.16 -21.49 1.34
C ILE D 37 -6.65 -22.52 2.35
N PRO D 38 -7.86 -22.38 2.88
CA PRO D 38 -8.39 -23.47 3.74
C PRO D 38 -8.48 -24.81 3.02
N MET D 39 -8.79 -24.82 1.73
CA MET D 39 -8.77 -26.09 0.99
C MET D 39 -7.37 -26.69 0.98
N PHE D 40 -6.36 -25.87 0.66
CA PHE D 40 -4.98 -26.31 0.76
C PHE D 40 -4.71 -26.90 2.13
N SER D 41 -5.11 -26.16 3.16
CA SER D 41 -4.78 -26.61 4.50
C SER D 41 -5.47 -27.92 4.79
N ALA D 42 -6.71 -28.09 4.31
CA ALA D 42 -7.42 -29.33 4.59
C ALA D 42 -6.85 -30.47 3.76
N LEU D 43 -6.45 -30.19 2.52
CA LEU D 43 -5.98 -31.29 1.68
C LEU D 43 -4.59 -31.76 2.11
N SER D 44 -3.86 -30.97 2.88
CA SER D 44 -2.51 -31.29 3.32
C SER D 44 -2.48 -31.73 4.77
N CYS D 45 -3.60 -32.18 5.31
CA CYS D 45 -3.67 -32.73 6.66
C CYS D 45 -2.70 -33.88 6.81
N GLY D 46 -1.82 -33.79 7.81
CA GLY D 46 -0.79 -34.77 8.05
C GLY D 46 0.38 -34.75 7.10
N ALA D 47 0.51 -33.75 6.23
CA ALA D 47 1.54 -33.76 5.21
C ALA D 47 2.94 -33.69 5.80
N THR D 48 3.86 -34.44 5.19
CA THR D 48 5.27 -34.17 5.37
C THR D 48 5.64 -32.97 4.51
N PRO D 49 6.82 -32.39 4.72
CA PRO D 49 7.33 -31.38 3.78
C PRO D 49 7.39 -31.86 2.33
N GLN D 50 7.80 -33.11 2.12
CA GLN D 50 7.82 -33.67 0.78
C GLN D 50 6.44 -33.61 0.13
N ASP D 51 5.40 -33.97 0.88
CA ASP D 51 4.04 -33.88 0.35
C ASP D 51 3.65 -32.44 0.02
N LEU D 52 4.02 -31.49 0.88
CA LEU D 52 3.70 -30.09 0.61
C LEU D 52 4.37 -29.63 -0.68
N ASN D 53 5.63 -30.04 -0.87
CA ASN D 53 6.34 -29.68 -2.10
C ASN D 53 5.71 -30.34 -3.31
N THR D 54 5.28 -31.59 -3.16
CA THR D 54 4.54 -32.23 -4.25
C THR D 54 3.30 -31.42 -4.61
N MET D 55 2.54 -30.98 -3.62
CA MET D 55 1.33 -30.22 -3.92
C MET D 55 1.66 -28.91 -4.63
N LEU D 56 2.69 -28.20 -4.18
CA LEU D 56 3.04 -26.94 -4.84
C LEU D 56 3.61 -27.18 -6.24
N ASN D 57 4.46 -28.18 -6.39
CA ASN D 57 5.15 -28.41 -7.65
C ASN D 57 4.24 -28.96 -8.74
N THR D 58 3.12 -29.63 -8.38
CA THR D 58 2.22 -30.12 -9.42
C THR D 58 1.38 -29.00 -10.05
N VAL D 59 1.42 -27.78 -9.53
CA VAL D 59 0.70 -26.68 -10.15
C VAL D 59 1.44 -26.25 -11.41
N GLY D 60 0.72 -26.18 -12.53
CA GLY D 60 1.32 -25.85 -13.82
C GLY D 60 1.36 -24.38 -14.17
N GLY D 61 0.30 -23.64 -13.92
CA GLY D 61 0.26 -22.22 -14.24
C GLY D 61 0.74 -21.35 -13.10
N HIS D 62 0.33 -20.09 -13.13
CA HIS D 62 0.46 -19.20 -11.97
C HIS D 62 1.89 -19.14 -11.43
N GLN D 63 2.88 -19.10 -12.34
CA GLN D 63 4.26 -19.20 -11.88
C GLN D 63 4.77 -17.94 -11.22
N ALA D 64 4.15 -16.79 -11.49
CA ALA D 64 4.46 -15.59 -10.71
C ALA D 64 4.10 -15.80 -9.23
N ALA D 65 2.89 -16.30 -8.99
CA ALA D 65 2.49 -16.62 -7.62
C ALA D 65 3.41 -17.66 -7.01
N MET D 66 3.73 -18.73 -7.75
CA MET D 66 4.56 -19.77 -7.17
C MET D 66 5.97 -19.27 -6.85
N GLN D 67 6.51 -18.33 -7.65
CA GLN D 67 7.81 -17.74 -7.32
C GLN D 67 7.73 -16.84 -6.10
N MET D 68 6.68 -16.02 -5.99
CA MET D 68 6.51 -15.24 -4.77
C MET D 68 6.44 -16.16 -3.56
N LEU D 69 5.70 -17.26 -3.69
CA LEU D 69 5.59 -18.22 -2.61
C LEU D 69 6.96 -18.78 -2.24
N LYS D 70 7.74 -19.18 -3.23
CA LYS D 70 9.10 -19.64 -2.98
C LYS D 70 9.91 -18.59 -2.22
N GLU D 71 9.72 -17.30 -2.55
CA GLU D 71 10.48 -16.27 -1.86
C GLU D 71 10.05 -16.13 -0.39
N THR D 72 8.73 -16.19 -0.13
CA THR D 72 8.27 -16.16 1.25
C THR D 72 8.84 -17.34 2.02
N ILE D 73 8.83 -18.52 1.41
CA ILE D 73 9.38 -19.71 2.04
C ILE D 73 10.85 -19.49 2.39
N ASN D 74 11.63 -18.95 1.47
CA ASN D 74 13.04 -18.75 1.77
C ASN D 74 13.23 -17.75 2.90
N GLU D 75 12.41 -16.69 2.94
CA GLU D 75 12.49 -15.74 4.04
C GLU D 75 12.19 -16.41 5.38
N GLU D 76 11.14 -17.26 5.43
CA GLU D 76 10.82 -17.93 6.68
C GLU D 76 11.88 -18.95 7.07
N ALA D 77 12.50 -19.63 6.10
CA ALA D 77 13.56 -20.57 6.44
C ALA D 77 14.77 -19.82 7.01
N ALA D 78 15.11 -18.68 6.41
CA ALA D 78 16.20 -17.86 6.93
C ALA D 78 15.90 -17.36 8.34
N GLU D 79 14.66 -16.93 8.60
CA GLU D 79 14.31 -16.55 9.97
C GLU D 79 14.40 -17.73 10.93
N TRP D 80 13.99 -18.93 10.48
CA TRP D 80 14.14 -20.11 11.32
C TRP D 80 15.61 -20.33 11.70
N ASP D 81 16.50 -20.25 10.71
CA ASP D 81 17.92 -20.48 10.98
C ASP D 81 18.48 -19.40 11.90
N ARG D 82 17.98 -18.17 11.78
CA ARG D 82 18.45 -17.10 12.65
C ARG D 82 18.01 -17.33 14.09
N LEU D 83 16.80 -17.86 14.28
CA LEU D 83 16.28 -18.08 15.62
C LEU D 83 16.68 -19.43 16.22
N HIS D 84 17.12 -20.38 15.40
CA HIS D 84 17.43 -21.75 15.85
C HIS D 84 18.73 -22.21 15.22
N PRO D 85 19.87 -21.63 15.61
CA PRO D 85 21.13 -22.06 15.02
C PRO D 85 21.39 -23.53 15.35
N VAL D 86 21.98 -24.24 14.38
CA VAL D 86 22.28 -25.66 14.54
C VAL D 86 23.80 -25.80 14.57
N HIS D 87 24.34 -26.05 15.77
CA HIS D 87 25.79 -26.22 15.96
C HIS D 87 26.27 -27.54 15.37
N PRO D 93 26.15 -40.41 14.69
CA PRO D 93 26.18 -41.87 14.61
C PRO D 93 24.86 -42.49 15.08
N GLY D 94 23.94 -42.70 14.15
CA GLY D 94 22.61 -43.15 14.51
C GLY D 94 21.79 -42.17 15.32
N GLN D 95 22.26 -40.94 15.50
CA GLN D 95 21.59 -39.94 16.31
C GLN D 95 20.91 -38.89 15.44
N MET D 96 19.74 -38.45 15.89
CA MET D 96 18.88 -37.54 15.11
C MET D 96 19.45 -36.12 15.11
N ARG D 97 19.66 -35.58 13.91
CA ARG D 97 20.16 -34.21 13.80
C ARG D 97 19.00 -33.21 13.91
N GLU D 98 19.35 -31.99 14.11
CA GLU D 98 18.38 -30.91 14.25
C GLU D 98 18.06 -30.30 12.88
N PRO D 99 16.80 -29.97 12.62
CA PRO D 99 16.44 -29.43 11.29
C PRO D 99 16.77 -27.96 11.15
N ARG D 100 17.35 -27.61 10.02
CA ARG D 100 17.45 -26.22 9.62
C ARG D 100 16.29 -25.85 8.70
N GLY D 101 16.21 -24.57 8.36
CA GLY D 101 15.07 -24.07 7.60
C GLY D 101 14.85 -24.84 6.31
N SER D 102 15.94 -25.13 5.59
CA SER D 102 15.80 -25.86 4.34
C SER D 102 15.43 -27.31 4.58
N ASP D 103 15.66 -27.84 5.79
CA ASP D 103 15.16 -29.18 6.10
C ASP D 103 13.66 -29.14 6.31
N ILE D 104 13.14 -28.11 6.98
CA ILE D 104 11.71 -27.96 7.19
C ILE D 104 10.97 -27.77 5.87
N ALA D 105 11.58 -27.03 4.94
CA ALA D 105 11.00 -26.83 3.62
C ALA D 105 11.24 -28.02 2.70
N GLY D 106 11.92 -29.06 3.17
CA GLY D 106 12.01 -30.29 2.42
C GLY D 106 12.98 -30.32 1.27
N THR D 107 13.86 -29.33 1.15
CA THR D 107 14.83 -29.33 0.06
C THR D 107 16.16 -29.98 0.44
N THR D 108 16.54 -29.97 1.72
CA THR D 108 17.76 -30.61 2.16
C THR D 108 17.51 -31.76 3.13
N SER D 109 16.27 -32.18 3.33
CA SER D 109 15.95 -33.30 4.20
C SER D 109 15.40 -34.43 3.34
N THR D 110 15.62 -35.66 3.78
CA THR D 110 15.06 -36.83 3.13
C THR D 110 13.70 -37.17 3.74
N LEU D 111 12.91 -37.97 3.02
CA LEU D 111 11.63 -38.39 3.60
C LEU D 111 11.84 -39.06 4.94
N GLN D 112 12.85 -39.94 5.05
CA GLN D 112 13.01 -40.67 6.30
C GLN D 112 13.36 -39.74 7.45
N GLU D 113 14.15 -38.69 7.19
CA GLU D 113 14.44 -37.70 8.22
C GLU D 113 13.17 -36.95 8.63
N GLN D 114 12.33 -36.59 7.66
CA GLN D 114 11.07 -35.91 7.98
C GLN D 114 10.19 -36.80 8.86
N ILE D 115 10.07 -38.07 8.50
CA ILE D 115 9.33 -39.01 9.34
C ILE D 115 9.95 -39.07 10.73
N GLY D 116 11.28 -39.15 10.79
CA GLY D 116 11.94 -39.22 12.08
C GLY D 116 11.61 -38.06 12.97
N TRP D 117 11.68 -36.84 12.44
CA TRP D 117 11.35 -35.67 13.24
C TRP D 117 9.87 -35.67 13.63
N MET D 118 8.99 -36.01 12.69
CA MET D 118 7.55 -35.85 12.94
C MET D 118 7.02 -36.88 13.91
N THR D 119 7.63 -38.07 13.97
CA THR D 119 7.18 -39.13 14.85
C THR D 119 8.06 -39.28 16.08
N HIS D 120 9.04 -38.40 16.26
CA HIS D 120 9.90 -38.47 17.43
C HIS D 120 9.11 -38.13 18.69
N ASN D 121 9.68 -38.49 19.84
CA ASN D 121 9.10 -38.15 21.12
C ASN D 121 10.13 -37.31 21.90
N PRO D 122 9.90 -35.99 22.02
CA PRO D 122 8.75 -35.24 21.50
C PRO D 122 8.86 -34.98 20.00
N PRO D 123 7.73 -34.78 19.33
CA PRO D 123 7.76 -34.55 17.88
C PRO D 123 8.23 -33.15 17.52
N ILE D 124 8.99 -33.07 16.44
CA ILE D 124 9.32 -31.80 15.83
C ILE D 124 8.44 -31.68 14.59
N PRO D 125 7.39 -30.92 14.62
CA PRO D 125 6.34 -31.03 13.60
C PRO D 125 6.68 -30.23 12.35
N VAL D 126 7.68 -30.70 11.62
CA VAL D 126 8.22 -29.98 10.48
C VAL D 126 7.16 -29.80 9.38
N GLY D 127 6.25 -30.75 9.23
CA GLY D 127 5.18 -30.56 8.27
C GLY D 127 4.30 -29.38 8.61
N GLU D 128 3.92 -29.25 9.88
CA GLU D 128 3.06 -28.14 10.30
C GLU D 128 3.80 -26.80 10.26
N ILE D 129 5.10 -26.79 10.58
CA ILE D 129 5.88 -25.56 10.49
C ILE D 129 5.94 -25.08 9.05
N TYR D 130 6.33 -25.98 8.15
CA TYR D 130 6.39 -25.65 6.75
C TYR D 130 5.04 -25.19 6.22
N LYS D 131 3.95 -25.89 6.60
CA LYS D 131 2.63 -25.48 6.12
C LYS D 131 2.32 -24.06 6.56
N ARG D 132 2.68 -23.70 7.79
CA ARG D 132 2.52 -22.34 8.25
C ARG D 132 3.23 -21.34 7.32
N TRP D 133 4.47 -21.64 6.93
CA TRP D 133 5.18 -20.75 6.02
C TRP D 133 4.46 -20.63 4.68
N ILE D 134 4.04 -21.77 4.13
CA ILE D 134 3.35 -21.76 2.86
C ILE D 134 2.10 -20.89 2.95
N ILE D 135 1.37 -21.02 4.06
CA ILE D 135 0.13 -20.24 4.19
C ILE D 135 0.44 -18.75 4.33
N LEU D 136 1.55 -18.39 4.99
CA LEU D 136 1.97 -16.98 4.97
C LEU D 136 2.14 -16.47 3.53
N GLY D 137 2.83 -17.27 2.70
CA GLY D 137 3.00 -16.88 1.30
C GLY D 137 1.68 -16.78 0.56
N LEU D 138 0.80 -17.77 0.77
CA LEU D 138 -0.48 -17.77 0.08
C LEU D 138 -1.32 -16.57 0.49
N ASN D 139 -1.25 -16.20 1.77
CA ASN D 139 -1.99 -15.02 2.24
C ASN D 139 -1.55 -13.78 1.47
N LYS D 140 -0.23 -13.61 1.28
CA LYS D 140 0.22 -12.43 0.54
C LYS D 140 -0.24 -12.48 -0.91
N ILE D 141 -0.26 -13.67 -1.52
CA ILE D 141 -0.73 -13.77 -2.89
C ILE D 141 -2.21 -13.44 -3.00
N VAL D 142 -3.03 -13.98 -2.08
CA VAL D 142 -4.47 -13.71 -2.12
C VAL D 142 -4.73 -12.21 -1.96
N ARG D 143 -4.05 -11.56 -1.02
CA ARG D 143 -4.23 -10.12 -0.88
C ARG D 143 -3.82 -9.38 -2.15
N MET D 144 -2.70 -9.78 -2.75
CA MET D 144 -2.21 -9.09 -3.95
C MET D 144 -3.14 -9.26 -5.13
N TYR D 145 -3.74 -10.43 -5.28
CA TYR D 145 -4.56 -10.72 -6.45
C TYR D 145 -6.02 -10.33 -6.29
N SER D 146 -6.41 -9.75 -5.16
CA SER D 146 -7.77 -9.26 -4.98
C SER D 146 -8.11 -8.34 -6.15
N PRO D 147 -9.19 -8.61 -6.91
CA PRO D 147 -9.44 -7.81 -8.12
C PRO D 147 -9.93 -6.41 -7.85
N THR D 148 -10.53 -6.14 -6.68
CA THR D 148 -11.18 -4.86 -6.44
C THR D 148 -10.83 -4.35 -5.05
N SER D 149 -10.73 -3.04 -4.92
CA SER D 149 -10.54 -2.42 -3.62
C SER D 149 -11.87 -2.28 -2.90
N ILE D 150 -11.84 -2.38 -1.56
CA ILE D 150 -13.07 -2.24 -0.80
C ILE D 150 -13.70 -0.88 -1.05
N LEU D 151 -12.88 0.14 -1.35
CA LEU D 151 -13.42 1.46 -1.64
C LEU D 151 -14.27 1.49 -2.91
N ASP D 152 -14.05 0.55 -3.82
CA ASP D 152 -14.77 0.51 -5.08
C ASP D 152 -15.97 -0.43 -5.07
N ILE D 153 -16.35 -0.99 -3.92
CA ILE D 153 -17.52 -1.86 -3.83
C ILE D 153 -18.71 -0.97 -3.49
N ARG D 154 -19.59 -0.76 -4.47
CA ARG D 154 -20.71 0.14 -4.33
C ARG D 154 -21.95 -0.50 -4.92
N GLN D 155 -23.05 -0.45 -4.17
CA GLN D 155 -24.27 -1.15 -4.57
C GLN D 155 -24.81 -0.51 -5.85
N GLY D 156 -25.13 -1.36 -6.82
CA GLY D 156 -25.71 -0.90 -8.05
C GLY D 156 -27.13 -0.41 -7.82
N PRO D 157 -27.60 0.49 -8.69
CA PRO D 157 -28.97 0.99 -8.55
C PRO D 157 -30.01 -0.11 -8.48
N LYS D 158 -29.76 -1.23 -9.18
CA LYS D 158 -30.68 -2.36 -9.21
C LYS D 158 -30.07 -3.61 -8.58
N GLU D 159 -29.01 -3.46 -7.83
CA GLU D 159 -28.38 -4.63 -7.21
C GLU D 159 -29.08 -4.93 -5.90
N PRO D 160 -29.56 -6.15 -5.70
CA PRO D 160 -30.10 -6.50 -4.38
C PRO D 160 -29.05 -6.28 -3.31
N PHE D 161 -29.51 -5.81 -2.15
CA PHE D 161 -28.59 -5.52 -1.06
C PHE D 161 -27.75 -6.75 -0.69
N ARG D 162 -28.37 -7.94 -0.69
CA ARG D 162 -27.65 -9.17 -0.36
C ARG D 162 -26.45 -9.38 -1.28
N ASP D 163 -26.61 -9.14 -2.58
CA ASP D 163 -25.49 -9.31 -3.50
C ASP D 163 -24.40 -8.28 -3.24
N TYR D 164 -24.77 -7.06 -2.90
CA TYR D 164 -23.79 -6.04 -2.58
C TYR D 164 -22.97 -6.44 -1.35
N VAL D 165 -23.66 -6.85 -0.29
CA VAL D 165 -22.95 -7.26 0.93
C VAL D 165 -22.07 -8.48 0.64
N ASP D 166 -22.54 -9.41 -0.20
CA ASP D 166 -21.68 -10.53 -0.58
C ASP D 166 -20.38 -10.04 -1.20
N ARG D 167 -20.46 -9.08 -2.15
CA ARG D 167 -19.25 -8.54 -2.76
C ARG D 167 -18.37 -7.84 -1.73
N PHE D 168 -19.01 -7.06 -0.85
CA PHE D 168 -18.30 -6.32 0.18
C PHE D 168 -17.48 -7.26 1.06
N TYR D 169 -18.13 -8.29 1.61
CA TYR D 169 -17.39 -9.15 2.51
C TYR D 169 -16.44 -10.09 1.80
N LYS D 170 -16.67 -10.42 0.53
CA LYS D 170 -15.66 -11.21 -0.20
C LYS D 170 -14.39 -10.42 -0.41
N THR D 171 -14.53 -9.13 -0.77
CA THR D 171 -13.38 -8.26 -0.91
C THR D 171 -12.65 -8.12 0.41
N LEU D 172 -13.41 -7.87 1.47
CA LEU D 172 -12.82 -7.71 2.79
C LEU D 172 -12.03 -8.97 3.18
N ARG D 173 -12.58 -10.16 2.85
CA ARG D 173 -11.86 -11.40 3.16
C ARG D 173 -10.53 -11.46 2.42
N ALA D 174 -10.52 -11.12 1.13
CA ALA D 174 -9.27 -11.18 0.36
C ALA D 174 -8.25 -10.16 0.86
N GLU D 175 -8.70 -8.98 1.29
CA GLU D 175 -7.77 -7.91 1.68
C GLU D 175 -7.08 -8.21 3.00
N GLN D 176 -7.72 -8.98 3.89
CA GLN D 176 -7.07 -9.53 5.09
C GLN D 176 -6.51 -8.42 6.00
N ALA D 177 -7.29 -7.38 6.24
CA ALA D 177 -6.89 -6.42 7.25
C ALA D 177 -7.20 -6.96 8.65
N SER D 178 -6.66 -6.29 9.66
CA SER D 178 -7.00 -6.61 11.04
C SER D 178 -8.49 -6.50 11.25
N GLN D 179 -8.98 -7.19 12.28
CA GLN D 179 -10.40 -7.10 12.60
C GLN D 179 -10.82 -5.66 12.88
N GLU D 180 -9.95 -4.85 13.48
CA GLU D 180 -10.32 -3.46 13.78
C GLU D 180 -10.53 -2.67 12.49
N VAL D 181 -9.66 -2.87 11.51
CA VAL D 181 -9.78 -2.22 10.21
C VAL D 181 -11.00 -2.73 9.45
N LYS D 182 -11.30 -4.04 9.55
CA LYS D 182 -12.51 -4.55 8.91
C LYS D 182 -13.76 -3.94 9.52
N ASN D 183 -13.79 -3.84 10.84
CA ASN D 183 -14.93 -3.24 11.52
C ASN D 183 -15.10 -1.78 11.12
N ALA D 184 -13.98 -1.04 11.01
CA ALA D 184 -14.07 0.36 10.55
C ALA D 184 -14.75 0.46 9.18
N ALA D 185 -14.34 -0.42 8.23
CA ALA D 185 -15.00 -0.44 6.94
C ALA D 185 -16.48 -0.79 7.05
N THR D 186 -16.81 -1.74 7.92
CA THR D 186 -18.21 -2.11 8.05
C THR D 186 -19.04 -0.96 8.60
N GLU D 187 -18.46 -0.19 9.51
CA GLU D 187 -19.15 0.89 10.18
C GLU D 187 -19.31 2.14 9.32
N THR D 188 -18.44 2.35 8.32
CA THR D 188 -18.58 3.55 7.48
C THR D 188 -18.95 3.28 6.04
N LEU D 189 -18.23 2.36 5.39
CA LEU D 189 -18.37 2.19 3.94
C LEU D 189 -19.62 1.45 3.55
N LEU D 190 -20.00 0.44 4.32
CA LEU D 190 -21.10 -0.40 3.90
C LEU D 190 -22.35 0.44 3.68
N VAL D 191 -22.71 1.24 4.68
CA VAL D 191 -23.85 2.14 4.53
C VAL D 191 -23.53 3.25 3.55
N GLN D 192 -22.31 3.82 3.63
CA GLN D 192 -21.99 4.95 2.75
C GLN D 192 -22.14 4.60 1.28
N ASN D 193 -21.83 3.36 0.91
CA ASN D 193 -21.80 2.96 -0.48
C ASN D 193 -23.00 2.13 -0.91
N ALA D 194 -24.01 2.02 -0.05
CA ALA D 194 -25.27 1.46 -0.51
C ALA D 194 -25.94 2.44 -1.48
N ASN D 195 -26.86 1.91 -2.29
CA ASN D 195 -27.51 2.77 -3.26
C ASN D 195 -28.52 3.68 -2.56
N PRO D 196 -28.95 4.76 -3.22
CA PRO D 196 -29.72 5.81 -2.51
C PRO D 196 -30.91 5.29 -1.70
N ASP D 197 -31.78 4.48 -2.28
CA ASP D 197 -32.95 4.01 -1.55
C ASP D 197 -32.56 3.22 -0.32
N CYS D 198 -31.76 2.17 -0.51
CA CYS D 198 -31.29 1.38 0.61
C CYS D 198 -30.58 2.26 1.63
N LYS D 199 -29.72 3.17 1.19
CA LYS D 199 -28.99 4.01 2.14
C LYS D 199 -29.94 4.81 3.01
N THR D 200 -31.03 5.33 2.41
CA THR D 200 -32.04 6.03 3.19
C THR D 200 -32.63 5.11 4.25
N ILE D 201 -33.04 3.90 3.85
CA ILE D 201 -33.63 2.98 4.82
C ILE D 201 -32.65 2.66 5.94
N LEU D 202 -31.39 2.38 5.59
CA LEU D 202 -30.38 2.03 6.60
C LEU D 202 -30.11 3.19 7.55
N LYS D 203 -30.06 4.42 7.02
CA LYS D 203 -29.84 5.56 7.91
C LYS D 203 -31.05 5.78 8.82
N ALA D 204 -32.26 5.51 8.33
CA ALA D 204 -33.45 5.55 9.18
C ALA D 204 -33.34 4.58 10.35
N LEU D 205 -32.58 3.50 10.21
CA LEU D 205 -32.44 2.54 11.31
C LEU D 205 -31.74 3.16 12.50
N GLY D 206 -30.86 4.13 12.28
CA GLY D 206 -30.01 4.65 13.33
C GLY D 206 -28.71 3.88 13.43
N PRO D 207 -27.74 4.42 14.16
CA PRO D 207 -26.42 3.79 14.26
C PRO D 207 -26.47 2.45 14.99
N GLY D 208 -25.39 1.70 14.82
CA GLY D 208 -25.21 0.45 15.55
C GLY D 208 -26.04 -0.70 15.05
N ALA D 209 -26.57 -0.62 13.84
CA ALA D 209 -27.41 -1.70 13.32
C ALA D 209 -26.57 -2.92 12.99
N THR D 210 -27.12 -4.11 13.26
CA THR D 210 -26.44 -5.36 12.95
C THR D 210 -26.57 -5.68 11.47
N LEU D 211 -25.69 -6.57 10.99
CA LEU D 211 -25.77 -6.98 9.59
C LEU D 211 -27.11 -7.63 9.28
N GLU D 212 -27.59 -8.51 10.15
CA GLU D 212 -28.88 -9.14 9.94
C GLU D 212 -29.99 -8.10 9.84
N GLU D 213 -29.95 -7.10 10.71
CA GLU D 213 -30.96 -6.05 10.69
C GLU D 213 -30.88 -5.28 9.38
N MET D 214 -29.68 -4.89 8.98
CA MET D 214 -29.54 -4.13 7.74
C MET D 214 -30.06 -4.92 6.55
N MET D 215 -29.72 -6.21 6.47
CA MET D 215 -30.13 -7.01 5.32
C MET D 215 -31.63 -7.21 5.30
N THR D 216 -32.23 -7.42 6.48
CA THR D 216 -33.69 -7.49 6.56
C THR D 216 -34.33 -6.18 6.11
N ALA D 217 -33.74 -5.04 6.50
CA ALA D 217 -34.34 -3.75 6.20
C ALA D 217 -34.36 -3.45 4.71
N CYS D 218 -33.36 -3.90 3.96
CA CYS D 218 -33.30 -3.64 2.53
C CYS D 218 -33.80 -4.82 1.69
N GLN D 219 -34.42 -5.80 2.32
CA GLN D 219 -34.93 -6.99 1.63
C GLN D 219 -36.21 -6.68 0.86
N PRO E 1 -24.52 -45.99 9.29
CA PRO E 1 -24.95 -47.38 9.49
C PRO E 1 -24.19 -48.10 10.59
N ILE E 2 -24.64 -49.31 10.88
CA ILE E 2 -23.98 -50.25 11.79
C ILE E 2 -23.28 -51.30 10.95
N VAL E 3 -21.97 -51.50 11.21
CA VAL E 3 -21.14 -52.46 10.48
C VAL E 3 -20.36 -53.29 11.48
N GLN E 4 -19.87 -54.44 11.03
CA GLN E 4 -19.04 -55.30 11.87
C GLN E 4 -17.56 -54.94 11.78
N ASN E 5 -16.90 -54.77 12.93
CA ASN E 5 -15.45 -54.56 12.95
C ASN E 5 -14.72 -55.89 13.11
N LEU E 6 -13.38 -55.83 13.03
CA LEU E 6 -12.56 -57.04 13.08
C LEU E 6 -12.71 -57.77 14.41
N GLN E 7 -13.14 -57.10 15.46
CA GLN E 7 -13.34 -57.74 16.75
C GLN E 7 -14.70 -58.40 16.88
N GLY E 8 -15.44 -58.54 15.78
CA GLY E 8 -16.76 -59.14 15.81
C GLY E 8 -17.84 -58.29 16.43
N GLN E 9 -17.56 -57.03 16.74
CA GLN E 9 -18.53 -56.12 17.33
C GLN E 9 -19.25 -55.34 16.23
N MET E 10 -20.52 -55.03 16.49
CA MET E 10 -21.31 -54.19 15.61
C MET E 10 -21.20 -52.75 16.10
N VAL E 11 -20.66 -51.87 15.25
CA VAL E 11 -20.33 -50.50 15.62
C VAL E 11 -20.82 -49.54 14.54
N HIS E 12 -20.98 -48.28 14.95
CA HIS E 12 -21.46 -47.26 14.04
C HIS E 12 -20.37 -46.82 13.08
N GLN E 13 -20.79 -46.52 11.86
CA GLN E 13 -19.94 -45.98 10.81
C GLN E 13 -20.73 -44.85 10.14
N CYS E 14 -20.06 -43.73 9.89
CA CYS E 14 -20.70 -42.59 9.26
C CYS E 14 -21.22 -42.95 7.88
N ILE E 15 -22.39 -42.41 7.54
CA ILE E 15 -22.91 -42.54 6.19
C ILE E 15 -21.93 -41.88 5.23
N SER E 16 -21.74 -42.47 4.06
CA SER E 16 -20.67 -42.01 3.19
C SER E 16 -21.15 -40.95 2.20
N PRO E 17 -20.24 -40.08 1.74
CA PRO E 17 -20.61 -39.17 0.66
C PRO E 17 -21.11 -39.89 -0.57
N ARG E 18 -20.53 -41.05 -0.91
CA ARG E 18 -21.01 -41.79 -2.08
C ARG E 18 -22.47 -42.20 -1.92
N THR E 19 -22.83 -42.73 -0.75
CA THR E 19 -24.22 -43.11 -0.49
C THR E 19 -25.15 -41.91 -0.56
N LEU E 20 -24.79 -40.83 0.15
CA LEU E 20 -25.62 -39.61 0.14
C LEU E 20 -25.91 -39.17 -1.27
N ASN E 21 -24.86 -39.02 -2.10
CA ASN E 21 -25.03 -38.53 -3.46
C ASN E 21 -25.78 -39.52 -4.33
N ALA E 22 -25.52 -40.83 -4.16
CA ALA E 22 -26.22 -41.83 -4.97
C ALA E 22 -27.73 -41.72 -4.77
N TRP E 23 -28.17 -41.56 -3.52
CA TRP E 23 -29.60 -41.45 -3.25
C TRP E 23 -30.17 -40.13 -3.79
N VAL E 24 -29.49 -39.02 -3.52
CA VAL E 24 -29.97 -37.74 -4.07
C VAL E 24 -30.14 -37.84 -5.58
N LYS E 25 -29.15 -38.44 -6.25
CA LYS E 25 -29.18 -38.47 -7.71
C LYS E 25 -30.25 -39.42 -8.22
N VAL E 26 -30.49 -40.55 -7.54
CA VAL E 26 -31.53 -41.44 -8.06
C VAL E 26 -32.90 -40.80 -7.91
N VAL E 27 -33.12 -40.05 -6.83
CA VAL E 27 -34.40 -39.34 -6.75
C VAL E 27 -34.49 -38.27 -7.84
N GLU E 28 -33.40 -37.55 -8.08
CA GLU E 28 -33.46 -36.52 -9.12
C GLU E 28 -33.77 -37.13 -10.49
N GLU E 29 -33.14 -38.27 -10.80
CA GLU E 29 -33.24 -38.80 -12.15
C GLU E 29 -34.47 -39.66 -12.38
N LYS E 30 -34.90 -40.44 -11.38
CA LYS E 30 -35.95 -41.41 -11.55
C LYS E 30 -37.25 -41.02 -10.87
N ALA E 31 -37.24 -39.97 -10.05
CA ALA E 31 -38.42 -39.57 -9.29
C ALA E 31 -38.92 -40.77 -8.52
N PHE E 32 -40.16 -41.19 -8.76
CA PHE E 32 -40.76 -42.30 -8.02
C PHE E 32 -41.17 -43.43 -8.96
N SER E 33 -40.35 -43.66 -9.98
CA SER E 33 -40.44 -44.90 -10.71
C SER E 33 -40.20 -46.06 -9.74
N PRO E 34 -40.81 -47.23 -9.98
CA PRO E 34 -40.72 -48.31 -8.98
C PRO E 34 -39.30 -48.68 -8.57
N GLU E 35 -38.34 -48.68 -9.50
CA GLU E 35 -36.99 -49.15 -9.13
C GLU E 35 -36.29 -48.24 -8.13
N VAL E 36 -36.88 -47.10 -7.80
CA VAL E 36 -36.33 -46.24 -6.76
C VAL E 36 -36.40 -46.92 -5.40
N ILE E 37 -37.38 -47.80 -5.20
CA ILE E 37 -37.57 -48.34 -3.85
C ILE E 37 -36.52 -49.39 -3.54
N PRO E 38 -36.26 -50.35 -4.43
CA PRO E 38 -35.15 -51.28 -4.19
C PRO E 38 -33.82 -50.57 -4.01
N MET E 39 -33.58 -49.50 -4.79
CA MET E 39 -32.36 -48.73 -4.62
C MET E 39 -32.30 -48.10 -3.23
N PHE E 40 -33.39 -47.46 -2.81
CA PHE E 40 -33.45 -46.95 -1.45
C PHE E 40 -33.07 -48.05 -0.47
N SER E 41 -33.68 -49.24 -0.63
CA SER E 41 -33.46 -50.30 0.35
C SER E 41 -31.99 -50.73 0.32
N ALA E 42 -31.37 -50.76 -0.85
CA ALA E 42 -29.98 -51.19 -0.93
C ALA E 42 -29.05 -50.11 -0.38
N LEU E 43 -29.37 -48.84 -0.64
CA LEU E 43 -28.46 -47.79 -0.19
C LEU E 43 -28.53 -47.58 1.31
N SER E 44 -29.60 -48.05 1.95
CA SER E 44 -29.80 -47.92 3.38
C SER E 44 -29.48 -49.20 4.14
N CYS E 45 -28.69 -50.08 3.55
CA CYS E 45 -28.26 -51.30 4.23
C CYS E 45 -27.54 -50.95 5.54
N GLY E 46 -28.00 -51.54 6.64
CA GLY E 46 -27.43 -51.30 7.93
C GLY E 46 -27.77 -49.96 8.56
N ALA E 47 -28.71 -49.20 8.00
CA ALA E 47 -28.95 -47.85 8.46
C ALA E 47 -29.57 -47.78 9.86
N THR E 48 -29.14 -46.76 10.62
CA THR E 48 -29.87 -46.32 11.81
C THR E 48 -31.08 -45.49 11.39
N PRO E 49 -32.01 -45.24 12.31
CA PRO E 49 -33.08 -44.27 12.00
C PRO E 49 -32.53 -42.90 11.61
N GLN E 50 -31.46 -42.44 12.25
CA GLN E 50 -30.84 -41.17 11.87
C GLN E 50 -30.41 -41.18 10.40
N ASP E 51 -29.78 -42.28 9.94
CA ASP E 51 -29.36 -42.37 8.54
C ASP E 51 -30.55 -42.31 7.60
N LEU E 52 -31.62 -43.04 7.92
CA LEU E 52 -32.81 -43.03 7.07
C LEU E 52 -33.40 -41.64 6.98
N ASN E 53 -33.44 -40.93 8.11
CA ASN E 53 -33.94 -39.55 8.08
C ASN E 53 -33.03 -38.66 7.27
N THR E 54 -31.71 -38.86 7.36
CA THR E 54 -30.79 -38.10 6.52
C THR E 54 -31.10 -38.29 5.06
N MET E 55 -31.27 -39.55 4.62
CA MET E 55 -31.56 -39.80 3.23
C MET E 55 -32.87 -39.14 2.80
N LEU E 56 -33.90 -39.24 3.64
CA LEU E 56 -35.16 -38.62 3.24
C LEU E 56 -35.05 -37.11 3.20
N ASN E 57 -34.37 -36.53 4.20
CA ASN E 57 -34.33 -35.09 4.34
C ASN E 57 -33.45 -34.42 3.30
N THR E 58 -32.47 -35.14 2.73
CA THR E 58 -31.63 -34.52 1.71
C THR E 58 -32.32 -34.36 0.37
N VAL E 59 -33.53 -34.91 0.21
CA VAL E 59 -34.31 -34.69 -1.00
C VAL E 59 -34.87 -33.27 -1.00
N GLY E 60 -34.64 -32.54 -2.08
CA GLY E 60 -35.09 -31.17 -2.21
C GLY E 60 -36.47 -30.98 -2.85
N GLY E 61 -36.78 -31.72 -3.89
CA GLY E 61 -38.07 -31.56 -4.55
C GLY E 61 -39.15 -32.43 -3.92
N HIS E 62 -40.20 -32.68 -4.69
CA HIS E 62 -41.19 -33.71 -4.36
C HIS E 62 -41.72 -33.59 -2.94
N GLN E 63 -41.96 -32.35 -2.48
CA GLN E 63 -42.34 -32.19 -1.09
C GLN E 63 -43.77 -32.66 -0.81
N ALA E 64 -44.60 -32.77 -1.85
CA ALA E 64 -45.91 -33.42 -1.67
C ALA E 64 -45.71 -34.88 -1.28
N ALA E 65 -44.89 -35.58 -2.06
CA ALA E 65 -44.56 -36.97 -1.73
C ALA E 65 -43.93 -37.07 -0.35
N MET E 66 -42.98 -36.17 -0.02
CA MET E 66 -42.29 -36.29 1.27
C MET E 66 -43.24 -36.05 2.44
N GLN E 67 -44.22 -35.16 2.27
CA GLN E 67 -45.23 -34.97 3.31
C GLN E 67 -46.16 -36.19 3.42
N MET E 68 -46.57 -36.77 2.29
CA MET E 68 -47.35 -38.00 2.36
C MET E 68 -46.57 -39.09 3.10
N LEU E 69 -45.27 -39.20 2.82
CA LEU E 69 -44.42 -40.17 3.50
C LEU E 69 -44.40 -39.92 5.00
N LYS E 70 -44.29 -38.65 5.42
CA LYS E 70 -44.37 -38.34 6.85
C LYS E 70 -45.69 -38.85 7.44
N GLU E 71 -46.80 -38.61 6.73
CA GLU E 71 -48.09 -39.11 7.21
C GLU E 71 -48.07 -40.62 7.42
N THR E 72 -47.55 -41.36 6.44
CA THR E 72 -47.50 -42.81 6.58
C THR E 72 -46.67 -43.21 7.78
N ILE E 73 -45.51 -42.57 7.94
CA ILE E 73 -44.62 -42.90 9.07
C ILE E 73 -45.33 -42.67 10.38
N ASN E 74 -46.01 -41.53 10.53
CA ASN E 74 -46.70 -41.24 11.78
C ASN E 74 -47.82 -42.23 12.05
N GLU E 75 -48.54 -42.67 11.01
CA GLU E 75 -49.56 -43.70 11.23
C GLU E 75 -48.92 -44.98 11.76
N GLU E 76 -47.81 -45.42 11.15
CA GLU E 76 -47.15 -46.63 11.61
C GLU E 76 -46.59 -46.47 13.03
N ALA E 77 -46.10 -45.28 13.35
CA ALA E 77 -45.60 -45.05 14.70
C ALA E 77 -46.73 -45.10 15.72
N ALA E 78 -47.89 -44.55 15.39
CA ALA E 78 -49.02 -44.62 16.30
C ALA E 78 -49.43 -46.06 16.54
N GLU E 79 -49.46 -46.89 15.48
CA GLU E 79 -49.76 -48.31 15.65
C GLU E 79 -48.72 -49.00 16.52
N TRP E 80 -47.44 -48.67 16.32
CA TRP E 80 -46.41 -49.20 17.21
C TRP E 80 -46.72 -48.85 18.67
N ASP E 81 -47.07 -47.60 18.91
CA ASP E 81 -47.36 -47.17 20.28
C ASP E 81 -48.58 -47.88 20.85
N ARG E 82 -49.54 -48.22 20.00
CA ARG E 82 -50.70 -48.98 20.46
C ARG E 82 -50.32 -50.40 20.85
N LEU E 83 -49.44 -51.03 20.08
CA LEU E 83 -49.10 -52.43 20.36
C LEU E 83 -47.97 -52.58 21.37
N HIS E 84 -47.16 -51.55 21.61
CA HIS E 84 -46.01 -51.66 22.50
C HIS E 84 -45.95 -50.43 23.40
N PRO E 85 -46.94 -50.27 24.29
CA PRO E 85 -46.92 -49.11 25.19
C PRO E 85 -45.73 -49.15 26.14
N VAL E 86 -45.24 -47.96 26.48
CA VAL E 86 -44.08 -47.82 27.37
C VAL E 86 -44.52 -47.25 28.70
N HIS E 87 -43.79 -47.62 29.75
CA HIS E 87 -44.03 -47.10 31.10
C HIS E 87 -43.99 -45.57 31.12
N PRO E 93 -31.70 -45.73 34.79
CA PRO E 93 -30.44 -45.41 35.50
C PRO E 93 -29.26 -46.23 34.98
N GLY E 94 -28.62 -45.72 33.94
CA GLY E 94 -27.62 -46.50 33.23
C GLY E 94 -28.19 -47.67 32.47
N GLN E 95 -29.50 -47.78 32.36
CA GLN E 95 -30.16 -48.91 31.72
C GLN E 95 -30.87 -48.45 30.46
N MET E 96 -31.10 -49.40 29.57
CA MET E 96 -31.68 -49.16 28.27
C MET E 96 -33.21 -48.98 28.38
N ARG E 97 -33.70 -47.79 28.07
CA ARG E 97 -35.14 -47.60 28.01
C ARG E 97 -35.72 -48.29 26.77
N GLU E 98 -37.11 -48.40 26.71
CA GLU E 98 -37.82 -49.02 25.58
C GLU E 98 -38.22 -47.97 24.54
N PRO E 99 -38.10 -48.26 23.25
CA PRO E 99 -38.39 -47.24 22.23
C PRO E 99 -39.88 -47.08 21.94
N ARG E 100 -40.32 -45.83 21.85
CA ARG E 100 -41.67 -45.57 21.38
C ARG E 100 -41.65 -45.35 19.85
N GLY E 101 -42.82 -45.05 19.29
CA GLY E 101 -42.91 -44.97 17.83
C GLY E 101 -42.00 -43.89 17.27
N SER E 102 -41.99 -42.72 17.92
CA SER E 102 -41.14 -41.63 17.50
C SER E 102 -39.66 -41.90 17.78
N ASP E 103 -39.35 -42.83 18.67
CA ASP E 103 -37.96 -43.23 18.84
C ASP E 103 -37.48 -44.07 17.66
N ILE E 104 -38.32 -44.99 17.18
CA ILE E 104 -37.97 -45.79 16.01
C ILE E 104 -37.82 -44.91 14.77
N ALA E 105 -38.67 -43.89 14.64
CA ALA E 105 -38.59 -42.98 13.50
C ALA E 105 -37.49 -41.93 13.65
N GLY E 106 -36.73 -41.97 14.74
CA GLY E 106 -35.54 -41.16 14.94
C GLY E 106 -35.74 -39.71 15.31
N THR E 107 -36.96 -39.28 15.64
CA THR E 107 -37.19 -37.89 16.00
C THR E 107 -37.06 -37.63 17.51
N THR E 108 -37.31 -38.63 18.37
CA THR E 108 -37.18 -38.46 19.81
C THR E 108 -36.09 -39.33 20.41
N SER E 109 -35.27 -39.99 19.61
CA SER E 109 -34.18 -40.83 20.09
C SER E 109 -32.85 -40.27 19.63
N THR E 110 -31.81 -40.52 20.42
CA THR E 110 -30.46 -40.12 20.07
C THR E 110 -29.80 -41.23 19.25
N LEU E 111 -28.74 -40.85 18.53
CA LEU E 111 -27.97 -41.85 17.81
C LEU E 111 -27.49 -42.93 18.76
N GLN E 112 -27.02 -42.54 19.94
CA GLN E 112 -26.47 -43.52 20.86
C GLN E 112 -27.56 -44.48 21.33
N GLU E 113 -28.77 -43.98 21.53
CA GLU E 113 -29.86 -44.89 21.88
C GLU E 113 -30.17 -45.85 20.74
N GLN E 114 -30.14 -45.34 19.49
CA GLN E 114 -30.40 -46.19 18.34
C GLN E 114 -29.35 -47.30 18.23
N ILE E 115 -28.09 -46.95 18.40
CA ILE E 115 -27.01 -47.93 18.42
C ILE E 115 -27.22 -48.92 19.55
N GLY E 116 -27.58 -48.43 20.73
CA GLY E 116 -27.81 -49.32 21.86
C GLY E 116 -28.88 -50.35 21.56
N TRP E 117 -30.00 -49.91 20.99
CA TRP E 117 -31.07 -50.85 20.64
C TRP E 117 -30.61 -51.81 19.56
N MET E 118 -29.93 -51.31 18.53
CA MET E 118 -29.60 -52.14 17.37
C MET E 118 -28.50 -53.14 17.68
N THR E 119 -27.62 -52.83 18.64
CA THR E 119 -26.52 -53.71 19.00
C THR E 119 -26.78 -54.49 20.28
N HIS E 120 -27.96 -54.33 20.89
CA HIS E 120 -28.27 -55.04 22.12
C HIS E 120 -28.43 -56.53 21.87
N ASN E 121 -28.33 -57.30 22.95
CA ASN E 121 -28.56 -58.74 22.90
C ASN E 121 -29.72 -59.12 23.81
N PRO E 122 -30.90 -59.41 23.25
CA PRO E 122 -31.24 -59.44 21.82
C PRO E 122 -31.42 -58.03 21.21
N PRO E 123 -31.22 -57.89 19.90
CA PRO E 123 -31.36 -56.58 19.26
C PRO E 123 -32.80 -56.15 19.07
N ILE E 124 -33.04 -54.86 19.23
CA ILE E 124 -34.29 -54.25 18.79
C ILE E 124 -33.98 -53.52 17.48
N PRO E 125 -34.30 -54.08 16.32
CA PRO E 125 -33.75 -53.55 15.06
C PRO E 125 -34.54 -52.35 14.56
N VAL E 126 -34.38 -51.23 15.28
CA VAL E 126 -35.19 -50.04 15.02
C VAL E 126 -34.94 -49.49 13.61
N GLY E 127 -33.73 -49.65 13.08
CA GLY E 127 -33.50 -49.25 11.71
C GLY E 127 -34.35 -50.03 10.72
N GLU E 128 -34.42 -51.35 10.89
CA GLU E 128 -35.20 -52.16 9.95
C GLU E 128 -36.70 -51.93 10.10
N ILE E 129 -37.18 -51.69 11.32
CA ILE E 129 -38.58 -51.37 11.54
C ILE E 129 -38.93 -50.07 10.83
N TYR E 130 -38.11 -49.03 11.07
CA TYR E 130 -38.36 -47.75 10.42
C TYR E 130 -38.31 -47.91 8.90
N LYS E 131 -37.33 -48.65 8.39
CA LYS E 131 -37.22 -48.82 6.94
C LYS E 131 -38.48 -49.45 6.37
N ARG E 132 -39.04 -50.43 7.09
CA ARG E 132 -40.31 -51.02 6.66
C ARG E 132 -41.39 -49.95 6.53
N TRP E 133 -41.54 -49.09 7.55
CA TRP E 133 -42.57 -48.04 7.47
C TRP E 133 -42.34 -47.12 6.26
N ILE E 134 -41.08 -46.74 6.03
CA ILE E 134 -40.75 -45.85 4.91
C ILE E 134 -41.11 -46.50 3.59
N ILE E 135 -40.80 -47.78 3.45
CA ILE E 135 -41.10 -48.43 2.18
C ILE E 135 -42.62 -48.52 2.00
N LEU E 136 -43.39 -48.68 3.08
CA LEU E 136 -44.85 -48.65 2.94
C LEU E 136 -45.30 -47.34 2.33
N GLY E 137 -44.81 -46.23 2.88
CA GLY E 137 -45.19 -44.93 2.32
C GLY E 137 -44.72 -44.73 0.90
N LEU E 138 -43.50 -45.18 0.60
CA LEU E 138 -42.97 -45.04 -0.75
C LEU E 138 -43.79 -45.85 -1.74
N ASN E 139 -44.26 -47.03 -1.33
CA ASN E 139 -45.11 -47.82 -2.19
C ASN E 139 -46.39 -47.06 -2.52
N LYS E 140 -46.98 -46.41 -1.53
CA LYS E 140 -48.18 -45.62 -1.82
C LYS E 140 -47.86 -44.52 -2.82
N ILE E 141 -46.70 -43.89 -2.68
CA ILE E 141 -46.33 -42.82 -3.61
C ILE E 141 -46.13 -43.35 -5.01
N VAL E 142 -45.40 -44.45 -5.14
CA VAL E 142 -45.13 -45.02 -6.46
C VAL E 142 -46.45 -45.33 -7.16
N ARG E 143 -47.38 -45.97 -6.44
CA ARG E 143 -48.65 -46.31 -7.07
C ARG E 143 -49.40 -45.04 -7.49
N MET E 144 -49.42 -44.04 -6.62
CA MET E 144 -50.14 -42.81 -6.94
C MET E 144 -49.56 -42.13 -8.17
N TYR E 145 -48.23 -42.17 -8.34
CA TYR E 145 -47.57 -41.44 -9.41
C TYR E 145 -47.49 -42.24 -10.69
N SER E 146 -48.02 -43.46 -10.72
CA SER E 146 -48.08 -44.24 -11.95
C SER E 146 -48.83 -43.47 -13.04
N PRO E 147 -48.20 -43.19 -14.19
CA PRO E 147 -48.89 -42.38 -15.21
C PRO E 147 -49.97 -43.14 -15.98
N THR E 148 -49.94 -44.47 -15.99
CA THR E 148 -50.76 -45.25 -16.90
C THR E 148 -51.47 -46.40 -16.18
N SER E 149 -52.67 -46.70 -16.64
CA SER E 149 -53.45 -47.86 -16.22
C SER E 149 -53.15 -49.04 -17.14
N ILE E 150 -53.17 -50.24 -16.56
CA ILE E 150 -52.89 -51.44 -17.36
C ILE E 150 -53.91 -51.62 -18.48
N LEU E 151 -55.15 -51.15 -18.27
CA LEU E 151 -56.18 -51.29 -19.30
C LEU E 151 -55.89 -50.49 -20.55
N ASP E 152 -55.07 -49.44 -20.46
CA ASP E 152 -54.77 -48.60 -21.61
C ASP E 152 -53.51 -49.05 -22.37
N ILE E 153 -52.96 -50.21 -22.04
CA ILE E 153 -51.76 -50.71 -22.69
C ILE E 153 -52.19 -51.65 -23.81
N ARG E 154 -52.16 -51.16 -25.05
CA ARG E 154 -52.52 -51.96 -26.21
C ARG E 154 -51.40 -51.88 -27.22
N GLN E 155 -51.04 -53.04 -27.78
CA GLN E 155 -49.96 -53.10 -28.76
C GLN E 155 -50.33 -52.31 -30.01
N GLY E 156 -49.43 -51.44 -30.45
CA GLY E 156 -49.66 -50.67 -31.64
C GLY E 156 -49.62 -51.54 -32.89
N PRO E 157 -50.32 -51.11 -33.95
CA PRO E 157 -50.32 -51.90 -35.19
C PRO E 157 -48.94 -52.20 -35.73
N LYS E 158 -47.96 -51.33 -35.48
CA LYS E 158 -46.59 -51.54 -35.93
C LYS E 158 -45.61 -51.69 -34.77
N GLU E 159 -46.10 -51.78 -33.55
CA GLU E 159 -45.22 -51.85 -32.39
C GLU E 159 -44.66 -53.26 -32.24
N PRO E 160 -43.34 -53.43 -32.13
CA PRO E 160 -42.81 -54.77 -31.86
C PRO E 160 -43.39 -55.31 -30.57
N PHE E 161 -43.68 -56.61 -30.56
CA PHE E 161 -44.30 -57.23 -29.38
C PHE E 161 -43.48 -57.01 -28.12
N ARG E 162 -42.15 -57.09 -28.23
CA ARG E 162 -41.28 -56.89 -27.07
C ARG E 162 -41.52 -55.53 -26.44
N ASP E 163 -41.67 -54.48 -27.25
CA ASP E 163 -41.91 -53.15 -26.69
C ASP E 163 -43.26 -53.09 -25.99
N TYR E 164 -44.27 -53.76 -26.55
CA TYR E 164 -45.58 -53.80 -25.91
C TYR E 164 -45.51 -54.48 -24.56
N VAL E 165 -44.84 -55.65 -24.49
CA VAL E 165 -44.71 -56.36 -23.22
C VAL E 165 -43.92 -55.52 -22.21
N ASP E 166 -42.86 -54.86 -22.67
CA ASP E 166 -42.13 -53.97 -21.77
C ASP E 166 -43.06 -52.94 -21.15
N ARG E 167 -43.90 -52.28 -21.96
CA ARG E 167 -44.84 -51.29 -21.42
C ARG E 167 -45.85 -51.93 -20.49
N PHE E 168 -46.35 -53.10 -20.85
CA PHE E 168 -47.34 -53.79 -20.06
C PHE E 168 -46.81 -54.05 -18.65
N TYR E 169 -45.63 -54.65 -18.55
CA TYR E 169 -45.14 -55.01 -17.22
C TYR E 169 -44.50 -53.83 -16.47
N LYS E 170 -44.05 -52.80 -17.17
CA LYS E 170 -43.68 -51.57 -16.46
C LYS E 170 -44.90 -51.00 -15.75
N THR E 171 -46.02 -50.91 -16.46
CA THR E 171 -47.25 -50.41 -15.88
C THR E 171 -47.71 -51.29 -14.73
N LEU E 172 -47.73 -52.60 -14.95
CA LEU E 172 -48.16 -53.50 -13.90
C LEU E 172 -47.31 -53.32 -12.66
N ARG E 173 -45.99 -53.21 -12.84
CA ARG E 173 -45.11 -53.06 -11.68
C ARG E 173 -45.44 -51.80 -10.90
N ALA E 174 -45.61 -50.67 -11.60
CA ALA E 174 -45.92 -49.43 -10.89
C ALA E 174 -47.28 -49.49 -10.20
N GLU E 175 -48.26 -50.18 -10.79
CA GLU E 175 -49.62 -50.18 -10.26
C GLU E 175 -49.74 -51.01 -8.97
N GLN E 176 -48.94 -52.07 -8.82
CA GLN E 176 -48.80 -52.79 -7.55
C GLN E 176 -50.12 -53.43 -7.10
N ALA E 177 -50.68 -54.25 -7.97
CA ALA E 177 -51.85 -55.02 -7.61
C ALA E 177 -51.43 -56.29 -6.90
N SER E 178 -52.39 -56.97 -6.29
CA SER E 178 -52.13 -58.27 -5.68
C SER E 178 -51.75 -59.28 -6.75
N GLN E 179 -51.06 -60.35 -6.33
CA GLN E 179 -50.52 -61.29 -7.31
C GLN E 179 -51.63 -61.99 -8.08
N GLU E 180 -52.79 -62.21 -7.45
CA GLU E 180 -53.89 -62.84 -8.18
C GLU E 180 -54.41 -61.93 -9.28
N VAL E 181 -54.48 -60.63 -9.02
CA VAL E 181 -54.94 -59.67 -10.04
C VAL E 181 -53.88 -59.50 -11.12
N LYS E 182 -52.61 -59.54 -10.76
CA LYS E 182 -51.55 -59.50 -11.77
C LYS E 182 -51.65 -60.72 -12.69
N ASN E 183 -51.81 -61.91 -12.09
CA ASN E 183 -51.97 -63.13 -12.88
C ASN E 183 -53.18 -63.02 -13.80
N ALA E 184 -54.31 -62.56 -13.27
CA ALA E 184 -55.49 -62.33 -14.10
C ALA E 184 -55.16 -61.42 -15.28
N ALA E 185 -54.42 -60.34 -15.03
CA ALA E 185 -54.05 -59.43 -16.10
C ALA E 185 -53.22 -60.15 -17.16
N THR E 186 -52.28 -60.98 -16.73
CA THR E 186 -51.42 -61.67 -17.69
C THR E 186 -52.23 -62.68 -18.52
N GLU E 187 -53.18 -63.36 -17.89
CA GLU E 187 -53.94 -64.40 -18.57
C GLU E 187 -55.06 -63.82 -19.42
N THR E 188 -55.45 -62.58 -19.17
CA THR E 188 -56.57 -61.97 -19.84
C THR E 188 -56.16 -60.81 -20.73
N LEU E 189 -55.39 -59.87 -20.21
CA LEU E 189 -55.08 -58.64 -20.93
C LEU E 189 -53.91 -58.75 -21.91
N LEU E 190 -52.85 -59.47 -21.53
CA LEU E 190 -51.64 -59.45 -22.35
C LEU E 190 -51.92 -59.91 -23.78
N VAL E 191 -52.51 -61.10 -23.93
CA VAL E 191 -52.83 -61.58 -25.27
C VAL E 191 -53.99 -60.79 -25.84
N GLN E 192 -54.97 -60.46 -25.01
CA GLN E 192 -56.16 -59.74 -25.46
C GLN E 192 -55.81 -58.43 -26.15
N ASN E 193 -54.74 -57.77 -25.72
CA ASN E 193 -54.41 -56.44 -26.23
C ASN E 193 -53.22 -56.45 -27.17
N ALA E 194 -52.72 -57.61 -27.54
CA ALA E 194 -51.76 -57.66 -28.62
C ALA E 194 -52.47 -57.31 -29.92
N ASN E 195 -51.71 -56.89 -30.92
CA ASN E 195 -52.33 -56.50 -32.18
C ASN E 195 -52.79 -57.74 -32.93
N PRO E 196 -53.66 -57.56 -33.94
CA PRO E 196 -54.35 -58.72 -34.54
C PRO E 196 -53.43 -59.87 -34.95
N ASP E 197 -52.36 -59.60 -35.69
CA ASP E 197 -51.47 -60.67 -36.14
C ASP E 197 -50.86 -61.43 -34.97
N CYS E 198 -50.17 -60.70 -34.08
CA CYS E 198 -49.59 -61.32 -32.89
C CYS E 198 -50.66 -62.05 -32.10
N LYS E 199 -51.83 -61.44 -31.92
CA LYS E 199 -52.89 -62.10 -31.14
C LYS E 199 -53.27 -63.44 -31.77
N THR E 200 -53.35 -63.49 -33.10
CA THR E 200 -53.62 -64.76 -33.76
C THR E 200 -52.55 -65.80 -33.42
N ILE E 201 -51.28 -65.43 -33.59
CA ILE E 201 -50.20 -66.38 -33.30
C ILE E 201 -50.28 -66.87 -31.86
N LEU E 202 -50.45 -65.94 -30.93
CA LEU E 202 -50.45 -66.27 -29.50
C LEU E 202 -51.61 -67.18 -29.14
N LYS E 203 -52.82 -66.84 -29.62
CA LYS E 203 -53.97 -67.70 -29.35
C LYS E 203 -53.76 -69.09 -29.94
N ALA E 204 -53.11 -69.17 -31.12
CA ALA E 204 -52.74 -70.47 -31.66
C ALA E 204 -51.80 -71.21 -30.73
N LEU E 205 -50.93 -70.50 -30.00
CA LEU E 205 -50.06 -71.18 -29.04
C LEU E 205 -50.84 -71.80 -27.88
N GLY E 206 -52.04 -71.31 -27.59
CA GLY E 206 -52.85 -71.86 -26.52
C GLY E 206 -52.31 -71.49 -25.16
N PRO E 207 -53.16 -71.59 -24.14
CA PRO E 207 -52.75 -71.15 -22.79
C PRO E 207 -51.59 -71.99 -22.27
N GLY E 208 -51.07 -71.57 -21.12
CA GLY E 208 -49.91 -72.22 -20.54
C GLY E 208 -48.61 -71.97 -21.27
N ALA E 209 -48.63 -71.25 -22.39
CA ALA E 209 -47.39 -70.86 -23.05
C ALA E 209 -46.62 -69.89 -22.18
N THR E 210 -45.30 -70.04 -22.15
CA THR E 210 -44.48 -69.15 -21.36
C THR E 210 -44.30 -67.82 -22.10
N LEU E 211 -43.95 -66.79 -21.34
CA LEU E 211 -43.68 -65.50 -21.95
C LEU E 211 -42.59 -65.62 -22.99
N GLU E 212 -41.57 -66.46 -22.72
CA GLU E 212 -40.50 -66.68 -23.68
C GLU E 212 -41.05 -67.24 -25.00
N GLU E 213 -41.93 -68.23 -24.92
CA GLU E 213 -42.49 -68.82 -26.13
C GLU E 213 -43.31 -67.80 -26.92
N MET E 214 -44.17 -67.06 -26.22
CA MET E 214 -44.92 -65.98 -26.85
C MET E 214 -43.99 -65.01 -27.57
N MET E 215 -42.96 -64.54 -26.88
CA MET E 215 -42.11 -63.48 -27.44
C MET E 215 -41.31 -64.00 -28.63
N THR E 216 -40.88 -65.26 -28.57
CA THR E 216 -40.24 -65.86 -29.73
C THR E 216 -41.23 -65.94 -30.90
N ALA E 217 -42.48 -66.29 -30.62
CA ALA E 217 -43.46 -66.50 -31.67
C ALA E 217 -43.80 -65.21 -32.42
N CYS E 218 -43.82 -64.08 -31.73
CA CYS E 218 -44.21 -62.81 -32.33
C CYS E 218 -43.01 -61.95 -32.71
N GLN E 219 -41.80 -62.51 -32.70
CA GLN E 219 -40.62 -61.73 -33.04
C GLN E 219 -40.50 -61.57 -34.56
N PRO F 1 4.99 38.94 23.90
CA PRO F 1 4.49 37.57 24.14
C PRO F 1 5.24 36.84 25.27
N ILE F 2 4.75 35.64 25.58
CA ILE F 2 5.39 34.72 26.53
C ILE F 2 6.07 33.63 25.70
N VAL F 3 7.36 33.42 25.94
CA VAL F 3 8.17 32.46 25.20
C VAL F 3 8.93 31.59 26.19
N GLN F 4 9.37 30.42 25.71
CA GLN F 4 10.18 29.52 26.52
C GLN F 4 11.67 29.84 26.37
N ASN F 5 12.39 30.00 27.49
CA ASN F 5 13.83 30.17 27.45
C ASN F 5 14.54 28.81 27.58
N LEU F 6 15.87 28.82 27.41
CA LEU F 6 16.65 27.59 27.42
C LEU F 6 16.45 26.82 28.73
N GLN F 7 16.39 27.53 29.84
CA GLN F 7 16.13 26.89 31.13
C GLN F 7 14.68 26.36 31.28
N GLY F 8 13.86 26.35 30.22
CA GLY F 8 12.53 25.79 30.29
C GLY F 8 11.51 26.65 30.99
N GLN F 9 11.81 27.92 31.24
CA GLN F 9 10.88 28.82 31.90
C GLN F 9 10.16 29.67 30.86
N MET F 10 8.89 29.94 31.13
CA MET F 10 8.07 30.78 30.28
C MET F 10 8.23 32.22 30.77
N VAL F 11 8.76 33.08 29.91
CA VAL F 11 9.12 34.44 30.27
C VAL F 11 8.63 35.41 29.20
N HIS F 12 8.47 36.67 29.59
CA HIS F 12 8.01 37.70 28.68
C HIS F 12 9.10 38.13 27.73
N GLN F 13 8.70 38.45 26.52
CA GLN F 13 9.54 38.98 25.46
C GLN F 13 8.79 40.12 24.80
N CYS F 14 9.48 41.22 24.52
CA CYS F 14 8.84 42.37 23.90
C CYS F 14 8.29 42.01 22.51
N ILE F 15 7.12 42.57 22.17
CA ILE F 15 6.59 42.42 20.83
C ILE F 15 7.56 43.03 19.83
N SER F 16 7.68 42.39 18.65
CA SER F 16 8.76 42.83 17.77
C SER F 16 8.28 43.89 16.77
N PRO F 17 9.20 44.74 16.32
CA PRO F 17 8.85 45.66 15.23
C PRO F 17 8.32 44.93 14.00
N ARG F 18 8.87 43.75 13.68
CA ARG F 18 8.36 42.99 12.53
C ARG F 18 6.89 42.61 12.75
N THR F 19 6.55 42.12 13.95
CA THR F 19 5.15 41.75 14.22
C THR F 19 4.22 42.97 14.15
N LEU F 20 4.61 44.05 14.82
CA LEU F 20 3.80 45.28 14.83
C LEU F 20 3.51 45.74 13.41
N ASN F 21 4.56 45.83 12.59
CA ASN F 21 4.41 46.31 11.23
C ASN F 21 3.60 45.36 10.37
N ALA F 22 3.82 44.05 10.52
CA ALA F 22 3.06 43.07 9.74
C ALA F 22 1.57 43.23 9.97
N TRP F 23 1.17 43.38 11.23
CA TRP F 23 -0.25 43.53 11.53
C TRP F 23 -0.80 44.85 10.99
N VAL F 24 -0.11 45.98 11.24
CA VAL F 24 -0.57 47.25 10.70
C VAL F 24 -0.75 47.17 9.19
N LYS F 25 0.20 46.53 8.51
CA LYS F 25 0.16 46.49 7.05
C LYS F 25 -0.94 45.58 6.54
N VAL F 26 -1.19 44.45 7.19
CA VAL F 26 -2.27 43.59 6.70
C VAL F 26 -3.62 44.28 6.87
N VAL F 27 -3.78 45.03 7.96
CA VAL F 27 -5.04 45.79 8.09
C VAL F 27 -5.13 46.86 7.00
N GLU F 28 -4.02 47.55 6.71
CA GLU F 28 -4.05 48.56 5.65
C GLU F 28 -4.40 47.95 4.29
N GLU F 29 -3.83 46.80 3.98
CA GLU F 29 -3.98 46.24 2.64
C GLU F 29 -5.26 45.42 2.46
N LYS F 30 -5.71 44.72 3.50
CA LYS F 30 -6.81 43.79 3.39
C LYS F 30 -8.06 44.23 4.13
N ALA F 31 -7.98 45.25 4.98
CA ALA F 31 -9.11 45.69 5.78
C ALA F 31 -9.68 44.49 6.53
N PHE F 32 -10.95 44.17 6.32
CA PHE F 32 -11.60 43.08 7.04
C PHE F 32 -12.06 41.98 6.09
N SER F 33 -11.26 41.71 5.07
CA SER F 33 -11.38 40.47 4.35
C SER F 33 -11.16 39.30 5.31
N PRO F 34 -11.79 38.14 5.08
CA PRO F 34 -11.73 37.06 6.09
C PRO F 34 -10.33 36.62 6.49
N GLU F 35 -9.40 36.56 5.53
CA GLU F 35 -8.08 36.01 5.82
C GLU F 35 -7.28 36.85 6.80
N VAL F 36 -7.81 38.01 7.20
CA VAL F 36 -7.14 38.84 8.19
C VAL F 36 -7.26 38.22 9.57
N ILE F 37 -8.30 37.43 9.82
CA ILE F 37 -8.48 36.87 11.16
C ILE F 37 -7.44 35.79 11.42
N PRO F 38 -7.22 34.82 10.52
CA PRO F 38 -6.09 33.89 10.74
C PRO F 38 -4.76 34.57 10.87
N MET F 39 -4.51 35.61 10.07
CA MET F 39 -3.24 36.35 10.21
C MET F 39 -3.13 36.98 11.59
N PHE F 40 -4.19 37.67 12.03
CA PHE F 40 -4.21 38.19 13.40
C PHE F 40 -3.85 37.09 14.37
N SER F 41 -4.50 35.93 14.24
CA SER F 41 -4.33 34.89 15.24
C SER F 41 -2.89 34.41 15.24
N ALA F 42 -2.29 34.30 14.06
CA ALA F 42 -0.91 33.83 14.00
C ALA F 42 0.05 34.91 14.50
N LEU F 43 -0.23 36.17 14.21
CA LEU F 43 0.71 37.21 14.62
C LEU F 43 0.70 37.44 16.11
N SER F 44 -0.36 36.99 16.79
CA SER F 44 -0.51 37.15 18.23
C SER F 44 -0.22 35.88 18.98
N CYS F 45 0.49 34.94 18.36
CA CYS F 45 0.88 33.71 19.04
C CYS F 45 1.66 34.06 20.30
N GLY F 46 1.18 33.56 21.44
CA GLY F 46 1.79 33.83 22.73
C GLY F 46 1.54 35.18 23.34
N ALA F 47 0.65 35.98 22.76
CA ALA F 47 0.47 37.35 23.22
C ALA F 47 -0.11 37.40 24.63
N THR F 48 0.36 38.37 25.40
CA THR F 48 -0.33 38.84 26.60
C THR F 48 -1.52 39.70 26.18
N PRO F 49 -2.43 39.99 27.12
CA PRO F 49 -3.46 40.99 26.81
C PRO F 49 -2.89 42.33 26.41
N GLN F 50 -1.80 42.76 27.06
CA GLN F 50 -1.14 44.00 26.66
C GLN F 50 -0.74 43.97 25.18
N ASP F 51 -0.15 42.86 24.73
CA ASP F 51 0.22 42.72 23.32
C ASP F 51 -0.99 42.81 22.40
N LEU F 52 -2.08 42.13 22.78
CA LEU F 52 -3.29 42.17 21.96
C LEU F 52 -3.82 43.59 21.86
N ASN F 53 -3.82 44.32 22.98
CA ASN F 53 -4.30 45.70 22.93
C ASN F 53 -3.38 46.57 22.07
N THR F 54 -2.08 46.34 22.16
CA THR F 54 -1.15 47.04 21.29
C THR F 54 -1.51 46.83 19.82
N MET F 55 -1.77 45.58 19.44
CA MET F 55 -2.08 45.31 18.04
C MET F 55 -3.36 46.00 17.61
N LEU F 56 -4.39 45.95 18.46
CA LEU F 56 -5.64 46.60 18.08
C LEU F 56 -5.49 48.11 18.03
N ASN F 57 -4.80 48.68 19.01
CA ASN F 57 -4.70 50.14 19.13
C ASN F 57 -3.77 50.76 18.10
N THR F 58 -2.82 50.00 17.53
CA THR F 58 -1.95 50.58 16.52
C THR F 58 -2.65 50.75 15.19
N VAL F 59 -3.87 50.23 15.05
CA VAL F 59 -4.67 50.44 13.84
C VAL F 59 -5.18 51.88 13.82
N GLY F 60 -4.95 52.57 12.71
CA GLY F 60 -5.32 53.97 12.56
C GLY F 60 -6.69 54.23 11.99
N GLY F 61 -7.10 53.51 10.97
CA GLY F 61 -8.41 53.71 10.40
C GLY F 61 -9.50 52.85 11.05
N HIS F 62 -10.59 52.67 10.32
CA HIS F 62 -11.60 51.67 10.66
C HIS F 62 -12.11 51.81 12.10
N GLN F 63 -12.28 53.05 12.54
CA GLN F 63 -12.61 53.24 13.95
C GLN F 63 -14.05 52.83 14.28
N ALA F 64 -14.94 52.77 13.29
CA ALA F 64 -16.24 52.16 13.54
C ALA F 64 -16.07 50.70 13.91
N ALA F 65 -15.28 49.96 13.13
CA ALA F 65 -14.98 48.58 13.47
C ALA F 65 -14.32 48.48 14.84
N MET F 66 -13.36 49.35 15.13
CA MET F 66 -12.64 49.23 16.40
C MET F 66 -13.56 49.51 17.58
N GLN F 67 -14.53 50.44 17.44
CA GLN F 67 -15.50 50.66 18.52
C GLN F 67 -16.45 49.48 18.65
N MET F 68 -16.89 48.90 17.54
CA MET F 68 -17.72 47.70 17.64
C MET F 68 -16.98 46.59 18.38
N LEU F 69 -15.71 46.41 18.03
CA LEU F 69 -14.88 45.42 18.68
C LEU F 69 -14.82 45.66 20.18
N LYS F 70 -14.60 46.92 20.58
CA LYS F 70 -14.62 47.25 22.00
C LYS F 70 -15.93 46.80 22.65
N GLU F 71 -17.05 47.05 21.98
CA GLU F 71 -18.33 46.65 22.56
C GLU F 71 -18.42 45.14 22.74
N THR F 72 -17.97 44.37 21.74
CA THR F 72 -17.99 42.92 21.87
C THR F 72 -17.12 42.45 23.03
N ILE F 73 -15.94 43.03 23.14
CA ILE F 73 -15.04 42.68 24.23
C ILE F 73 -15.72 42.91 25.57
N ASN F 74 -16.39 44.07 25.72
CA ASN F 74 -17.06 44.37 26.99
C ASN F 74 -18.20 43.39 27.27
N GLU F 75 -18.91 42.96 26.22
CA GLU F 75 -19.96 41.94 26.42
C GLU F 75 -19.36 40.65 26.94
N GLU F 76 -18.25 40.19 26.32
CA GLU F 76 -17.64 38.95 26.77
C GLU F 76 -17.07 39.10 28.18
N ALA F 77 -16.54 40.27 28.49
CA ALA F 77 -16.00 40.49 29.83
C ALA F 77 -17.12 40.45 30.87
N ALA F 78 -18.28 41.00 30.53
CA ALA F 78 -19.43 40.92 31.43
C ALA F 78 -19.84 39.47 31.65
N GLU F 79 -19.87 38.66 30.59
CA GLU F 79 -20.20 37.24 30.78
C GLU F 79 -19.18 36.54 31.67
N TRP F 80 -17.88 36.82 31.45
CA TRP F 80 -16.86 36.25 32.32
C TRP F 80 -17.10 36.63 33.77
N ASP F 81 -17.41 37.89 34.04
CA ASP F 81 -17.63 38.32 35.42
C ASP F 81 -18.87 37.67 36.01
N ARG F 82 -19.89 37.40 35.19
CA ARG F 82 -21.06 36.70 35.72
C ARG F 82 -20.72 35.27 36.09
N LEU F 83 -19.94 34.58 35.25
CA LEU F 83 -19.64 33.17 35.49
C LEU F 83 -18.48 32.96 36.44
N HIS F 84 -17.62 33.96 36.65
CA HIS F 84 -16.42 33.81 37.48
C HIS F 84 -16.29 35.02 38.41
N PRO F 85 -17.22 35.19 39.34
CA PRO F 85 -17.13 36.32 40.27
C PRO F 85 -15.88 36.22 41.13
N VAL F 86 -15.33 37.39 41.47
CA VAL F 86 -14.11 37.48 42.25
C VAL F 86 -14.41 38.08 43.62
N HIS F 87 -13.79 37.52 44.66
CA HIS F 87 -13.90 38.06 46.01
C HIS F 87 -12.96 39.25 46.19
N PRO F 93 -1.10 41.03 49.66
CA PRO F 93 -0.06 40.51 50.56
C PRO F 93 0.92 39.55 49.88
N GLY F 94 1.43 39.94 48.72
CA GLY F 94 2.34 39.11 47.96
C GLY F 94 1.68 37.89 47.33
N GLN F 95 0.35 37.87 47.26
CA GLN F 95 -0.40 36.74 46.74
C GLN F 95 -1.09 37.12 45.43
N MET F 96 -1.32 36.12 44.60
CA MET F 96 -1.98 36.31 43.32
C MET F 96 -3.48 36.51 43.53
N ARG F 97 -4.03 37.52 42.89
CA ARG F 97 -5.48 37.73 42.90
C ARG F 97 -6.10 37.08 41.67
N GLU F 98 -7.40 36.98 41.68
CA GLU F 98 -8.12 36.39 40.56
C GLU F 98 -8.47 37.45 39.53
N PRO F 99 -8.35 37.15 38.24
CA PRO F 99 -8.63 38.15 37.20
C PRO F 99 -10.11 38.32 36.92
N ARG F 100 -10.53 39.58 36.81
CA ARG F 100 -11.87 39.92 36.37
C ARG F 100 -11.89 40.08 34.84
N GLY F 101 -13.07 40.37 34.29
CA GLY F 101 -13.17 40.51 32.84
C GLY F 101 -12.25 41.57 32.27
N SER F 102 -12.17 42.73 32.94
CA SER F 102 -11.31 43.83 32.49
C SER F 102 -9.83 43.55 32.72
N ASP F 103 -9.50 42.63 33.62
CA ASP F 103 -8.10 42.20 33.78
C ASP F 103 -7.68 41.32 32.60
N ILE F 104 -8.58 40.44 32.15
CA ILE F 104 -8.30 39.61 30.98
C ILE F 104 -8.15 40.48 29.74
N ALA F 105 -8.98 41.54 29.63
CA ALA F 105 -8.89 42.44 28.50
C ALA F 105 -7.77 43.47 28.63
N GLY F 106 -7.00 43.42 29.72
CA GLY F 106 -5.78 44.19 29.88
C GLY F 106 -5.94 45.65 30.23
N THR F 107 -7.13 46.09 30.63
CA THR F 107 -7.33 47.48 31.01
C THR F 107 -7.16 47.73 32.49
N THR F 108 -7.42 46.73 33.36
CA THR F 108 -7.27 46.92 34.79
C THR F 108 -6.17 46.04 35.37
N SER F 109 -5.38 45.37 34.53
CA SER F 109 -4.30 44.51 34.98
C SER F 109 -2.97 45.05 34.48
N THR F 110 -1.93 44.80 35.26
CA THR F 110 -0.58 45.15 34.84
C THR F 110 0.00 44.01 34.02
N LEU F 111 1.04 44.33 33.24
CA LEU F 111 1.76 43.28 32.53
C LEU F 111 2.24 42.19 33.49
N GLN F 112 2.78 42.58 34.66
CA GLN F 112 3.34 41.60 35.57
C GLN F 112 2.26 40.68 36.12
N GLU F 113 1.06 41.21 36.33
CA GLU F 113 -0.05 40.36 36.72
C GLU F 113 -0.41 39.40 35.60
N GLN F 114 -0.42 39.89 34.35
CA GLN F 114 -0.75 39.02 33.22
C GLN F 114 0.26 37.89 33.08
N ILE F 115 1.54 38.21 33.19
CA ILE F 115 2.59 37.19 33.17
C ILE F 115 2.37 36.19 34.31
N GLY F 116 2.08 36.71 35.50
CA GLY F 116 1.85 35.84 36.65
C GLY F 116 0.72 34.84 36.39
N TRP F 117 -0.39 35.32 35.84
CA TRP F 117 -1.50 34.41 35.53
C TRP F 117 -1.10 33.42 34.44
N MET F 118 -0.43 33.90 33.38
CA MET F 118 -0.18 33.05 32.22
C MET F 118 0.89 32.00 32.50
N THR F 119 1.81 32.26 33.43
CA THR F 119 2.87 31.32 33.79
C THR F 119 2.64 30.62 35.13
N HIS F 120 1.50 30.86 35.77
CA HIS F 120 1.20 30.20 37.03
C HIS F 120 0.99 28.71 36.80
N ASN F 121 1.09 27.94 37.87
CA ASN F 121 0.81 26.52 37.79
C ASN F 121 -0.32 26.18 38.76
N PRO F 122 -1.53 25.90 38.23
CA PRO F 122 -1.87 25.86 36.81
C PRO F 122 -2.02 27.27 36.21
N PRO F 123 -1.81 27.41 34.89
CA PRO F 123 -1.92 28.72 34.26
C PRO F 123 -3.36 29.16 34.05
N ILE F 124 -3.59 30.46 34.20
CA ILE F 124 -4.84 31.09 33.78
C ILE F 124 -4.51 31.79 32.47
N PRO F 125 -4.92 31.23 31.28
CA PRO F 125 -4.38 31.71 29.99
C PRO F 125 -5.12 32.96 29.50
N VAL F 126 -4.90 34.07 30.22
CA VAL F 126 -5.67 35.28 29.99
C VAL F 126 -5.47 35.80 28.57
N GLY F 127 -4.29 35.59 27.99
CA GLY F 127 -4.07 35.96 26.60
C GLY F 127 -4.96 35.19 25.65
N GLU F 128 -5.07 33.87 25.85
CA GLU F 128 -5.88 33.07 24.94
C GLU F 128 -7.36 33.36 25.13
N ILE F 129 -7.79 33.61 26.36
CA ILE F 129 -9.19 33.98 26.60
C ILE F 129 -9.51 35.28 25.88
N TYR F 130 -8.67 36.29 26.10
CA TYR F 130 -8.89 37.58 25.46
C TYR F 130 -8.88 37.44 23.94
N LYS F 131 -7.93 36.67 23.38
CA LYS F 131 -7.88 36.52 21.94
C LYS F 131 -9.18 35.90 21.43
N ARG F 132 -9.76 34.99 22.21
CA ARG F 132 -11.05 34.42 21.82
C ARG F 132 -12.11 35.50 21.67
N TRP F 133 -12.21 36.38 22.67
CA TRP F 133 -13.18 37.48 22.59
C TRP F 133 -12.92 38.37 21.38
N ILE F 134 -11.65 38.73 21.17
CA ILE F 134 -11.29 39.59 20.05
C ILE F 134 -11.69 38.94 18.73
N ILE F 135 -11.44 37.64 18.59
CA ILE F 135 -11.79 36.98 17.33
C ILE F 135 -13.30 36.92 17.16
N LEU F 136 -14.06 36.80 18.24
CA LEU F 136 -15.52 36.86 18.09
C LEU F 136 -15.93 38.21 17.50
N GLY F 137 -15.39 39.29 18.06
CA GLY F 137 -15.71 40.62 17.54
C GLY F 137 -15.26 40.79 16.09
N LEU F 138 -14.06 40.30 15.76
CA LEU F 138 -13.57 40.42 14.38
C LEU F 138 -14.46 39.63 13.42
N ASN F 139 -14.95 38.47 13.83
CA ASN F 139 -15.87 37.71 12.99
C ASN F 139 -17.14 38.51 12.69
N LYS F 140 -17.70 39.15 13.73
CA LYS F 140 -18.88 39.98 13.49
C LYS F 140 -18.56 41.09 12.49
N ILE F 141 -17.39 41.71 12.61
CA ILE F 141 -17.03 42.78 11.68
C ILE F 141 -16.86 42.25 10.27
N VAL F 142 -16.19 41.09 10.12
CA VAL F 142 -15.99 40.53 8.79
C VAL F 142 -17.34 40.28 8.11
N ARG F 143 -18.30 39.74 8.87
CA ARG F 143 -19.61 39.48 8.29
CA ARG F 143 -19.61 39.48 8.30
C ARG F 143 -20.33 40.78 7.93
N MET F 144 -20.30 41.77 8.83
CA MET F 144 -21.01 43.01 8.56
C MET F 144 -20.43 43.71 7.32
N TYR F 145 -19.12 43.63 7.14
CA TYR F 145 -18.44 44.34 6.06
C TYR F 145 -18.35 43.53 4.77
N SER F 146 -18.90 42.33 4.72
CA SER F 146 -18.92 41.56 3.48
C SER F 146 -19.56 42.41 2.37
N PRO F 147 -18.89 42.62 1.24
CA PRO F 147 -19.43 43.56 0.24
C PRO F 147 -20.61 43.01 -0.55
N THR F 148 -20.76 41.70 -0.67
CA THR F 148 -21.70 41.11 -1.61
C THR F 148 -22.47 39.97 -0.95
N SER F 149 -23.72 39.81 -1.35
CA SER F 149 -24.54 38.68 -0.91
C SER F 149 -24.31 37.48 -1.82
N ILE F 150 -24.38 36.29 -1.23
CA ILE F 150 -24.17 35.07 -2.01
C ILE F 150 -25.24 34.89 -3.08
N LEU F 151 -26.45 35.42 -2.86
CA LEU F 151 -27.50 35.28 -3.85
C LEU F 151 -27.19 36.03 -5.14
N ASP F 152 -26.34 37.05 -5.09
CA ASP F 152 -26.00 37.84 -6.25
C ASP F 152 -24.74 37.36 -6.98
N ILE F 153 -24.21 36.20 -6.61
CA ILE F 153 -23.04 35.64 -7.28
C ILE F 153 -23.54 34.67 -8.35
N ARG F 154 -23.47 35.10 -9.62
CA ARG F 154 -23.90 34.25 -10.72
C ARG F 154 -22.86 34.27 -11.82
N GLN F 155 -22.70 33.12 -12.47
CA GLN F 155 -21.64 32.97 -13.47
C GLN F 155 -21.99 33.75 -14.73
N GLY F 156 -21.05 34.54 -15.22
CA GLY F 156 -21.26 35.25 -16.46
C GLY F 156 -21.29 34.30 -17.64
N PRO F 157 -21.97 34.71 -18.72
CA PRO F 157 -22.06 33.83 -19.91
C PRO F 157 -20.71 33.38 -20.42
N LYS F 158 -19.66 34.20 -20.27
CA LYS F 158 -18.33 33.83 -20.71
C LYS F 158 -17.34 33.72 -19.56
N GLU F 159 -17.82 33.73 -18.32
CA GLU F 159 -16.90 33.62 -17.18
C GLU F 159 -16.49 32.16 -17.03
N PRO F 160 -15.18 31.86 -16.98
CA PRO F 160 -14.77 30.48 -16.70
C PRO F 160 -15.33 30.01 -15.37
N PHE F 161 -15.71 28.73 -15.32
CA PHE F 161 -16.34 28.19 -14.12
C PHE F 161 -15.45 28.41 -12.89
N ARG F 162 -14.12 28.23 -13.04
CA ARG F 162 -13.20 28.40 -11.92
C ARG F 162 -13.33 29.77 -11.27
N ASP F 163 -13.41 30.82 -12.10
CA ASP F 163 -13.52 32.19 -11.58
C ASP F 163 -14.83 32.40 -10.84
N TYR F 164 -15.91 31.79 -11.35
CA TYR F 164 -17.19 31.86 -10.67
C TYR F 164 -17.13 31.18 -9.31
N VAL F 165 -16.55 29.98 -9.27
CA VAL F 165 -16.46 29.27 -7.99
C VAL F 165 -15.59 30.06 -7.00
N ASP F 166 -14.48 30.64 -7.48
CA ASP F 166 -13.67 31.51 -6.64
C ASP F 166 -14.51 32.62 -6.01
N ARG F 167 -15.31 33.33 -6.84
CA ARG F 167 -16.16 34.39 -6.31
C ARG F 167 -17.18 33.85 -5.32
N PHE F 168 -17.75 32.68 -5.64
CA PHE F 168 -18.81 32.12 -4.83
C PHE F 168 -18.29 31.78 -3.43
N TYR F 169 -17.19 31.05 -3.35
CA TYR F 169 -16.68 30.66 -2.05
C TYR F 169 -15.97 31.78 -1.30
N LYS F 170 -15.43 32.79 -2.00
CA LYS F 170 -14.93 33.97 -1.31
C LYS F 170 -16.07 34.69 -0.59
N THR F 171 -17.20 34.87 -1.31
CA THR F 171 -18.37 35.49 -0.71
C THR F 171 -18.88 34.65 0.45
N LEU F 172 -18.98 33.34 0.26
CA LEU F 172 -19.45 32.47 1.31
C LEU F 172 -18.58 32.59 2.56
N ARG F 173 -17.26 32.63 2.37
CA ARG F 173 -16.36 32.75 3.51
C ARG F 173 -16.62 34.03 4.29
N ALA F 174 -16.77 35.15 3.58
CA ALA F 174 -17.03 36.39 4.30
C ALA F 174 -18.36 36.36 5.03
N GLU F 175 -19.39 35.75 4.42
CA GLU F 175 -20.74 35.81 4.97
C GLU F 175 -20.89 34.97 6.24
N GLN F 176 -20.16 33.86 6.34
CA GLN F 176 -20.05 33.06 7.57
C GLN F 176 -21.42 32.55 8.05
N ALA F 177 -21.94 31.57 7.32
CA ALA F 177 -23.15 30.86 7.74
C ALA F 177 -22.76 29.56 8.43
N SER F 178 -23.77 28.89 9.00
CA SER F 178 -23.54 27.59 9.60
C SER F 178 -23.18 26.56 8.53
N GLN F 179 -22.56 25.46 8.96
CA GLN F 179 -22.09 24.46 8.01
C GLN F 179 -23.24 23.83 7.23
N GLU F 180 -24.39 23.64 7.88
CA GLU F 180 -25.54 23.06 7.20
C GLU F 180 -26.07 24.00 6.13
N VAL F 181 -26.40 25.24 6.52
CA VAL F 181 -26.80 26.26 5.56
C VAL F 181 -25.77 26.33 4.42
N LYS F 182 -24.49 26.33 4.80
CA LYS F 182 -23.42 26.39 3.80
C LYS F 182 -23.51 25.22 2.82
N ASN F 183 -23.85 24.03 3.30
CA ASN F 183 -23.82 22.85 2.43
C ASN F 183 -25.04 22.83 1.50
N ALA F 184 -26.23 23.01 2.06
CA ALA F 184 -27.43 23.01 1.23
C ALA F 184 -27.39 24.15 0.22
N ALA F 185 -27.25 25.39 0.71
CA ALA F 185 -27.14 26.53 -0.18
C ALA F 185 -25.92 26.42 -1.08
N THR F 186 -24.88 25.72 -0.64
CA THR F 186 -23.71 25.46 -1.47
C THR F 186 -24.14 24.74 -2.72
N GLU F 187 -24.57 23.47 -2.59
CA GLU F 187 -24.92 22.69 -3.77
C GLU F 187 -26.00 23.39 -4.60
N THR F 188 -27.16 23.65 -3.98
CA THR F 188 -28.30 24.17 -4.72
C THR F 188 -27.96 25.49 -5.39
N LEU F 189 -27.42 26.44 -4.62
CA LEU F 189 -27.23 27.79 -5.14
C LEU F 189 -26.07 27.83 -6.13
N LEU F 190 -25.03 27.03 -5.87
CA LEU F 190 -23.90 26.97 -6.79
C LEU F 190 -24.35 26.50 -8.17
N VAL F 191 -25.09 25.38 -8.24
CA VAL F 191 -25.53 24.91 -9.54
C VAL F 191 -26.55 25.88 -10.13
N GLN F 192 -27.47 26.39 -9.30
CA GLN F 192 -28.50 27.30 -9.78
C GLN F 192 -27.90 28.54 -10.44
N ASN F 193 -26.81 29.06 -9.89
CA ASN F 193 -26.28 30.34 -10.34
C ASN F 193 -25.15 30.20 -11.35
N ALA F 194 -24.86 28.97 -11.80
CA ALA F 194 -23.99 28.78 -12.95
C ALA F 194 -24.73 29.21 -14.21
N ASN F 195 -23.96 29.46 -15.28
CA ASN F 195 -24.53 29.88 -16.54
C ASN F 195 -25.18 28.68 -17.23
N PRO F 196 -26.01 28.92 -18.25
CA PRO F 196 -26.83 27.83 -18.83
C PRO F 196 -26.05 26.58 -19.22
N ASP F 197 -24.95 26.72 -19.98
CA ASP F 197 -24.21 25.55 -20.44
C ASP F 197 -23.69 24.73 -19.26
N CYS F 198 -22.95 25.39 -18.37
CA CYS F 198 -22.47 24.70 -17.18
C CYS F 198 -23.62 24.15 -16.36
N LYS F 199 -24.70 24.92 -16.20
CA LYS F 199 -25.82 24.44 -15.39
C LYS F 199 -26.36 23.13 -15.96
N THR F 200 -26.47 23.05 -17.28
CA THR F 200 -26.89 21.81 -17.92
C THR F 200 -25.91 20.68 -17.62
N ILE F 201 -24.61 20.92 -17.82
CA ILE F 201 -23.62 19.87 -17.57
C ILE F 201 -23.70 19.39 -16.12
N LEU F 202 -23.74 20.32 -15.17
CA LEU F 202 -23.74 19.95 -13.74
C LEU F 202 -25.01 19.18 -13.37
N LYS F 203 -26.17 19.62 -13.88
CA LYS F 203 -27.39 18.84 -13.68
C LYS F 203 -27.22 17.43 -14.24
N ALA F 204 -26.57 17.31 -15.41
CA ALA F 204 -26.35 16.00 -15.99
C ALA F 204 -25.45 15.14 -15.12
N LEU F 205 -24.50 15.76 -14.39
CA LEU F 205 -23.65 14.98 -13.48
C LEU F 205 -24.45 14.37 -12.33
N GLY F 206 -25.57 14.97 -11.96
CA GLY F 206 -26.36 14.47 -10.85
C GLY F 206 -25.69 14.71 -9.51
N PRO F 207 -26.45 14.57 -8.43
CA PRO F 207 -25.92 14.91 -7.11
C PRO F 207 -24.75 14.02 -6.70
N GLY F 208 -24.16 14.32 -5.54
CA GLY F 208 -23.03 13.57 -5.04
C GLY F 208 -21.71 13.86 -5.73
N ALA F 209 -21.69 14.77 -6.70
CA ALA F 209 -20.45 15.13 -7.36
C ALA F 209 -19.64 16.07 -6.47
N THR F 210 -18.32 15.87 -6.46
CA THR F 210 -17.41 16.70 -5.70
C THR F 210 -17.13 18.01 -6.45
N LEU F 211 -16.60 18.99 -5.72
CA LEU F 211 -16.23 20.25 -6.37
C LEU F 211 -15.21 19.99 -7.47
N GLU F 212 -14.21 19.14 -7.22
CA GLU F 212 -13.26 18.83 -8.26
C GLU F 212 -13.97 18.29 -9.50
N GLU F 213 -14.95 17.39 -9.30
CA GLU F 213 -15.67 16.83 -10.45
C GLU F 213 -16.47 17.89 -11.19
N MET F 214 -17.14 18.78 -10.45
CA MET F 214 -17.91 19.84 -11.09
C MET F 214 -17.00 20.75 -11.90
N MET F 215 -15.82 21.07 -11.36
CA MET F 215 -14.92 22.02 -12.01
C MET F 215 -14.26 21.39 -13.22
N THR F 216 -13.95 20.10 -13.13
CA THR F 216 -13.44 19.39 -14.29
C THR F 216 -14.49 19.34 -15.40
N ALA F 217 -15.76 19.11 -15.03
CA ALA F 217 -16.80 18.96 -16.03
C ALA F 217 -17.09 20.25 -16.77
N CYS F 218 -16.95 21.40 -16.10
CA CYS F 218 -17.25 22.69 -16.70
C CYS F 218 -16.02 23.42 -17.22
N GLN F 219 -14.89 22.72 -17.36
CA GLN F 219 -13.68 23.37 -17.81
C GLN F 219 -13.74 23.65 -19.31
N PRO G 1 5.98 26.01 14.87
CA PRO G 1 6.62 24.73 14.56
C PRO G 1 7.35 24.14 15.77
N ILE G 2 7.86 22.91 15.64
CA ILE G 2 8.67 22.28 16.67
C ILE G 2 10.11 22.34 16.21
N VAL G 3 10.98 22.92 17.02
CA VAL G 3 12.39 23.05 16.67
C VAL G 3 13.23 22.64 17.87
N GLN G 4 14.50 22.35 17.60
CA GLN G 4 15.47 22.11 18.66
C GLN G 4 16.02 23.46 19.09
N ASN G 5 16.05 23.71 20.39
CA ASN G 5 16.61 24.97 20.86
C ASN G 5 18.13 24.87 20.92
N LEU G 6 18.78 25.76 21.67
CA LEU G 6 20.23 25.73 21.78
C LEU G 6 20.72 24.70 22.81
N GLN G 7 19.82 24.08 23.56
CA GLN G 7 20.17 23.02 24.51
C GLN G 7 19.79 21.64 23.98
N GLY G 8 19.46 21.52 22.70
CA GLY G 8 19.10 20.23 22.14
C GLY G 8 17.77 19.68 22.61
N GLN G 9 16.81 20.55 22.93
CA GLN G 9 15.48 20.15 23.37
C GLN G 9 14.46 20.53 22.30
N MET G 10 13.49 19.63 22.06
CA MET G 10 12.44 19.89 21.08
C MET G 10 11.32 20.71 21.73
N VAL G 11 11.13 21.94 21.25
CA VAL G 11 10.22 22.90 21.86
C VAL G 11 9.38 23.57 20.79
N HIS G 12 8.21 24.03 21.18
CA HIS G 12 7.34 24.75 20.26
C HIS G 12 7.83 26.18 20.12
N GLN G 13 7.72 26.70 18.90
CA GLN G 13 8.06 28.09 18.61
C GLN G 13 6.94 28.66 17.73
N CYS G 14 6.56 29.91 18.00
CA CYS G 14 5.52 30.55 17.21
C CYS G 14 5.96 30.64 15.76
N ILE G 15 5.02 30.45 14.83
CA ILE G 15 5.32 30.67 13.43
C ILE G 15 5.74 32.13 13.25
N SER G 16 6.74 32.38 12.33
CA SER G 16 7.30 33.73 12.29
C SER G 16 6.56 34.60 11.29
N PRO G 17 6.56 35.93 11.48
CA PRO G 17 6.01 36.80 10.43
C PRO G 17 6.68 36.61 9.08
N ARG G 18 7.98 36.31 9.05
CA ARG G 18 8.66 36.09 7.78
C ARG G 18 8.07 34.89 7.04
N THR G 19 7.86 33.79 7.75
CA THR G 19 7.27 32.61 7.12
C THR G 19 5.87 32.90 6.61
N LEU G 20 5.03 33.47 7.47
CA LEU G 20 3.66 33.82 7.11
C LEU G 20 3.65 34.64 5.84
N ASN G 21 4.44 35.71 5.82
CA ASN G 21 4.44 36.60 4.66
C ASN G 21 5.00 35.91 3.43
N ALA G 22 6.06 35.11 3.58
CA ALA G 22 6.63 34.42 2.42
C ALA G 22 5.59 33.53 1.76
N TRP G 23 4.82 32.77 2.56
CA TRP G 23 3.82 31.88 1.98
C TRP G 23 2.70 32.68 1.31
N VAL G 24 2.17 33.69 2.00
CA VAL G 24 1.12 34.51 1.41
C VAL G 24 1.59 35.08 0.08
N LYS G 25 2.81 35.60 0.04
CA LYS G 25 3.31 36.26 -1.16
C LYS G 25 3.56 35.26 -2.29
N VAL G 26 4.08 34.07 -1.99
CA VAL G 26 4.31 33.13 -3.09
C VAL G 26 2.98 32.70 -3.69
N VAL G 27 1.93 32.55 -2.88
CA VAL G 27 0.63 32.23 -3.45
C VAL G 27 0.13 33.40 -4.32
N GLU G 28 0.30 34.64 -3.84
CA GLU G 28 -0.14 35.78 -4.64
C GLU G 28 0.60 35.90 -5.96
N GLU G 29 1.92 35.65 -5.95
CA GLU G 29 2.74 35.90 -7.14
C GLU G 29 2.76 34.73 -8.12
N LYS G 30 2.73 33.50 -7.63
CA LYS G 30 2.89 32.30 -8.45
C LYS G 30 1.62 31.48 -8.55
N ALA G 31 0.59 31.78 -7.77
CA ALA G 31 -0.63 31.01 -7.76
C ALA G 31 -0.30 29.53 -7.53
N PHE G 32 -0.63 28.66 -8.47
CA PHE G 32 -0.39 27.23 -8.32
C PHE G 32 0.54 26.68 -9.40
N SER G 33 1.51 27.49 -9.77
CA SER G 33 2.63 26.96 -10.53
C SER G 33 3.28 25.83 -9.72
N PRO G 34 3.86 24.82 -10.40
CA PRO G 34 4.36 23.64 -9.65
C PRO G 34 5.36 23.95 -8.55
N GLU G 35 6.23 24.94 -8.78
CA GLU G 35 7.31 25.21 -7.82
C GLU G 35 6.77 25.76 -6.50
N VAL G 36 5.48 26.08 -6.43
CA VAL G 36 4.88 26.51 -5.18
C VAL G 36 4.79 25.36 -4.18
N ILE G 37 4.80 24.11 -4.65
CA ILE G 37 4.65 22.98 -3.73
C ILE G 37 5.95 22.77 -2.95
N PRO G 38 7.11 22.71 -3.60
CA PRO G 38 8.36 22.67 -2.83
C PRO G 38 8.51 23.84 -1.88
N MET G 39 8.09 25.04 -2.30
CA MET G 39 8.18 26.19 -1.42
C MET G 39 7.30 25.99 -0.19
N PHE G 40 6.05 25.56 -0.39
CA PHE G 40 5.20 25.21 0.74
C PHE G 40 5.92 24.22 1.65
N SER G 41 6.48 23.16 1.07
CA SER G 41 7.05 22.13 1.91
C SER G 41 8.19 22.70 2.74
N ALA G 42 8.98 23.59 2.14
CA ALA G 42 10.13 24.14 2.85
C ALA G 42 9.67 25.14 3.90
N LEU G 43 8.61 25.90 3.61
CA LEU G 43 8.20 26.92 4.56
C LEU G 43 7.48 26.31 5.76
N SER G 44 6.98 25.09 5.63
CA SER G 44 6.31 24.42 6.72
C SER G 44 7.20 23.40 7.41
N CYS G 45 8.52 23.51 7.27
CA CYS G 45 9.43 22.62 7.97
C CYS G 45 9.19 22.70 9.47
N GLY G 46 8.97 21.54 10.10
CA GLY G 46 8.70 21.44 11.52
C GLY G 46 7.30 21.88 11.95
N ALA G 47 6.41 22.16 11.00
CA ALA G 47 5.11 22.72 11.35
C ALA G 47 4.25 21.72 12.12
N THR G 48 3.49 22.25 13.07
CA THR G 48 2.38 21.54 13.66
C THR G 48 1.19 21.58 12.72
N PRO G 49 0.17 20.76 12.96
CA PRO G 49 -1.09 20.94 12.23
C PRO G 49 -1.65 22.35 12.37
N GLN G 50 -1.59 22.93 13.57
CA GLN G 50 -2.07 24.31 13.72
C GLN G 50 -1.33 25.26 12.77
N ASP G 51 0.00 25.13 12.68
CA ASP G 51 0.77 25.96 11.76
C ASP G 51 0.35 25.74 10.31
N LEU G 52 0.12 24.49 9.95
CA LEU G 52 -0.30 24.21 8.57
C LEU G 52 -1.65 24.85 8.28
N ASN G 53 -2.59 24.76 9.21
CA ASN G 53 -3.89 25.39 9.00
C ASN G 53 -3.75 26.91 8.92
N THR G 54 -2.86 27.48 9.73
CA THR G 54 -2.58 28.92 9.61
C THR G 54 -2.14 29.26 8.20
N MET G 55 -1.21 28.48 7.66
CA MET G 55 -0.72 28.80 6.32
C MET G 55 -1.82 28.71 5.29
N LEU G 56 -2.65 27.68 5.37
CA LEU G 56 -3.74 27.55 4.40
C LEU G 56 -4.80 28.63 4.60
N ASN G 57 -5.14 28.94 5.85
CA ASN G 57 -6.20 29.91 6.15
C ASN G 57 -5.80 31.36 5.84
N THR G 58 -4.51 31.69 5.83
CA THR G 58 -4.13 33.07 5.53
C THR G 58 -4.21 33.39 4.04
N VAL G 59 -4.45 32.40 3.18
CA VAL G 59 -4.63 32.64 1.75
C VAL G 59 -6.00 33.27 1.54
N GLY G 60 -6.03 34.40 0.84
CA GLY G 60 -7.24 35.17 0.60
C GLY G 60 -8.00 34.81 -0.65
N GLY G 61 -7.30 34.57 -1.75
CA GLY G 61 -7.96 34.21 -3.00
C GLY G 61 -8.12 32.72 -3.15
N HIS G 62 -8.32 32.30 -4.39
CA HIS G 62 -8.26 30.89 -4.77
C HIS G 62 -9.14 30.00 -3.90
N GLN G 63 -10.34 30.50 -3.56
CA GLN G 63 -11.19 29.77 -2.63
C GLN G 63 -11.82 28.51 -3.23
N ALA G 64 -11.89 28.42 -4.56
CA ALA G 64 -12.23 27.15 -5.20
C ALA G 64 -11.16 26.10 -4.89
N ALA G 65 -9.90 26.47 -5.10
CA ALA G 65 -8.80 25.59 -4.73
C ALA G 65 -8.83 25.23 -3.26
N MET G 66 -9.05 26.22 -2.37
CA MET G 66 -9.05 25.90 -0.94
C MET G 66 -10.19 24.97 -0.56
N GLN G 67 -11.35 25.10 -1.20
CA GLN G 67 -12.43 24.16 -0.93
C GLN G 67 -12.10 22.75 -1.44
N MET G 68 -11.48 22.65 -2.62
CA MET G 68 -11.04 21.36 -3.11
C MET G 68 -10.03 20.73 -2.15
N LEU G 69 -9.10 21.54 -1.66
CA LEU G 69 -8.11 21.06 -0.71
C LEU G 69 -8.78 20.53 0.55
N LYS G 70 -9.82 21.22 1.04
CA LYS G 70 -10.52 20.74 2.22
C LYS G 70 -11.20 19.40 1.97
N GLU G 71 -11.80 19.23 0.78
CA GLU G 71 -12.35 17.94 0.39
C GLU G 71 -11.28 16.85 0.42
N THR G 72 -10.11 17.11 -0.18
CA THR G 72 -9.04 16.11 -0.20
C THR G 72 -8.61 15.75 1.21
N ILE G 73 -8.43 16.76 2.05
CA ILE G 73 -8.04 16.53 3.42
C ILE G 73 -9.05 15.63 4.11
N ASN G 74 -10.34 15.92 3.93
CA ASN G 74 -11.35 15.10 4.57
C ASN G 74 -11.30 13.66 4.06
N GLU G 75 -11.02 13.46 2.76
CA GLU G 75 -10.86 12.10 2.24
C GLU G 75 -9.70 11.37 2.91
N GLU G 76 -8.55 12.03 3.02
CA GLU G 76 -7.39 11.38 3.62
C GLU G 76 -7.62 11.13 5.11
N ALA G 77 -8.30 12.04 5.80
CA ALA G 77 -8.62 11.82 7.19
C ALA G 77 -9.53 10.61 7.36
N ALA G 78 -10.52 10.47 6.47
CA ALA G 78 -11.39 9.30 6.53
C ALA G 78 -10.61 8.01 6.28
N GLU G 79 -9.69 8.02 5.31
CA GLU G 79 -8.87 6.84 5.08
C GLU G 79 -8.01 6.53 6.31
N TRP G 80 -7.48 7.57 6.98
CA TRP G 80 -6.76 7.37 8.23
C TRP G 80 -7.63 6.66 9.25
N ASP G 81 -8.87 7.11 9.40
CA ASP G 81 -9.74 6.49 10.39
C ASP G 81 -10.07 5.04 10.03
N ARG G 82 -10.14 4.73 8.74
CA ARG G 82 -10.39 3.32 8.35
C ARG G 82 -9.16 2.45 8.57
N LEU G 83 -7.97 2.92 8.19
CA LEU G 83 -6.76 2.12 8.25
C LEU G 83 -6.05 2.19 9.59
N HIS G 84 -6.30 3.21 10.39
CA HIS G 84 -5.66 3.37 11.70
C HIS G 84 -6.73 3.74 12.72
N PRO G 85 -7.71 2.85 12.93
CA PRO G 85 -8.79 3.18 13.85
C PRO G 85 -8.27 3.32 15.27
N VAL G 86 -8.91 4.20 16.02
CA VAL G 86 -8.55 4.47 17.41
C VAL G 86 -9.63 3.85 18.27
N HIS G 87 -9.23 3.00 19.21
CA HIS G 87 -10.18 2.42 20.15
C HIS G 87 -11.07 3.52 20.71
N ALA G 88 -12.37 3.25 20.74
CA ALA G 88 -13.33 4.21 21.28
C ALA G 88 -13.56 3.90 22.75
N GLY G 89 -13.19 4.83 23.63
CA GLY G 89 -13.35 4.57 25.04
C GLY G 89 -12.71 5.58 25.97
N PRO G 90 -12.03 5.10 27.01
CA PRO G 90 -11.81 5.92 28.20
C PRO G 90 -10.56 6.80 28.14
N ILE G 91 -10.64 7.91 28.88
CA ILE G 91 -9.48 8.77 29.07
C ILE G 91 -8.47 8.08 29.98
N ALA G 92 -7.20 8.37 29.73
CA ALA G 92 -6.11 7.91 30.59
C ALA G 92 -5.48 9.13 31.25
N PRO G 93 -5.66 9.34 32.55
CA PRO G 93 -5.20 10.60 33.17
C PRO G 93 -3.71 10.82 32.93
N GLY G 94 -3.38 12.04 32.51
CA GLY G 94 -2.00 12.43 32.27
C GLY G 94 -1.34 11.63 31.16
N GLN G 95 -2.14 10.93 30.37
CA GLN G 95 -1.62 10.07 29.31
C GLN G 95 -2.17 10.49 27.95
N MET G 96 -1.43 10.09 26.93
CA MET G 96 -1.54 10.65 25.58
C MET G 96 -2.49 9.79 24.75
N ARG G 97 -3.68 10.32 24.43
CA ARG G 97 -4.62 9.60 23.58
C ARG G 97 -4.07 9.50 22.16
N GLU G 98 -4.69 8.60 21.35
CA GLU G 98 -4.21 8.40 19.98
C GLU G 98 -4.95 9.33 19.02
N PRO G 99 -4.26 9.88 18.02
CA PRO G 99 -4.90 10.85 17.12
C PRO G 99 -5.80 10.19 16.07
N ARG G 100 -6.99 10.75 15.91
CA ARG G 100 -7.88 10.40 14.81
C ARG G 100 -7.59 11.34 13.63
N GLY G 101 -8.26 11.12 12.50
CA GLY G 101 -7.96 11.91 11.33
C GLY G 101 -8.16 13.39 11.55
N SER G 102 -9.26 13.75 12.22
CA SER G 102 -9.55 15.15 12.52
C SER G 102 -8.58 15.74 13.53
N ASP G 103 -7.93 14.89 14.35
CA ASP G 103 -6.87 15.38 15.23
C ASP G 103 -5.61 15.72 14.45
N ILE G 104 -5.27 14.89 13.47
CA ILE G 104 -4.12 15.13 12.62
C ILE G 104 -4.31 16.41 11.82
N ALA G 105 -5.52 16.65 11.35
CA ALA G 105 -5.83 17.85 10.59
C ALA G 105 -6.02 19.08 11.48
N GLY G 106 -5.85 18.94 12.79
CA GLY G 106 -5.88 20.10 13.67
C GLY G 106 -7.25 20.66 13.95
N THR G 107 -8.31 19.94 13.61
CA THR G 107 -9.67 20.42 13.83
C THR G 107 -10.22 20.00 15.18
N THR G 108 -9.83 18.82 15.69
CA THR G 108 -10.34 18.33 16.96
C THR G 108 -9.24 18.15 17.99
N SER G 109 -8.03 18.62 17.72
CA SER G 109 -6.90 18.50 18.63
C SER G 109 -6.43 19.89 19.02
N THR G 110 -5.89 20.01 20.23
CA THR G 110 -5.33 21.26 20.70
C THR G 110 -3.86 21.35 20.33
N LEU G 111 -3.34 22.58 20.33
CA LEU G 111 -1.91 22.74 20.11
C LEU G 111 -1.10 21.88 21.09
N GLN G 112 -1.52 21.84 22.35
CA GLN G 112 -0.74 21.08 23.32
C GLN G 112 -0.78 19.57 23.03
N GLU G 113 -1.92 19.07 22.55
CA GLU G 113 -1.97 17.67 22.13
C GLU G 113 -1.03 17.41 20.96
N GLN G 114 -1.01 18.31 19.99
CA GLN G 114 -0.13 18.16 18.83
C GLN G 114 1.33 18.17 19.26
N ILE G 115 1.71 19.11 20.11
CA ILE G 115 3.07 19.13 20.64
C ILE G 115 3.37 17.80 21.33
N GLY G 116 2.43 17.32 22.16
CA GLY G 116 2.66 16.05 22.84
C GLY G 116 2.93 14.90 21.87
N TRP G 117 2.11 14.80 20.81
CA TRP G 117 2.33 13.73 19.83
C TRP G 117 3.68 13.91 19.12
N MET G 118 4.00 15.14 18.72
CA MET G 118 5.19 15.36 17.91
C MET G 118 6.48 15.22 18.72
N THR G 119 6.45 15.46 20.03
CA THR G 119 7.65 15.36 20.86
C THR G 119 7.68 14.09 21.71
N HIS G 120 6.72 13.19 21.53
CA HIS G 120 6.75 11.93 22.25
C HIS G 120 7.93 11.09 21.79
N ASN G 121 8.26 10.07 22.59
CA ASN G 121 9.30 9.12 22.22
C ASN G 121 8.75 7.70 22.15
N PRO G 122 8.56 7.16 20.94
CA PRO G 122 8.83 7.73 19.61
C PRO G 122 7.80 8.78 19.20
N PRO G 123 8.14 9.67 18.30
CA PRO G 123 7.20 10.73 17.91
C PRO G 123 6.06 10.19 17.06
N ILE G 124 4.88 10.74 17.26
CA ILE G 124 3.73 10.49 16.40
C ILE G 124 3.65 11.69 15.46
N PRO G 125 4.15 11.60 14.22
CA PRO G 125 4.45 12.83 13.47
C PRO G 125 3.23 13.41 12.76
N VAL G 126 2.28 13.93 13.56
CA VAL G 126 1.01 14.39 13.00
C VAL G 126 1.23 15.55 12.05
N GLY G 127 2.26 16.36 12.29
CA GLY G 127 2.58 17.42 11.35
C GLY G 127 2.96 16.89 9.97
N GLU G 128 3.82 15.87 9.94
CA GLU G 128 4.25 15.32 8.66
C GLU G 128 3.12 14.55 7.95
N ILE G 129 2.27 13.87 8.72
CA ILE G 129 1.13 13.16 8.13
C ILE G 129 0.18 14.16 7.47
N TYR G 130 -0.22 15.18 8.24
CA TYR G 130 -1.08 16.22 7.69
C TYR G 130 -0.44 16.87 6.48
N LYS G 131 0.86 17.14 6.56
CA LYS G 131 1.52 17.78 5.42
C LYS G 131 1.42 16.91 4.19
N ARG G 132 1.57 15.59 4.35
CA ARG G 132 1.43 14.70 3.21
C ARG G 132 0.03 14.84 2.60
N TRP G 133 -1.03 14.93 3.44
CA TRP G 133 -2.38 15.11 2.89
C TRP G 133 -2.49 16.43 2.12
N ILE G 134 -1.98 17.51 2.71
CA ILE G 134 -2.07 18.81 2.07
C ILE G 134 -1.37 18.80 0.74
N ILE G 135 -0.17 18.22 0.67
CA ILE G 135 0.58 18.23 -0.58
C ILE G 135 -0.10 17.36 -1.65
N LEU G 136 -0.77 16.28 -1.25
CA LEU G 136 -1.59 15.53 -2.21
C LEU G 136 -2.69 16.42 -2.80
N GLY G 137 -3.43 17.10 -1.92
CA GLY G 137 -4.44 18.05 -2.40
C GLY G 137 -3.88 19.14 -3.31
N LEU G 138 -2.72 19.70 -2.94
CA LEU G 138 -2.11 20.77 -3.73
C LEU G 138 -1.65 20.25 -5.09
N ASN G 139 -1.10 19.04 -5.14
CA ASN G 139 -0.76 18.47 -6.43
C ASN G 139 -1.98 18.31 -7.32
N LYS G 140 -3.11 17.87 -6.75
CA LYS G 140 -4.33 17.83 -7.55
C LYS G 140 -4.63 19.21 -8.13
N ILE G 141 -4.54 20.26 -7.30
CA ILE G 141 -4.85 21.60 -7.78
C ILE G 141 -3.87 22.02 -8.88
N VAL G 142 -2.57 21.75 -8.69
CA VAL G 142 -1.57 22.15 -9.67
C VAL G 142 -1.88 21.54 -11.02
N ARG G 143 -2.19 20.24 -11.03
CA ARG G 143 -2.51 19.57 -12.30
C ARG G 143 -3.75 20.17 -12.91
N MET G 144 -4.81 20.34 -12.12
CA MET G 144 -6.04 20.87 -12.67
C MET G 144 -5.82 22.25 -13.29
N TYR G 145 -4.96 23.05 -12.68
CA TYR G 145 -4.77 24.42 -13.14
C TYR G 145 -3.68 24.55 -14.20
N SER G 146 -3.00 23.46 -14.56
CA SER G 146 -2.03 23.47 -15.64
C SER G 146 -2.70 23.97 -16.92
N PRO G 147 -2.21 25.05 -17.55
CA PRO G 147 -2.94 25.63 -18.69
C PRO G 147 -2.83 24.85 -19.99
N THR G 148 -1.79 24.05 -20.19
CA THR G 148 -1.53 23.50 -21.52
C THR G 148 -1.18 22.02 -21.45
N SER G 149 -1.61 21.29 -22.46
CA SER G 149 -1.27 19.89 -22.61
C SER G 149 0.07 19.75 -23.33
N ILE G 150 0.83 18.73 -22.94
CA ILE G 150 2.13 18.49 -23.54
C ILE G 150 2.01 18.22 -25.04
N LEU G 151 0.87 17.69 -25.47
CA LEU G 151 0.69 17.38 -26.89
C LEU G 151 0.67 18.63 -27.75
N ASP G 152 0.38 19.79 -27.18
CA ASP G 152 0.32 21.05 -27.91
C ASP G 152 1.61 21.84 -27.88
N ILE G 153 2.70 21.26 -27.37
CA ILE G 153 4.00 21.93 -27.34
C ILE G 153 4.76 21.47 -28.57
N ARG G 154 4.99 22.38 -29.51
CA ARG G 154 5.75 22.10 -30.71
C ARG G 154 6.71 23.25 -30.97
N GLN G 155 7.91 22.93 -31.43
CA GLN G 155 8.91 23.95 -31.70
C GLN G 155 8.47 24.82 -32.87
N GLY G 156 8.50 26.13 -32.66
CA GLY G 156 8.15 27.09 -33.68
C GLY G 156 9.17 27.10 -34.80
N PRO G 157 8.77 27.56 -35.99
CA PRO G 157 9.70 27.55 -37.13
C PRO G 157 11.02 28.22 -36.86
N LYS G 158 11.04 29.29 -36.06
CA LYS G 158 12.27 29.99 -35.74
C LYS G 158 12.57 29.98 -34.24
N GLU G 159 11.88 29.16 -33.47
CA GLU G 159 12.10 29.12 -32.03
C GLU G 159 13.42 28.41 -31.72
N PRO G 160 14.31 29.01 -30.94
CA PRO G 160 15.53 28.30 -30.54
C PRO G 160 15.18 27.02 -29.78
N PHE G 161 15.97 25.98 -30.02
CA PHE G 161 15.66 24.69 -29.40
C PHE G 161 15.59 24.79 -27.88
N ARG G 162 16.47 25.59 -27.27
CA ARG G 162 16.46 25.74 -25.81
C ARG G 162 15.11 26.24 -25.31
N ASP G 163 14.53 27.23 -25.99
CA ASP G 163 13.24 27.77 -25.57
C ASP G 163 12.14 26.74 -25.70
N TYR G 164 12.20 25.93 -26.76
CA TYR G 164 11.23 24.85 -26.93
C TYR G 164 11.34 23.84 -25.80
N VAL G 165 12.56 23.43 -25.45
CA VAL G 165 12.75 22.46 -24.38
C VAL G 165 12.24 23.02 -23.05
N ASP G 166 12.53 24.30 -22.78
CA ASP G 166 11.99 24.98 -21.61
C ASP G 166 10.46 24.90 -21.55
N ARG G 167 9.80 25.23 -22.67
CA ARG G 167 8.33 25.14 -22.68
C ARG G 167 7.86 23.71 -22.47
N PHE G 168 8.54 22.75 -23.12
CA PHE G 168 8.16 21.35 -23.03
C PHE G 168 8.17 20.88 -21.58
N TYR G 169 9.30 21.04 -20.89
CA TYR G 169 9.40 20.48 -19.54
C TYR G 169 8.67 21.30 -18.50
N LYS G 170 8.50 22.61 -18.71
CA LYS G 170 7.59 23.37 -17.86
C LYS G 170 6.17 22.80 -17.95
N THR G 171 5.72 22.52 -19.17
CA THR G 171 4.37 21.97 -19.36
C THR G 171 4.25 20.61 -18.71
N LEU G 172 5.22 19.73 -18.94
CA LEU G 172 5.18 18.38 -18.36
C LEU G 172 5.12 18.44 -16.84
N ARG G 173 5.94 19.32 -16.24
CA ARG G 173 5.95 19.43 -14.79
C ARG G 173 4.58 19.83 -14.27
N ALA G 174 3.94 20.83 -14.89
CA ALA G 174 2.64 21.26 -14.40
C ALA G 174 1.60 20.16 -14.61
N GLU G 175 1.66 19.45 -15.73
CA GLU G 175 0.63 18.45 -16.02
C GLU G 175 0.73 17.26 -15.10
N GLN G 176 1.94 16.89 -14.69
CA GLN G 176 2.14 15.78 -13.78
C GLN G 176 2.35 16.23 -12.32
N ALA G 177 2.44 17.54 -12.08
CA ALA G 177 2.76 18.05 -10.74
C ALA G 177 4.06 17.43 -10.24
N SER G 178 5.05 17.33 -11.13
CA SER G 178 6.30 16.64 -10.81
C SER G 178 7.32 16.77 -11.93
N GLN G 179 8.61 16.76 -11.59
CA GLN G 179 9.70 16.78 -12.58
C GLN G 179 10.23 15.38 -12.92
N GLU G 180 9.77 14.34 -12.22
CA GLU G 180 10.14 12.96 -12.54
C GLU G 180 9.25 12.54 -13.70
N VAL G 181 9.71 12.85 -14.91
CA VAL G 181 8.87 12.77 -16.10
C VAL G 181 9.71 12.29 -17.28
N LYS G 182 10.63 11.36 -17.00
CA LYS G 182 11.47 10.76 -18.04
C LYS G 182 10.82 9.43 -18.46
N ASN G 183 9.86 9.54 -19.37
CA ASN G 183 9.24 8.39 -20.01
C ASN G 183 9.76 8.25 -21.44
N ALA G 184 9.61 7.05 -21.99
CA ALA G 184 9.96 6.82 -23.39
C ALA G 184 9.10 7.68 -24.30
N ALA G 185 7.77 7.64 -24.08
CA ALA G 185 6.87 8.48 -24.85
C ALA G 185 7.25 9.96 -24.76
N THR G 186 7.90 10.36 -23.67
CA THR G 186 8.23 11.77 -23.47
C THR G 186 9.41 12.19 -24.34
N GLU G 187 10.48 11.39 -24.36
CA GLU G 187 11.63 11.68 -25.22
C GLU G 187 11.25 11.55 -26.69
N THR G 188 10.52 10.47 -27.02
CA THR G 188 9.89 10.35 -28.33
C THR G 188 9.17 11.64 -28.69
N LEU G 189 8.38 12.17 -27.76
CA LEU G 189 7.53 13.32 -28.09
C LEU G 189 8.38 14.57 -28.25
N LEU G 190 9.43 14.71 -27.43
CA LEU G 190 10.31 15.86 -27.55
C LEU G 190 10.92 15.93 -28.93
N VAL G 191 11.55 14.84 -29.39
CA VAL G 191 12.17 14.86 -30.71
C VAL G 191 11.09 14.97 -31.79
N GLN G 192 9.96 14.30 -31.60
CA GLN G 192 8.94 14.24 -32.63
C GLN G 192 8.40 15.62 -32.94
N ASN G 193 8.18 16.43 -31.89
CA ASN G 193 7.58 17.76 -32.07
C ASN G 193 8.61 18.86 -32.24
N ALA G 194 9.89 18.52 -32.40
CA ALA G 194 10.86 19.51 -32.85
C ALA G 194 10.61 19.89 -34.30
N ASN G 195 11.11 21.06 -34.70
CA ASN G 195 10.91 21.51 -36.08
C ASN G 195 11.85 20.76 -37.03
N PRO G 196 11.57 20.83 -38.34
CA PRO G 196 12.29 19.97 -39.30
C PRO G 196 13.82 19.99 -39.19
N ASP G 197 14.45 21.17 -39.14
CA ASP G 197 15.91 21.22 -39.09
C ASP G 197 16.43 20.51 -37.84
N CYS G 198 15.95 20.94 -36.68
CA CYS G 198 16.36 20.30 -35.43
C CYS G 198 16.05 18.80 -35.46
N LYS G 199 14.86 18.42 -35.94
CA LYS G 199 14.49 17.01 -35.97
C LYS G 199 15.47 16.19 -36.80
N THR G 200 15.90 16.71 -37.95
CA THR G 200 16.89 16.02 -38.74
C THR G 200 18.17 15.82 -37.94
N ILE G 201 18.67 16.90 -37.33
CA ILE G 201 19.89 16.78 -36.54
C ILE G 201 19.72 15.72 -35.45
N LEU G 202 18.59 15.75 -34.74
CA LEU G 202 18.35 14.84 -33.62
C LEU G 202 18.29 13.40 -34.09
N LYS G 203 17.69 13.15 -35.25
CA LYS G 203 17.66 11.79 -35.77
C LYS G 203 19.06 11.31 -36.12
N ALA G 204 19.88 12.18 -36.70
CA ALA G 204 21.25 11.80 -37.05
C ALA G 204 22.05 11.33 -35.83
N LEU G 205 21.70 11.83 -34.63
CA LEU G 205 22.42 11.44 -33.42
C LEU G 205 22.30 9.95 -33.14
N GLY G 206 21.13 9.37 -33.43
CA GLY G 206 20.88 8.00 -33.09
C GLY G 206 20.25 7.89 -31.72
N PRO G 207 20.03 6.66 -31.27
CA PRO G 207 19.40 6.46 -29.96
C PRO G 207 20.35 6.73 -28.80
N GLY G 208 19.76 6.91 -27.62
CA GLY G 208 20.50 7.08 -26.40
C GLY G 208 21.05 8.47 -26.17
N ALA G 209 20.77 9.43 -27.04
CA ALA G 209 21.34 10.76 -26.86
C ALA G 209 20.77 11.42 -25.60
N THR G 210 21.64 12.08 -24.85
CA THR G 210 21.23 12.81 -23.68
C THR G 210 20.63 14.15 -24.08
N LEU G 211 19.87 14.74 -23.15
CA LEU G 211 19.31 16.07 -23.40
C LEU G 211 20.42 17.07 -23.68
N GLU G 212 21.53 16.99 -22.95
CA GLU G 212 22.65 17.88 -23.21
C GLU G 212 23.17 17.72 -24.63
N GLU G 213 23.30 16.47 -25.10
CA GLU G 213 23.78 16.23 -26.46
C GLU G 213 22.79 16.79 -27.48
N MET G 214 21.49 16.53 -27.28
CA MET G 214 20.48 17.10 -28.16
C MET G 214 20.59 18.62 -28.22
N MET G 215 20.66 19.27 -27.05
CA MET G 215 20.64 20.73 -27.05
C MET G 215 21.91 21.30 -27.66
N THR G 216 23.05 20.66 -27.43
CA THR G 216 24.28 21.07 -28.09
C THR G 216 24.15 20.94 -29.61
N ALA G 217 23.55 19.84 -30.06
CA ALA G 217 23.48 19.55 -31.50
C ALA G 217 22.59 20.55 -32.23
N CYS G 218 21.54 21.04 -31.59
CA CYS G 218 20.61 21.99 -32.19
C CYS G 218 20.88 23.42 -31.76
N GLN G 219 22.04 23.68 -31.16
CA GLN G 219 22.37 25.02 -30.68
C GLN G 219 22.80 25.95 -31.82
N PRO H 1 -22.53 -58.68 0.09
CA PRO H 1 -21.89 -59.97 -0.16
C PRO H 1 -21.20 -60.57 1.07
N ILE H 2 -20.69 -61.79 0.93
CA ILE H 2 -19.91 -62.44 1.99
C ILE H 2 -18.46 -62.38 1.55
N VAL H 3 -17.62 -61.75 2.35
CA VAL H 3 -16.21 -61.60 2.01
C VAL H 3 -15.37 -61.96 3.22
N GLN H 4 -14.10 -62.23 2.95
CA GLN H 4 -13.13 -62.42 4.01
C GLN H 4 -12.64 -61.05 4.46
N ASN H 5 -12.63 -60.83 5.77
CA ASN H 5 -12.13 -59.56 6.29
C ASN H 5 -10.59 -59.64 6.37
N LEU H 6 -9.97 -58.63 6.97
CA LEU H 6 -8.52 -58.57 6.97
C LEU H 6 -7.87 -59.59 7.88
N GLN H 7 -8.64 -60.25 8.75
CA GLN H 7 -8.11 -61.30 9.62
C GLN H 7 -8.60 -62.69 9.21
N GLY H 8 -9.14 -62.83 7.99
CA GLY H 8 -9.46 -64.14 7.45
C GLY H 8 -10.80 -64.71 7.86
N GLN H 9 -11.72 -63.89 8.36
CA GLN H 9 -13.05 -64.36 8.77
C GLN H 9 -14.09 -63.97 7.73
N MET H 10 -15.05 -64.86 7.48
CA MET H 10 -16.10 -64.65 6.49
C MET H 10 -17.26 -63.87 7.11
N VAL H 11 -17.51 -62.67 6.59
CA VAL H 11 -18.50 -61.76 7.16
C VAL H 11 -19.35 -61.14 6.07
N HIS H 12 -20.56 -60.73 6.46
CA HIS H 12 -21.44 -60.01 5.56
C HIS H 12 -21.01 -58.56 5.44
N GLN H 13 -21.11 -58.03 4.24
CA GLN H 13 -20.81 -56.65 3.95
C GLN H 13 -21.91 -56.12 3.03
N CYS H 14 -22.35 -54.89 3.29
CA CYS H 14 -23.39 -54.29 2.45
C CYS H 14 -22.92 -54.17 1.01
N ILE H 15 -23.86 -54.37 0.08
CA ILE H 15 -23.57 -54.13 -1.33
C ILE H 15 -23.20 -52.66 -1.48
N SER H 16 -22.21 -52.38 -2.35
CA SER H 16 -21.70 -51.02 -2.38
C SER H 16 -22.44 -50.18 -3.42
N PRO H 17 -22.49 -48.86 -3.20
CA PRO H 17 -23.04 -47.97 -4.25
C PRO H 17 -22.34 -48.12 -5.59
N ARG H 18 -21.03 -48.36 -5.58
CA ARG H 18 -20.30 -48.53 -6.83
C ARG H 18 -20.83 -49.73 -7.60
N THR H 19 -21.02 -50.86 -6.92
CA THR H 19 -21.56 -52.06 -7.56
C THR H 19 -22.98 -51.83 -8.09
N LEU H 20 -23.85 -51.29 -7.24
CA LEU H 20 -25.22 -51.03 -7.63
C LEU H 20 -25.26 -50.21 -8.92
N ASN H 21 -24.53 -49.10 -8.92
CA ASN H 21 -24.55 -48.22 -10.06
C ASN H 21 -23.94 -48.89 -11.28
N ALA H 22 -22.85 -49.65 -11.09
CA ALA H 22 -22.20 -50.31 -12.22
C ALA H 22 -23.18 -51.24 -12.94
N TRP H 23 -23.95 -52.02 -12.18
CA TRP H 23 -24.91 -52.94 -12.78
C TRP H 23 -26.04 -52.19 -13.48
N VAL H 24 -26.64 -51.21 -12.80
CA VAL H 24 -27.70 -50.41 -13.41
C VAL H 24 -27.22 -49.81 -14.73
N LYS H 25 -26.02 -49.25 -14.72
CA LYS H 25 -25.52 -48.56 -15.91
C LYS H 25 -25.20 -49.53 -17.03
N VAL H 26 -24.63 -50.70 -16.72
CA VAL H 26 -24.35 -51.63 -17.81
C VAL H 26 -25.66 -52.10 -18.45
N VAL H 27 -26.72 -52.29 -17.66
CA VAL H 27 -27.99 -52.66 -18.28
C VAL H 27 -28.54 -51.50 -19.13
N GLU H 28 -28.42 -50.26 -18.65
CA GLU H 28 -28.91 -49.14 -19.43
C GLU H 28 -28.16 -49.01 -20.76
N GLU H 29 -26.84 -49.20 -20.73
CA GLU H 29 -26.01 -48.90 -21.89
C GLU H 29 -25.91 -50.06 -22.88
N LYS H 30 -25.88 -51.30 -22.39
CA LYS H 30 -25.65 -52.47 -23.24
C LYS H 30 -26.87 -53.33 -23.42
N ALA H 31 -27.95 -53.07 -22.68
CA ALA H 31 -29.14 -53.90 -22.70
C ALA H 31 -28.72 -55.34 -22.44
N PHE H 32 -28.98 -56.26 -23.36
CA PHE H 32 -28.64 -57.66 -23.17
C PHE H 32 -27.69 -58.18 -24.26
N SER H 33 -26.77 -57.33 -24.67
CA SER H 33 -25.64 -57.80 -25.42
C SER H 33 -24.92 -58.88 -24.60
N PRO H 34 -24.30 -59.87 -25.25
CA PRO H 34 -23.78 -61.03 -24.49
C PRO H 34 -22.81 -60.66 -23.35
N GLU H 35 -21.96 -59.67 -23.56
CA GLU H 35 -20.92 -59.36 -22.57
C GLU H 35 -21.53 -58.85 -21.26
N VAL H 36 -22.84 -58.63 -21.21
CA VAL H 36 -23.46 -58.22 -19.96
C VAL H 36 -23.48 -59.37 -18.97
N ILE H 37 -23.42 -60.62 -19.42
CA ILE H 37 -23.54 -61.77 -18.52
C ILE H 37 -22.25 -61.93 -17.71
N PRO H 38 -21.08 -61.93 -18.35
CA PRO H 38 -19.85 -61.94 -17.55
C PRO H 38 -19.76 -60.76 -16.60
N MET H 39 -20.21 -59.58 -17.03
CA MET H 39 -20.23 -58.43 -16.13
C MET H 39 -21.13 -58.70 -14.94
N PHE H 40 -22.34 -59.20 -15.18
CA PHE H 40 -23.21 -59.56 -14.08
C PHE H 40 -22.48 -60.50 -13.13
N SER H 41 -21.84 -61.52 -13.68
CA SER H 41 -21.23 -62.53 -12.83
C SER H 41 -20.11 -61.92 -12.00
N ALA H 42 -19.36 -60.98 -12.58
CA ALA H 42 -18.27 -60.38 -11.83
C ALA H 42 -18.81 -59.42 -10.78
N LEU H 43 -19.87 -58.69 -11.11
CA LEU H 43 -20.34 -57.70 -10.16
C LEU H 43 -21.04 -58.33 -8.98
N SER H 44 -21.45 -59.59 -9.09
CA SER H 44 -22.14 -60.28 -8.01
C SER H 44 -21.26 -61.31 -7.29
N CYS H 45 -19.94 -61.17 -7.39
CA CYS H 45 -19.00 -62.03 -6.68
C CYS H 45 -19.26 -61.98 -5.17
N GLY H 46 -19.45 -63.15 -4.57
CA GLY H 46 -19.76 -63.28 -3.16
C GLY H 46 -21.18 -62.89 -2.77
N ALA H 47 -22.06 -62.62 -3.72
CA ALA H 47 -23.39 -62.11 -3.40
C ALA H 47 -24.23 -63.14 -2.66
N THR H 48 -25.02 -62.65 -1.70
CA THR H 48 -26.11 -63.43 -1.15
C THR H 48 -27.29 -63.41 -2.10
N PRO H 49 -28.28 -64.27 -1.88
CA PRO H 49 -29.53 -64.10 -2.63
C PRO H 49 -30.14 -62.72 -2.47
N GLN H 50 -30.09 -62.14 -1.28
CA GLN H 50 -30.61 -60.79 -1.10
C GLN H 50 -29.92 -59.82 -2.05
N ASP H 51 -28.59 -59.91 -2.15
CA ASP H 51 -27.84 -59.04 -3.07
C ASP H 51 -28.24 -59.28 -4.52
N LEU H 52 -28.38 -60.55 -4.92
CA LEU H 52 -28.78 -60.82 -6.29
C LEU H 52 -30.15 -60.22 -6.60
N ASN H 53 -31.08 -60.32 -5.66
CA ASN H 53 -32.39 -59.72 -5.89
C ASN H 53 -32.30 -58.21 -5.91
N THR H 54 -31.46 -57.63 -5.07
CA THR H 54 -31.27 -56.18 -5.16
C THR H 54 -30.84 -55.79 -6.57
N MET H 55 -29.88 -56.52 -7.13
CA MET H 55 -29.39 -56.18 -8.46
C MET H 55 -30.48 -56.31 -9.51
N LEU H 56 -31.29 -57.37 -9.44
CA LEU H 56 -32.35 -57.54 -10.44
C LEU H 56 -33.44 -56.48 -10.27
N ASN H 57 -33.82 -56.19 -9.02
CA ASN H 57 -34.92 -55.28 -8.72
C ASN H 57 -34.58 -53.83 -9.02
N THR H 58 -33.29 -53.44 -9.01
CA THR H 58 -32.98 -52.04 -9.31
C THR H 58 -33.05 -51.71 -10.80
N VAL H 59 -33.21 -52.70 -11.67
CA VAL H 59 -33.37 -52.46 -13.10
C VAL H 59 -34.75 -51.87 -13.36
N GLY H 60 -34.79 -50.75 -14.06
CA GLY H 60 -36.04 -50.03 -14.30
C GLY H 60 -36.78 -50.43 -15.56
N GLY H 61 -36.09 -50.60 -16.66
CA GLY H 61 -36.72 -51.00 -17.91
C GLY H 61 -36.77 -52.49 -18.08
N HIS H 62 -36.90 -52.92 -19.33
CA HIS H 62 -36.72 -54.31 -19.72
C HIS H 62 -37.58 -55.25 -18.87
N GLN H 63 -38.81 -54.82 -18.59
CA GLN H 63 -39.63 -55.60 -17.66
C GLN H 63 -40.16 -56.89 -18.30
N ALA H 64 -40.16 -56.95 -19.64
CA ALA H 64 -40.46 -58.22 -20.29
C ALA H 64 -39.38 -59.23 -19.97
N ALA H 65 -38.12 -58.82 -20.19
CA ALA H 65 -36.99 -59.67 -19.85
C ALA H 65 -37.01 -60.05 -18.38
N MET H 66 -37.33 -59.09 -17.49
CA MET H 66 -37.35 -59.41 -16.07
C MET H 66 -38.44 -60.43 -15.74
N GLN H 67 -39.58 -60.37 -16.44
CA GLN H 67 -40.61 -61.37 -16.20
C GLN H 67 -40.18 -62.74 -16.70
N MET H 68 -39.51 -62.80 -17.87
CA MET H 68 -38.96 -64.07 -18.35
C MET H 68 -37.97 -64.62 -17.34
N LEU H 69 -37.09 -63.76 -16.82
CA LEU H 69 -36.14 -64.21 -15.82
C LEU H 69 -36.86 -64.75 -14.59
N LYS H 70 -37.91 -64.07 -14.14
CA LYS H 70 -38.64 -64.56 -12.98
C LYS H 70 -39.20 -65.94 -13.24
N GLU H 71 -39.69 -66.17 -14.46
CA GLU H 71 -40.20 -67.50 -14.78
C GLU H 71 -39.08 -68.53 -14.80
N THR H 72 -37.93 -68.21 -15.37
CA THR H 72 -36.83 -69.16 -15.36
C THR H 72 -36.44 -69.51 -13.93
N ILE H 73 -36.35 -68.49 -13.07
CA ILE H 73 -36.01 -68.71 -11.67
C ILE H 73 -37.02 -69.64 -11.02
N ASN H 74 -38.31 -69.39 -11.22
CA ASN H 74 -39.31 -70.24 -10.58
C ASN H 74 -39.23 -71.69 -11.08
N GLU H 75 -38.94 -71.89 -12.37
CA GLU H 75 -38.75 -73.24 -12.89
C GLU H 75 -37.56 -73.94 -12.24
N GLU H 76 -36.42 -73.24 -12.13
CA GLU H 76 -35.26 -73.87 -11.51
C GLU H 76 -35.51 -74.16 -10.03
N ALA H 77 -36.26 -73.28 -9.35
CA ALA H 77 -36.60 -73.52 -7.95
C ALA H 77 -37.50 -74.73 -7.78
N ALA H 78 -38.46 -74.89 -8.69
CA ALA H 78 -39.32 -76.08 -8.65
C ALA H 78 -38.50 -77.35 -8.85
N GLU H 79 -37.57 -77.32 -9.80
CA GLU H 79 -36.70 -78.48 -10.00
C GLU H 79 -35.83 -78.74 -8.77
N TRP H 80 -35.36 -77.68 -8.12
CA TRP H 80 -34.63 -77.86 -6.86
C TRP H 80 -35.48 -78.57 -5.83
N ASP H 81 -36.73 -78.15 -5.67
CA ASP H 81 -37.60 -78.77 -4.67
C ASP H 81 -37.92 -80.22 -5.00
N ARG H 82 -37.95 -80.57 -6.29
CA ARG H 82 -38.18 -81.97 -6.66
C ARG H 82 -36.95 -82.83 -6.41
N LEU H 83 -35.76 -82.35 -6.80
CA LEU H 83 -34.55 -83.16 -6.70
C LEU H 83 -33.83 -83.04 -5.36
N HIS H 84 -34.08 -81.98 -4.60
CA HIS H 84 -33.46 -81.78 -3.28
C HIS H 84 -34.54 -81.39 -2.29
N PRO H 85 -35.52 -82.26 -2.07
CA PRO H 85 -36.61 -81.93 -1.15
C PRO H 85 -36.12 -81.82 0.28
N VAL H 86 -36.79 -80.97 1.05
CA VAL H 86 -36.45 -80.76 2.45
C VAL H 86 -37.47 -81.51 3.28
N HIS H 87 -36.98 -82.43 4.10
CA HIS H 87 -37.87 -83.15 5.01
C HIS H 87 -38.68 -82.17 5.83
N ALA H 88 -40.00 -82.24 5.70
CA ALA H 88 -40.86 -81.38 6.50
C ALA H 88 -40.94 -81.88 7.93
N GLY H 89 -41.25 -80.98 8.85
CA GLY H 89 -41.35 -81.35 10.23
C GLY H 89 -40.83 -80.28 11.19
N PRO H 90 -40.50 -80.70 12.42
CA PRO H 90 -40.24 -79.73 13.48
C PRO H 90 -39.01 -78.87 13.19
N ILE H 91 -38.86 -77.84 14.02
CA ILE H 91 -37.72 -76.94 13.98
C ILE H 91 -36.78 -77.34 15.11
N ALA H 92 -35.48 -77.37 14.82
CA ALA H 92 -34.48 -77.72 15.81
C ALA H 92 -33.89 -76.45 16.40
N PRO H 93 -34.01 -76.20 17.71
CA PRO H 93 -33.51 -74.93 18.26
C PRO H 93 -32.02 -74.76 18.02
N GLY H 94 -31.66 -73.56 17.53
CA GLY H 94 -30.28 -73.21 17.29
C GLY H 94 -29.63 -73.93 16.13
N GLN H 95 -30.39 -74.67 15.34
CA GLN H 95 -29.84 -75.53 14.30
C GLN H 95 -30.24 -75.04 12.92
N MET H 96 -29.31 -75.21 11.99
CA MET H 96 -29.48 -74.76 10.61
C MET H 96 -30.49 -75.64 9.88
N ARG H 97 -31.54 -75.02 9.33
CA ARG H 97 -32.47 -75.75 8.48
C ARG H 97 -31.95 -75.79 7.05
N GLU H 98 -32.54 -76.66 6.25
CA GLU H 98 -32.12 -76.81 4.87
C GLU H 98 -32.94 -75.91 3.95
N PRO H 99 -32.32 -75.30 2.95
CA PRO H 99 -33.06 -74.36 2.10
C PRO H 99 -33.88 -75.07 1.06
N ARG H 100 -35.07 -74.56 0.83
CA ARG H 100 -35.85 -74.96 -0.33
C ARG H 100 -35.64 -73.93 -1.44
N GLY H 101 -36.34 -74.13 -2.56
CA GLY H 101 -36.08 -73.30 -3.73
C GLY H 101 -36.30 -71.83 -3.46
N SER H 102 -37.40 -71.50 -2.76
CA SER H 102 -37.72 -70.12 -2.45
C SER H 102 -36.77 -69.54 -1.40
N ASP H 103 -36.07 -70.39 -0.63
CA ASP H 103 -35.03 -69.89 0.26
C ASP H 103 -33.80 -69.49 -0.54
N ILE H 104 -33.42 -70.31 -1.51
CA ILE H 104 -32.28 -70.00 -2.35
C ILE H 104 -32.54 -68.75 -3.17
N ALA H 105 -33.77 -68.55 -3.61
CA ALA H 105 -34.14 -67.36 -4.36
C ALA H 105 -34.37 -66.16 -3.44
N GLY H 106 -34.19 -66.32 -2.13
CA GLY H 106 -34.26 -65.19 -1.23
C GLY H 106 -35.65 -64.68 -0.95
N THR H 107 -36.68 -65.42 -1.32
CA THR H 107 -38.04 -64.96 -1.10
C THR H 107 -38.60 -65.37 0.25
N THR H 108 -38.22 -66.54 0.76
CA THR H 108 -38.72 -67.04 2.02
C THR H 108 -37.63 -67.22 3.07
N SER H 109 -36.43 -66.74 2.79
CA SER H 109 -35.30 -66.83 3.70
C SER H 109 -34.88 -65.45 4.16
N THR H 110 -34.34 -65.38 5.37
CA THR H 110 -33.83 -64.12 5.88
C THR H 110 -32.36 -63.95 5.50
N LEU H 111 -31.91 -62.70 5.53
CA LEU H 111 -30.49 -62.46 5.33
C LEU H 111 -29.68 -63.30 6.31
N GLN H 112 -30.12 -63.38 7.56
CA GLN H 112 -29.34 -64.12 8.54
C GLN H 112 -29.28 -65.61 8.19
N GLU H 113 -30.39 -66.16 7.67
CA GLU H 113 -30.36 -67.55 7.20
C GLU H 113 -29.39 -67.72 6.04
N GLN H 114 -29.40 -66.77 5.09
CA GLN H 114 -28.50 -66.86 3.95
C GLN H 114 -27.05 -66.81 4.40
N ILE H 115 -26.70 -65.89 5.29
CA ILE H 115 -25.35 -65.85 5.85
C ILE H 115 -25.02 -67.18 6.51
N GLY H 116 -25.93 -67.68 7.32
CA GLY H 116 -25.70 -68.96 7.99
C GLY H 116 -25.38 -70.07 7.02
N TRP H 117 -26.15 -70.18 5.93
CA TRP H 117 -25.89 -71.22 4.94
C TRP H 117 -24.55 -71.00 4.25
N MET H 118 -24.25 -69.75 3.86
CA MET H 118 -23.07 -69.51 3.03
C MET H 118 -21.77 -69.62 3.82
N THR H 119 -21.80 -69.39 5.14
CA THR H 119 -20.59 -69.45 5.95
C THR H 119 -20.48 -70.73 6.78
N HIS H 120 -21.41 -71.66 6.61
CA HIS H 120 -21.36 -72.93 7.31
C HIS H 120 -20.15 -73.74 6.84
N ASN H 121 -19.77 -74.73 7.65
CA ASN H 121 -18.71 -75.65 7.29
C ASN H 121 -19.24 -77.07 7.25
N PRO H 122 -19.45 -77.63 6.05
CA PRO H 122 -19.19 -77.05 4.73
C PRO H 122 -20.24 -76.02 4.33
N PRO H 123 -19.92 -75.13 3.40
CA PRO H 123 -20.90 -74.11 3.01
C PRO H 123 -22.02 -74.71 2.16
N ILE H 124 -23.23 -74.20 2.36
CA ILE H 124 -24.36 -74.47 1.50
C ILE H 124 -24.46 -73.24 0.60
N PRO H 125 -23.98 -73.31 -0.67
CA PRO H 125 -23.73 -72.07 -1.42
C PRO H 125 -24.97 -71.53 -2.12
N VAL H 126 -25.94 -71.06 -1.32
CA VAL H 126 -27.21 -70.61 -1.87
C VAL H 126 -27.02 -69.43 -2.83
N GLY H 127 -26.03 -68.58 -2.59
CA GLY H 127 -25.76 -67.50 -3.52
C GLY H 127 -25.33 -67.98 -4.89
N GLU H 128 -24.43 -68.97 -4.93
CA GLU H 128 -23.94 -69.48 -6.21
C GLU H 128 -25.02 -70.29 -6.93
N ILE H 129 -25.86 -71.02 -6.19
CA ILE H 129 -26.95 -71.76 -6.81
C ILE H 129 -27.93 -70.79 -7.46
N TYR H 130 -28.36 -69.78 -6.69
CA TYR H 130 -29.26 -68.78 -7.25
C TYR H 130 -28.62 -68.11 -8.46
N LYS H 131 -27.34 -67.79 -8.36
CA LYS H 131 -26.67 -67.13 -9.48
C LYS H 131 -26.66 -68.01 -10.71
N ARG H 132 -26.54 -69.33 -10.54
CA ARG H 132 -26.64 -70.21 -11.70
C ARG H 132 -28.02 -70.11 -12.35
N TRP H 133 -29.08 -70.09 -11.52
CA TRP H 133 -30.42 -69.93 -12.07
C TRP H 133 -30.56 -68.61 -12.84
N ILE H 134 -30.08 -67.52 -12.24
CA ILE H 134 -30.19 -66.21 -12.85
C ILE H 134 -29.45 -66.17 -14.17
N ILE H 135 -28.25 -66.76 -14.22
CA ILE H 135 -27.49 -66.73 -15.46
C ILE H 135 -28.16 -67.57 -16.52
N LEU H 136 -28.80 -68.68 -16.13
CA LEU H 136 -29.59 -69.45 -17.10
C LEU H 136 -30.64 -68.56 -17.75
N GLY H 137 -31.45 -67.88 -16.92
CA GLY H 137 -32.45 -66.97 -17.48
C GLY H 137 -31.86 -65.85 -18.33
N LEU H 138 -30.75 -65.26 -17.87
CA LEU H 138 -30.16 -64.17 -18.62
C LEU H 138 -29.66 -64.63 -19.99
N ASN H 139 -29.09 -65.84 -20.06
CA ASN H 139 -28.68 -66.36 -21.36
C ASN H 139 -29.88 -66.55 -22.28
N LYS H 140 -31.00 -67.00 -21.73
CA LYS H 140 -32.20 -67.05 -22.57
C LYS H 140 -32.56 -65.66 -23.10
N ILE H 141 -32.41 -64.63 -22.27
CA ILE H 141 -32.73 -63.28 -22.71
C ILE H 141 -31.77 -62.83 -23.80
N VAL H 142 -30.48 -63.10 -23.61
CA VAL H 142 -29.48 -62.73 -24.61
C VAL H 142 -29.82 -63.36 -25.94
N ARG H 143 -30.10 -64.66 -25.94
CA ARG H 143 -30.46 -65.33 -27.18
C ARG H 143 -31.67 -64.68 -27.83
N MET H 144 -32.71 -64.38 -27.04
CA MET H 144 -33.89 -63.78 -27.64
C MET H 144 -33.60 -62.39 -28.20
N TYR H 145 -32.73 -61.60 -27.57
CA TYR H 145 -32.47 -60.26 -28.06
C TYR H 145 -31.43 -60.22 -29.18
N SER H 146 -30.84 -61.34 -29.53
CA SER H 146 -29.95 -61.39 -30.67
C SER H 146 -30.71 -60.90 -31.90
N PRO H 147 -30.24 -59.85 -32.60
CA PRO H 147 -31.02 -59.32 -33.72
C PRO H 147 -30.93 -60.10 -35.02
N THR H 148 -29.87 -60.87 -35.23
CA THR H 148 -29.58 -61.41 -36.56
C THR H 148 -29.18 -62.87 -36.47
N SER H 149 -29.55 -63.62 -37.52
CA SER H 149 -29.15 -65.01 -37.67
C SER H 149 -27.77 -65.10 -38.31
N ILE H 150 -27.00 -66.11 -37.91
CA ILE H 150 -25.66 -66.26 -38.46
C ILE H 150 -25.73 -66.46 -39.97
N LEU H 151 -26.82 -67.04 -40.47
CA LEU H 151 -26.96 -67.27 -41.91
C LEU H 151 -27.02 -65.97 -42.69
N ASP H 152 -27.33 -64.86 -42.03
CA ASP H 152 -27.44 -63.58 -42.70
C ASP H 152 -26.14 -62.76 -42.65
N ILE H 153 -25.05 -63.34 -42.16
CA ILE H 153 -23.77 -62.64 -42.09
C ILE H 153 -22.94 -63.06 -43.30
N ARG H 154 -22.89 -62.23 -44.32
CA ARG H 154 -22.15 -62.51 -45.53
C ARG H 154 -21.23 -61.35 -45.86
N GLN H 155 -19.98 -61.65 -46.26
CA GLN H 155 -19.02 -60.59 -46.48
C GLN H 155 -19.48 -59.69 -47.62
N GLY H 156 -19.43 -58.39 -47.39
CA GLY H 156 -19.79 -57.40 -48.38
C GLY H 156 -18.81 -57.39 -49.53
N PRO H 157 -19.25 -56.87 -50.69
CA PRO H 157 -18.38 -56.86 -51.87
C PRO H 157 -17.01 -56.23 -51.61
N LYS H 158 -16.97 -55.13 -50.87
CA LYS H 158 -15.73 -54.44 -50.56
C LYS H 158 -15.36 -54.55 -49.09
N GLU H 159 -16.15 -55.25 -48.28
CA GLU H 159 -15.94 -55.26 -46.85
C GLU H 159 -14.60 -55.92 -46.50
N PRO H 160 -13.74 -55.27 -45.70
CA PRO H 160 -12.53 -55.97 -45.25
C PRO H 160 -12.91 -57.24 -44.51
N PHE H 161 -12.10 -58.28 -44.72
CA PHE H 161 -12.36 -59.57 -44.10
C PHE H 161 -12.42 -59.46 -42.58
N ARG H 162 -11.54 -58.66 -41.98
CA ARG H 162 -11.57 -58.49 -40.53
C ARG H 162 -12.94 -58.03 -40.04
N ASP H 163 -13.54 -57.05 -40.74
CA ASP H 163 -14.85 -56.56 -40.29
C ASP H 163 -15.92 -57.63 -40.41
N TYR H 164 -15.85 -58.43 -41.49
CA TYR H 164 -16.79 -59.53 -41.67
C TYR H 164 -16.67 -60.55 -40.56
N VAL H 165 -15.45 -60.94 -40.22
CA VAL H 165 -15.26 -61.90 -39.12
C VAL H 165 -15.77 -61.32 -37.81
N ASP H 166 -15.50 -60.03 -37.54
CA ASP H 166 -16.07 -59.40 -36.34
C ASP H 166 -17.59 -59.57 -36.29
N ARG H 167 -18.29 -59.23 -37.38
CA ARG H 167 -19.74 -59.40 -37.40
C ARG H 167 -20.13 -60.86 -37.24
N PHE H 168 -19.36 -61.75 -37.86
CA PHE H 168 -19.67 -63.18 -37.80
C PHE H 168 -19.65 -63.67 -36.36
N TYR H 169 -18.55 -63.45 -35.65
CA TYR H 169 -18.47 -64.00 -34.31
C TYR H 169 -19.25 -63.18 -33.28
N LYS H 170 -19.45 -61.88 -33.50
CA LYS H 170 -20.42 -61.14 -32.69
C LYS H 170 -21.80 -61.79 -32.78
N THR H 171 -22.23 -62.11 -33.99
CA THR H 171 -23.54 -62.72 -34.17
C THR H 171 -23.61 -64.10 -33.54
N LEU H 172 -22.60 -64.94 -33.80
CA LEU H 172 -22.60 -66.28 -33.23
C LEU H 172 -22.66 -66.24 -31.71
N ARG H 173 -21.90 -65.34 -31.10
CA ARG H 173 -21.93 -65.23 -29.65
C ARG H 173 -23.32 -64.87 -29.16
N ALA H 174 -23.97 -63.89 -29.80
CA ALA H 174 -25.29 -63.51 -29.33
C ALA H 174 -26.29 -64.65 -29.53
N GLU H 175 -26.19 -65.35 -30.65
CA GLU H 175 -27.17 -66.39 -30.95
C GLU H 175 -27.00 -67.60 -30.06
N GLN H 176 -25.78 -67.89 -29.60
CA GLN H 176 -25.60 -69.01 -28.68
C GLN H 176 -25.54 -68.57 -27.22
N ALA H 177 -25.47 -67.27 -26.95
CA ALA H 177 -25.20 -66.78 -25.59
C ALA H 177 -23.93 -67.43 -25.03
N SER H 178 -22.93 -67.61 -25.89
CA SER H 178 -21.62 -68.13 -25.49
C SER H 178 -20.64 -67.92 -26.64
N GLN H 179 -19.35 -67.80 -26.29
CA GLN H 179 -18.28 -67.62 -27.27
C GLN H 179 -17.73 -68.93 -27.82
N GLU H 180 -18.13 -70.07 -27.28
CA GLU H 180 -17.59 -71.35 -27.73
C GLU H 180 -18.41 -71.89 -28.90
N ALA H 184 -17.58 -77.25 -36.65
CA ALA H 184 -17.20 -77.52 -38.03
C ALA H 184 -18.15 -76.82 -39.00
N ALA H 185 -19.45 -76.89 -38.69
CA ALA H 185 -20.44 -76.17 -39.49
C ALA H 185 -20.14 -74.68 -39.50
N THR H 186 -19.61 -74.15 -38.39
CA THR H 186 -19.38 -72.72 -38.26
C THR H 186 -18.22 -72.24 -39.16
N GLU H 187 -17.12 -72.99 -39.19
CA GLU H 187 -16.00 -72.60 -40.07
C GLU H 187 -16.38 -72.80 -41.54
N THR H 188 -16.99 -73.94 -41.86
CA THR H 188 -17.62 -74.14 -43.16
C THR H 188 -18.41 -72.90 -43.55
N LEU H 189 -19.20 -72.37 -42.61
CA LEU H 189 -20.07 -71.25 -42.93
C LEU H 189 -19.25 -69.97 -43.11
N LEU H 190 -18.22 -69.79 -42.30
CA LEU H 190 -17.37 -68.61 -42.42
C LEU H 190 -16.78 -68.51 -43.81
N VAL H 191 -16.18 -69.60 -44.29
CA VAL H 191 -15.61 -69.59 -45.64
C VAL H 191 -16.71 -69.50 -46.69
N GLN H 192 -17.80 -70.23 -46.48
CA GLN H 192 -18.87 -70.28 -47.47
C GLN H 192 -19.44 -68.91 -47.75
N ASN H 193 -19.50 -68.04 -46.75
CA ASN H 193 -20.14 -66.74 -46.91
C ASN H 193 -19.13 -65.60 -47.06
N ALA H 194 -17.85 -65.91 -47.20
CA ALA H 194 -16.88 -64.91 -47.59
C ALA H 194 -17.10 -64.51 -49.05
N ASN H 195 -16.62 -63.34 -49.42
CA ASN H 195 -16.84 -62.86 -50.78
C ASN H 195 -15.94 -63.63 -51.76
N PRO H 196 -16.26 -63.58 -53.06
CA PRO H 196 -15.60 -64.50 -54.01
C PRO H 196 -14.09 -64.55 -53.93
N ASP H 197 -13.40 -63.41 -53.95
CA ASP H 197 -11.94 -63.43 -53.91
C ASP H 197 -11.44 -64.08 -52.63
N CYS H 198 -11.89 -63.57 -51.48
CA CYS H 198 -11.51 -64.15 -50.20
C CYS H 198 -11.86 -65.64 -50.15
N LYS H 199 -13.05 -66.01 -50.61
CA LYS H 199 -13.43 -67.42 -50.56
C LYS H 199 -12.43 -68.28 -51.34
N THR H 200 -12.00 -67.80 -52.51
CA THR H 200 -11.01 -68.54 -53.29
C THR H 200 -9.73 -68.73 -52.49
N ILE H 201 -9.20 -67.64 -51.90
CA ILE H 201 -7.98 -67.74 -51.10
C ILE H 201 -8.16 -68.74 -49.95
N LEU H 202 -9.26 -68.61 -49.22
CA LEU H 202 -9.47 -69.44 -48.03
C LEU H 202 -9.57 -70.90 -48.40
N LYS H 203 -10.34 -71.22 -49.45
CA LYS H 203 -10.44 -72.61 -49.88
C LYS H 203 -9.07 -73.13 -50.31
N ALA H 204 -8.23 -72.28 -50.90
CA ALA H 204 -6.88 -72.70 -51.22
C ALA H 204 -6.09 -73.08 -49.96
N LEU H 205 -6.34 -72.39 -48.85
CA LEU H 205 -5.61 -72.75 -47.62
C LEU H 205 -5.91 -74.17 -47.18
N GLY H 206 -7.13 -74.65 -47.42
CA GLY H 206 -7.48 -76.00 -47.06
C GLY H 206 -8.02 -76.12 -45.65
N PRO H 207 -8.22 -77.35 -45.20
CA PRO H 207 -8.80 -77.56 -43.86
C PRO H 207 -7.76 -77.36 -42.76
N GLY H 208 -8.28 -77.08 -41.57
CA GLY H 208 -7.45 -76.95 -40.40
C GLY H 208 -6.65 -75.67 -40.30
N ALA H 209 -6.85 -74.73 -41.23
CA ALA H 209 -6.19 -73.44 -41.14
C ALA H 209 -6.79 -72.66 -39.98
N THR H 210 -5.93 -71.94 -39.24
CA THR H 210 -6.40 -71.15 -38.11
C THR H 210 -7.02 -69.85 -38.59
N LEU H 211 -7.83 -69.25 -37.69
CA LEU H 211 -8.39 -67.95 -38.00
C LEU H 211 -7.28 -66.95 -38.28
N GLU H 212 -6.19 -67.01 -37.53
CA GLU H 212 -5.08 -66.10 -37.78
C GLU H 212 -4.54 -66.26 -39.20
N GLU H 213 -4.36 -67.51 -39.64
CA GLU H 213 -3.88 -67.74 -41.00
C GLU H 213 -4.90 -67.27 -42.04
N MET H 214 -6.19 -67.52 -41.80
CA MET H 214 -7.22 -67.01 -42.72
C MET H 214 -7.21 -65.49 -42.81
N MET H 215 -7.07 -64.80 -41.67
CA MET H 215 -7.12 -63.35 -41.70
C MET H 215 -5.86 -62.78 -42.33
N THR H 216 -4.72 -63.41 -42.10
CA THR H 216 -3.51 -62.99 -42.80
C THR H 216 -3.68 -63.19 -44.30
N ALA H 217 -4.29 -64.30 -44.70
CA ALA H 217 -4.41 -64.63 -46.13
C ALA H 217 -5.34 -63.68 -46.88
N CYS H 218 -6.38 -63.17 -46.22
CA CYS H 218 -7.32 -62.27 -46.89
C CYS H 218 -7.09 -60.80 -46.57
N GLN H 219 -5.96 -60.44 -45.96
CA GLN H 219 -5.71 -59.03 -45.63
C GLN H 219 -5.27 -58.28 -46.88
N PRO I 1 3.29 -51.12 -5.55
CA PRO I 1 4.28 -50.54 -4.63
C PRO I 1 4.50 -51.34 -3.36
N ILE I 2 5.48 -50.91 -2.57
CA ILE I 2 5.75 -51.50 -1.26
C ILE I 2 5.21 -50.50 -0.23
N VAL I 3 4.26 -50.94 0.58
CA VAL I 3 3.60 -50.07 1.54
C VAL I 3 3.57 -50.76 2.89
N GLN I 4 3.40 -49.97 3.92
CA GLN I 4 3.22 -50.52 5.25
C GLN I 4 1.73 -50.77 5.43
N ASN I 5 1.38 -51.97 5.90
CA ASN I 5 -0.03 -52.26 6.13
C ASN I 5 -0.44 -51.68 7.48
N LEU I 6 -1.68 -51.95 7.88
CA LEU I 6 -2.20 -51.38 9.12
C LEU I 6 -1.50 -51.90 10.37
N GLN I 7 -0.70 -52.97 10.25
CA GLN I 7 0.00 -53.55 11.39
C GLN I 7 1.51 -53.33 11.34
N GLY I 8 2.00 -52.47 10.45
CA GLY I 8 3.38 -52.03 10.49
C GLY I 8 4.38 -52.86 9.69
N GLN I 9 3.94 -53.76 8.82
CA GLN I 9 4.84 -54.58 8.04
C GLN I 9 4.87 -54.11 6.58
N MET I 10 6.05 -54.17 5.96
CA MET I 10 6.26 -53.73 4.59
C MET I 10 5.87 -54.84 3.62
N VAL I 11 4.85 -54.58 2.79
CA VAL I 11 4.28 -55.60 1.91
C VAL I 11 4.05 -55.03 0.51
N HIS I 12 4.10 -55.92 -0.48
CA HIS I 12 3.80 -55.52 -1.84
C HIS I 12 2.30 -55.39 -2.04
N GLN I 13 1.92 -54.38 -2.80
CA GLN I 13 0.53 -54.15 -3.18
C GLN I 13 0.47 -53.80 -4.66
N CYS I 14 -0.52 -54.36 -5.36
CA CYS I 14 -0.67 -54.07 -6.79
C CYS I 14 -0.85 -52.57 -7.00
N ILE I 15 -0.30 -52.07 -8.10
CA ILE I 15 -0.59 -50.70 -8.53
C ILE I 15 -2.09 -50.58 -8.75
N SER I 16 -2.68 -49.38 -8.36
CA SER I 16 -4.15 -49.36 -8.39
C SER I 16 -4.68 -48.85 -9.72
N PRO I 17 -5.89 -49.24 -10.10
CA PRO I 17 -6.50 -48.64 -11.31
C PRO I 17 -6.53 -47.13 -11.28
N ARG I 18 -6.76 -46.54 -10.10
CA ARG I 18 -6.78 -45.07 -10.00
C ARG I 18 -5.42 -44.49 -10.35
N THR I 19 -4.35 -45.06 -9.82
CA THR I 19 -3.00 -44.58 -10.13
C THR I 19 -2.69 -44.72 -11.61
N LEU I 20 -2.96 -45.91 -12.16
CA LEU I 20 -2.72 -46.18 -13.57
C LEU I 20 -3.40 -45.12 -14.43
N ASN I 21 -4.68 -44.90 -14.17
CA ASN I 21 -5.45 -43.96 -14.97
C ASN I 21 -4.95 -42.54 -14.79
N ALA I 22 -4.62 -42.16 -13.55
CA ALA I 22 -4.14 -40.81 -13.30
C ALA I 22 -2.88 -40.50 -14.11
N TRP I 23 -1.95 -41.46 -14.18
CA TRP I 23 -0.72 -41.23 -14.94
C TRP I 23 -1.00 -41.14 -16.43
N VAL I 24 -1.76 -42.09 -16.97
CA VAL I 24 -2.11 -42.04 -18.39
C VAL I 24 -2.75 -40.71 -18.74
N LYS I 25 -3.68 -40.25 -17.91
CA LYS I 25 -4.42 -39.05 -18.23
C LYS I 25 -3.54 -37.82 -18.13
N VAL I 26 -2.64 -37.74 -17.14
CA VAL I 26 -1.81 -36.55 -17.04
C VAL I 26 -0.89 -36.47 -18.25
N VAL I 27 -0.37 -37.60 -18.74
CA VAL I 27 0.45 -37.53 -19.94
C VAL I 27 -0.40 -37.09 -21.14
N GLU I 28 -1.61 -37.63 -21.27
CA GLU I 28 -2.48 -37.25 -22.38
C GLU I 28 -2.83 -35.76 -22.35
N GLU I 29 -3.08 -35.20 -21.17
CA GLU I 29 -3.58 -33.83 -21.09
C GLU I 29 -2.45 -32.80 -21.08
N LYS I 30 -1.32 -33.10 -20.43
CA LYS I 30 -0.26 -32.12 -20.21
C LYS I 30 1.02 -32.41 -20.98
N ALA I 31 1.12 -33.57 -21.64
CA ALA I 31 2.33 -33.96 -22.35
C ALA I 31 3.54 -33.88 -21.40
N PHE I 32 4.53 -33.08 -21.75
CA PHE I 32 5.75 -32.98 -20.94
C PHE I 32 5.98 -31.56 -20.47
N SER I 33 4.88 -30.87 -20.12
CA SER I 33 4.98 -29.69 -19.32
C SER I 33 5.68 -30.04 -18.00
N PRO I 34 6.45 -29.12 -17.42
CA PRO I 34 7.28 -29.49 -16.27
C PRO I 34 6.50 -30.10 -15.11
N GLU I 35 5.28 -29.63 -14.84
CA GLU I 35 4.53 -30.11 -13.68
C GLU I 35 4.14 -31.57 -13.84
N VAL I 36 4.36 -32.18 -15.00
CA VAL I 36 4.11 -33.60 -15.15
C VAL I 36 5.11 -34.42 -14.37
N ILE I 37 6.29 -33.90 -14.07
CA ILE I 37 7.32 -34.73 -13.43
C ILE I 37 7.02 -34.87 -11.95
N PRO I 38 6.73 -33.80 -11.20
CA PRO I 38 6.32 -33.99 -9.80
C PRO I 38 5.11 -34.91 -9.67
N MET I 39 4.16 -34.82 -10.60
CA MET I 39 3.02 -35.74 -10.57
C MET I 39 3.48 -37.19 -10.71
N PHE I 40 4.31 -37.48 -11.73
CA PHE I 40 4.89 -38.80 -11.87
C PHE I 40 5.51 -39.25 -10.56
N SER I 41 6.28 -38.36 -9.92
CA SER I 41 7.03 -38.78 -8.75
C SER I 41 6.07 -39.16 -7.63
N ALA I 42 4.98 -38.40 -7.49
CA ALA I 42 4.02 -38.67 -6.44
C ALA I 42 3.20 -39.91 -6.76
N LEU I 43 2.89 -40.13 -8.04
CA LEU I 43 2.06 -41.28 -8.36
C LEU I 43 2.82 -42.57 -8.22
N SER I 44 4.15 -42.52 -8.20
CA SER I 44 4.98 -43.70 -8.06
C SER I 44 5.57 -43.84 -6.66
N CYS I 45 4.97 -43.21 -5.65
CA CYS I 45 5.41 -43.36 -4.28
C CYS I 45 5.43 -44.84 -3.88
N GLY I 46 6.57 -45.30 -3.39
CA GLY I 46 6.74 -46.70 -3.04
C GLY I 46 6.89 -47.66 -4.19
N ALA I 47 7.05 -47.17 -5.42
CA ALA I 47 7.04 -48.05 -6.57
C ALA I 47 8.24 -48.99 -6.55
N THR I 48 8.02 -50.22 -6.97
CA THR I 48 9.09 -51.10 -7.38
C THR I 48 9.53 -50.71 -8.79
N PRO I 49 10.67 -51.18 -9.24
CA PRO I 49 11.01 -50.99 -10.67
C PRO I 49 9.93 -51.52 -11.62
N GLN I 50 9.33 -52.66 -11.29
CA GLN I 50 8.24 -53.17 -12.11
C GLN I 50 7.10 -52.16 -12.25
N ASP I 51 6.70 -51.53 -11.13
CA ASP I 51 5.63 -50.53 -11.17
C ASP I 51 6.03 -49.35 -12.04
N LEU I 52 7.27 -48.88 -11.89
CA LEU I 52 7.74 -47.77 -12.72
C LEU I 52 7.68 -48.12 -14.20
N ASN I 53 8.08 -49.35 -14.54
CA ASN I 53 8.03 -49.78 -15.92
C ASN I 53 6.59 -49.89 -16.40
N THR I 54 5.68 -50.36 -15.55
CA THR I 54 4.26 -50.34 -15.91
C THR I 54 3.80 -48.94 -16.25
N MET I 55 4.14 -47.97 -15.41
CA MET I 55 3.70 -46.60 -15.68
C MET I 55 4.27 -46.10 -17.01
N LEU I 56 5.56 -46.37 -17.28
CA LEU I 56 6.16 -45.90 -18.52
C LEU I 56 5.58 -46.63 -19.74
N ASN I 57 5.34 -47.92 -19.65
CA ASN I 57 4.83 -48.73 -20.77
C ASN I 57 3.37 -48.47 -21.08
N THR I 58 2.58 -47.95 -20.15
CA THR I 58 1.18 -47.66 -20.47
C THR I 58 1.01 -46.39 -21.28
N VAL I 59 2.08 -45.60 -21.44
CA VAL I 59 2.01 -44.41 -22.28
C VAL I 59 1.92 -44.85 -23.74
N GLY I 60 0.89 -44.37 -24.43
CA GLY I 60 0.62 -44.76 -25.80
C GLY I 60 1.32 -43.88 -26.82
N GLY I 61 1.32 -42.57 -26.61
CA GLY I 61 1.97 -41.65 -27.53
C GLY I 61 3.41 -41.39 -27.17
N HIS I 62 3.94 -40.29 -27.70
CA HIS I 62 5.25 -39.77 -27.31
C HIS I 62 6.33 -40.84 -27.37
N GLN I 63 6.29 -41.69 -28.42
CA GLN I 63 7.26 -42.78 -28.48
C GLN I 63 8.67 -42.32 -28.80
N ALA I 64 8.83 -41.14 -29.41
CA ALA I 64 10.16 -40.55 -29.56
C ALA I 64 10.76 -40.22 -28.19
N ALA I 65 9.97 -39.53 -27.36
CA ALA I 65 10.37 -39.26 -25.98
C ALA I 65 10.63 -40.56 -25.23
N MET I 66 9.81 -41.58 -25.42
CA MET I 66 10.05 -42.82 -24.70
C MET I 66 11.39 -43.44 -25.12
N GLN I 67 11.77 -43.32 -26.40
CA GLN I 67 13.08 -43.82 -26.82
C GLN I 67 14.20 -42.98 -26.20
N MET I 68 14.03 -41.66 -26.12
CA MET I 68 15.04 -40.86 -25.43
C MET I 68 15.19 -41.28 -23.97
N LEU I 69 14.07 -41.50 -23.29
CA LEU I 69 14.10 -41.93 -21.90
C LEU I 69 14.82 -43.25 -21.76
N LYS I 70 14.54 -44.20 -22.64
CA LYS I 70 15.22 -45.50 -22.59
C LYS I 70 16.74 -45.33 -22.73
N GLU I 71 17.17 -44.44 -23.63
CA GLU I 71 18.60 -44.18 -23.76
C GLU I 71 19.18 -43.60 -22.48
N THR I 72 18.50 -42.61 -21.88
CA THR I 72 18.95 -42.08 -20.60
C THR I 72 19.05 -43.19 -19.54
N ILE I 73 18.06 -44.06 -19.48
CA ILE I 73 18.07 -45.13 -18.49
C ILE I 73 19.30 -46.02 -18.68
N ASN I 74 19.57 -46.40 -19.93
CA ASN I 74 20.72 -47.27 -20.19
C ASN I 74 22.04 -46.57 -19.86
N GLU I 75 22.15 -45.27 -20.14
CA GLU I 75 23.37 -44.55 -19.75
C GLU I 75 23.54 -44.59 -18.23
N GLU I 76 22.47 -44.33 -17.49
CA GLU I 76 22.57 -44.32 -16.04
C GLU I 76 22.91 -45.71 -15.50
N ALA I 77 22.36 -46.75 -16.12
CA ALA I 77 22.67 -48.12 -15.70
C ALA I 77 24.14 -48.44 -15.93
N ALA I 78 24.68 -47.98 -17.07
CA ALA I 78 26.09 -48.19 -17.33
C ALA I 78 26.96 -47.49 -16.29
N GLU I 79 26.63 -46.24 -15.95
CA GLU I 79 27.39 -45.56 -14.91
C GLU I 79 27.28 -46.29 -13.57
N TRP I 80 26.09 -46.82 -13.26
CA TRP I 80 25.93 -47.59 -12.04
C TRP I 80 26.89 -48.78 -12.02
N ASP I 81 26.93 -49.55 -13.11
CA ASP I 81 27.81 -50.72 -13.13
C ASP I 81 29.27 -50.33 -13.08
N ARG I 82 29.61 -49.17 -13.63
CA ARG I 82 31.00 -48.73 -13.54
C ARG I 82 31.35 -48.42 -12.09
N LEU I 83 30.44 -47.79 -11.35
CA LEU I 83 30.73 -47.40 -9.98
C LEU I 83 30.42 -48.47 -8.94
N HIS I 84 29.58 -49.46 -9.25
CA HIS I 84 29.16 -50.50 -8.31
C HIS I 84 29.24 -51.85 -8.99
N PRO I 85 30.42 -52.31 -9.37
CA PRO I 85 30.51 -53.60 -10.06
C PRO I 85 30.08 -54.74 -9.13
N VAL I 86 29.44 -55.75 -9.72
CA VAL I 86 28.95 -56.89 -8.96
C VAL I 86 29.74 -58.13 -9.37
N PRO I 90 26.76 -67.78 -10.89
CA PRO I 90 26.13 -68.58 -9.83
C PRO I 90 25.87 -67.76 -8.57
N ILE I 91 24.97 -68.25 -7.71
CA ILE I 91 24.61 -67.57 -6.48
C ILE I 91 24.55 -68.61 -5.36
N ALA I 92 24.81 -68.15 -4.15
CA ALA I 92 24.64 -69.01 -2.99
C ALA I 92 23.18 -69.47 -2.90
N PRO I 93 22.91 -70.72 -2.55
CA PRO I 93 21.51 -71.19 -2.54
C PRO I 93 20.70 -70.49 -1.48
N GLY I 94 19.54 -69.97 -1.88
CA GLY I 94 18.65 -69.30 -0.95
C GLY I 94 19.14 -67.98 -0.43
N GLN I 95 20.05 -67.32 -1.16
CA GLN I 95 20.67 -66.09 -0.70
C GLN I 95 20.37 -64.95 -1.69
N MET I 96 20.44 -63.74 -1.17
CA MET I 96 20.15 -62.53 -1.94
C MET I 96 21.37 -62.12 -2.74
N ARG I 97 21.18 -61.90 -4.04
CA ARG I 97 22.27 -61.40 -4.87
C ARG I 97 22.25 -59.88 -4.91
N GLU I 98 23.34 -59.31 -5.41
CA GLU I 98 23.43 -57.85 -5.49
C GLU I 98 22.87 -57.36 -6.82
N PRO I 99 22.15 -56.24 -6.85
CA PRO I 99 21.55 -55.78 -8.11
C PRO I 99 22.56 -55.10 -9.03
N ARG I 100 22.56 -55.51 -10.30
CA ARG I 100 23.25 -54.78 -11.35
C ARG I 100 22.37 -53.63 -11.86
N GLY I 101 22.96 -52.78 -12.72
CA GLY I 101 22.20 -51.67 -13.27
C GLY I 101 20.90 -52.14 -13.92
N SER I 102 20.97 -53.25 -14.66
CA SER I 102 19.80 -53.80 -15.31
C SER I 102 18.84 -54.46 -14.33
N ASP I 103 19.30 -54.79 -13.12
CA ASP I 103 18.38 -55.26 -12.08
C ASP I 103 17.57 -54.10 -11.54
N ILE I 104 18.22 -52.96 -11.33
CA ILE I 104 17.56 -51.77 -10.80
C ILE I 104 16.52 -51.27 -11.77
N ALA I 105 16.79 -51.36 -13.08
CA ALA I 105 15.82 -50.95 -14.09
C ALA I 105 14.74 -51.98 -14.34
N GLY I 106 14.81 -53.12 -13.64
CA GLY I 106 13.76 -54.10 -13.74
C GLY I 106 13.78 -54.96 -14.97
N THR I 107 14.86 -54.95 -15.74
CA THR I 107 14.92 -55.76 -16.96
C THR I 107 15.46 -57.16 -16.70
N THR I 108 16.38 -57.33 -15.75
CA THR I 108 16.93 -58.64 -15.45
C THR I 108 16.56 -59.13 -14.05
N SER I 109 15.65 -58.44 -13.36
CA SER I 109 15.23 -58.82 -12.01
C SER I 109 13.75 -59.16 -12.02
N THR I 110 13.37 -60.07 -11.12
CA THR I 110 11.99 -60.44 -10.91
C THR I 110 11.33 -59.55 -9.87
N LEU I 111 10.00 -59.54 -9.86
CA LEU I 111 9.30 -58.79 -8.82
C LEU I 111 9.75 -59.24 -7.42
N GLN I 112 9.89 -60.56 -7.22
CA GLN I 112 10.21 -61.05 -5.89
C GLN I 112 11.61 -60.60 -5.44
N GLU I 113 12.56 -60.55 -6.37
CA GLU I 113 13.88 -60.04 -6.04
C GLU I 113 13.81 -58.57 -5.69
N GLN I 114 13.01 -57.79 -6.43
CA GLN I 114 12.86 -56.37 -6.13
C GLN I 114 12.30 -56.18 -4.74
N ILE I 115 11.26 -56.94 -4.39
CA ILE I 115 10.70 -56.89 -3.05
C ILE I 115 11.78 -57.24 -2.02
N GLY I 116 12.54 -58.31 -2.29
CA GLY I 116 13.58 -58.69 -1.35
C GLY I 116 14.56 -57.57 -1.10
N TRP I 117 15.03 -56.90 -2.17
CA TRP I 117 15.98 -55.80 -1.99
C TRP I 117 15.34 -54.65 -1.24
N MET I 118 14.11 -54.30 -1.60
CA MET I 118 13.50 -53.10 -1.02
C MET I 118 13.08 -53.32 0.44
N THR I 119 12.82 -54.56 0.84
CA THR I 119 12.44 -54.87 2.23
C THR I 119 13.59 -55.46 3.03
N HIS I 120 14.78 -55.54 2.46
CA HIS I 120 15.91 -56.06 3.20
C HIS I 120 16.26 -55.09 4.33
N ASN I 121 17.02 -55.58 5.31
CA ASN I 121 17.47 -54.73 6.41
C ASN I 121 18.99 -54.69 6.47
N PRO I 122 19.61 -53.57 6.05
CA PRO I 122 18.99 -52.33 5.55
C PRO I 122 18.46 -52.50 4.13
N PRO I 123 17.53 -51.65 3.73
CA PRO I 123 16.93 -51.79 2.40
C PRO I 123 17.90 -51.38 1.29
N ILE I 124 17.80 -52.09 0.18
CA ILE I 124 18.48 -51.71 -1.06
C ILE I 124 17.42 -51.05 -1.95
N PRO I 125 17.38 -49.66 -2.02
CA PRO I 125 16.20 -48.96 -2.56
C PRO I 125 16.20 -48.86 -4.08
N VAL I 126 16.06 -50.01 -4.74
CA VAL I 126 16.18 -50.07 -6.20
C VAL I 126 15.10 -49.26 -6.89
N GLY I 127 13.91 -49.20 -6.29
CA GLY I 127 12.86 -48.34 -6.84
C GLY I 127 13.21 -46.88 -6.83
N GLU I 128 13.79 -46.39 -5.72
CA GLU I 128 14.14 -44.99 -5.66
C GLU I 128 15.31 -44.66 -6.59
N ILE I 129 16.28 -45.58 -6.74
CA ILE I 129 17.39 -45.37 -7.66
C ILE I 129 16.89 -45.30 -9.09
N TYR I 130 16.09 -46.29 -9.48
CA TYR I 130 15.51 -46.28 -10.82
C TYR I 130 14.68 -45.03 -11.06
N LYS I 131 13.87 -44.65 -10.07
CA LYS I 131 13.06 -43.45 -10.23
C LYS I 131 13.95 -42.23 -10.47
N ARG I 132 15.11 -42.18 -9.79
CA ARG I 132 16.01 -41.06 -10.02
C ARG I 132 16.48 -41.03 -11.48
N TRP I 133 16.79 -42.21 -12.05
CA TRP I 133 17.19 -42.26 -13.45
C TRP I 133 16.07 -41.79 -14.37
N ILE I 134 14.85 -42.27 -14.10
CA ILE I 134 13.70 -41.92 -14.92
C ILE I 134 13.47 -40.42 -14.90
N ILE I 135 13.55 -39.82 -13.71
CA ILE I 135 13.28 -38.40 -13.60
C ILE I 135 14.36 -37.59 -14.33
N LEU I 136 15.60 -38.06 -14.31
CA LEU I 136 16.63 -37.37 -15.10
C LEU I 136 16.27 -37.37 -16.59
N GLY I 137 15.85 -38.53 -17.10
CA GLY I 137 15.43 -38.58 -18.50
C GLY I 137 14.23 -37.69 -18.78
N LEU I 138 13.26 -37.69 -17.86
CA LEU I 138 12.05 -36.91 -18.04
C LEU I 138 12.36 -35.42 -18.05
N ASN I 139 13.31 -34.98 -17.21
CA ASN I 139 13.73 -33.58 -17.23
C ASN I 139 14.32 -33.21 -18.58
N LYS I 140 15.13 -34.11 -19.16
CA LYS I 140 15.69 -33.82 -20.48
C LYS I 140 14.58 -33.69 -21.53
N ILE I 141 13.54 -34.52 -21.41
CA ILE I 141 12.44 -34.44 -22.36
C ILE I 141 11.67 -33.14 -22.18
N VAL I 142 11.42 -32.73 -20.93
CA VAL I 142 10.71 -31.48 -20.66
C VAL I 142 11.46 -30.31 -21.29
N ARG I 143 12.78 -30.26 -21.06
CA ARG I 143 13.57 -29.20 -21.67
C ARG I 143 13.45 -29.24 -23.18
N MET I 144 13.38 -30.43 -23.77
CA MET I 144 13.27 -30.50 -25.22
C MET I 144 11.92 -30.02 -25.70
N TYR I 145 10.84 -30.30 -24.98
CA TYR I 145 9.53 -29.91 -25.48
C TYR I 145 9.18 -28.47 -25.14
N SER I 146 10.04 -27.74 -24.45
CA SER I 146 9.80 -26.33 -24.19
C SER I 146 9.66 -25.60 -25.54
N PRO I 147 8.53 -24.92 -25.80
CA PRO I 147 8.36 -24.31 -27.14
C PRO I 147 9.12 -23.02 -27.35
N THR I 148 9.48 -22.30 -26.29
CA THR I 148 10.02 -20.95 -26.41
C THR I 148 11.23 -20.77 -25.52
N SER I 149 12.17 -19.96 -25.98
CA SER I 149 13.34 -19.56 -25.22
C SER I 149 13.02 -18.36 -24.33
N ILE I 150 13.70 -18.29 -23.20
CA ILE I 150 13.49 -17.18 -22.29
C ILE I 150 13.77 -15.86 -23.00
N LEU I 151 14.65 -15.88 -24.01
CA LEU I 151 14.96 -14.67 -24.77
C LEU I 151 13.76 -14.17 -25.56
N ASP I 152 12.79 -15.03 -25.84
CA ASP I 152 11.62 -14.64 -26.62
C ASP I 152 10.46 -14.17 -25.76
N ILE I 153 10.66 -14.07 -24.45
CA ILE I 153 9.63 -13.62 -23.52
C ILE I 153 9.89 -12.14 -23.23
N ARG I 154 9.18 -11.28 -23.94
CA ARG I 154 9.26 -9.84 -23.75
C ARG I 154 7.89 -9.32 -23.37
N GLN I 155 7.84 -8.34 -22.46
CA GLN I 155 6.57 -7.78 -22.04
C GLN I 155 5.93 -7.01 -23.19
N GLY I 156 4.66 -7.30 -23.47
CA GLY I 156 3.92 -6.63 -24.52
C GLY I 156 3.71 -5.17 -24.18
N PRO I 157 3.47 -4.34 -25.20
CA PRO I 157 3.29 -2.90 -24.92
C PRO I 157 2.22 -2.64 -23.88
N LYS I 158 1.07 -3.30 -23.99
CA LYS I 158 -0.03 -3.16 -23.04
C LYS I 158 -0.31 -4.47 -22.31
N GLU I 159 0.74 -5.27 -22.06
CA GLU I 159 0.56 -6.52 -21.33
C GLU I 159 0.69 -6.26 -19.83
N PRO I 160 -0.29 -6.67 -19.02
CA PRO I 160 -0.12 -6.51 -17.58
C PRO I 160 1.14 -7.21 -17.10
N PHE I 161 1.82 -6.58 -16.15
CA PHE I 161 3.09 -7.13 -15.65
C PHE I 161 2.91 -8.55 -15.12
N ARG I 162 1.79 -8.81 -14.42
CA ARG I 162 1.57 -10.15 -13.89
C ARG I 162 1.56 -11.21 -14.98
N ASP I 163 0.89 -10.94 -16.10
CA ASP I 163 0.83 -11.93 -17.18
C ASP I 163 2.21 -12.16 -17.78
N TYR I 164 2.99 -11.09 -17.90
CA TYR I 164 4.36 -11.21 -18.38
C TYR I 164 5.18 -12.07 -17.43
N VAL I 165 5.10 -11.81 -16.12
CA VAL I 165 5.89 -12.58 -15.16
C VAL I 165 5.47 -14.05 -15.19
N ASP I 166 4.16 -14.32 -15.27
CA ASP I 166 3.69 -15.69 -15.41
C ASP I 166 4.33 -16.38 -16.61
N ARG I 167 4.33 -15.72 -17.78
CA ARG I 167 4.93 -16.32 -18.97
C ARG I 167 6.43 -16.52 -18.77
N PHE I 168 7.11 -15.49 -18.28
CA PHE I 168 8.54 -15.57 -18.02
C PHE I 168 8.88 -16.82 -17.22
N TYR I 169 8.30 -16.95 -16.02
CA TYR I 169 8.71 -18.03 -15.13
C TYR I 169 8.19 -19.39 -15.59
N LYS I 170 7.06 -19.44 -16.29
CA LYS I 170 6.65 -20.66 -16.98
C LYS I 170 7.77 -21.14 -17.93
N THR I 171 8.25 -20.23 -18.78
CA THR I 171 9.30 -20.55 -19.75
C THR I 171 10.58 -20.94 -19.02
N LEU I 172 10.98 -20.14 -18.02
CA LEU I 172 12.18 -20.47 -17.26
C LEU I 172 12.10 -21.88 -16.69
N ARG I 173 10.94 -22.23 -16.12
CA ARG I 173 10.82 -23.54 -15.50
C ARG I 173 11.03 -24.64 -16.52
N ALA I 174 10.41 -24.53 -17.69
CA ALA I 174 10.58 -25.58 -18.68
C ALA I 174 12.01 -25.65 -19.20
N GLU I 175 12.66 -24.50 -19.42
CA GLU I 175 13.99 -24.49 -20.02
C GLU I 175 15.07 -24.90 -19.02
N GLN I 176 14.83 -24.69 -17.72
CA GLN I 176 15.79 -25.06 -16.68
C GLN I 176 15.72 -26.52 -16.29
N ALA I 177 14.72 -27.26 -16.77
CA ALA I 177 14.34 -28.52 -16.11
C ALA I 177 15.52 -29.47 -15.95
N SER I 178 16.29 -29.66 -17.03
CA SER I 178 17.33 -30.68 -17.06
C SER I 178 18.34 -30.46 -15.94
N THR I 188 17.12 -9.99 -12.49
CA THR I 188 17.90 -9.19 -13.42
C THR I 188 17.32 -9.27 -14.84
N LEU I 189 17.09 -10.50 -15.30
CA LEU I 189 16.63 -10.69 -16.67
C LEU I 189 15.17 -10.30 -16.82
N LEU I 190 14.36 -10.53 -15.78
CA LEU I 190 12.94 -10.16 -15.81
C LEU I 190 12.78 -8.66 -16.07
N VAL I 191 13.53 -7.83 -15.36
CA VAL I 191 13.44 -6.39 -15.52
C VAL I 191 13.86 -5.99 -16.94
N GLN I 192 15.04 -6.46 -17.37
CA GLN I 192 15.58 -6.05 -18.65
C GLN I 192 14.60 -6.26 -19.80
N ASN I 193 13.72 -7.27 -19.71
CA ASN I 193 12.80 -7.59 -20.78
C ASN I 193 11.40 -7.05 -20.56
N ALA I 194 11.19 -6.29 -19.49
CA ALA I 194 9.95 -5.55 -19.30
C ALA I 194 9.87 -4.42 -20.31
N ASN I 195 8.66 -3.93 -20.53
CA ASN I 195 8.46 -2.82 -21.44
C ASN I 195 8.92 -1.51 -20.78
N PRO I 196 9.11 -0.45 -21.58
CA PRO I 196 9.77 0.77 -21.05
C PRO I 196 9.21 1.32 -19.74
N ASP I 197 7.90 1.50 -19.64
CA ASP I 197 7.34 2.10 -18.42
C ASP I 197 7.66 1.24 -17.19
N CYS I 198 7.26 -0.04 -17.25
CA CYS I 198 7.57 -0.95 -16.14
C CYS I 198 9.06 -0.97 -15.87
N LYS I 199 9.88 -1.06 -16.91
CA LYS I 199 11.32 -1.12 -16.70
C LYS I 199 11.82 0.09 -15.92
N THR I 200 11.32 1.28 -16.26
CA THR I 200 11.69 2.49 -15.53
C THR I 200 11.32 2.37 -14.06
N ILE I 201 10.07 2.01 -13.77
CA ILE I 201 9.64 1.90 -12.37
C ILE I 201 10.53 0.89 -11.63
N LEU I 202 10.77 -0.26 -12.26
CA LEU I 202 11.52 -1.33 -11.61
C LEU I 202 12.94 -0.89 -11.29
N LYS I 203 13.66 -0.37 -12.29
CA LYS I 203 15.00 0.14 -12.03
C LYS I 203 14.98 1.25 -10.99
N ALA I 204 13.91 2.05 -10.96
CA ALA I 204 13.74 3.03 -9.90
C ALA I 204 13.71 2.37 -8.53
N LEU I 205 13.19 1.15 -8.44
CA LEU I 205 13.19 0.45 -7.15
C LEU I 205 14.62 0.17 -6.66
N GLY I 206 15.56 0.05 -7.59
CA GLY I 206 16.92 -0.29 -7.23
C GLY I 206 17.08 -1.80 -7.07
N PRO I 207 18.26 -2.22 -6.59
CA PRO I 207 18.52 -3.65 -6.42
C PRO I 207 17.96 -4.19 -5.12
N GLY I 208 17.92 -5.51 -5.03
CA GLY I 208 17.44 -6.18 -3.84
C GLY I 208 15.93 -6.12 -3.65
N ALA I 209 15.18 -5.77 -4.68
CA ALA I 209 13.73 -5.75 -4.58
C ALA I 209 13.18 -7.15 -4.76
N THR I 210 12.17 -7.48 -3.96
CA THR I 210 11.52 -8.78 -4.09
C THR I 210 10.58 -8.78 -5.29
N LEU I 211 10.26 -9.98 -5.76
CA LEU I 211 9.27 -10.08 -6.83
C LEU I 211 7.96 -9.45 -6.40
N GLU I 212 7.56 -9.65 -5.14
CA GLU I 212 6.31 -9.06 -4.67
C GLU I 212 6.34 -7.53 -4.80
N GLU I 213 7.45 -6.91 -4.40
CA GLU I 213 7.58 -5.47 -4.51
C GLU I 213 7.55 -5.03 -5.97
N MET I 214 8.28 -5.75 -6.85
CA MET I 214 8.28 -5.42 -8.27
C MET I 214 6.87 -5.49 -8.85
N MET I 215 6.13 -6.56 -8.55
CA MET I 215 4.80 -6.72 -9.12
C MET I 215 3.83 -5.68 -8.57
N THR I 216 3.98 -5.33 -7.30
CA THR I 216 3.19 -4.25 -6.75
C THR I 216 3.48 -2.94 -7.46
N ALA I 217 4.75 -2.67 -7.75
CA ALA I 217 5.13 -1.40 -8.34
C ALA I 217 4.58 -1.23 -9.75
N CYS I 218 4.49 -2.33 -10.51
CA CYS I 218 4.03 -2.27 -11.88
C CYS I 218 2.57 -2.68 -12.03
N GLN I 219 1.83 -2.77 -10.92
CA GLN I 219 0.43 -3.16 -10.97
C GLN I 219 -0.44 -1.99 -11.41
N PRO J 1 32.03 32.82 8.89
CA PRO J 1 33.09 33.45 9.67
C PRO J 1 33.32 32.72 11.00
N ILE J 2 34.34 33.10 11.74
CA ILE J 2 34.59 32.53 13.06
C ILE J 2 34.10 33.54 14.07
N VAL J 3 33.15 33.13 14.90
CA VAL J 3 32.56 34.04 15.88
C VAL J 3 32.56 33.34 17.23
N GLN J 4 32.49 34.15 18.27
CA GLN J 4 32.34 33.63 19.61
C GLN J 4 30.84 33.46 19.86
N ASN J 5 30.46 32.29 20.34
CA ASN J 5 29.06 32.03 20.63
C ASN J 5 28.70 32.60 22.00
N LEU J 6 27.42 32.45 22.37
CA LEU J 6 26.95 32.94 23.66
C LEU J 6 27.63 32.26 24.84
N GLN J 7 28.19 31.06 24.62
CA GLN J 7 28.92 30.33 25.65
C GLN J 7 30.37 30.78 25.77
N GLY J 8 30.95 31.37 24.73
CA GLY J 8 32.33 31.82 24.76
C GLY J 8 33.30 31.03 23.89
N GLN J 9 32.84 29.98 23.21
CA GLN J 9 33.71 29.22 22.31
C GLN J 9 33.78 29.88 20.94
N MET J 10 34.94 29.77 20.30
CA MET J 10 35.14 30.27 18.94
C MET J 10 34.72 29.18 17.96
N VAL J 11 33.69 29.45 17.16
CA VAL J 11 33.11 28.43 16.30
C VAL J 11 32.85 29.01 14.92
N HIS J 12 32.82 28.10 13.93
CA HIS J 12 32.52 28.49 12.57
C HIS J 12 31.03 28.68 12.39
N GLN J 13 30.67 29.66 11.58
CA GLN J 13 29.29 29.98 11.26
C GLN J 13 29.22 30.28 9.76
N CYS J 14 28.18 29.77 9.11
CA CYS J 14 28.00 30.04 7.68
C CYS J 14 27.85 31.54 7.44
N ILE J 15 28.40 32.01 6.33
CA ILE J 15 28.16 33.38 5.92
C ILE J 15 26.66 33.58 5.68
N SER J 16 26.14 34.74 6.07
CA SER J 16 24.68 34.83 6.04
C SER J 16 24.19 35.39 4.71
N PRO J 17 22.95 35.05 4.32
CA PRO J 17 22.37 35.68 3.14
C PRO J 17 22.40 37.20 3.18
N ARG J 18 22.20 37.82 4.37
CA ARG J 18 22.27 39.27 4.48
C ARG J 18 23.65 39.80 4.11
N THR J 19 24.71 39.16 4.63
CA THR J 19 26.06 39.59 4.28
C THR J 19 26.31 39.43 2.79
N LEU J 20 26.00 38.24 2.24
CA LEU J 20 26.23 37.98 0.83
C LEU J 20 25.59 39.05 -0.02
N ASN J 21 24.30 39.30 0.24
CA ASN J 21 23.57 40.25 -0.57
C ASN J 21 24.09 41.68 -0.37
N ALA J 22 24.46 42.04 0.86
CA ALA J 22 24.99 43.38 1.07
C ALA J 22 26.24 43.62 0.24
N TRP J 23 27.15 42.65 0.20
CA TRP J 23 28.37 42.84 -0.59
C TRP J 23 28.05 42.91 -2.09
N VAL J 24 27.26 41.96 -2.60
CA VAL J 24 26.91 42.01 -4.01
C VAL J 24 26.30 43.37 -4.37
N LYS J 25 25.39 43.87 -3.54
CA LYS J 25 24.69 45.10 -3.88
C LYS J 25 25.61 46.30 -3.80
N VAL J 26 26.51 46.36 -2.82
CA VAL J 26 27.37 47.53 -2.75
C VAL J 26 28.30 47.58 -3.97
N VAL J 27 28.76 46.41 -4.45
CA VAL J 27 29.55 46.41 -5.67
C VAL J 27 28.71 46.84 -6.88
N GLU J 28 27.48 46.33 -6.97
CA GLU J 28 26.63 46.73 -8.09
C GLU J 28 26.36 48.23 -8.10
N GLU J 29 26.10 48.81 -6.93
CA GLU J 29 25.67 50.21 -6.91
C GLU J 29 26.85 51.19 -6.94
N LYS J 30 27.96 50.84 -6.29
CA LYS J 30 29.07 51.76 -6.08
C LYS J 30 30.32 51.39 -6.86
N ALA J 31 30.34 50.23 -7.51
CA ALA J 31 31.50 49.77 -8.27
C ALA J 31 32.73 49.84 -7.37
N PHE J 32 33.73 50.63 -7.75
CA PHE J 32 34.97 50.73 -6.98
C PHE J 32 35.24 52.15 -6.51
N SER J 33 34.17 52.86 -6.12
CA SER J 33 34.32 54.04 -5.30
C SER J 33 35.06 53.67 -4.00
N PRO J 34 35.86 54.59 -3.45
CA PRO J 34 36.73 54.21 -2.32
C PRO J 34 35.98 53.63 -1.13
N GLU J 35 34.79 54.14 -0.84
CA GLU J 35 34.06 53.69 0.35
C GLU J 35 33.65 52.24 0.25
N VAL J 36 33.85 51.59 -0.91
CA VAL J 36 33.53 50.17 -1.04
C VAL J 36 34.49 49.35 -0.21
N ILE J 37 35.72 49.83 -0.01
CA ILE J 37 36.76 49.03 0.65
C ILE J 37 36.46 48.90 2.14
N PRO J 38 36.18 50.00 2.86
CA PRO J 38 35.76 49.86 4.26
C PRO J 38 34.54 48.99 4.42
N MET J 39 33.57 49.10 3.49
CA MET J 39 32.39 48.23 3.55
C MET J 39 32.80 46.76 3.40
N PHE J 40 33.61 46.47 2.39
CA PHE J 40 34.14 45.11 2.25
C PHE J 40 34.76 44.67 3.57
N SER J 41 35.60 45.53 4.14
CA SER J 41 36.35 45.09 5.31
C SER J 41 35.39 44.78 6.46
N ALA J 42 34.33 45.58 6.59
CA ALA J 42 33.37 45.38 7.67
C ALA J 42 32.50 44.17 7.40
N LEU J 43 32.15 43.92 6.14
CA LEU J 43 31.26 42.81 5.86
C LEU J 43 31.99 41.48 6.00
N SER J 44 33.32 41.49 6.00
CA SER J 44 34.13 40.29 6.15
C SER J 44 34.73 40.16 7.54
N CYS J 45 34.15 40.83 8.52
CA CYS J 45 34.61 40.70 9.89
C CYS J 45 34.55 39.24 10.31
N GLY J 46 35.68 38.73 10.81
CA GLY J 46 35.80 37.35 11.22
C GLY J 46 35.86 36.32 10.10
N ALA J 47 35.99 36.74 8.84
CA ALA J 47 35.92 35.80 7.73
C ALA J 47 37.09 34.83 7.71
N THR J 48 36.81 33.58 7.31
CA THR J 48 37.83 32.65 6.87
C THR J 48 38.25 32.98 5.44
N PRO J 49 39.35 32.40 4.96
CA PRO J 49 39.66 32.51 3.52
C PRO J 49 38.53 32.02 2.63
N GLN J 50 37.87 30.93 3.01
CA GLN J 50 36.73 30.48 2.23
C GLN J 50 35.66 31.56 2.12
N ASP J 51 35.35 32.24 3.23
CA ASP J 51 34.34 33.29 3.19
C ASP J 51 34.74 34.44 2.28
N LEU J 52 36.00 34.86 2.36
CA LEU J 52 36.48 35.93 1.52
C LEU J 52 36.38 35.55 0.05
N ASN J 53 36.73 34.30 -0.27
CA ASN J 53 36.65 33.85 -1.64
C ASN J 53 35.20 33.79 -2.10
N THR J 54 34.29 33.37 -1.22
CA THR J 54 32.88 33.41 -1.54
C THR J 54 32.45 34.81 -1.90
N MET J 55 32.85 35.80 -1.10
CA MET J 55 32.45 37.17 -1.39
C MET J 55 32.99 37.62 -2.74
N LEU J 56 34.26 37.33 -3.03
CA LEU J 56 34.85 37.75 -4.31
C LEU J 56 34.21 37.01 -5.49
N ASN J 57 33.96 35.71 -5.33
CA ASN J 57 33.41 34.89 -6.41
C ASN J 57 31.95 35.21 -6.72
N THR J 58 31.19 35.78 -5.77
CA THR J 58 29.80 36.11 -6.07
C THR J 58 29.64 37.37 -6.90
N VAL J 59 30.71 38.14 -7.11
CA VAL J 59 30.64 39.33 -7.93
C VAL J 59 30.52 38.92 -9.39
N GLY J 60 29.50 39.47 -10.07
CA GLY J 60 29.20 39.11 -11.44
C GLY J 60 29.89 39.95 -12.51
N GLY J 61 29.92 41.26 -12.31
CA GLY J 61 30.55 42.15 -13.26
C GLY J 61 32.02 42.35 -12.92
N HIS J 62 32.57 43.42 -13.47
CA HIS J 62 33.91 43.90 -13.13
C HIS J 62 34.95 42.80 -13.22
N GLN J 63 34.86 41.97 -14.26
CA GLN J 63 35.73 40.81 -14.31
C GLN J 63 37.17 41.18 -14.65
N ALA J 64 37.39 42.32 -15.29
CA ALA J 64 38.76 42.80 -15.45
C ALA J 64 39.38 43.07 -14.09
N ALA J 65 38.64 43.80 -13.25
CA ALA J 65 39.11 44.07 -11.89
C ALA J 65 39.36 42.77 -11.14
N MET J 66 38.47 41.78 -11.27
CA MET J 66 38.66 40.54 -10.55
C MET J 66 39.92 39.82 -11.02
N GLN J 67 40.27 39.91 -12.30
CA GLN J 67 41.52 39.31 -12.78
C GLN J 67 42.74 40.05 -12.21
N MET J 68 42.69 41.39 -12.18
CA MET J 68 43.78 42.15 -11.57
C MET J 68 43.93 41.79 -10.10
N LEU J 69 42.81 41.66 -9.40
CA LEU J 69 42.85 41.26 -7.99
C LEU J 69 43.50 39.89 -7.83
N LYS J 70 43.12 38.92 -8.67
CA LYS J 70 43.73 37.58 -8.60
C LYS J 70 45.24 37.65 -8.83
N GLU J 71 45.69 38.49 -9.77
CA GLU J 71 47.13 38.70 -9.95
C GLU J 71 47.78 39.23 -8.68
N THR J 72 47.18 40.25 -8.06
CA THR J 72 47.74 40.79 -6.83
C THR J 72 47.81 39.73 -5.74
N ILE J 73 46.75 38.94 -5.60
CA ILE J 73 46.73 37.90 -4.58
C ILE J 73 47.86 36.91 -4.83
N ASN J 74 48.03 36.48 -6.08
CA ASN J 74 49.08 35.52 -6.40
C ASN J 74 50.47 36.10 -6.12
N GLU J 75 50.67 37.39 -6.39
CA GLU J 75 51.93 38.03 -6.03
C GLU J 75 52.15 37.97 -4.52
N GLU J 76 51.12 38.29 -3.73
CA GLU J 76 51.30 38.30 -2.28
C GLU J 76 51.55 36.89 -1.75
N ALA J 77 50.89 35.88 -2.32
CA ALA J 77 51.12 34.50 -1.91
C ALA J 77 52.55 34.08 -2.21
N ALA J 78 53.07 34.47 -3.39
CA ALA J 78 54.45 34.16 -3.74
C ALA J 78 55.43 34.83 -2.77
N GLU J 79 55.20 36.10 -2.43
CA GLU J 79 56.08 36.76 -1.47
C GLU J 79 56.02 36.07 -0.11
N TRP J 80 54.82 35.66 0.32
CA TRP J 80 54.70 34.94 1.58
C TRP J 80 55.52 33.66 1.56
N ASP J 81 55.43 32.90 0.48
CA ASP J 81 56.20 31.66 0.39
C ASP J 81 57.69 31.93 0.38
N ARG J 82 58.11 33.06 -0.19
CA ARG J 82 59.52 33.41 -0.18
C ARG J 82 60.00 33.71 1.23
N LEU J 83 59.18 34.42 2.01
CA LEU J 83 59.57 34.81 3.35
C LEU J 83 59.25 33.77 4.43
N HIS J 84 58.37 32.82 4.16
CA HIS J 84 57.94 31.84 5.16
C HIS J 84 57.84 30.45 4.53
N PRO J 85 58.96 29.88 4.11
CA PRO J 85 58.92 28.56 3.47
C PRO J 85 58.47 27.45 4.42
N VAL J 86 57.73 26.49 3.88
CA VAL J 86 57.21 25.36 4.65
C VAL J 86 57.88 24.08 4.17
N HIS J 87 58.52 23.36 5.10
CA HIS J 87 59.21 22.13 4.75
C HIS J 87 58.25 21.10 4.16
N ALA J 88 58.69 20.43 3.11
CA ALA J 88 57.91 19.37 2.48
C ALA J 88 57.80 18.18 3.42
N GLY J 89 57.02 17.18 3.01
CA GLY J 89 56.91 15.95 3.76
C GLY J 89 55.49 15.69 4.26
N PRO J 90 55.18 14.44 4.57
CA PRO J 90 53.82 14.13 5.02
C PRO J 90 53.52 14.78 6.36
N ILE J 91 52.24 15.06 6.59
CA ILE J 91 51.85 15.70 7.84
C ILE J 91 52.00 14.71 8.98
N ALA J 92 52.66 15.14 10.05
CA ALA J 92 52.64 14.39 11.29
C ALA J 92 51.21 14.06 11.66
N PRO J 93 50.86 12.79 11.84
CA PRO J 93 49.44 12.44 12.05
C PRO J 93 48.80 13.26 13.16
N GLY J 94 47.60 13.78 12.88
CA GLY J 94 46.84 14.53 13.84
C GLY J 94 47.43 15.85 14.26
N GLN J 95 48.44 16.35 13.54
CA GLN J 95 49.10 17.60 13.88
C GLN J 95 48.77 18.66 12.85
N MET J 96 48.95 19.91 13.27
CA MET J 96 48.60 21.07 12.47
C MET J 96 49.75 21.39 11.53
N ARG J 97 49.49 21.32 10.22
CA ARG J 97 50.54 21.69 9.29
C ARG J 97 50.65 23.21 9.23
N GLU J 98 51.73 23.68 8.62
CA GLU J 98 51.95 25.11 8.47
C GLU J 98 51.35 25.60 7.14
N PRO J 99 50.73 26.79 7.12
CA PRO J 99 50.07 27.26 5.88
C PRO J 99 51.07 27.90 4.91
N ARG J 100 50.98 27.51 3.63
CA ARG J 100 51.69 28.20 2.57
CA ARG J 100 51.69 28.20 2.57
C ARG J 100 50.81 29.31 2.00
N GLY J 101 51.39 30.13 1.12
CA GLY J 101 50.65 31.24 0.53
C GLY J 101 49.33 30.82 -0.08
N SER J 102 49.33 29.71 -0.82
CA SER J 102 48.08 29.22 -1.41
C SER J 102 47.12 28.66 -0.37
N ASP J 103 47.63 28.28 0.81
CA ASP J 103 46.74 27.90 1.91
C ASP J 103 46.05 29.11 2.51
N ILE J 104 46.78 30.21 2.63
CA ILE J 104 46.18 31.44 3.16
C ILE J 104 45.09 31.95 2.22
N ALA J 105 45.31 31.86 0.91
CA ALA J 105 44.33 32.29 -0.07
C ALA J 105 43.18 31.30 -0.24
N GLY J 106 43.18 30.20 0.49
CA GLY J 106 42.08 29.28 0.45
C GLY J 106 42.04 28.38 -0.77
N THR J 107 43.12 28.33 -1.56
CA THR J 107 43.11 27.51 -2.76
C THR J 107 43.56 26.07 -2.49
N THR J 108 44.47 25.85 -1.55
CA THR J 108 44.96 24.51 -1.25
C THR J 108 44.65 24.04 0.16
N SER J 109 43.86 24.80 0.92
CA SER J 109 43.50 24.46 2.29
C SER J 109 42.01 24.19 2.40
N THR J 110 41.64 23.35 3.36
CA THR J 110 40.25 23.06 3.63
C THR J 110 39.69 24.04 4.65
N LEU J 111 38.36 24.15 4.68
CA LEU J 111 37.72 24.96 5.71
C LEU J 111 38.16 24.51 7.09
N GLN J 112 38.26 23.20 7.33
CA GLN J 112 38.64 22.75 8.66
C GLN J 112 40.07 23.15 9.00
N GLU J 113 40.98 23.14 8.02
CA GLU J 113 42.33 23.63 8.27
C GLU J 113 42.31 25.12 8.59
N GLN J 114 41.48 25.89 7.87
CA GLN J 114 41.38 27.33 8.16
C GLN J 114 40.84 27.57 9.57
N ILE J 115 39.78 26.86 9.96
CA ILE J 115 39.28 26.98 11.32
C ILE J 115 40.37 26.63 12.32
N GLY J 116 41.08 25.53 12.08
CA GLY J 116 42.14 25.11 12.98
C GLY J 116 43.19 26.20 13.16
N TRP J 117 43.63 26.80 12.05
CA TRP J 117 44.63 27.86 12.16
C TRP J 117 44.08 29.07 12.91
N MET J 118 42.83 29.46 12.62
CA MET J 118 42.31 30.71 13.16
C MET J 118 41.94 30.60 14.64
N THR J 119 41.61 29.38 15.11
CA THR J 119 41.24 29.15 16.50
C THR J 119 42.36 28.51 17.31
N HIS J 120 43.55 28.39 16.72
CA HIS J 120 44.70 27.86 17.45
C HIS J 120 45.13 28.86 18.53
N ASN J 121 45.91 28.36 19.49
CA ASN J 121 46.46 29.21 20.54
C ASN J 121 47.99 29.13 20.54
N PRO J 122 48.67 30.20 20.07
CA PRO J 122 48.12 31.46 19.54
C PRO J 122 47.51 31.28 18.15
N PRO J 123 46.61 32.16 17.74
CA PRO J 123 45.97 31.98 16.43
C PRO J 123 46.92 32.29 15.28
N ILE J 124 46.77 31.53 14.20
CA ILE J 124 47.44 31.82 12.93
C ILE J 124 46.40 32.53 12.08
N PRO J 125 46.44 33.77 11.99
CA PRO J 125 45.27 34.51 11.48
C PRO J 125 45.20 34.57 9.96
N VAL J 126 44.98 33.42 9.32
CA VAL J 126 45.02 33.32 7.86
C VAL J 126 43.93 34.18 7.23
N GLY J 127 42.80 34.34 7.91
CA GLY J 127 41.77 35.22 7.39
C GLY J 127 42.22 36.67 7.30
N GLU J 128 42.84 37.18 8.37
CA GLU J 128 43.29 38.57 8.36
C GLU J 128 44.45 38.80 7.40
N ILE J 129 45.34 37.81 7.26
CA ILE J 129 46.43 37.95 6.28
C ILE J 129 45.85 38.02 4.87
N TYR J 130 44.98 37.07 4.54
CA TYR J 130 44.36 37.06 3.22
C TYR J 130 43.61 38.36 2.97
N LYS J 131 42.85 38.81 3.96
CA LYS J 131 42.12 40.06 3.80
C LYS J 131 43.07 41.21 3.51
N ARG J 132 44.23 41.22 4.14
CA ARG J 132 45.22 42.25 3.86
C ARG J 132 45.63 42.23 2.38
N TRP J 133 45.92 41.04 1.85
CA TRP J 133 46.25 40.94 0.42
C TRP J 133 45.11 41.45 -0.45
N ILE J 134 43.88 41.03 -0.12
CA ILE J 134 42.73 41.45 -0.91
C ILE J 134 42.60 42.96 -0.91
N ILE J 135 42.80 43.60 0.25
CA ILE J 135 42.62 45.06 0.33
C ILE J 135 43.71 45.78 -0.44
N LEU J 136 44.95 45.26 -0.44
CA LEU J 136 45.97 45.81 -1.33
C LEU J 136 45.48 45.81 -2.78
N GLY J 137 45.00 44.66 -3.25
CA GLY J 137 44.53 44.58 -4.63
C GLY J 137 43.36 45.51 -4.90
N LEU J 138 42.39 45.57 -3.96
CA LEU J 138 41.22 46.41 -4.15
C LEU J 138 41.61 47.89 -4.22
N ASN J 139 42.54 48.33 -3.36
CA ASN J 139 43.00 49.71 -3.42
C ASN J 139 43.65 50.04 -4.76
N LYS J 140 44.45 49.12 -5.32
CA LYS J 140 44.97 49.37 -6.68
C LYS J 140 43.83 49.56 -7.67
N ILE J 141 42.80 48.71 -7.60
CA ILE J 141 41.67 48.88 -8.51
C ILE J 141 41.00 50.24 -8.32
N VAL J 142 40.80 50.66 -7.07
CA VAL J 142 40.15 51.95 -6.79
C VAL J 142 40.93 53.08 -7.43
N ARG J 143 42.25 53.09 -7.26
CA ARG J 143 43.06 54.15 -7.86
C ARG J 143 42.93 54.11 -9.38
N MET J 144 43.04 52.93 -9.98
CA MET J 144 43.00 52.85 -11.44
C MET J 144 41.67 53.33 -11.98
N TYR J 145 40.58 53.03 -11.29
CA TYR J 145 39.25 53.35 -11.79
C TYR J 145 38.78 54.74 -11.41
N SER J 146 39.59 55.50 -10.69
CA SER J 146 39.28 56.89 -10.40
C SER J 146 39.01 57.64 -11.71
N PRO J 147 37.82 58.25 -11.89
CA PRO J 147 37.49 58.84 -13.19
C PRO J 147 38.21 60.13 -13.50
N THR J 148 38.68 60.86 -12.48
CA THR J 148 39.19 62.20 -12.69
C THR J 148 40.51 62.40 -11.96
N SER J 149 41.37 63.21 -12.58
CA SER J 149 42.63 63.60 -11.96
C SER J 149 42.41 64.81 -11.06
N ILE J 150 43.16 64.85 -9.95
CA ILE J 150 43.03 65.95 -9.02
C ILE J 150 43.37 67.28 -9.68
N LEU J 151 44.22 67.25 -10.70
CA LEU J 151 44.60 68.48 -11.40
C LEU J 151 43.42 69.11 -12.14
N ASP J 152 42.38 68.33 -12.47
CA ASP J 152 41.23 68.84 -13.21
C ASP J 152 40.07 69.26 -12.32
N ILE J 153 40.25 69.30 -11.01
CA ILE J 153 39.21 69.75 -10.10
C ILE J 153 39.45 71.23 -9.84
N ARG J 154 38.62 72.08 -10.44
CA ARG J 154 38.73 73.52 -10.29
C ARG J 154 37.37 74.12 -10.03
N GLN J 155 37.32 75.07 -9.11
CA GLN J 155 36.08 75.68 -8.72
C GLN J 155 35.50 76.54 -9.86
N GLY J 156 34.23 76.32 -10.15
CA GLY J 156 33.52 77.10 -11.14
C GLY J 156 33.27 78.51 -10.67
N PRO J 157 33.08 79.44 -11.62
CA PRO J 157 32.87 80.85 -11.25
C PRO J 157 31.76 81.08 -10.24
N LYS J 158 30.70 80.28 -10.28
CA LYS J 158 29.59 80.42 -9.34
C LYS J 158 29.38 79.16 -8.50
N GLU J 159 30.31 78.22 -8.54
CA GLU J 159 30.19 77.02 -7.70
C GLU J 159 30.42 77.39 -6.25
N PRO J 160 29.51 77.03 -5.34
CA PRO J 160 29.77 77.26 -3.91
C PRO J 160 31.03 76.54 -3.47
N PHE J 161 31.79 77.20 -2.58
CA PHE J 161 33.05 76.62 -2.13
C PHE J 161 32.84 75.23 -1.55
N ARG J 162 31.75 75.03 -0.80
CA ARG J 162 31.50 73.71 -0.20
C ARG J 162 31.41 72.61 -1.26
N ASP J 163 30.70 72.88 -2.36
CA ASP J 163 30.58 71.87 -3.41
C ASP J 163 31.93 71.59 -4.06
N TYR J 164 32.75 72.62 -4.23
CA TYR J 164 34.08 72.43 -4.79
C TYR J 164 34.94 71.55 -3.89
N VAL J 165 34.93 71.83 -2.59
CA VAL J 165 35.72 71.04 -1.63
C VAL J 165 35.27 69.59 -1.62
N ASP J 166 33.94 69.36 -1.65
CA ASP J 166 33.42 67.99 -1.79
C ASP J 166 34.01 67.29 -3.00
N ARG J 167 33.98 67.94 -4.18
CA ARG J 167 34.53 67.31 -5.37
C ARG J 167 36.02 67.04 -5.21
N PHE J 168 36.74 68.00 -4.65
CA PHE J 168 38.19 67.88 -4.49
C PHE J 168 38.55 66.68 -3.64
N TYR J 169 37.98 66.56 -2.45
CA TYR J 169 38.37 65.47 -1.56
C TYR J 169 37.80 64.14 -2.00
N LYS J 170 36.66 64.12 -2.67
CA LYS J 170 36.21 62.90 -3.32
C LYS J 170 37.28 62.40 -4.30
N THR J 171 37.70 63.27 -5.22
CA THR J 171 38.69 62.87 -6.22
C THR J 171 40.00 62.45 -5.55
N LEU J 172 40.47 63.24 -4.59
CA LEU J 172 41.71 62.92 -3.89
C LEU J 172 41.64 61.56 -3.20
N ARG J 173 40.50 61.27 -2.56
CA ARG J 173 40.39 59.98 -1.87
C ARG J 173 40.57 58.84 -2.85
N ALA J 174 39.92 58.94 -4.02
CA ALA J 174 40.06 57.87 -5.00
C ALA J 174 41.49 57.78 -5.53
N GLU J 175 42.13 58.93 -5.75
CA GLU J 175 43.45 58.97 -6.39
C GLU J 175 44.54 58.46 -5.47
N GLN J 176 44.40 58.62 -4.15
CA GLN J 176 45.42 58.22 -3.20
C GLN J 176 45.12 56.89 -2.51
N ALA J 177 44.13 56.13 -2.99
CA ALA J 177 43.73 54.90 -2.33
C ALA J 177 44.93 54.00 -2.01
N SER J 178 45.78 53.76 -3.01
CA SER J 178 46.96 52.90 -2.85
C SER J 178 48.20 53.71 -2.45
N THR J 186 48.11 68.82 -1.86
CA THR J 186 46.72 68.80 -1.38
C THR J 186 46.19 70.23 -1.18
N GLU J 187 46.17 70.72 0.07
CA GLU J 187 45.62 72.05 0.32
C GLU J 187 46.25 73.08 -0.59
N THR J 188 47.49 72.83 -1.01
CA THR J 188 48.11 73.61 -2.07
C THR J 188 47.19 73.67 -3.28
N LEU J 189 46.73 72.51 -3.75
CA LEU J 189 45.90 72.51 -4.95
C LEU J 189 44.51 73.02 -4.67
N LEU J 190 43.97 72.71 -3.48
CA LEU J 190 42.62 73.17 -3.15
C LEU J 190 42.55 74.69 -3.25
N VAL J 191 43.49 75.38 -2.59
CA VAL J 191 43.52 76.84 -2.65
C VAL J 191 43.91 77.31 -4.06
N GLN J 192 44.91 76.66 -4.65
CA GLN J 192 45.43 77.07 -5.96
C GLN J 192 44.36 77.00 -7.05
N ASN J 193 43.42 76.07 -6.95
CA ASN J 193 42.39 75.89 -7.97
C ASN J 193 41.03 76.43 -7.56
N ALA J 194 40.96 77.15 -6.44
CA ALA J 194 39.73 77.87 -6.13
C ALA J 194 39.50 78.98 -7.14
N ASN J 195 38.25 79.45 -7.24
CA ASN J 195 37.99 80.51 -8.20
C ASN J 195 38.57 81.83 -7.65
N PRO J 196 38.72 82.84 -8.52
CA PRO J 196 39.49 84.04 -8.12
C PRO J 196 39.10 84.68 -6.80
N ASP J 197 37.81 84.93 -6.58
CA ASP J 197 37.39 85.58 -5.34
C ASP J 197 37.76 84.72 -4.13
N CYS J 198 37.28 83.47 -4.12
CA CYS J 198 37.62 82.57 -3.02
C CYS J 198 39.12 82.47 -2.84
N LYS J 199 39.85 82.32 -3.95
CA LYS J 199 41.30 82.15 -3.83
C LYS J 199 41.91 83.34 -3.11
N THR J 200 41.44 84.55 -3.46
CA THR J 200 41.95 85.74 -2.77
C THR J 200 41.70 85.64 -1.27
N ILE J 201 40.46 85.32 -0.88
CA ILE J 201 40.15 85.24 0.55
C ILE J 201 41.05 84.21 1.24
N LEU J 202 41.19 83.03 0.64
CA LEU J 202 41.96 81.96 1.25
C LEU J 202 43.44 82.33 1.39
N LYS J 203 44.03 82.91 0.34
CA LYS J 203 45.40 83.40 0.45
C LYS J 203 45.52 84.42 1.57
N ALA J 204 44.51 85.27 1.73
CA ALA J 204 44.50 86.22 2.83
C ALA J 204 44.47 85.52 4.19
N LEU J 205 43.88 84.33 4.28
CA LEU J 205 43.84 83.64 5.57
C LEU J 205 45.24 83.31 6.07
N GLY J 206 46.04 82.66 5.24
CA GLY J 206 47.41 82.35 5.62
C GLY J 206 47.74 80.87 5.51
N PRO J 207 48.97 80.51 5.91
CA PRO J 207 49.43 79.12 5.73
C PRO J 207 48.68 78.07 6.54
N GLY J 208 48.44 78.34 7.83
CA GLY J 208 47.91 77.31 8.70
C GLY J 208 46.42 77.40 9.01
N ALA J 209 45.62 77.80 8.03
CA ALA J 209 44.17 77.84 8.23
C ALA J 209 43.59 76.43 8.14
N THR J 210 42.63 76.14 9.01
CA THR J 210 41.96 74.84 8.98
C THR J 210 40.97 74.80 7.83
N LEU J 211 40.57 73.59 7.44
CA LEU J 211 39.54 73.46 6.42
C LEU J 211 38.25 74.14 6.88
N GLU J 212 37.90 74.00 8.16
CA GLU J 212 36.73 74.70 8.67
C GLU J 212 36.85 76.21 8.48
N GLU J 213 38.03 76.76 8.78
CA GLU J 213 38.23 78.20 8.62
C GLU J 213 38.12 78.62 7.16
N MET J 214 38.73 77.84 6.26
CA MET J 214 38.65 78.14 4.83
C MET J 214 37.19 78.10 4.36
N MET J 215 36.44 77.10 4.81
CA MET J 215 35.06 76.96 4.35
C MET J 215 34.17 78.05 4.91
N THR J 216 34.38 78.44 6.16
CA THR J 216 33.65 79.56 6.71
C THR J 216 33.98 80.85 5.95
N ALA J 217 35.24 81.04 5.59
CA ALA J 217 35.64 82.30 4.98
C ALA J 217 35.02 82.47 3.59
N CYS J 218 34.85 81.40 2.83
CA CYS J 218 34.34 81.50 1.47
C CYS J 218 32.84 81.20 1.37
N GLN J 219 32.15 81.12 2.50
CA GLN J 219 30.72 80.84 2.53
C GLN J 219 29.92 82.09 2.18
N PRO K 1 -8.79 -61.32 -7.50
CA PRO K 1 -7.36 -61.61 -7.37
C PRO K 1 -7.00 -62.18 -6.02
N ILE K 2 -5.73 -62.52 -5.84
CA ILE K 2 -5.18 -62.97 -4.56
C ILE K 2 -4.38 -61.82 -3.95
N VAL K 3 -4.69 -61.47 -2.70
CA VAL K 3 -4.04 -60.39 -1.99
C VAL K 3 -3.60 -60.93 -0.62
N GLN K 4 -2.64 -60.24 -0.01
CA GLN K 4 -2.16 -60.60 1.33
C GLN K 4 -2.99 -59.91 2.42
N ASN K 5 -3.48 -60.68 3.39
CA ASN K 5 -4.19 -60.12 4.54
C ASN K 5 -3.21 -59.81 5.69
N LEU K 6 -3.75 -59.35 6.82
CA LEU K 6 -2.92 -58.96 7.96
C LEU K 6 -2.32 -60.16 8.69
N GLN K 7 -2.91 -61.34 8.55
CA GLN K 7 -2.29 -62.56 9.05
C GLN K 7 -1.11 -63.04 8.18
N GLY K 8 -0.63 -62.25 7.22
CA GLY K 8 0.38 -62.72 6.30
C GLY K 8 -0.08 -63.82 5.37
N GLN K 9 -1.39 -64.02 5.25
CA GLN K 9 -1.95 -65.07 4.41
C GLN K 9 -2.40 -64.50 3.06
N MET K 10 -2.35 -65.36 2.05
CA MET K 10 -2.77 -65.02 0.69
C MET K 10 -4.21 -65.51 0.52
N VAL K 11 -5.14 -64.57 0.24
CA VAL K 11 -6.55 -64.87 0.21
C VAL K 11 -7.19 -64.24 -1.02
N HIS K 12 -8.35 -64.76 -1.40
CA HIS K 12 -9.08 -64.27 -2.55
C HIS K 12 -9.83 -62.98 -2.21
N GLN K 13 -9.88 -62.06 -3.18
CA GLN K 13 -10.62 -60.82 -3.13
C GLN K 13 -11.34 -60.66 -4.46
N CYS K 14 -12.61 -60.26 -4.39
CA CYS K 14 -13.40 -60.08 -5.61
C CYS K 14 -12.76 -59.01 -6.49
N ILE K 15 -12.78 -59.25 -7.79
CA ILE K 15 -12.39 -58.21 -8.73
C ILE K 15 -13.30 -57.01 -8.52
N SER K 16 -12.74 -55.80 -8.65
CA SER K 16 -13.52 -54.63 -8.27
C SER K 16 -14.25 -54.04 -9.48
N PRO K 17 -15.37 -53.36 -9.25
CA PRO K 17 -15.99 -52.64 -10.38
C PRO K 17 -15.04 -51.69 -11.07
N ARG K 18 -14.13 -51.05 -10.32
CA ARG K 18 -13.18 -50.12 -10.93
C ARG K 18 -12.26 -50.81 -11.93
N THR K 19 -11.73 -51.98 -11.58
CA THR K 19 -10.89 -52.75 -12.51
C THR K 19 -11.67 -53.16 -13.75
N LEU K 20 -12.84 -53.75 -13.55
CA LEU K 20 -13.68 -54.19 -14.67
C LEU K 20 -13.91 -53.06 -15.64
N ASN K 21 -14.38 -51.92 -15.12
CA ASN K 21 -14.70 -50.81 -15.99
C ASN K 21 -13.45 -50.28 -16.67
N ALA K 22 -12.33 -50.21 -15.94
CA ALA K 22 -11.11 -49.68 -16.52
C ALA K 22 -10.70 -50.50 -17.74
N TRP K 23 -10.79 -51.83 -17.63
CA TRP K 23 -10.39 -52.68 -18.75
C TRP K 23 -11.35 -52.52 -19.92
N VAL K 24 -12.67 -52.57 -19.67
CA VAL K 24 -13.65 -52.38 -20.73
C VAL K 24 -13.39 -51.07 -21.47
N LYS K 25 -13.10 -50.01 -20.72
CA LYS K 25 -12.92 -48.69 -21.31
C LYS K 25 -11.62 -48.60 -22.09
N VAL K 26 -10.54 -49.24 -21.62
CA VAL K 26 -9.31 -49.16 -22.39
C VAL K 26 -9.47 -49.90 -23.70
N VAL K 27 -10.18 -51.03 -23.70
CA VAL K 27 -10.42 -51.72 -24.97
C VAL K 27 -11.29 -50.85 -25.88
N GLU K 28 -12.32 -50.22 -25.31
CA GLU K 28 -13.20 -49.38 -26.11
C GLU K 28 -12.43 -48.22 -26.73
N GLU K 29 -11.55 -47.58 -25.96
CA GLU K 29 -10.90 -46.36 -26.42
C GLU K 29 -9.66 -46.64 -27.27
N LYS K 30 -8.90 -47.69 -26.97
CA LYS K 30 -7.62 -47.92 -27.61
C LYS K 30 -7.59 -49.11 -28.56
N ALA K 31 -8.63 -49.96 -28.56
CA ALA K 31 -8.61 -51.15 -29.41
C ALA K 31 -7.32 -51.93 -29.16
N PHE K 32 -6.49 -52.17 -30.19
CA PHE K 32 -5.29 -52.97 -30.03
C PHE K 32 -4.02 -52.20 -30.39
N SER K 33 -4.01 -50.93 -30.04
CA SER K 33 -2.78 -50.17 -29.95
C SER K 33 -1.87 -50.84 -28.90
N PRO K 34 -0.56 -50.76 -29.07
CA PRO K 34 0.35 -51.55 -28.20
C PRO K 34 0.15 -51.33 -26.70
N GLU K 35 -0.13 -50.09 -26.28
CA GLU K 35 -0.19 -49.81 -24.85
C GLU K 35 -1.34 -50.53 -24.16
N VAL K 36 -2.23 -51.18 -24.90
CA VAL K 36 -3.30 -51.93 -24.26
CA VAL K 36 -3.31 -51.94 -24.26
C VAL K 36 -2.74 -53.12 -23.49
N ILE K 37 -1.59 -53.65 -23.90
CA ILE K 37 -1.12 -54.89 -23.26
C ILE K 37 -0.53 -54.60 -21.87
N PRO K 38 0.38 -53.62 -21.73
CA PRO K 38 0.81 -53.28 -20.37
C PRO K 38 -0.37 -52.88 -19.47
N MET K 39 -1.38 -52.19 -20.02
CA MET K 39 -2.55 -51.88 -19.20
C MET K 39 -3.25 -53.16 -18.76
N PHE K 40 -3.50 -54.09 -19.69
CA PHE K 40 -4.05 -55.39 -19.32
C PHE K 40 -3.20 -56.00 -18.20
N SER K 41 -1.88 -56.02 -18.39
CA SER K 41 -1.04 -56.73 -17.44
C SER K 41 -1.15 -56.06 -16.07
N ALA K 42 -1.23 -54.73 -16.06
CA ALA K 42 -1.29 -54.03 -14.79
C ALA K 42 -2.65 -54.21 -14.13
N LEU K 43 -3.72 -54.25 -14.93
CA LEU K 43 -5.03 -54.37 -14.30
C LEU K 43 -5.30 -55.76 -13.78
N SER K 44 -4.54 -56.77 -14.23
CA SER K 44 -4.71 -58.15 -13.81
C SER K 44 -3.64 -58.58 -12.81
N CYS K 45 -2.99 -57.64 -12.15
CA CYS K 45 -2.04 -57.97 -11.10
C CYS K 45 -2.70 -58.83 -10.03
N GLY K 46 -2.12 -60.00 -9.75
CA GLY K 46 -2.67 -60.93 -8.79
C GLY K 46 -3.90 -61.70 -9.25
N ALA K 47 -4.28 -61.61 -10.53
CA ALA K 47 -5.52 -62.23 -11.00
C ALA K 47 -5.45 -63.75 -10.96
N THR K 48 -6.59 -64.37 -10.63
CA THR K 48 -6.80 -65.79 -10.90
C THR K 48 -7.17 -66.00 -12.36
N PRO K 49 -7.13 -67.25 -12.83
CA PRO K 49 -7.65 -67.54 -14.19
C PRO K 49 -9.10 -67.10 -14.35
N GLN K 50 -9.93 -67.30 -13.34
CA GLN K 50 -11.31 -66.83 -13.41
C GLN K 50 -11.36 -65.33 -13.68
N ASP K 51 -10.55 -64.54 -12.96
CA ASP K 51 -10.51 -63.10 -13.17
C ASP K 51 -10.04 -62.74 -14.58
N LEU K 52 -9.01 -63.44 -15.07
CA LEU K 52 -8.54 -63.18 -16.42
C LEU K 52 -9.64 -63.44 -17.44
N ASN K 53 -10.41 -64.51 -17.23
CA ASN K 53 -11.50 -64.81 -18.14
C ASN K 53 -12.59 -63.77 -18.04
N THR K 54 -12.86 -63.27 -16.82
CA THR K 54 -13.80 -62.17 -16.68
C THR K 54 -13.40 -60.98 -17.50
N MET K 55 -12.12 -60.59 -17.43
CA MET K 55 -11.68 -59.45 -18.19
C MET K 55 -11.85 -59.66 -19.69
N LEU K 56 -11.47 -60.84 -20.19
CA LEU K 56 -11.60 -61.06 -21.62
C LEU K 56 -13.06 -61.11 -22.06
N ASN K 57 -13.89 -61.78 -21.28
CA ASN K 57 -15.29 -62.01 -21.65
C ASN K 57 -16.15 -60.76 -21.55
N THR K 58 -15.76 -59.78 -20.74
CA THR K 58 -16.56 -58.56 -20.66
C THR K 58 -16.35 -57.66 -21.87
N VAL K 59 -15.39 -57.99 -22.75
CA VAL K 59 -15.17 -57.26 -23.98
C VAL K 59 -16.29 -57.56 -24.96
N GLY K 60 -16.93 -56.53 -25.47
CA GLY K 60 -18.08 -56.69 -26.33
C GLY K 60 -17.81 -56.79 -27.82
N GLY K 61 -16.95 -55.96 -28.34
CA GLY K 61 -16.64 -56.00 -29.76
C GLY K 61 -15.45 -56.90 -30.07
N HIS K 62 -14.84 -56.63 -31.22
CA HIS K 62 -13.52 -57.17 -31.55
C HIS K 62 -13.48 -58.69 -31.44
N GLN K 63 -14.56 -59.35 -31.85
CA GLN K 63 -14.68 -60.79 -31.64
C GLN K 63 -13.79 -61.60 -32.56
N ALA K 64 -13.33 -61.03 -33.67
CA ALA K 64 -12.29 -61.70 -34.44
C ALA K 64 -11.02 -61.81 -33.62
N ALA K 65 -10.59 -60.70 -33.03
CA ALA K 65 -9.43 -60.73 -32.14
C ALA K 65 -9.68 -61.68 -30.97
N MET K 66 -10.88 -61.64 -30.38
CA MET K 66 -11.10 -62.48 -29.22
C MET K 66 -11.06 -63.96 -29.58
N GLN K 67 -11.55 -64.33 -30.78
CA GLN K 67 -11.45 -65.72 -31.21
C GLN K 67 -10.01 -66.12 -31.53
N MET K 68 -9.24 -65.24 -32.17
CA MET K 68 -7.82 -65.53 -32.35
C MET K 68 -7.11 -65.73 -31.02
N LEU K 69 -7.41 -64.86 -30.04
CA LEU K 69 -6.81 -65.01 -28.72
C LEU K 69 -7.14 -66.39 -28.16
N LYS K 70 -8.39 -66.79 -28.31
CA LYS K 70 -8.83 -68.07 -27.77
C LYS K 70 -8.08 -69.22 -28.44
N GLU K 71 -7.78 -69.09 -29.72
CA GLU K 71 -7.01 -70.14 -30.40
C GLU K 71 -5.57 -70.16 -29.89
N THR K 72 -4.98 -68.99 -29.66
CA THR K 72 -3.64 -68.97 -29.08
C THR K 72 -3.62 -69.63 -27.71
N ILE K 73 -4.63 -69.33 -26.89
CA ILE K 73 -4.72 -69.93 -25.56
C ILE K 73 -4.79 -71.44 -25.68
N ASN K 74 -5.62 -71.93 -26.59
CA ASN K 74 -5.78 -73.38 -26.70
C ASN K 74 -4.47 -74.04 -27.15
N GLU K 75 -3.73 -73.39 -28.07
CA GLU K 75 -2.41 -73.91 -28.45
C GLU K 75 -1.47 -73.97 -27.25
N GLU K 76 -1.43 -72.89 -26.45
CA GLU K 76 -0.53 -72.90 -25.29
C GLU K 76 -0.95 -73.94 -24.27
N ALA K 77 -2.27 -74.15 -24.12
CA ALA K 77 -2.77 -75.16 -23.20
C ALA K 77 -2.40 -76.57 -23.65
N ALA K 78 -2.45 -76.81 -24.97
CA ALA K 78 -2.01 -78.09 -25.50
C ALA K 78 -0.52 -78.31 -25.25
N GLU K 79 0.31 -77.28 -25.46
CA GLU K 79 1.74 -77.44 -25.18
C GLU K 79 1.98 -77.73 -23.70
N TRP K 80 1.25 -77.04 -22.82
CA TRP K 80 1.37 -77.33 -21.40
C TRP K 80 1.03 -78.78 -21.11
N ASP K 81 -0.09 -79.28 -21.67
CA ASP K 81 -0.48 -80.66 -21.43
C ASP K 81 0.54 -81.65 -21.98
N ARG K 82 1.22 -81.28 -23.06
CA ARG K 82 2.25 -82.17 -23.59
C ARG K 82 3.44 -82.24 -22.65
N LEU K 83 3.85 -81.10 -22.09
CA LEU K 83 5.03 -81.04 -21.24
C LEU K 83 4.76 -81.33 -19.76
N HIS K 84 3.52 -81.26 -19.29
CA HIS K 84 3.18 -81.42 -17.88
C HIS K 84 1.96 -82.33 -17.76
N PRO K 85 2.09 -83.60 -18.11
CA PRO K 85 0.95 -84.53 -18.05
C PRO K 85 0.48 -84.81 -16.62
N VAL K 86 -0.80 -85.16 -16.53
CA VAL K 86 -1.43 -85.46 -15.24
C VAL K 86 -1.61 -86.97 -15.12
N PRO K 93 -7.40 -88.52 -2.73
CA PRO K 93 -8.38 -88.29 -1.65
C PRO K 93 -7.87 -87.29 -0.62
N GLY K 94 -8.54 -86.14 -0.53
CA GLY K 94 -8.06 -85.06 0.31
C GLY K 94 -6.73 -84.48 -0.14
N GLN K 95 -6.32 -84.76 -1.37
CA GLN K 95 -5.04 -84.34 -1.91
C GLN K 95 -5.27 -83.43 -3.11
N MET K 96 -4.25 -82.64 -3.43
CA MET K 96 -4.38 -81.61 -4.46
C MET K 96 -3.88 -82.16 -5.80
N ARG K 97 -4.76 -82.13 -6.80
CA ARG K 97 -4.46 -82.63 -8.13
C ARG K 97 -3.58 -81.64 -8.89
N GLU K 98 -3.01 -82.10 -9.99
CA GLU K 98 -2.15 -81.24 -10.79
C GLU K 98 -2.97 -80.53 -11.86
N PRO K 99 -2.68 -79.26 -12.16
CA PRO K 99 -3.49 -78.54 -13.16
C PRO K 99 -3.11 -78.97 -14.57
N ARG K 100 -4.12 -79.26 -15.38
CA ARG K 100 -3.89 -79.39 -16.81
C ARG K 100 -4.12 -78.04 -17.48
N GLY K 101 -3.97 -78.02 -18.81
CA GLY K 101 -3.97 -76.75 -19.53
C GLY K 101 -5.29 -76.01 -19.40
N SER K 102 -6.39 -76.73 -19.51
CA SER K 102 -7.69 -76.08 -19.37
C SER K 102 -7.95 -75.65 -17.93
N ASP K 103 -7.22 -76.21 -16.96
CA ASP K 103 -7.32 -75.73 -15.59
C ASP K 103 -6.62 -74.38 -15.44
N ILE K 104 -5.45 -74.25 -16.06
CA ILE K 104 -4.72 -72.99 -16.04
C ILE K 104 -5.51 -71.91 -16.76
N ALA K 105 -6.19 -72.28 -17.84
CA ALA K 105 -7.04 -71.35 -18.58
C ALA K 105 -8.42 -71.15 -17.94
N GLY K 106 -8.68 -71.79 -16.80
CA GLY K 106 -9.85 -71.54 -16.00
C GLY K 106 -11.15 -72.12 -16.50
N THR K 107 -11.10 -73.00 -17.49
CA THR K 107 -12.32 -73.58 -18.05
C THR K 107 -12.73 -74.88 -17.37
N THR K 108 -11.78 -75.65 -16.85
CA THR K 108 -12.08 -76.90 -16.16
C THR K 108 -11.71 -76.87 -14.70
N SER K 109 -11.36 -75.71 -14.15
CA SER K 109 -10.97 -75.59 -12.76
C SER K 109 -11.95 -74.68 -12.03
N THR K 110 -12.14 -74.97 -10.76
CA THR K 110 -12.98 -74.13 -9.93
C THR K 110 -12.14 -73.01 -9.35
N LEU K 111 -12.83 -71.95 -8.94
CA LEU K 111 -12.15 -70.88 -8.25
C LEU K 111 -11.37 -71.43 -7.07
N GLN K 112 -11.98 -72.35 -6.31
CA GLN K 112 -11.30 -72.83 -5.11
C GLN K 112 -10.04 -73.60 -5.47
N GLU K 113 -10.06 -74.33 -6.57
CA GLU K 113 -8.86 -75.03 -7.04
C GLU K 113 -7.78 -74.04 -7.45
N GLN K 114 -8.16 -72.99 -8.16
CA GLN K 114 -7.20 -71.97 -8.58
C GLN K 114 -6.54 -71.32 -7.36
N ILE K 115 -7.34 -70.97 -6.35
CA ILE K 115 -6.79 -70.45 -5.10
C ILE K 115 -5.85 -71.46 -4.47
N GLY K 116 -6.26 -72.72 -4.43
CA GLY K 116 -5.41 -73.75 -3.84
C GLY K 116 -4.05 -73.82 -4.50
N TRP K 117 -4.03 -73.80 -5.83
CA TRP K 117 -2.76 -73.82 -6.57
C TRP K 117 -1.96 -72.55 -6.32
N MET K 118 -2.61 -71.38 -6.35
CA MET K 118 -1.86 -70.12 -6.30
C MET K 118 -1.32 -69.86 -4.90
N THR K 119 -1.97 -70.38 -3.85
CA THR K 119 -1.53 -70.18 -2.48
C THR K 119 -0.84 -71.40 -1.88
N HIS K 120 -0.62 -72.45 -2.65
CA HIS K 120 0.09 -73.62 -2.13
C HIS K 120 1.55 -73.29 -1.84
N ASN K 121 2.16 -74.14 -1.03
CA ASN K 121 3.59 -74.06 -0.73
C ASN K 121 4.23 -75.37 -1.16
N PRO K 122 4.98 -75.38 -2.29
CA PRO K 122 5.30 -74.24 -3.17
C PRO K 122 4.12 -73.85 -4.07
N PRO K 123 4.07 -72.60 -4.51
CA PRO K 123 2.94 -72.16 -5.34
C PRO K 123 3.02 -72.67 -6.77
N ILE K 124 1.86 -73.02 -7.31
CA ILE K 124 1.69 -73.27 -8.74
C ILE K 124 1.02 -72.05 -9.33
N PRO K 125 1.77 -71.11 -9.96
CA PRO K 125 1.21 -69.77 -10.23
C PRO K 125 0.35 -69.75 -11.50
N VAL K 126 -0.80 -70.41 -11.42
CA VAL K 126 -1.61 -70.62 -12.61
C VAL K 126 -2.08 -69.29 -13.21
N GLY K 127 -2.32 -68.29 -12.37
CA GLY K 127 -2.74 -66.98 -12.87
C GLY K 127 -1.68 -66.37 -13.77
N GLU K 128 -0.42 -66.39 -13.32
CA GLU K 128 0.67 -65.82 -14.10
C GLU K 128 0.95 -66.65 -15.36
N ILE K 129 0.78 -67.96 -15.29
CA ILE K 129 0.98 -68.79 -16.48
C ILE K 129 -0.04 -68.43 -17.54
N TYR K 130 -1.32 -68.42 -17.16
CA TYR K 130 -2.38 -68.02 -18.09
C TYR K 130 -2.15 -66.62 -18.62
N LYS K 131 -1.75 -65.68 -17.75
CA LYS K 131 -1.54 -64.31 -18.20
C LYS K 131 -0.46 -64.25 -19.27
N ARG K 132 0.62 -65.04 -19.08
CA ARG K 132 1.63 -65.17 -20.12
C ARG K 132 1.02 -65.61 -21.45
N TRP K 133 0.17 -66.64 -21.43
CA TRP K 133 -0.45 -67.09 -22.68
C TRP K 133 -1.31 -66.00 -23.32
N ILE K 134 -2.08 -65.29 -22.50
CA ILE K 134 -2.93 -64.23 -23.02
C ILE K 134 -2.08 -63.16 -23.67
N ILE K 135 -0.97 -62.80 -23.05
CA ILE K 135 -0.13 -61.75 -23.61
C ILE K 135 0.50 -62.21 -24.92
N LEU K 136 0.87 -63.49 -25.02
CA LEU K 136 1.33 -64.02 -26.31
C LEU K 136 0.29 -63.76 -27.41
N GLY K 137 -0.96 -64.15 -27.15
CA GLY K 137 -2.02 -63.91 -28.14
C GLY K 137 -2.22 -62.43 -28.46
N LEU K 138 -2.23 -61.58 -27.43
CA LEU K 138 -2.39 -60.14 -27.64
C LEU K 138 -1.23 -59.56 -28.44
N ASN K 139 0.00 -60.04 -28.20
CA ASN K 139 1.13 -59.58 -29.01
C ASN K 139 0.86 -59.86 -30.48
N LYS K 140 0.38 -61.06 -30.78
CA LYS K 140 0.12 -61.40 -32.19
C LYS K 140 -0.96 -60.49 -32.79
N ILE K 141 -2.01 -60.19 -32.01
CA ILE K 141 -3.09 -59.32 -32.51
C ILE K 141 -2.59 -57.91 -32.76
N VAL K 142 -1.82 -57.36 -31.82
CA VAL K 142 -1.28 -56.01 -31.98
C VAL K 142 -0.41 -55.94 -33.24
N ARG K 143 0.42 -56.96 -33.47
CA ARG K 143 1.24 -56.93 -34.68
C ARG K 143 0.37 -57.01 -35.92
N MET K 144 -0.65 -57.88 -35.91
CA MET K 144 -1.50 -58.04 -37.08
C MET K 144 -2.31 -56.77 -37.39
N TYR K 145 -2.79 -56.08 -36.36
CA TYR K 145 -3.68 -54.94 -36.54
C TYR K 145 -2.94 -53.63 -36.72
N SER K 146 -1.61 -53.66 -36.72
CA SER K 146 -0.84 -52.46 -36.95
C SER K 146 -1.28 -51.83 -38.28
N PRO K 147 -1.72 -50.57 -38.29
CA PRO K 147 -2.24 -50.03 -39.56
C PRO K 147 -1.17 -49.75 -40.60
N THR K 148 0.09 -49.55 -40.22
CA THR K 148 1.11 -49.05 -41.13
C THR K 148 2.40 -49.86 -41.01
N SER K 149 3.09 -49.99 -42.13
CA SER K 149 4.42 -50.58 -42.20
C SER K 149 5.49 -49.53 -41.94
N ILE K 150 6.58 -49.95 -41.29
CA ILE K 150 7.64 -48.99 -41.01
C ILE K 150 8.23 -48.41 -42.29
N LEU K 151 8.18 -49.18 -43.39
CA LEU K 151 8.70 -48.69 -44.67
C LEU K 151 7.89 -47.52 -45.22
N ASP K 152 6.63 -47.38 -44.79
CA ASP K 152 5.75 -46.32 -45.26
C ASP K 152 5.72 -45.10 -44.35
N ILE K 153 6.57 -45.04 -43.32
CA ILE K 153 6.64 -43.88 -42.44
C ILE K 153 7.72 -42.96 -42.97
N ARG K 154 7.30 -41.80 -43.50
CA ARG K 154 8.20 -40.85 -44.13
C ARG K 154 7.80 -39.44 -43.70
N GLN K 155 8.80 -38.65 -43.35
CA GLN K 155 8.54 -37.30 -42.87
C GLN K 155 7.97 -36.44 -43.99
N GLY K 156 6.84 -35.80 -43.71
CA GLY K 156 6.25 -34.90 -44.68
C GLY K 156 7.09 -33.65 -44.86
N PRO K 157 6.96 -32.99 -46.00
CA PRO K 157 7.75 -31.76 -46.23
C PRO K 157 7.61 -30.73 -45.14
N LYS K 158 6.43 -30.60 -44.55
CA LYS K 158 6.18 -29.64 -43.47
C LYS K 158 5.89 -30.33 -42.13
N GLU K 159 6.14 -31.62 -42.01
CA GLU K 159 5.90 -32.31 -40.75
C GLU K 159 7.06 -32.07 -39.79
N PRO K 160 6.79 -31.62 -38.57
CA PRO K 160 7.88 -31.51 -37.59
C PRO K 160 8.57 -32.84 -37.38
N PHE K 161 9.90 -32.80 -37.23
CA PHE K 161 10.66 -34.02 -37.05
C PHE K 161 10.16 -34.83 -35.84
N ARG K 162 9.80 -34.14 -34.76
CA ARG K 162 9.29 -34.83 -33.57
C ARG K 162 8.05 -35.67 -33.90
N ASP K 163 7.11 -35.13 -34.69
CA ASP K 163 5.91 -35.89 -35.04
C ASP K 163 6.24 -37.09 -35.92
N TYR K 164 7.20 -36.94 -36.82
CA TYR K 164 7.65 -38.05 -37.66
C TYR K 164 8.26 -39.16 -36.83
N VAL K 165 9.16 -38.80 -35.91
CA VAL K 165 9.79 -39.79 -35.05
C VAL K 165 8.76 -40.48 -34.16
N ASP K 166 7.77 -39.72 -33.64
CA ASP K 166 6.65 -40.32 -32.89
C ASP K 166 5.95 -41.40 -33.71
N ARG K 167 5.62 -41.09 -34.97
CA ARG K 167 4.97 -42.09 -35.83
C ARG K 167 5.89 -43.28 -36.09
N PHE K 168 7.17 -43.00 -36.37
CA PHE K 168 8.15 -44.05 -36.65
C PHE K 168 8.19 -45.07 -35.51
N TYR K 169 8.43 -44.58 -34.28
CA TYR K 169 8.59 -45.48 -33.16
C TYR K 169 7.28 -46.07 -32.66
N LYS K 170 6.13 -45.42 -32.91
CA LYS K 170 4.86 -46.08 -32.61
C LYS K 170 4.66 -47.30 -33.51
N THR K 171 4.96 -47.14 -34.81
CA THR K 171 4.85 -48.26 -35.74
C THR K 171 5.83 -49.36 -35.35
N LEU K 172 7.07 -48.98 -35.06
CA LEU K 172 8.08 -49.95 -34.66
C LEU K 172 7.62 -50.73 -33.44
N ARG K 173 7.03 -50.02 -32.45
CA ARG K 173 6.54 -50.69 -31.26
C ARG K 173 5.48 -51.73 -31.61
N ALA K 174 4.53 -51.35 -32.47
CA ALA K 174 3.48 -52.32 -32.83
C ALA K 174 4.02 -53.50 -33.62
N GLU K 175 5.04 -53.29 -34.47
CA GLU K 175 5.53 -54.36 -35.34
C GLU K 175 6.28 -55.45 -34.57
N GLN K 176 6.91 -55.10 -33.45
CA GLN K 176 7.44 -56.11 -32.52
C GLN K 176 8.51 -56.99 -33.17
N ALA K 177 9.39 -56.38 -33.93
CA ALA K 177 10.58 -57.07 -34.41
C ALA K 177 11.60 -57.19 -33.28
N SER K 178 12.58 -58.06 -33.49
CA SER K 178 13.71 -58.15 -32.56
C SER K 178 14.40 -56.81 -32.41
N GLN K 179 15.15 -56.67 -31.32
CA GLN K 179 15.85 -55.43 -31.06
C GLN K 179 16.91 -55.15 -32.13
N GLU K 180 17.48 -56.20 -32.72
CA GLU K 180 18.46 -56.00 -33.79
C GLU K 180 17.79 -55.42 -35.02
N VAL K 181 16.61 -55.92 -35.35
CA VAL K 181 15.88 -55.42 -36.50
C VAL K 181 15.42 -54.00 -36.23
N LYS K 182 14.91 -53.72 -35.02
CA LYS K 182 14.55 -52.36 -34.67
C LYS K 182 15.73 -51.40 -34.82
N ASN K 183 16.90 -51.80 -34.27
CA ASN K 183 18.09 -50.94 -34.36
C ASN K 183 18.53 -50.74 -35.81
N ALA K 184 18.40 -51.77 -36.64
CA ALA K 184 18.72 -51.59 -38.06
C ALA K 184 17.77 -50.57 -38.70
N ALA K 185 16.49 -50.60 -38.31
CA ALA K 185 15.55 -49.59 -38.79
C ALA K 185 15.97 -48.20 -38.33
N THR K 186 16.24 -48.04 -37.04
CA THR K 186 16.67 -46.73 -36.55
C THR K 186 17.92 -46.26 -37.28
N GLU K 187 18.83 -47.20 -37.62
CA GLU K 187 20.12 -46.84 -38.19
C GLU K 187 20.02 -46.46 -39.67
N THR K 188 19.03 -47.00 -40.40
CA THR K 188 18.92 -46.66 -41.81
C THR K 188 17.67 -45.89 -42.20
N LEU K 189 16.48 -46.39 -41.82
CA LEU K 189 15.25 -45.80 -42.34
C LEU K 189 14.97 -44.43 -41.74
N LEU K 190 15.24 -44.25 -40.45
CA LEU K 190 14.86 -43.00 -39.79
C LEU K 190 15.49 -41.80 -40.49
N VAL K 191 16.80 -41.82 -40.67
CA VAL K 191 17.44 -40.72 -41.37
C VAL K 191 17.08 -40.77 -42.85
N GLN K 192 17.04 -41.97 -43.43
CA GLN K 192 16.76 -42.08 -44.85
C GLN K 192 15.44 -41.41 -45.21
N ASN K 193 14.43 -41.57 -44.36
CA ASN K 193 13.08 -41.16 -44.71
C ASN K 193 12.69 -39.82 -44.12
N ALA K 194 13.63 -39.10 -43.52
CA ALA K 194 13.37 -37.72 -43.15
C ALA K 194 13.24 -36.87 -44.41
N ASN K 195 12.62 -35.69 -44.26
CA ASN K 195 12.47 -34.83 -45.42
C ASN K 195 13.82 -34.17 -45.73
N PRO K 196 13.97 -33.59 -46.93
CA PRO K 196 15.32 -33.19 -47.40
C PRO K 196 16.14 -32.36 -46.41
N ASP K 197 15.59 -31.27 -45.86
CA ASP K 197 16.35 -30.42 -44.95
C ASP K 197 16.82 -31.18 -43.71
N CYS K 198 15.86 -31.78 -42.99
CA CYS K 198 16.22 -32.58 -41.82
C CYS K 198 17.25 -33.64 -42.19
N LYS K 199 17.07 -34.32 -43.31
CA LYS K 199 18.02 -35.35 -43.71
C LYS K 199 19.42 -34.77 -43.87
N THR K 200 19.52 -33.57 -44.45
CA THR K 200 20.81 -32.92 -44.57
C THR K 200 21.46 -32.73 -43.20
N ILE K 201 20.72 -32.12 -42.27
CA ILE K 201 21.29 -31.87 -40.95
C ILE K 201 21.70 -33.19 -40.29
N LEU K 202 20.81 -34.18 -40.34
CA LEU K 202 21.06 -35.45 -39.67
C LEU K 202 22.25 -36.18 -40.29
N LYS K 203 22.46 -36.01 -41.60
CA LYS K 203 23.65 -36.56 -42.24
C LYS K 203 24.90 -35.81 -41.78
N ALA K 204 24.80 -34.49 -41.59
CA ALA K 204 25.96 -33.74 -41.11
C ALA K 204 26.35 -34.18 -39.70
N LEU K 205 25.36 -34.53 -38.87
CA LEU K 205 25.67 -35.05 -37.55
C LEU K 205 26.32 -36.44 -37.60
N GLY K 206 25.96 -37.24 -38.60
CA GLY K 206 26.50 -38.56 -38.75
C GLY K 206 25.81 -39.58 -37.85
N PRO K 207 26.00 -40.87 -38.14
CA PRO K 207 25.44 -41.91 -37.27
C PRO K 207 26.06 -41.86 -35.88
N GLY K 208 25.47 -42.65 -34.97
CA GLY K 208 25.92 -42.65 -33.59
C GLY K 208 25.57 -41.39 -32.81
N ALA K 209 24.99 -40.38 -33.45
CA ALA K 209 24.35 -39.29 -32.72
C ALA K 209 23.12 -39.82 -32.00
N THR K 210 22.88 -39.32 -30.79
CA THR K 210 21.73 -39.80 -30.06
C THR K 210 20.46 -39.22 -30.66
N LEU K 211 19.34 -39.88 -30.36
CA LEU K 211 18.05 -39.36 -30.79
C LEU K 211 17.82 -37.96 -30.26
N GLU K 212 18.24 -37.70 -29.01
CA GLU K 212 18.09 -36.35 -28.45
C GLU K 212 18.83 -35.31 -29.29
N GLU K 213 20.05 -35.63 -29.71
CA GLU K 213 20.82 -34.71 -30.54
C GLU K 213 20.15 -34.52 -31.90
N MET K 214 19.75 -35.61 -32.55
CA MET K 214 19.00 -35.52 -33.80
C MET K 214 17.79 -34.60 -33.65
N MET K 215 17.00 -34.80 -32.60
CA MET K 215 15.74 -34.09 -32.47
C MET K 215 15.99 -32.61 -32.16
N THR K 216 16.99 -32.30 -31.35
CA THR K 216 17.38 -30.91 -31.14
C THR K 216 17.87 -30.27 -32.44
N ALA K 217 18.60 -31.03 -33.26
CA ALA K 217 19.16 -30.47 -34.47
C ALA K 217 18.07 -30.06 -35.47
N CYS K 218 16.96 -30.79 -35.50
CA CYS K 218 15.89 -30.52 -36.43
C CYS K 218 14.73 -29.75 -35.83
N GLN K 219 14.88 -29.25 -34.61
CA GLN K 219 13.83 -28.50 -33.92
C GLN K 219 13.72 -27.06 -34.43
N PRO L 1 19.59 22.90 7.12
CA PRO L 1 21.01 22.58 7.21
C PRO L 1 21.41 21.97 8.57
N ILE L 2 22.68 21.59 8.69
CA ILE L 2 23.26 21.12 9.94
C ILE L 2 24.12 22.25 10.50
N VAL L 3 23.85 22.65 11.74
CA VAL L 3 24.56 23.75 12.37
C VAL L 3 25.00 23.27 13.75
N GLN L 4 26.02 23.93 14.31
CA GLN L 4 26.47 23.63 15.67
C GLN L 4 25.71 24.44 16.71
N ASN L 5 25.20 23.77 17.74
CA ASN L 5 24.52 24.43 18.85
C ASN L 5 25.53 24.79 19.96
N LEU L 6 25.01 25.26 21.10
CA LEU L 6 25.89 25.68 22.20
C LEU L 6 26.57 24.51 22.88
N GLN L 7 25.94 23.34 22.93
CA GLN L 7 26.56 22.14 23.47
C GLN L 7 27.53 21.47 22.48
N GLY L 8 28.01 22.20 21.48
CA GLY L 8 28.96 21.67 20.53
C GLY L 8 28.42 20.53 19.70
N GLN L 9 27.10 20.35 19.71
CA GLN L 9 26.48 19.29 18.93
C GLN L 9 26.04 19.82 17.55
N MET L 10 26.17 18.96 16.54
CA MET L 10 25.73 19.27 15.19
C MET L 10 24.27 18.80 15.07
N VAL L 11 23.36 19.75 14.77
CA VAL L 11 21.93 19.47 14.76
C VAL L 11 21.28 20.08 13.54
N HIS L 12 20.12 19.51 13.17
CA HIS L 12 19.40 20.01 12.02
C HIS L 12 18.67 21.31 12.37
N GLN L 13 18.62 22.21 11.40
CA GLN L 13 17.89 23.46 11.49
C GLN L 13 17.14 23.65 10.17
N CYS L 14 15.89 24.08 10.27
CA CYS L 14 15.09 24.27 9.07
C CYS L 14 15.74 25.33 8.17
N ILE L 15 15.69 25.08 6.86
CA ILE L 15 16.14 26.09 5.91
C ILE L 15 15.30 27.36 6.07
N SER L 16 15.97 28.58 5.93
CA SER L 16 15.24 29.79 6.32
C SER L 16 14.50 30.40 5.13
N PRO L 17 13.40 31.11 5.40
CA PRO L 17 12.75 31.85 4.31
C PRO L 17 13.70 32.80 3.59
N ARG L 18 14.62 33.43 4.31
CA ARG L 18 15.57 34.32 3.66
C ARG L 18 16.47 33.58 2.68
N THR L 19 16.97 32.40 3.07
CA THR L 19 17.77 31.60 2.14
C THR L 19 16.95 31.20 0.91
N LEU L 20 15.77 30.64 1.14
CA LEU L 20 14.90 30.21 0.04
C LEU L 20 14.69 31.32 -0.95
N ASN L 21 14.26 32.48 -0.45
CA ASN L 21 13.97 33.60 -1.32
C ASN L 21 15.22 34.12 -2.02
N ALA L 22 16.35 34.16 -1.31
CA ALA L 22 17.58 34.62 -1.92
C ALA L 22 17.95 33.77 -3.14
N TRP L 23 17.83 32.44 -3.01
CA TRP L 23 18.17 31.57 -4.13
C TRP L 23 17.21 31.75 -5.29
N VAL L 24 15.91 31.72 -5.00
CA VAL L 24 14.92 31.94 -6.04
C VAL L 24 15.21 33.25 -6.79
N LYS L 25 15.52 34.31 -6.05
CA LYS L 25 15.72 35.62 -6.66
C LYS L 25 17.00 35.68 -7.48
N VAL L 26 18.08 35.04 -7.03
CA VAL L 26 19.29 35.08 -7.81
C VAL L 26 19.09 34.32 -9.12
N VAL L 27 18.35 33.22 -9.10
CA VAL L 27 18.11 32.52 -10.35
C VAL L 27 17.24 33.38 -11.27
N GLU L 28 16.22 34.04 -10.71
CA GLU L 28 15.37 34.90 -11.53
C GLU L 28 16.16 36.03 -12.15
N GLU L 29 17.06 36.65 -11.39
CA GLU L 29 17.72 37.86 -11.88
C GLU L 29 18.94 37.56 -12.75
N LYS L 30 19.68 36.49 -12.46
CA LYS L 30 20.94 36.20 -13.12
C LYS L 30 20.92 34.99 -14.02
N ALA L 31 19.86 34.18 -14.00
CA ALA L 31 19.79 32.97 -14.82
C ALA L 31 21.02 32.10 -14.59
N PHE L 32 21.79 31.81 -15.64
CA PHE L 32 22.95 30.94 -15.50
C PHE L 32 24.23 31.68 -15.88
N SER L 33 24.26 32.96 -15.55
CA SER L 33 25.52 33.67 -15.47
C SER L 33 26.42 32.99 -14.43
N PRO L 34 27.74 33.01 -14.64
CA PRO L 34 28.62 32.20 -13.78
C PRO L 34 28.48 32.47 -12.28
N GLU L 35 28.28 33.72 -11.90
CA GLU L 35 28.28 34.04 -10.47
C GLU L 35 27.12 33.39 -9.72
N VAL L 36 26.18 32.75 -10.43
CA VAL L 36 25.10 32.04 -9.74
CA VAL L 36 25.10 32.04 -9.74
C VAL L 36 25.63 30.81 -9.01
N ILE L 37 26.73 30.22 -9.48
CA ILE L 37 27.17 28.96 -8.86
C ILE L 37 27.81 29.20 -7.49
N PRO L 38 28.73 30.14 -7.36
CA PRO L 38 29.22 30.49 -6.01
C PRO L 38 28.11 30.93 -5.08
N MET L 39 27.13 31.67 -5.58
CA MET L 39 26.01 32.06 -4.73
C MET L 39 25.25 30.82 -4.26
N PHE L 40 24.95 29.91 -5.19
CA PHE L 40 24.35 28.63 -4.81
C PHE L 40 25.18 27.98 -3.71
N SER L 41 26.50 27.94 -3.91
CA SER L 41 27.33 27.22 -2.95
C SER L 41 27.29 27.90 -1.59
N ALA L 42 27.28 29.23 -1.60
CA ALA L 42 27.27 29.95 -0.33
C ALA L 42 25.92 29.81 0.34
N LEU L 43 24.84 29.79 -0.43
CA LEU L 43 23.54 29.74 0.21
C LEU L 43 23.22 28.34 0.73
N SER L 44 23.93 27.32 0.26
CA SER L 44 23.71 25.95 0.69
C SER L 44 24.76 25.47 1.68
N CYS L 45 25.44 26.40 2.34
CA CYS L 45 26.39 26.05 3.39
C CYS L 45 25.69 25.20 4.46
N GLY L 46 26.24 24.03 4.73
CA GLY L 46 25.67 23.11 5.70
C GLY L 46 24.44 22.36 5.23
N ALA L 47 24.09 22.42 3.95
CA ALA L 47 22.84 21.83 3.48
C ALA L 47 22.86 20.32 3.58
N THR L 48 21.71 19.74 3.91
CA THR L 48 21.48 18.33 3.66
C THR L 48 21.09 18.13 2.19
N PRO L 49 21.07 16.88 1.73
CA PRO L 49 20.50 16.62 0.40
C PRO L 49 19.07 17.10 0.26
N GLN L 50 18.26 16.94 1.30
CA GLN L 50 16.89 17.47 1.25
C GLN L 50 16.88 18.97 0.98
N ASP L 51 17.75 19.71 1.67
CA ASP L 51 17.83 21.16 1.47
C ASP L 51 18.26 21.49 0.03
N LEU L 52 19.26 20.76 -0.49
CA LEU L 52 19.72 21.00 -1.85
C LEU L 52 18.60 20.76 -2.85
N ASN L 53 17.82 19.70 -2.63
CA ASN L 53 16.71 19.44 -3.53
C ASN L 53 15.64 20.50 -3.39
N THR L 54 15.38 20.98 -2.17
CA THR L 54 14.44 22.09 -2.01
C THR L 54 14.88 23.29 -2.85
N MET L 55 16.15 23.65 -2.77
CA MET L 55 16.60 24.82 -3.53
C MET L 55 16.44 24.61 -5.04
N LEU L 56 16.81 23.43 -5.54
CA LEU L 56 16.66 23.20 -6.97
C LEU L 56 15.19 23.15 -7.37
N ASN L 57 14.35 22.53 -6.55
CA ASN L 57 12.95 22.36 -6.90
C ASN L 57 12.14 23.65 -6.80
N THR L 58 12.60 24.63 -6.01
CA THR L 58 11.83 25.87 -5.92
C THR L 58 12.05 26.76 -7.13
N VAL L 59 12.99 26.40 -8.02
CA VAL L 59 13.19 27.16 -9.25
C VAL L 59 12.03 26.89 -10.20
N GLY L 60 11.39 27.95 -10.67
CA GLY L 60 10.21 27.85 -11.49
C GLY L 60 10.45 27.76 -12.97
N GLY L 61 11.37 28.54 -13.51
CA GLY L 61 11.65 28.49 -14.92
C GLY L 61 12.73 27.47 -15.27
N HIS L 62 13.33 27.69 -16.45
CA HIS L 62 14.57 27.02 -16.81
C HIS L 62 14.51 25.50 -16.71
N GLN L 63 13.38 24.91 -17.12
CA GLN L 63 13.23 23.49 -16.89
C GLN L 63 14.13 22.66 -17.79
N ALA L 64 14.60 23.23 -18.90
CA ALA L 64 15.60 22.52 -19.70
C ALA L 64 16.88 22.31 -18.91
N ALA L 65 17.39 23.40 -18.31
CA ALA L 65 18.55 23.30 -17.43
C ALA L 65 18.30 22.36 -16.27
N MET L 66 17.13 22.44 -15.62
CA MET L 66 16.88 21.61 -14.46
C MET L 66 16.85 20.12 -14.84
N GLN L 67 16.33 19.79 -16.03
CA GLN L 67 16.37 18.40 -16.49
C GLN L 67 17.79 17.94 -16.84
N MET L 68 18.58 18.80 -17.49
CA MET L 68 19.98 18.45 -17.71
C MET L 68 20.67 18.19 -16.38
N LEU L 69 20.39 19.04 -15.39
CA LEU L 69 21.01 18.86 -14.09
C LEU L 69 20.65 17.50 -13.52
N LYS L 70 19.37 17.11 -13.64
CA LYS L 70 18.97 15.77 -13.19
C LYS L 70 19.81 14.69 -13.86
N GLU L 71 20.00 14.82 -15.18
CA GLU L 71 20.83 13.85 -15.91
C GLU L 71 22.22 13.74 -15.28
N THR L 72 22.89 14.89 -15.09
CA THR L 72 24.23 14.86 -14.53
C THR L 72 24.23 14.21 -13.14
N ILE L 73 23.25 14.54 -12.32
CA ILE L 73 23.17 13.96 -10.98
C ILE L 73 23.05 12.43 -11.08
N ASN L 74 22.19 11.94 -11.98
CA ASN L 74 22.05 10.50 -12.12
C ASN L 74 23.35 9.84 -12.58
N GLU L 75 24.09 10.50 -13.47
CA GLU L 75 25.37 9.95 -13.88
C GLU L 75 26.32 9.86 -12.68
N GLU L 76 26.40 10.93 -11.88
CA GLU L 76 27.30 10.93 -10.72
C GLU L 76 26.89 9.89 -9.69
N ALA L 77 25.59 9.69 -9.50
CA ALA L 77 25.10 8.67 -8.57
C ALA L 77 25.48 7.27 -9.04
N ALA L 78 25.37 7.02 -10.35
CA ALA L 78 25.82 5.73 -10.90
C ALA L 78 27.32 5.52 -10.71
N GLU L 79 28.14 6.55 -10.97
CA GLU L 79 29.58 6.39 -10.71
C GLU L 79 29.84 6.14 -9.24
N TRP L 80 29.10 6.82 -8.37
CA TRP L 80 29.25 6.58 -6.93
C TRP L 80 28.97 5.12 -6.61
N ASP L 81 27.90 4.57 -7.19
CA ASP L 81 27.58 3.17 -6.92
C ASP L 81 28.67 2.25 -7.45
N ARG L 82 29.34 2.65 -8.54
CA ARG L 82 30.42 1.83 -9.06
C ARG L 82 31.63 1.83 -8.14
N LEU L 83 31.98 2.99 -7.57
CA LEU L 83 33.16 3.08 -6.72
C LEU L 83 32.93 2.70 -5.27
N HIS L 84 31.68 2.73 -4.79
CA HIS L 84 31.38 2.51 -3.37
C HIS L 84 30.15 1.62 -3.28
N PRO L 85 30.24 0.37 -3.72
CA PRO L 85 29.06 -0.49 -3.72
C PRO L 85 28.60 -0.82 -2.30
N VAL L 86 27.28 -0.94 -2.15
CA VAL L 86 26.68 -1.29 -0.87
C VAL L 86 26.04 -2.67 -0.99
N PRO L 93 20.39 -3.84 12.24
CA PRO L 93 19.49 -3.37 13.29
C PRO L 93 20.20 -2.40 14.26
N GLY L 94 19.71 -1.16 14.31
CA GLY L 94 20.35 -0.14 15.11
C GLY L 94 21.66 0.36 14.56
N GLN L 95 22.15 -0.19 13.45
CA GLN L 95 23.39 0.23 12.81
C GLN L 95 23.09 1.05 11.55
N MET L 96 24.05 1.90 11.20
CA MET L 96 23.89 2.86 10.12
C MET L 96 24.24 2.20 8.79
N ARG L 97 23.27 2.15 7.86
CA ARG L 97 23.53 1.57 6.55
C ARG L 97 24.40 2.50 5.71
N GLU L 98 24.93 1.97 4.65
CA GLU L 98 25.79 2.74 3.76
C GLU L 98 24.96 3.40 2.66
N PRO L 99 25.26 4.66 2.32
CA PRO L 99 24.46 5.35 1.29
C PRO L 99 24.86 4.96 -0.12
N ARG L 100 23.86 4.73 -0.95
CA ARG L 100 24.09 4.61 -2.38
C ARG L 100 23.88 5.98 -3.03
N GLY L 101 24.12 6.07 -4.34
CA GLY L 101 24.06 7.36 -5.01
C GLY L 101 22.72 8.07 -4.84
N SER L 102 21.62 7.33 -4.96
CA SER L 102 20.30 7.93 -4.83
C SER L 102 19.98 8.34 -3.39
N ASP L 103 20.70 7.77 -2.40
CA ASP L 103 20.60 8.27 -1.03
C ASP L 103 21.31 9.60 -0.86
N ILE L 104 22.48 9.74 -1.50
CA ILE L 104 23.20 11.01 -1.44
C ILE L 104 22.40 12.10 -2.15
N ALA L 105 21.73 11.76 -3.25
CA ALA L 105 20.92 12.73 -3.97
C ALA L 105 19.58 13.00 -3.30
N GLY L 106 19.30 12.35 -2.18
CA GLY L 106 18.14 12.66 -1.38
C GLY L 106 16.84 12.12 -1.89
N THR L 107 16.85 11.20 -2.87
CA THR L 107 15.63 10.63 -3.41
C THR L 107 15.23 9.33 -2.72
N THR L 108 16.18 8.56 -2.19
CA THR L 108 15.86 7.29 -1.53
C THR L 108 16.24 7.30 -0.06
N SER L 109 16.64 8.45 0.49
CA SER L 109 17.02 8.56 1.89
C SER L 109 16.10 9.53 2.61
N THR L 110 15.91 9.28 3.89
CA THR L 110 15.12 10.18 4.72
C THR L 110 16.01 11.27 5.29
N LEU L 111 15.35 12.37 5.71
CA LEU L 111 16.10 13.42 6.38
C LEU L 111 16.85 12.85 7.56
N GLN L 112 16.21 11.96 8.34
CA GLN L 112 16.89 11.45 9.53
C GLN L 112 18.11 10.62 9.15
N GLU L 113 18.02 9.86 8.04
CA GLU L 113 19.19 9.14 7.56
C GLU L 113 20.31 10.11 7.15
N GLN L 114 19.94 11.20 6.46
CA GLN L 114 20.94 12.18 6.04
C GLN L 114 21.62 12.81 7.24
N ILE L 115 20.84 13.22 8.23
CA ILE L 115 21.42 13.76 9.47
C ILE L 115 22.37 12.74 10.09
N GLY L 116 21.94 11.48 10.13
CA GLY L 116 22.78 10.44 10.71
C GLY L 116 24.12 10.32 10.02
N TRP L 117 24.12 10.30 8.69
CA TRP L 117 25.38 10.24 7.96
C TRP L 117 26.22 11.47 8.22
N MET L 118 25.60 12.65 8.18
CA MET L 118 26.36 13.89 8.24
C MET L 118 26.94 14.15 9.63
N THR L 119 26.30 13.62 10.67
CA THR L 119 26.78 13.82 12.05
C THR L 119 27.43 12.58 12.65
N HIS L 120 27.60 11.51 11.90
CA HIS L 120 28.26 10.34 12.44
C HIS L 120 29.74 10.64 12.68
N ASN L 121 30.38 9.79 13.49
CA ASN L 121 31.80 9.91 13.72
C ASN L 121 32.51 8.62 13.28
N PRO L 122 33.22 8.66 12.13
CA PRO L 122 33.44 9.78 11.23
C PRO L 122 32.22 10.11 10.35
N PRO L 123 32.12 11.36 9.90
CA PRO L 123 30.96 11.76 9.09
C PRO L 123 31.04 11.27 7.66
N ILE L 124 29.90 10.90 7.11
CA ILE L 124 29.75 10.68 5.67
C ILE L 124 29.08 11.94 5.13
N PRO L 125 29.82 12.87 4.49
CA PRO L 125 29.27 14.21 4.23
C PRO L 125 28.42 14.25 2.98
N VAL L 126 27.25 13.60 3.07
CA VAL L 126 26.39 13.39 1.91
C VAL L 126 25.92 14.71 1.31
N GLY L 127 25.73 15.74 2.14
CA GLY L 127 25.38 17.04 1.60
C GLY L 127 26.48 17.62 0.73
N GLU L 128 27.72 17.54 1.19
CA GLU L 128 28.84 18.07 0.41
C GLU L 128 29.09 17.26 -0.85
N ILE L 129 28.94 15.94 -0.78
CA ILE L 129 29.09 15.12 -1.97
C ILE L 129 28.02 15.48 -3.00
N TYR L 130 26.75 15.50 -2.57
CA TYR L 130 25.67 15.88 -3.48
C TYR L 130 25.91 17.26 -4.06
N LYS L 131 26.34 18.20 -3.22
CA LYS L 131 26.59 19.55 -3.70
C LYS L 131 27.64 19.55 -4.79
N ARG L 132 28.65 18.69 -4.65
CA ARG L 132 29.66 18.59 -5.69
C ARG L 132 29.05 18.15 -7.02
N TRP L 133 28.18 17.11 -6.98
CA TRP L 133 27.53 16.68 -8.22
C TRP L 133 26.71 17.80 -8.83
N ILE L 134 25.93 18.51 -7.99
CA ILE L 134 25.08 19.59 -8.50
C ILE L 134 25.94 20.64 -9.18
N ILE L 135 27.07 20.98 -8.58
CA ILE L 135 27.92 22.01 -9.16
C ILE L 135 28.56 21.53 -10.47
N LEU L 136 28.88 20.23 -10.59
CA LEU L 136 29.34 19.73 -11.89
C LEU L 136 28.28 19.95 -12.96
N GLY L 137 27.02 19.65 -12.63
CA GLY L 137 25.95 19.90 -13.58
C GLY L 137 25.79 21.38 -13.91
N LEU L 138 25.83 22.23 -12.88
CA LEU L 138 25.68 23.66 -13.11
C LEU L 138 26.83 24.18 -13.95
N ASN L 139 28.04 23.66 -13.76
CA ASN L 139 29.16 24.09 -14.62
C ASN L 139 28.86 23.80 -16.09
N LYS L 140 28.34 22.61 -16.39
CA LYS L 140 27.99 22.33 -17.79
C LYS L 140 26.92 23.29 -18.30
N ILE L 141 25.96 23.65 -17.45
CA ILE L 141 24.89 24.53 -17.91
C ILE L 141 25.42 25.93 -18.18
N VAL L 142 26.26 26.45 -17.28
CA VAL L 142 26.82 27.79 -17.46
C VAL L 142 27.63 27.85 -18.74
N ARG L 143 28.42 26.82 -19.01
CA ARG L 143 29.21 26.81 -20.25
CA ARG L 143 29.22 26.79 -20.24
C ARG L 143 28.31 26.79 -21.47
N MET L 144 27.29 25.91 -21.46
CA MET L 144 26.40 25.80 -22.62
C MET L 144 25.63 27.09 -22.87
N TYR L 145 25.20 27.76 -21.81
CA TYR L 145 24.35 28.93 -21.94
C TYR L 145 25.11 30.23 -22.12
N SER L 146 26.42 30.20 -22.19
CA SER L 146 27.17 31.42 -22.44
C SER L 146 26.64 32.08 -23.72
N PRO L 147 26.23 33.35 -23.67
CA PRO L 147 25.59 33.95 -24.86
C PRO L 147 26.56 34.24 -25.97
N THR L 148 27.86 34.34 -25.68
CA THR L 148 28.84 34.80 -26.64
C THR L 148 30.05 33.88 -26.62
N SER L 149 30.66 33.69 -27.79
CA SER L 149 31.92 32.99 -27.89
C SER L 149 33.04 33.98 -27.68
N ILE L 150 34.12 33.53 -27.05
CA ILE L 150 35.25 34.42 -26.80
C ILE L 150 35.82 34.95 -28.11
N LEU L 151 35.68 34.18 -29.20
CA LEU L 151 36.20 34.64 -30.49
C LEU L 151 35.45 35.87 -31.00
N ASP L 152 34.20 36.06 -30.59
CA ASP L 152 33.39 37.18 -31.05
C ASP L 152 33.43 38.37 -30.11
N ILE L 153 34.30 38.35 -29.09
CA ILE L 153 34.46 39.48 -28.18
C ILE L 153 35.57 40.33 -28.77
N ARG L 154 35.19 41.45 -29.36
CA ARG L 154 36.13 42.32 -30.03
C ARG L 154 35.87 43.75 -29.59
N GLN L 155 36.95 44.47 -29.36
CA GLN L 155 36.85 45.85 -28.89
C GLN L 155 36.26 46.75 -29.97
N GLY L 156 35.27 47.55 -29.57
CA GLY L 156 34.69 48.51 -30.46
C GLY L 156 35.64 49.67 -30.76
N PRO L 157 35.45 50.33 -31.91
CA PRO L 157 36.33 51.45 -32.27
C PRO L 157 36.43 52.53 -31.20
N LYS L 158 35.33 52.81 -30.51
CA LYS L 158 35.30 53.80 -29.44
C LYS L 158 34.96 53.17 -28.08
N GLU L 159 35.08 51.86 -27.96
CA GLU L 159 34.81 51.20 -26.67
C GLU L 159 36.01 51.35 -25.75
N PRO L 160 35.83 51.84 -24.52
CA PRO L 160 36.96 51.89 -23.59
C PRO L 160 37.55 50.50 -23.38
N PHE L 161 38.87 50.45 -23.24
CA PHE L 161 39.54 49.16 -23.06
C PHE L 161 38.96 48.42 -21.86
N ARG L 162 38.66 49.13 -20.78
CA ARG L 162 38.13 48.50 -19.57
C ARG L 162 36.83 47.77 -19.85
N ASP L 163 35.91 48.37 -20.62
CA ASP L 163 34.65 47.71 -20.93
C ASP L 163 34.88 46.48 -21.78
N TYR L 164 35.83 46.56 -22.70
CA TYR L 164 36.17 45.41 -23.54
C TYR L 164 36.72 44.27 -22.70
N VAL L 165 37.67 44.56 -21.80
CA VAL L 165 38.23 43.53 -20.93
C VAL L 165 37.17 42.93 -20.01
N ASP L 166 36.27 43.77 -19.47
CA ASP L 166 35.15 43.25 -18.68
C ASP L 166 34.35 42.22 -19.47
N ARG L 167 33.99 42.53 -20.72
CA ARG L 167 33.25 41.56 -21.54
C ARG L 167 34.09 40.31 -21.80
N PHE L 168 35.36 40.49 -22.14
CA PHE L 168 36.24 39.39 -22.47
C PHE L 168 36.33 38.40 -21.32
N TYR L 169 36.60 38.90 -20.11
CA TYR L 169 36.77 37.99 -18.98
C TYR L 169 35.46 37.45 -18.42
N LYS L 170 34.34 38.15 -18.62
CA LYS L 170 33.04 37.56 -18.31
C LYS L 170 32.78 36.32 -19.19
N THR L 171 33.01 36.46 -20.50
CA THR L 171 32.87 35.31 -21.38
C THR L 171 33.85 34.21 -21.04
N LEU L 172 35.11 34.58 -20.79
CA LEU L 172 36.11 33.58 -20.45
C LEU L 172 35.68 32.79 -19.21
N ARG L 173 35.16 33.50 -18.20
CA ARG L 173 34.72 32.83 -16.99
C ARG L 173 33.61 31.84 -17.31
N ALA L 174 32.63 32.22 -18.14
CA ALA L 174 31.54 31.29 -18.45
C ALA L 174 32.05 30.09 -19.23
N GLU L 175 33.04 30.28 -20.11
CA GLU L 175 33.49 29.19 -20.98
C GLU L 175 34.26 28.12 -20.23
N GLN L 176 34.96 28.47 -19.16
CA GLN L 176 35.50 27.47 -18.23
C GLN L 176 36.51 26.55 -18.93
N ALA L 177 37.43 27.14 -19.67
CA ALA L 177 38.56 26.40 -20.20
C ALA L 177 39.61 26.23 -19.11
N SER L 178 40.61 25.40 -19.40
CA SER L 178 41.72 25.23 -18.48
C SER L 178 42.47 26.55 -18.30
N GLN L 179 43.25 26.61 -17.21
CA GLN L 179 43.95 27.85 -16.90
C GLN L 179 45.01 28.18 -17.94
N GLU L 180 45.70 27.16 -18.45
CA GLU L 180 46.65 27.41 -19.53
C GLU L 180 45.96 28.08 -20.70
N VAL L 181 44.77 27.60 -21.07
CA VAL L 181 44.04 28.19 -22.19
C VAL L 181 43.64 29.62 -21.87
N LYS L 182 43.22 29.90 -20.64
CA LYS L 182 42.86 31.27 -20.28
C LYS L 182 44.06 32.21 -20.42
N ASN L 183 45.22 31.82 -19.88
CA ASN L 183 46.41 32.66 -19.99
C ASN L 183 46.79 32.89 -21.45
N ALA L 184 46.76 31.84 -22.26
CA ALA L 184 47.02 32.04 -23.68
C ALA L 184 46.05 33.06 -24.25
N ALA L 185 44.76 32.96 -23.87
CA ALA L 185 43.79 33.95 -24.33
C ALA L 185 44.21 35.36 -23.96
N THR L 186 44.67 35.54 -22.72
CA THR L 186 45.03 36.89 -22.27
C THR L 186 46.20 37.44 -23.07
N GLU L 187 47.24 36.64 -23.29
CA GLU L 187 48.42 37.22 -23.92
C GLU L 187 48.32 37.31 -25.44
N THR L 188 47.42 36.55 -26.09
CA THR L 188 47.29 36.71 -27.54
C THR L 188 45.91 37.13 -28.02
N LEU L 189 44.82 36.46 -27.61
CA LEU L 189 43.53 36.78 -28.20
C LEU L 189 43.03 38.14 -27.71
N LEU L 190 43.25 38.45 -26.44
CA LEU L 190 42.86 39.75 -25.90
C LEU L 190 43.49 40.86 -26.71
N VAL L 191 44.79 40.73 -26.95
CA VAL L 191 45.51 41.72 -27.76
C VAL L 191 45.01 41.70 -29.20
N GLN L 192 44.79 40.50 -29.75
CA GLN L 192 44.47 40.34 -31.17
C GLN L 192 43.10 40.92 -31.51
N ASN L 193 42.14 40.84 -30.59
CA ASN L 193 40.80 41.38 -30.80
C ASN L 193 40.64 42.76 -30.19
N ALA L 194 41.72 43.37 -29.71
CA ALA L 194 41.68 44.79 -29.38
C ALA L 194 41.59 45.62 -30.65
N ASN L 195 41.17 46.86 -30.52
CA ASN L 195 41.06 47.72 -31.69
C ASN L 195 42.47 48.19 -32.09
N PRO L 196 42.61 48.74 -33.31
CA PRO L 196 43.97 48.95 -33.86
C PRO L 196 44.95 49.66 -32.94
N ASP L 197 44.59 50.82 -32.39
CA ASP L 197 45.53 51.56 -31.54
C ASP L 197 45.94 50.75 -30.31
N CYS L 198 44.94 50.30 -29.55
CA CYS L 198 45.21 49.47 -28.38
C CYS L 198 46.04 48.25 -28.77
N LYS L 199 45.67 47.58 -29.87
CA LYS L 199 46.38 46.38 -30.29
C LYS L 199 47.86 46.67 -30.51
N THR L 200 48.15 47.80 -31.16
CA THR L 200 49.55 48.17 -31.39
C THR L 200 50.30 48.31 -30.06
N ILE L 201 49.72 49.08 -29.13
CA ILE L 201 50.39 49.29 -27.84
C ILE L 201 50.64 47.96 -27.14
N LEU L 202 49.63 47.10 -27.10
CA LEU L 202 49.75 45.83 -26.39
C LEU L 202 50.84 44.95 -27.02
N LYS L 203 50.93 44.93 -28.35
CA LYS L 203 52.00 44.16 -28.97
C LYS L 203 53.37 44.76 -28.65
N ALA L 204 53.43 46.09 -28.44
CA ALA L 204 54.67 46.75 -28.05
C ALA L 204 55.11 46.36 -26.64
N LEU L 205 54.18 45.99 -25.76
CA LEU L 205 54.57 45.67 -24.37
C LEU L 205 55.55 44.51 -24.30
N GLY L 206 55.18 43.36 -24.86
CA GLY L 206 56.00 42.18 -24.68
C GLY L 206 56.24 41.87 -23.21
N ALA L 209 53.65 40.77 -19.88
CA ALA L 209 53.00 41.91 -19.24
C ALA L 209 51.69 41.48 -18.55
N THR L 210 51.44 42.07 -17.39
CA THR L 210 50.25 41.80 -16.60
C THR L 210 49.04 42.55 -17.16
N LEU L 211 47.86 42.10 -16.74
CA LEU L 211 46.61 42.78 -17.12
C LEU L 211 46.60 44.22 -16.62
N GLU L 212 47.07 44.46 -15.40
CA GLU L 212 47.12 45.84 -14.94
C GLU L 212 47.94 46.70 -15.87
N GLU L 213 49.07 46.18 -16.36
CA GLU L 213 49.92 46.93 -17.29
C GLU L 213 49.23 47.16 -18.61
N MET L 214 48.54 46.14 -19.15
CA MET L 214 47.80 46.32 -20.40
C MET L 214 46.71 47.37 -20.24
N MET L 215 45.97 47.34 -19.13
CA MET L 215 44.88 48.28 -18.92
C MET L 215 45.40 49.69 -18.67
N THR L 216 46.52 49.81 -17.96
CA THR L 216 47.15 51.12 -17.81
C THR L 216 47.58 51.66 -19.16
N ALA L 217 48.11 50.78 -20.02
CA ALA L 217 48.67 51.24 -21.30
C ALA L 217 47.59 51.76 -22.24
N CYS L 218 46.40 51.15 -22.22
CA CYS L 218 45.33 51.52 -23.14
C CYS L 218 44.29 52.44 -22.51
N GLN L 219 44.55 53.00 -21.34
CA GLN L 219 43.55 53.84 -20.68
C GLN L 219 43.48 55.20 -21.34
N SER M 4 1.38 -7.15 7.81
CA SER M 4 1.20 -8.49 7.24
C SER M 4 -0.27 -8.91 7.23
N PRO M 5 -0.66 -9.76 6.27
CA PRO M 5 -2.07 -10.14 6.14
C PRO M 5 -2.57 -10.95 7.34
N SER M 6 -3.84 -10.73 7.68
CA SER M 6 -4.47 -11.41 8.81
C SER M 6 -4.94 -12.83 8.50
N GLY M 7 -4.93 -13.26 7.24
CA GLY M 7 -5.41 -14.57 6.86
C GLY M 7 -6.88 -14.58 6.53
N VAL M 8 -7.34 -15.72 6.00
CA VAL M 8 -8.67 -15.85 5.43
C VAL M 8 -9.53 -16.86 6.17
N PHE M 9 -9.05 -17.38 7.30
CA PHE M 9 -9.78 -18.38 8.10
C PHE M 9 -10.80 -17.64 8.95
N THR M 10 -11.98 -17.42 8.38
CA THR M 10 -13.07 -16.70 9.05
C THR M 10 -13.50 -17.39 10.33
N PHE M 11 -13.57 -18.72 10.30
CA PHE M 11 -14.03 -19.51 11.43
C PHE M 11 -12.84 -20.23 12.03
N GLY M 12 -12.83 -20.35 13.35
CA GLY M 12 -11.86 -21.19 13.99
C GLY M 12 -10.59 -20.45 14.35
N ALA M 13 -9.56 -21.25 14.65
CA ALA M 13 -8.39 -20.76 15.38
C ALA M 13 -7.59 -19.75 14.59
N ASN M 14 -7.72 -19.73 13.26
CA ASN M 14 -6.90 -18.93 12.36
C ASN M 14 -5.53 -19.59 12.21
N SER N 4 31.84 77.19 21.45
CA SER N 4 31.68 75.88 20.82
C SER N 4 30.21 75.45 20.83
N PRO N 5 29.80 74.65 19.85
CA PRO N 5 28.38 74.29 19.75
C PRO N 5 27.91 73.50 20.96
N SER N 6 26.65 73.74 21.33
CA SER N 6 26.03 73.12 22.49
C SER N 6 25.56 71.68 22.26
N GLY N 7 25.57 71.19 21.02
CA GLY N 7 25.06 69.86 20.71
C GLY N 7 23.58 69.91 20.40
N VAL N 8 23.05 68.78 19.92
CA VAL N 8 21.69 68.72 19.41
C VAL N 8 20.80 67.77 20.20
N PHE N 9 21.27 67.26 21.35
CA PHE N 9 20.50 66.31 22.16
C PHE N 9 19.50 67.06 23.03
N THR N 10 18.32 67.29 22.47
CA THR N 10 17.28 68.03 23.15
C THR N 10 16.87 67.37 24.46
N PHE N 11 16.77 66.04 24.49
CA PHE N 11 16.32 65.31 25.65
C PHE N 11 17.48 64.54 26.27
N GLY N 12 17.51 64.45 27.58
CA GLY N 12 18.46 63.59 28.23
C GLY N 12 19.79 64.25 28.52
N ALA N 13 20.76 63.39 28.84
CA ALA N 13 22.01 63.79 29.46
C ALA N 13 22.98 64.49 28.51
N ASN N 14 22.84 64.29 27.19
CA ASN N 14 23.85 64.65 26.18
C ASN N 14 25.01 63.65 26.20
N ASN O 2 40.64 16.57 -21.18
CA ASN O 2 39.20 16.40 -21.38
C ASN O 2 38.53 17.73 -21.71
N ASN O 3 37.30 17.65 -22.22
CA ASN O 3 36.45 18.83 -22.40
C ASN O 3 35.54 19.04 -21.19
N SER O 4 36.03 18.74 -20.00
CA SER O 4 35.25 18.95 -18.78
C SER O 4 35.42 20.39 -18.31
N PRO O 5 34.34 21.11 -18.02
CA PRO O 5 34.49 22.51 -17.59
C PRO O 5 35.30 22.61 -16.32
N SER O 6 36.14 23.65 -16.27
CA SER O 6 37.02 23.90 -15.13
C SER O 6 36.33 24.54 -13.92
N GLY O 7 35.09 24.98 -14.06
CA GLY O 7 34.43 25.68 -12.96
C GLY O 7 34.67 27.17 -13.01
N VAL O 8 33.94 27.88 -12.14
CA VAL O 8 33.84 29.33 -12.21
C VAL O 8 34.32 30.00 -10.93
N PHE O 9 34.91 29.24 -10.01
CA PHE O 9 35.43 29.82 -8.77
C PHE O 9 36.78 30.43 -9.06
N THR O 10 36.73 31.70 -9.42
CA THR O 10 37.93 32.43 -9.78
C THR O 10 38.92 32.46 -8.63
N PHE O 11 38.42 32.65 -7.41
CA PHE O 11 39.25 32.76 -6.22
C PHE O 11 39.12 31.50 -5.37
N GLY O 12 40.24 31.03 -4.83
CA GLY O 12 40.20 29.89 -3.91
C GLY O 12 40.17 28.51 -4.55
N SER P 4 7.98 -64.68 -34.41
CA SER P 4 7.29 -64.55 -33.13
C SER P 4 7.48 -63.13 -32.57
N PRO P 5 6.39 -62.43 -32.25
CA PRO P 5 6.55 -61.01 -31.87
C PRO P 5 7.34 -60.86 -30.59
N SER P 6 8.11 -59.77 -30.51
CA SER P 6 8.98 -59.51 -29.38
C SER P 6 8.26 -58.91 -28.18
N GLY P 7 6.98 -58.55 -28.30
CA GLY P 7 6.28 -57.89 -27.22
C GLY P 7 6.42 -56.39 -27.28
N VAL P 8 5.62 -55.70 -26.46
CA VAL P 8 5.51 -54.25 -26.51
C VAL P 8 5.99 -53.59 -25.21
N PHE P 9 6.63 -54.35 -24.34
CA PHE P 9 7.13 -53.79 -23.07
C PHE P 9 8.48 -53.11 -23.33
N THR P 10 8.40 -51.85 -23.76
CA THR P 10 9.59 -51.07 -24.05
C THR P 10 10.54 -51.01 -22.86
N PHE P 11 9.99 -50.82 -21.67
CA PHE P 11 10.78 -50.67 -20.46
C PHE P 11 10.64 -51.93 -19.61
N GLY P 12 11.74 -52.36 -19.01
CA GLY P 12 11.70 -53.48 -18.07
C GLY P 12 11.67 -54.84 -18.74
N SER Q 4 -54.40 -51.71 -0.65
CA SER Q 4 -53.03 -51.53 -0.16
C SER Q 4 -52.01 -52.11 -1.17
N PRO Q 5 -51.05 -51.29 -1.60
CA PRO Q 5 -50.16 -51.74 -2.69
C PRO Q 5 -49.32 -52.94 -2.27
N SER Q 6 -49.05 -53.81 -3.25
CA SER Q 6 -48.31 -55.06 -3.02
C SER Q 6 -46.79 -54.89 -3.01
N GLY Q 7 -46.27 -53.70 -3.33
CA GLY Q 7 -44.83 -53.50 -3.39
C GLY Q 7 -44.27 -53.80 -4.78
N VAL Q 8 -43.01 -53.40 -4.98
CA VAL Q 8 -42.39 -53.42 -6.29
C VAL Q 8 -41.19 -54.35 -6.37
N PHE Q 9 -40.97 -55.19 -5.35
CA PHE Q 9 -39.84 -56.13 -5.35
C PHE Q 9 -40.24 -57.38 -6.12
N THR Q 10 -40.04 -57.31 -7.43
CA THR Q 10 -40.38 -58.44 -8.29
C THR Q 10 -39.66 -59.71 -7.83
N PHE Q 11 -38.43 -59.58 -7.38
CA PHE Q 11 -37.60 -60.71 -6.97
C PHE Q 11 -37.40 -60.68 -5.47
N GLY Q 12 -37.41 -61.86 -4.86
CA GLY Q 12 -37.12 -61.97 -3.44
C GLY Q 12 -38.28 -61.62 -2.54
N SER R 4 -25.22 33.91 15.21
CA SER R 4 -23.80 34.10 15.51
C SER R 4 -22.92 33.51 14.40
N PRO R 5 -22.02 34.32 13.83
CA PRO R 5 -21.25 33.84 12.67
C PRO R 5 -20.39 32.64 13.03
N SER R 6 -20.19 31.77 12.04
CA SER R 6 -19.50 30.50 12.23
C SER R 6 -17.98 30.61 12.20
N GLY R 7 -17.42 31.76 11.87
CA GLY R 7 -15.99 31.92 11.75
C GLY R 7 -15.50 31.63 10.33
N VAL R 8 -14.25 32.01 10.09
CA VAL R 8 -13.63 31.98 8.77
C VAL R 8 -12.43 31.05 8.71
N PHE R 9 -12.22 30.21 9.74
CA PHE R 9 -11.11 29.25 9.74
C PHE R 9 -11.57 28.02 8.96
N THR R 10 -11.36 28.09 7.64
CA THR R 10 -11.75 26.99 6.76
C THR R 10 -11.10 25.68 7.17
N PHE R 11 -9.84 25.74 7.58
CA PHE R 11 -9.06 24.56 7.96
C PHE R 11 -8.83 24.57 9.46
N GLY R 12 -8.93 23.40 10.07
CA GLY R 12 -8.61 23.26 11.49
C GLY R 12 -9.69 23.68 12.46
#